data_7WV4
#
_entry.id   7WV4
#
_cell.length_a   1.00
_cell.length_b   1.00
_cell.length_c   1.00
_cell.angle_alpha   90.00
_cell.angle_beta   90.00
_cell.angle_gamma   90.00
#
_symmetry.space_group_name_H-M   'P 1'
#
loop_
_entity.id
_entity.type
_entity.pdbx_description
1 polymer 'Toll-like receptor 3'
2 polymer 'RNA (80-MER)'
3 polymer 'RNA (80-MER)'
#
loop_
_entity_poly.entity_id
_entity_poly.type
_entity_poly.pdbx_seq_one_letter_code
_entity_poly.pdbx_strand_id
1 'polypeptide(L)'
;ADPKCTVSHEVADCSHLKLTQVPDDLPTNITVLNLTHNQLRRLPAANFTRYSQLTSLDVGFNTISKLEPELCQKLPMLKV
LNLQHNELSQLSDKTFAFCTNLTELHLMSNSIQKIKNNPFVKQKNLITLDLSHNGLSSTKLGTQVQLENLQELLLSNNKI
QALKSEELDIFANSSLKKLELSSNQIKEFSPGCFHAIGRLFGLFLNNVQLGPSLTEKLCLELANTSIRNLSLSNSQLSTT
SNTTFLGLKWTNLTMLDLSYNNLNVVGNDSFAWLPQLEYFFLEYNNIQHLFSHSLHGLFNVRYLNLKRSFTKQSISLASL
PKIDDFSFQWLKCLEHLNMEDNDIPGIKSNMFTGLINLKYLSLSNSFTSLRTLTNETFVSLAHSPLHILNLTKNKISKIE
SDAFSWLGHLEVLDLGLNEIGQELTGQEWRGLENIFEIYLSYNKYLQLTRNSFALVPSLQRLMLRRVALKNVDSSPSPFQ
PLRNLTILDLSNNNIANINDDMLEGLEKLEILDLQHNNLARLWKHANPGGPIYFLKGLSHLHILNLESNGFDEIPVEVFK
DLFELKIIDLGLNNLNTLPASVFNNQVSLKSLNLQKNLITSVEKKVFGPAFRNLTELDMRFNPFDCTCESIAWFVNWINE
THTNIPELSSHYLCNTPPHYHGFPVRLFDTSSCKSGRLVPRGSHHHHHH
;
A,B,C,D
2 'polyribonucleotide' CCCCCCCCCCCCCCCCCCCCCCCCCCCCCCCCCCCCCCCCCCCCCCCCCCCCCCCCCCCCCCCCCCCCCCCCCCCCCCCC E
3 'polyribonucleotide' IIIIIIIIIIIIIIIIIIIIIIIIIIIIIIIIIIIIIIIIIIIIIIIIIIIIIIIIIIIIIIIIIIIIIIIIIIIIIIII F
#
loop_
_chem_comp.id
_chem_comp.type
_chem_comp.name
_chem_comp.formula
C RNA linking CYTIDINE-5'-MONOPHOSPHATE 'C9 H14 N3 O8 P'
I RNA linking 'INOSINIC ACID' 'C10 H13 N4 O8 P'
#
# COMPACT_ATOMS: atom_id res chain seq x y z
N THR A 6 -45.03 81.02 -35.41
CA THR A 6 -46.04 80.42 -36.29
C THR A 6 -45.37 79.78 -37.51
N VAL A 7 -44.80 78.59 -37.30
CA VAL A 7 -44.15 77.87 -38.39
C VAL A 7 -45.22 77.30 -39.32
N SER A 8 -44.97 77.38 -40.62
CA SER A 8 -45.93 76.89 -41.60
C SER A 8 -45.25 76.71 -42.95
N HIS A 9 -45.43 75.54 -43.54
CA HIS A 9 -45.05 75.28 -44.92
C HIS A 9 -46.25 74.96 -45.80
N GLU A 10 -47.13 74.07 -45.35
CA GLU A 10 -48.45 73.82 -45.87
C GLU A 10 -49.50 73.79 -44.76
N VAL A 11 -49.10 73.38 -43.56
CA VAL A 11 -49.97 73.39 -42.39
C VAL A 11 -49.58 74.57 -41.51
N ALA A 12 -50.57 75.40 -41.20
CA ALA A 12 -50.38 76.56 -40.35
C ALA A 12 -50.70 76.20 -38.91
N ASP A 13 -49.73 76.37 -38.03
CA ASP A 13 -49.85 75.97 -36.63
C ASP A 13 -49.58 77.17 -35.73
N CYS A 14 -50.51 77.46 -34.84
CA CYS A 14 -50.34 78.51 -33.82
C CYS A 14 -50.78 77.98 -32.46
N SER A 15 -50.32 76.80 -32.10
CA SER A 15 -50.75 76.14 -30.87
C SER A 15 -49.89 76.59 -29.69
N HIS A 16 -50.55 76.97 -28.60
CA HIS A 16 -49.89 77.36 -27.35
C HIS A 16 -48.93 78.53 -27.55
N LEU A 17 -49.30 79.46 -28.42
CA LEU A 17 -48.48 80.64 -28.67
C LEU A 17 -49.08 81.92 -28.11
N LYS A 18 -50.17 81.83 -27.35
CA LYS A 18 -50.75 82.95 -26.62
C LYS A 18 -51.14 84.10 -27.55
N LEU A 19 -51.77 83.76 -28.67
CA LEU A 19 -52.18 84.78 -29.64
C LEU A 19 -53.45 85.48 -29.17
N THR A 20 -53.49 86.80 -29.38
CA THR A 20 -54.66 87.62 -29.09
C THR A 20 -55.42 87.99 -30.36
N GLN A 21 -54.71 88.24 -31.47
CA GLN A 21 -55.31 88.50 -32.75
C GLN A 21 -54.66 87.59 -33.79
N VAL A 22 -55.42 87.29 -34.84
CA VAL A 22 -54.90 86.39 -35.88
C VAL A 22 -53.78 87.08 -36.64
N PRO A 23 -52.75 86.36 -37.07
CA PRO A 23 -51.67 86.98 -37.85
C PRO A 23 -52.15 87.35 -39.24
N ASP A 24 -51.47 88.35 -39.83
CA ASP A 24 -51.80 88.84 -41.15
C ASP A 24 -50.68 88.62 -42.16
N ASP A 25 -49.68 87.79 -41.84
CA ASP A 25 -48.57 87.48 -42.75
C ASP A 25 -48.44 85.97 -42.88
N LEU A 26 -49.26 85.40 -43.75
CA LEU A 26 -49.23 83.98 -44.09
C LEU A 26 -49.49 83.84 -45.58
N PRO A 27 -49.05 82.74 -46.20
CA PRO A 27 -49.38 82.52 -47.61
C PRO A 27 -50.88 82.44 -47.84
N THR A 28 -51.30 82.92 -49.01
CA THR A 28 -52.72 82.96 -49.33
C THR A 28 -53.29 81.56 -49.56
N ASN A 29 -52.49 80.64 -50.12
CA ASN A 29 -52.97 79.33 -50.53
C ASN A 29 -52.89 78.29 -49.41
N ILE A 30 -52.91 78.72 -48.15
CA ILE A 30 -52.93 77.76 -47.05
C ILE A 30 -54.31 77.13 -46.96
N THR A 31 -54.35 75.84 -46.63
CA THR A 31 -55.60 75.09 -46.55
C THR A 31 -56.11 74.90 -45.14
N VAL A 32 -55.22 74.65 -44.18
CA VAL A 32 -55.59 74.45 -42.78
C VAL A 32 -54.83 75.45 -41.94
N LEU A 33 -55.53 76.11 -41.01
CA LEU A 33 -54.96 77.16 -40.17
C LEU A 33 -55.43 76.89 -38.75
N ASN A 34 -54.48 76.65 -37.84
CA ASN A 34 -54.78 76.21 -36.48
C ASN A 34 -54.35 77.26 -35.48
N LEU A 35 -55.29 77.68 -34.62
CA LEU A 35 -55.01 78.56 -33.48
C LEU A 35 -55.61 77.98 -32.20
N THR A 36 -55.36 76.70 -31.92
CA THR A 36 -55.86 76.11 -30.69
C THR A 36 -55.06 76.62 -29.49
N HIS A 37 -55.73 76.61 -28.32
CA HIS A 37 -55.15 77.05 -27.05
C HIS A 37 -54.72 78.53 -27.10
N ASN A 38 -55.70 79.39 -27.35
CA ASN A 38 -55.47 80.83 -27.39
C ASN A 38 -56.59 81.61 -26.69
N GLN A 39 -56.54 82.94 -26.80
CA GLN A 39 -57.58 83.85 -26.30
C GLN A 39 -57.99 84.87 -27.35
N LEU A 40 -58.34 84.38 -28.54
CA LEU A 40 -58.99 85.24 -29.52
C LEU A 40 -60.35 85.61 -28.93
N ARG A 41 -60.42 86.75 -28.23
CA ARG A 41 -61.67 87.18 -27.63
C ARG A 41 -62.72 87.44 -28.70
N ARG A 42 -62.31 88.06 -29.80
CA ARG A 42 -63.17 88.31 -30.94
C ARG A 42 -62.45 87.85 -32.19
N LEU A 43 -63.21 87.32 -33.14
CA LEU A 43 -62.68 86.84 -34.42
C LEU A 43 -63.31 87.68 -35.53
N PRO A 44 -62.76 88.87 -35.78
CA PRO A 44 -63.32 89.72 -36.84
C PRO A 44 -63.16 89.09 -38.22
N ALA A 45 -64.17 89.27 -39.05
CA ALA A 45 -64.10 88.78 -40.43
C ALA A 45 -63.26 89.67 -41.33
N ALA A 46 -63.00 90.91 -40.91
CA ALA A 46 -62.23 91.83 -41.74
C ALA A 46 -60.77 91.43 -41.85
N ASN A 47 -60.26 90.63 -40.92
CA ASN A 47 -58.87 90.20 -40.96
C ASN A 47 -58.66 88.99 -41.87
N PHE A 48 -59.73 88.42 -42.42
CA PHE A 48 -59.63 87.24 -43.28
C PHE A 48 -59.83 87.56 -44.76
N THR A 49 -59.61 88.80 -45.17
CA THR A 49 -59.62 89.12 -46.60
C THR A 49 -58.51 88.39 -47.33
N ARG A 50 -57.32 88.34 -46.72
CA ARG A 50 -56.20 87.64 -47.33
C ARG A 50 -56.40 86.13 -47.31
N TYR A 51 -57.08 85.62 -46.28
CA TYR A 51 -57.28 84.18 -46.10
C TYR A 51 -58.60 83.79 -46.76
N SER A 52 -58.51 83.27 -47.98
CA SER A 52 -59.68 82.87 -48.75
C SER A 52 -59.50 81.52 -49.43
N GLN A 53 -58.47 80.75 -49.06
CA GLN A 53 -58.23 79.45 -49.65
C GLN A 53 -58.19 78.35 -48.59
N LEU A 54 -58.80 78.58 -47.44
CA LEU A 54 -58.73 77.62 -46.34
C LEU A 54 -59.81 76.56 -46.46
N THR A 55 -59.49 75.36 -45.98
CA THR A 55 -60.43 74.25 -45.92
C THR A 55 -60.80 73.86 -44.49
N SER A 56 -59.84 73.88 -43.57
CA SER A 56 -60.06 73.55 -42.17
C SER A 56 -59.63 74.72 -41.31
N LEU A 57 -60.40 75.00 -40.26
CA LEU A 57 -60.14 76.11 -39.35
C LEU A 57 -60.31 75.61 -37.92
N ASP A 58 -59.20 75.27 -37.27
CA ASP A 58 -59.20 74.83 -35.89
C ASP A 58 -58.93 76.03 -34.99
N VAL A 59 -59.98 76.55 -34.37
CA VAL A 59 -59.86 77.75 -33.55
C VAL A 59 -60.37 77.39 -32.15
N GLY A 60 -60.29 76.11 -31.81
CA GLY A 60 -60.80 75.64 -30.53
C GLY A 60 -59.93 76.03 -29.35
N PHE A 61 -60.44 75.72 -28.16
CA PHE A 61 -59.76 76.00 -26.88
C PHE A 61 -59.42 77.49 -26.74
N ASN A 62 -60.36 78.34 -27.15
CA ASN A 62 -60.14 79.78 -27.11
C ASN A 62 -61.26 80.50 -26.36
N THR A 63 -61.33 81.82 -26.47
CA THR A 63 -62.32 82.59 -25.74
C THR A 63 -63.18 83.45 -26.65
N ILE A 64 -63.69 82.87 -27.74
CA ILE A 64 -64.62 83.59 -28.61
C ILE A 64 -65.99 83.58 -27.95
N SER A 65 -66.60 84.77 -27.84
CA SER A 65 -67.93 84.87 -27.25
C SER A 65 -69.01 84.50 -28.27
N LYS A 66 -69.09 85.24 -29.37
CA LYS A 66 -70.09 84.99 -30.38
C LYS A 66 -69.45 85.16 -31.76
N LEU A 67 -70.16 84.68 -32.77
CA LEU A 67 -69.66 84.65 -34.14
C LEU A 67 -70.54 85.53 -35.03
N GLU A 68 -70.04 85.82 -36.23
CA GLU A 68 -70.74 86.67 -37.18
C GLU A 68 -70.91 85.94 -38.51
N PRO A 69 -71.98 86.23 -39.23
CA PRO A 69 -72.20 85.57 -40.53
C PRO A 69 -71.12 85.85 -41.55
N GLU A 70 -70.46 87.00 -41.47
CA GLU A 70 -69.50 87.39 -42.49
C GLU A 70 -68.18 86.63 -42.38
N LEU A 71 -68.00 85.80 -41.35
CA LEU A 71 -66.76 85.05 -41.20
C LEU A 71 -66.57 84.06 -42.35
N CYS A 72 -67.59 83.24 -42.62
CA CYS A 72 -67.43 82.22 -43.65
C CYS A 72 -67.96 82.66 -45.00
N GLN A 73 -68.37 83.93 -45.14
CA GLN A 73 -68.61 84.48 -46.47
C GLN A 73 -67.34 84.48 -47.30
N LYS A 74 -66.21 84.84 -46.67
CA LYS A 74 -64.93 84.91 -47.36
C LYS A 74 -64.33 83.54 -47.63
N LEU A 75 -64.91 82.47 -47.07
CA LEU A 75 -64.35 81.13 -47.22
C LEU A 75 -65.32 80.26 -48.01
N PRO A 76 -65.12 80.09 -49.32
CA PRO A 76 -66.05 79.27 -50.10
C PRO A 76 -65.69 77.79 -50.11
N MET A 77 -64.52 77.45 -49.57
CA MET A 77 -64.00 76.08 -49.65
C MET A 77 -63.78 75.52 -48.24
N LEU A 78 -64.11 76.29 -47.20
CA LEU A 78 -63.97 75.82 -45.83
C LEU A 78 -64.85 74.59 -45.60
N LYS A 79 -64.27 73.57 -44.98
CA LYS A 79 -64.93 72.28 -44.86
C LYS A 79 -64.95 71.79 -43.43
N VAL A 80 -63.97 72.20 -42.62
CA VAL A 80 -63.87 71.80 -41.22
C VAL A 80 -63.87 73.06 -40.37
N LEU A 81 -64.74 73.10 -39.37
CA LEU A 81 -64.90 74.27 -38.50
C LEU A 81 -64.93 73.78 -37.06
N ASN A 82 -63.86 74.02 -36.32
CA ASN A 82 -63.69 73.52 -34.96
C ASN A 82 -63.81 74.65 -33.96
N LEU A 83 -64.78 74.54 -33.05
CA LEU A 83 -65.04 75.55 -32.02
C LEU A 83 -65.09 74.90 -30.64
N GLN A 84 -64.13 74.04 -30.33
CA GLN A 84 -64.09 73.37 -29.04
C GLN A 84 -63.69 74.34 -27.94
N HIS A 85 -64.38 74.22 -26.79
CA HIS A 85 -64.04 74.94 -25.56
C HIS A 85 -64.03 76.45 -25.78
N ASN A 86 -65.20 76.98 -26.13
CA ASN A 86 -65.40 78.41 -26.30
C ASN A 86 -66.66 78.83 -25.54
N GLU A 87 -67.09 80.07 -25.76
CA GLU A 87 -68.29 80.60 -25.10
C GLU A 87 -69.41 80.89 -26.10
N LEU A 88 -69.50 80.11 -27.18
CA LEU A 88 -70.53 80.31 -28.20
C LEU A 88 -71.85 79.75 -27.68
N SER A 89 -72.47 80.50 -26.77
CA SER A 89 -73.72 80.09 -26.15
C SER A 89 -74.95 80.53 -26.92
N GLN A 90 -74.77 81.31 -27.99
CA GLN A 90 -75.89 81.82 -28.78
C GLN A 90 -75.72 81.36 -30.22
N LEU A 91 -76.83 80.89 -30.82
CA LEU A 91 -76.86 80.46 -32.21
C LEU A 91 -78.04 81.11 -32.91
N SER A 92 -77.86 81.39 -34.21
CA SER A 92 -78.86 82.05 -35.01
C SER A 92 -78.99 81.34 -36.35
N ASP A 93 -80.04 81.68 -37.10
CA ASP A 93 -80.24 81.10 -38.42
C ASP A 93 -79.14 81.51 -39.38
N LYS A 94 -78.60 82.72 -39.23
CA LYS A 94 -77.59 83.26 -40.11
C LYS A 94 -76.17 82.98 -39.66
N THR A 95 -75.98 82.25 -38.55
CA THR A 95 -74.64 81.95 -38.07
C THR A 95 -73.88 81.08 -39.05
N PHE A 96 -74.54 80.09 -39.64
CA PHE A 96 -73.92 79.18 -40.61
C PHE A 96 -74.71 79.18 -41.91
N ALA A 97 -75.10 80.37 -42.38
CA ALA A 97 -75.96 80.47 -43.55
C ALA A 97 -75.17 80.39 -44.86
N PHE A 98 -74.25 81.35 -45.06
CA PHE A 98 -73.54 81.44 -46.33
C PHE A 98 -72.65 80.23 -46.59
N CYS A 99 -71.94 79.77 -45.56
CA CYS A 99 -71.06 78.62 -45.69
C CYS A 99 -71.87 77.33 -45.57
N THR A 100 -71.88 76.54 -46.64
CA THR A 100 -72.60 75.26 -46.66
C THR A 100 -71.75 74.10 -47.12
N ASN A 101 -70.47 74.31 -47.40
CA ASN A 101 -69.57 73.25 -47.83
C ASN A 101 -68.90 72.54 -46.67
N LEU A 102 -69.25 72.89 -45.44
CA LEU A 102 -68.66 72.25 -44.27
C LEU A 102 -69.10 70.79 -44.18
N THR A 103 -68.15 69.91 -43.89
CA THR A 103 -68.45 68.52 -43.58
C THR A 103 -68.06 68.15 -42.16
N GLU A 104 -67.52 69.10 -41.41
CA GLU A 104 -67.10 68.86 -40.03
C GLU A 104 -67.38 70.13 -39.23
N LEU A 105 -68.01 69.95 -38.06
CA LEU A 105 -68.39 71.09 -37.24
C LEU A 105 -68.42 70.62 -35.79
N HIS A 106 -67.42 71.03 -35.02
CA HIS A 106 -67.29 70.65 -33.61
C HIS A 106 -67.76 71.79 -32.73
N LEU A 107 -68.68 71.49 -31.82
CA LEU A 107 -69.13 72.46 -30.82
C LEU A 107 -69.05 71.87 -29.42
N MET A 108 -67.91 71.27 -29.08
CA MET A 108 -67.76 70.66 -27.76
C MET A 108 -67.46 71.72 -26.71
N SER A 109 -68.20 71.67 -25.61
CA SER A 109 -67.97 72.50 -24.42
C SER A 109 -68.07 73.99 -24.73
N ASN A 110 -69.19 74.40 -25.35
CA ASN A 110 -69.46 75.80 -25.58
C ASN A 110 -70.50 76.37 -24.61
N SER A 111 -70.95 75.57 -23.65
CA SER A 111 -71.99 75.97 -22.69
C SER A 111 -73.25 76.44 -23.41
N ILE A 112 -73.60 75.76 -24.50
CA ILE A 112 -74.83 76.09 -25.22
C ILE A 112 -76.03 75.66 -24.39
N GLN A 113 -76.96 76.58 -24.18
CA GLN A 113 -78.11 76.30 -23.33
C GLN A 113 -79.26 75.70 -24.11
N LYS A 114 -79.77 76.41 -25.10
CA LYS A 114 -80.92 75.96 -25.87
C LYS A 114 -80.73 76.31 -27.33
N ILE A 115 -81.25 75.44 -28.20
CA ILE A 115 -81.35 75.74 -29.62
C ILE A 115 -82.69 76.43 -29.84
N LYS A 116 -82.64 77.65 -30.36
CA LYS A 116 -83.85 78.48 -30.35
C LYS A 116 -84.81 78.10 -31.48
N ASN A 117 -84.41 78.36 -32.73
CA ASN A 117 -85.28 78.07 -33.85
C ASN A 117 -84.64 77.15 -34.89
N ASN A 118 -83.52 77.55 -35.51
CA ASN A 118 -83.06 76.89 -36.73
C ASN A 118 -81.61 77.22 -37.09
N PRO A 119 -80.62 76.58 -36.47
CA PRO A 119 -79.22 76.89 -36.82
C PRO A 119 -78.65 76.12 -37.99
N PHE A 120 -79.26 75.00 -38.44
CA PHE A 120 -78.53 74.06 -39.29
C PHE A 120 -79.26 73.66 -40.57
N VAL A 121 -80.30 74.40 -41.01
CA VAL A 121 -80.89 74.09 -42.31
C VAL A 121 -79.98 74.51 -43.45
N LYS A 122 -79.37 75.68 -43.35
CA LYS A 122 -78.66 76.28 -44.49
C LYS A 122 -77.40 75.52 -44.91
N GLN A 123 -77.10 74.38 -44.31
CA GLN A 123 -76.05 73.49 -44.80
C GLN A 123 -76.66 72.11 -45.02
N LYS A 124 -76.25 71.46 -46.12
CA LYS A 124 -76.73 70.12 -46.43
C LYS A 124 -75.62 69.09 -46.58
N ASN A 125 -74.37 69.52 -46.71
CA ASN A 125 -73.25 68.61 -46.92
C ASN A 125 -72.52 68.27 -45.63
N LEU A 126 -73.06 68.67 -44.47
CA LEU A 126 -72.43 68.39 -43.20
C LEU A 126 -72.47 66.89 -42.92
N ILE A 127 -71.35 66.36 -42.41
CA ILE A 127 -71.20 64.94 -42.12
C ILE A 127 -71.17 64.68 -40.62
N THR A 128 -70.30 65.38 -39.90
CA THR A 128 -70.11 65.16 -38.47
C THR A 128 -70.51 66.41 -37.71
N LEU A 129 -71.41 66.25 -36.74
CA LEU A 129 -71.83 67.34 -35.86
C LEU A 129 -71.56 66.95 -34.42
N ASP A 130 -70.88 67.82 -33.68
CA ASP A 130 -70.50 67.57 -32.30
C ASP A 130 -71.15 68.61 -31.41
N LEU A 131 -71.80 68.15 -30.34
CA LEU A 131 -72.42 69.03 -29.36
C LEU A 131 -72.13 68.56 -27.94
N SER A 132 -70.95 68.00 -27.71
CA SER A 132 -70.63 67.40 -26.41
C SER A 132 -70.40 68.48 -25.35
N HIS A 133 -70.61 68.08 -24.10
CA HIS A 133 -70.34 68.93 -22.92
C HIS A 133 -71.11 70.24 -22.99
N ASN A 134 -72.38 70.15 -23.37
CA ASN A 134 -73.25 71.31 -23.49
C ASN A 134 -74.38 71.24 -22.47
N GLY A 135 -75.14 72.32 -22.37
CA GLY A 135 -76.23 72.41 -21.42
C GLY A 135 -77.58 72.09 -22.02
N LEU A 136 -77.59 71.41 -23.17
CA LEU A 136 -78.83 71.07 -23.83
C LEU A 136 -79.61 70.04 -23.01
N SER A 137 -80.93 70.25 -22.94
CA SER A 137 -81.82 69.30 -22.28
C SER A 137 -82.73 68.55 -23.23
N SER A 138 -82.84 69.00 -24.49
CA SER A 138 -83.65 68.33 -25.49
C SER A 138 -82.84 68.19 -26.77
N THR A 139 -83.15 67.14 -27.54
CA THR A 139 -82.46 66.86 -28.79
C THR A 139 -83.07 67.60 -29.98
N LYS A 140 -83.81 68.67 -29.73
CA LYS A 140 -84.41 69.45 -30.81
C LYS A 140 -83.39 70.43 -31.36
N LEU A 141 -83.05 70.29 -32.65
CA LEU A 141 -82.11 71.16 -33.32
C LEU A 141 -82.74 71.94 -34.47
N GLY A 142 -84.05 71.94 -34.57
CA GLY A 142 -84.73 72.67 -35.62
C GLY A 142 -86.21 72.34 -35.62
N THR A 143 -86.91 72.97 -36.57
CA THR A 143 -88.35 72.77 -36.74
C THR A 143 -88.65 71.80 -37.87
N GLN A 144 -88.14 72.08 -39.07
CA GLN A 144 -88.38 71.23 -40.23
C GLN A 144 -87.30 70.14 -40.29
N VAL A 145 -87.24 69.43 -41.41
CA VAL A 145 -86.30 68.33 -41.60
C VAL A 145 -85.09 68.85 -42.35
N GLN A 146 -83.90 68.49 -41.87
CA GLN A 146 -82.66 68.90 -42.51
C GLN A 146 -81.57 67.89 -42.16
N LEU A 147 -80.33 68.23 -42.51
CA LEU A 147 -79.16 67.37 -42.29
C LEU A 147 -79.34 66.02 -42.98
N GLU A 148 -79.59 66.08 -44.29
CA GLU A 148 -79.81 64.86 -45.06
C GLU A 148 -78.54 64.02 -45.14
N ASN A 149 -77.39 64.66 -45.33
CA ASN A 149 -76.12 63.95 -45.45
C ASN A 149 -75.40 63.75 -44.12
N LEU A 150 -76.03 64.13 -43.01
CA LEU A 150 -75.42 63.95 -41.70
C LEU A 150 -75.25 62.47 -41.39
N GLN A 151 -74.10 62.10 -40.83
CA GLN A 151 -73.80 60.74 -40.45
C GLN A 151 -73.34 60.59 -39.02
N GLU A 152 -72.72 61.63 -38.44
CA GLU A 152 -72.11 61.55 -37.12
C GLU A 152 -72.71 62.63 -36.24
N LEU A 153 -73.29 62.21 -35.11
CA LEU A 153 -73.91 63.15 -34.18
C LEU A 153 -73.46 62.80 -32.76
N LEU A 154 -72.94 63.80 -32.05
CA LEU A 154 -72.46 63.62 -30.69
C LEU A 154 -73.16 64.61 -29.76
N LEU A 155 -73.81 64.08 -28.72
CA LEU A 155 -74.49 64.90 -27.72
C LEU A 155 -74.14 64.46 -26.31
N SER A 156 -72.90 64.02 -26.09
CA SER A 156 -72.50 63.49 -24.80
C SER A 156 -72.35 64.60 -23.76
N ASN A 157 -72.43 64.20 -22.50
CA ASN A 157 -72.23 65.09 -21.35
C ASN A 157 -73.17 66.29 -21.38
N ASN A 158 -74.42 66.04 -21.77
CA ASN A 158 -75.45 67.06 -21.78
C ASN A 158 -76.36 66.87 -20.56
N LYS A 159 -77.42 67.67 -20.49
CA LYS A 159 -78.38 67.60 -19.39
C LYS A 159 -79.75 67.15 -19.92
N ILE A 160 -79.75 66.14 -20.77
CA ILE A 160 -80.96 65.61 -21.38
C ILE A 160 -81.52 64.51 -20.48
N GLN A 161 -82.78 64.66 -20.09
CA GLN A 161 -83.44 63.69 -19.21
C GLN A 161 -84.53 62.90 -19.91
N ALA A 162 -84.94 63.30 -21.12
CA ALA A 162 -85.99 62.60 -21.83
C ALA A 162 -85.66 62.61 -23.32
N LEU A 163 -85.99 61.51 -23.98
CA LEU A 163 -85.74 61.32 -25.41
C LEU A 163 -87.10 61.13 -26.08
N LYS A 164 -87.73 62.23 -26.47
CA LYS A 164 -89.08 62.19 -26.99
C LYS A 164 -89.08 61.94 -28.49
N SER A 165 -90.21 61.40 -28.98
CA SER A 165 -90.31 61.07 -30.40
C SER A 165 -90.36 62.31 -31.27
N GLU A 166 -91.05 63.37 -30.81
CA GLU A 166 -91.19 64.57 -31.61
C GLU A 166 -89.87 65.33 -31.71
N GLU A 167 -88.95 65.07 -30.78
CA GLU A 167 -87.67 65.78 -30.79
C GLU A 167 -86.74 65.30 -31.89
N LEU A 168 -87.02 64.15 -32.50
CA LEU A 168 -86.18 63.58 -33.54
C LEU A 168 -86.91 63.41 -34.87
N ASP A 169 -87.98 64.17 -35.08
CA ASP A 169 -88.68 64.12 -36.37
C ASP A 169 -87.87 64.74 -37.50
N ILE A 170 -86.80 65.47 -37.17
CA ILE A 170 -85.92 66.06 -38.19
C ILE A 170 -85.19 65.01 -39.02
N PHE A 171 -84.83 63.89 -38.42
CA PHE A 171 -83.95 62.90 -39.05
C PHE A 171 -84.75 61.81 -39.77
N ALA A 172 -85.91 62.18 -40.32
CA ALA A 172 -86.73 61.22 -41.04
C ALA A 172 -86.09 60.75 -42.34
N ASN A 173 -85.14 61.51 -42.87
CA ASN A 173 -84.45 61.16 -44.11
C ASN A 173 -82.95 61.33 -43.96
N SER A 174 -82.40 60.87 -42.84
CA SER A 174 -80.97 60.96 -42.57
C SER A 174 -80.44 59.59 -42.15
N SER A 175 -79.26 59.26 -42.65
CA SER A 175 -78.59 57.99 -42.32
C SER A 175 -77.56 58.28 -41.23
N LEU A 176 -77.88 57.89 -40.00
CA LEU A 176 -77.05 58.20 -38.84
C LEU A 176 -76.34 56.93 -38.37
N LYS A 177 -75.00 57.00 -38.31
CA LYS A 177 -74.19 55.86 -37.90
C LYS A 177 -73.78 55.93 -36.44
N LYS A 178 -74.01 57.05 -35.75
CA LYS A 178 -73.56 57.20 -34.36
C LYS A 178 -74.45 58.22 -33.67
N LEU A 179 -75.09 57.80 -32.58
CA LEU A 179 -75.86 58.69 -31.71
C LEU A 179 -75.18 58.66 -30.35
N GLU A 180 -74.25 59.58 -30.14
CA GLU A 180 -73.51 59.64 -28.89
C GLU A 180 -74.30 60.43 -27.85
N LEU A 181 -74.95 59.72 -26.93
CA LEU A 181 -75.73 60.35 -25.87
C LEU A 181 -75.18 59.96 -24.50
N SER A 182 -73.87 59.93 -24.36
CA SER A 182 -73.24 59.47 -23.13
C SER A 182 -73.34 60.52 -22.03
N SER A 183 -73.28 60.04 -20.79
CA SER A 183 -73.23 60.87 -19.58
C SER A 183 -74.45 61.79 -19.44
N ASN A 184 -75.58 61.41 -20.03
CA ASN A 184 -76.82 62.16 -19.91
C ASN A 184 -77.84 61.29 -19.18
N GLN A 185 -78.53 61.87 -18.20
CA GLN A 185 -79.41 61.12 -17.31
C GLN A 185 -80.81 61.02 -17.92
N ILE A 186 -80.90 60.27 -19.01
CA ILE A 186 -82.19 60.00 -19.64
C ILE A 186 -82.90 58.91 -18.84
N LYS A 187 -84.15 59.18 -18.44
CA LYS A 187 -84.92 58.22 -17.67
C LYS A 187 -86.27 57.88 -18.29
N GLU A 188 -86.59 58.42 -19.47
CA GLU A 188 -87.87 58.15 -20.11
C GLU A 188 -87.67 57.98 -21.60
N PHE A 189 -88.30 56.95 -22.17
CA PHE A 189 -88.23 56.67 -23.59
C PHE A 189 -89.63 56.75 -24.18
N SER A 190 -89.76 57.50 -25.28
CA SER A 190 -91.05 57.62 -25.94
C SER A 190 -91.16 56.62 -27.08
N PRO A 191 -92.36 56.07 -27.30
CA PRO A 191 -92.56 55.17 -28.45
C PRO A 191 -92.32 55.90 -29.77
N GLY A 192 -91.69 55.20 -30.70
CA GLY A 192 -91.39 55.78 -32.00
C GLY A 192 -90.28 56.81 -32.01
N CYS A 193 -89.53 56.92 -30.92
CA CYS A 193 -88.44 57.91 -30.87
C CYS A 193 -87.35 57.59 -31.88
N PHE A 194 -86.99 56.31 -31.99
CA PHE A 194 -85.97 55.89 -32.95
C PHE A 194 -86.54 55.51 -34.30
N HIS A 195 -87.84 55.19 -34.36
CA HIS A 195 -88.48 54.93 -35.65
C HIS A 195 -88.60 56.21 -36.47
N ALA A 196 -88.59 57.37 -35.81
CA ALA A 196 -88.60 58.64 -36.53
C ALA A 196 -87.29 58.86 -37.27
N ILE A 197 -86.18 58.32 -36.76
CA ILE A 197 -84.89 58.42 -37.44
C ILE A 197 -84.94 57.62 -38.74
N GLY A 198 -84.40 58.20 -39.79
CA GLY A 198 -84.38 57.55 -41.09
C GLY A 198 -83.63 56.24 -41.11
N ARG A 199 -82.32 56.31 -40.90
CA ARG A 199 -81.48 55.10 -40.86
C ARG A 199 -80.56 55.20 -39.64
N LEU A 200 -80.91 54.49 -38.58
CA LEU A 200 -80.10 54.42 -37.37
C LEU A 200 -79.20 53.19 -37.44
N PHE A 201 -77.90 53.40 -37.34
CA PHE A 201 -76.93 52.31 -37.39
C PHE A 201 -76.22 52.07 -36.07
N GLY A 202 -75.99 53.10 -35.27
CA GLY A 202 -75.29 52.91 -34.01
C GLY A 202 -75.78 53.80 -32.89
N LEU A 203 -75.95 53.22 -31.71
CA LEU A 203 -76.34 53.95 -30.51
C LEU A 203 -75.30 53.77 -29.42
N PHE A 204 -74.91 54.88 -28.80
CA PHE A 204 -73.87 54.89 -27.77
C PHE A 204 -74.43 55.56 -26.52
N LEU A 205 -74.60 54.78 -25.46
CA LEU A 205 -75.19 55.28 -24.23
C LEU A 205 -74.28 54.96 -23.05
N ASN A 206 -72.98 55.23 -23.20
CA ASN A 206 -72.02 54.96 -22.14
C ASN A 206 -72.24 55.88 -20.95
N ASN A 207 -71.99 55.35 -19.76
CA ASN A 207 -72.09 56.09 -18.49
C ASN A 207 -73.48 56.67 -18.27
N VAL A 208 -74.52 56.01 -18.78
CA VAL A 208 -75.89 56.47 -18.64
C VAL A 208 -76.66 55.47 -17.79
N GLN A 209 -77.23 55.93 -16.69
CA GLN A 209 -77.90 55.05 -15.73
C GLN A 209 -79.28 54.63 -16.20
N LEU A 210 -79.39 53.44 -16.79
CA LEU A 210 -80.68 52.89 -17.17
C LEU A 210 -81.23 51.95 -16.11
N GLY A 211 -80.50 50.87 -15.82
CA GLY A 211 -81.01 49.79 -15.03
C GLY A 211 -81.56 48.69 -15.92
N PRO A 212 -81.88 47.53 -15.34
CA PRO A 212 -82.39 46.42 -16.17
C PRO A 212 -83.72 46.70 -16.83
N SER A 213 -84.67 47.29 -16.09
CA SER A 213 -85.99 47.56 -16.65
C SER A 213 -85.92 48.57 -17.78
N LEU A 214 -85.18 49.66 -17.59
CA LEU A 214 -85.04 50.66 -18.63
C LEU A 214 -84.28 50.11 -19.83
N THR A 215 -83.35 49.18 -19.61
CA THR A 215 -82.68 48.52 -20.72
C THR A 215 -83.66 47.68 -21.52
N GLU A 216 -84.58 47.00 -20.83
CA GLU A 216 -85.60 46.22 -21.53
C GLU A 216 -86.51 47.12 -22.35
N LYS A 217 -86.91 48.27 -21.79
CA LYS A 217 -87.71 49.22 -22.56
C LYS A 217 -86.90 49.78 -23.74
N LEU A 218 -85.60 49.96 -23.56
CA LEU A 218 -84.75 50.42 -24.65
C LEU A 218 -84.75 49.42 -25.79
N CYS A 219 -84.57 48.13 -25.47
CA CYS A 219 -84.58 47.10 -26.50
C CYS A 219 -85.92 47.01 -27.20
N LEU A 220 -87.01 47.20 -26.46
CA LEU A 220 -88.34 47.23 -27.07
C LEU A 220 -88.47 48.42 -28.02
N GLU A 221 -87.83 49.55 -27.67
CA GLU A 221 -87.86 50.71 -28.57
C GLU A 221 -86.97 50.52 -29.79
N LEU A 222 -86.01 49.59 -29.75
CA LEU A 222 -85.20 49.28 -30.91
C LEU A 222 -85.82 48.20 -31.79
N ALA A 223 -87.09 47.88 -31.60
CA ALA A 223 -87.74 46.87 -32.43
C ALA A 223 -87.95 47.41 -33.84
N ASN A 224 -87.65 46.55 -34.83
CA ASN A 224 -87.87 46.84 -36.25
C ASN A 224 -87.11 48.08 -36.70
N THR A 225 -85.78 48.03 -36.54
CA THR A 225 -84.89 49.08 -36.99
C THR A 225 -83.61 48.45 -37.53
N SER A 226 -82.73 49.29 -38.08
CA SER A 226 -81.50 48.83 -38.72
C SER A 226 -80.25 49.10 -37.89
N ILE A 227 -80.36 49.01 -36.55
CA ILE A 227 -79.21 49.29 -35.70
C ILE A 227 -78.16 48.20 -35.86
N ARG A 228 -76.89 48.61 -35.88
CA ARG A 228 -75.78 47.68 -36.04
C ARG A 228 -74.99 47.55 -34.74
N ASN A 229 -74.74 48.69 -34.09
CA ASN A 229 -73.91 48.75 -32.89
C ASN A 229 -74.70 49.35 -31.74
N LEU A 230 -74.47 48.82 -30.53
CA LEU A 230 -75.13 49.32 -29.32
C LEU A 230 -74.19 49.09 -28.15
N SER A 231 -73.78 50.17 -27.51
CA SER A 231 -72.91 50.11 -26.35
C SER A 231 -73.67 50.59 -25.11
N LEU A 232 -73.65 49.78 -24.06
CA LEU A 232 -74.27 50.12 -22.78
C LEU A 232 -73.24 50.07 -21.66
N SER A 233 -72.06 50.63 -21.91
CA SER A 233 -70.98 50.58 -20.94
C SER A 233 -71.28 51.46 -19.74
N ASN A 234 -71.02 50.92 -18.55
CA ASN A 234 -71.23 51.62 -17.28
C ASN A 234 -72.66 52.15 -17.16
N SER A 235 -73.61 51.32 -17.56
CA SER A 235 -75.02 51.67 -17.50
C SER A 235 -75.72 51.12 -16.26
N GLN A 236 -74.95 50.58 -15.31
CA GLN A 236 -75.49 49.98 -14.09
C GLN A 236 -76.49 48.86 -14.44
N LEU A 237 -76.04 47.90 -15.23
CA LEU A 237 -76.84 46.73 -15.57
C LEU A 237 -76.38 45.60 -14.64
N SER A 238 -76.91 45.61 -13.42
CA SER A 238 -76.48 44.64 -12.42
C SER A 238 -76.93 43.23 -12.76
N THR A 239 -78.15 43.09 -13.29
CA THR A 239 -78.70 41.79 -13.62
C THR A 239 -79.31 41.82 -15.01
N THR A 240 -79.38 40.65 -15.64
CA THR A 240 -80.02 40.49 -16.93
C THR A 240 -80.90 39.24 -16.90
N SER A 241 -81.86 39.20 -17.81
CA SER A 241 -82.82 38.11 -17.88
C SER A 241 -83.05 37.75 -19.35
N ASN A 242 -83.87 36.72 -19.57
CA ASN A 242 -84.18 36.28 -20.93
C ASN A 242 -85.07 37.27 -21.68
N THR A 243 -85.66 38.24 -20.98
CA THR A 243 -86.52 39.23 -21.60
C THR A 243 -85.90 40.63 -21.58
N THR A 244 -84.69 40.78 -21.04
CA THR A 244 -84.04 42.08 -21.05
C THR A 244 -83.74 42.55 -22.48
N PHE A 245 -83.27 41.65 -23.33
CA PHE A 245 -83.03 41.93 -24.74
C PHE A 245 -84.11 41.36 -25.64
N LEU A 246 -85.37 41.45 -25.21
CA LEU A 246 -86.48 40.88 -25.96
C LEU A 246 -86.69 41.57 -27.30
N GLY A 247 -86.48 42.88 -27.34
CA GLY A 247 -86.82 43.66 -28.52
C GLY A 247 -85.86 43.53 -29.68
N LEU A 248 -84.78 42.77 -29.52
CA LEU A 248 -83.71 42.77 -30.51
C LEU A 248 -83.82 41.65 -31.54
N LYS A 249 -84.87 40.83 -31.49
CA LYS A 249 -85.14 39.92 -32.62
C LYS A 249 -85.45 40.67 -33.90
N TRP A 250 -86.24 41.74 -33.81
CA TRP A 250 -86.69 42.47 -34.98
C TRP A 250 -85.61 43.35 -35.60
N THR A 251 -84.41 43.33 -35.05
CA THR A 251 -83.24 43.95 -35.66
C THR A 251 -82.17 42.89 -35.88
N ASN A 252 -81.04 43.31 -36.44
CA ASN A 252 -79.95 42.40 -36.75
C ASN A 252 -78.64 42.90 -36.13
N LEU A 253 -78.70 43.25 -34.85
CA LEU A 253 -77.56 43.82 -34.14
C LEU A 253 -76.35 42.90 -34.18
N THR A 254 -75.17 43.50 -34.38
CA THR A 254 -73.93 42.76 -34.52
C THR A 254 -72.90 43.06 -33.44
N MET A 255 -72.84 44.29 -32.94
CA MET A 255 -71.89 44.69 -31.91
C MET A 255 -72.63 45.14 -30.67
N LEU A 256 -72.35 44.50 -29.54
CA LEU A 256 -72.95 44.85 -28.26
C LEU A 256 -71.86 44.97 -27.21
N ASP A 257 -71.88 46.07 -26.46
CA ASP A 257 -70.88 46.34 -25.43
C ASP A 257 -71.59 46.40 -24.09
N LEU A 258 -71.11 45.61 -23.12
CA LEU A 258 -71.68 45.57 -21.78
C LEU A 258 -70.59 45.66 -20.73
N SER A 259 -69.55 46.45 -20.99
CA SER A 259 -68.44 46.59 -20.06
C SER A 259 -68.80 47.52 -18.91
N TYR A 260 -68.12 47.33 -17.78
CA TYR A 260 -68.21 48.19 -16.59
C TYR A 260 -69.63 48.30 -16.04
N ASN A 261 -70.49 47.33 -16.32
CA ASN A 261 -71.87 47.37 -15.86
C ASN A 261 -72.08 46.73 -14.50
N ASN A 262 -71.04 46.15 -13.91
CA ASN A 262 -71.11 45.46 -12.62
C ASN A 262 -72.19 44.38 -12.64
N LEU A 263 -72.25 43.66 -13.77
CA LEU A 263 -73.27 42.64 -13.99
C LEU A 263 -72.97 41.44 -13.09
N ASN A 264 -73.71 41.32 -11.99
CA ASN A 264 -73.40 40.32 -10.99
C ASN A 264 -73.67 38.90 -11.51
N VAL A 265 -74.86 38.68 -12.06
CA VAL A 265 -75.26 37.36 -12.53
C VAL A 265 -75.96 37.50 -13.87
N VAL A 266 -75.76 36.51 -14.74
CA VAL A 266 -76.34 36.49 -16.07
C VAL A 266 -77.45 35.45 -16.09
N GLY A 267 -78.64 35.86 -16.47
CA GLY A 267 -79.78 34.96 -16.46
C GLY A 267 -79.68 33.89 -17.54
N ASN A 268 -80.44 32.83 -17.35
CA ASN A 268 -80.45 31.72 -18.28
C ASN A 268 -81.15 32.14 -19.57
N ASP A 269 -80.51 31.81 -20.71
CA ASP A 269 -81.03 32.16 -22.05
C ASP A 269 -81.26 33.66 -22.20
N SER A 270 -80.38 34.44 -21.59
CA SER A 270 -80.50 35.90 -21.71
C SER A 270 -80.05 36.38 -23.07
N PHE A 271 -79.03 35.75 -23.64
CA PHE A 271 -78.45 36.15 -24.92
C PHE A 271 -78.90 35.28 -26.07
N ALA A 272 -79.97 34.48 -25.87
CA ALA A 272 -80.49 33.65 -26.95
C ALA A 272 -81.26 34.46 -27.98
N TRP A 273 -81.49 35.74 -27.72
CA TRP A 273 -82.30 36.59 -28.58
C TRP A 273 -81.46 37.43 -29.54
N LEU A 274 -80.17 37.14 -29.65
CA LEU A 274 -79.27 37.83 -30.58
C LEU A 274 -78.64 36.80 -31.52
N PRO A 275 -79.29 36.49 -32.64
CA PRO A 275 -78.71 35.53 -33.59
C PRO A 275 -77.65 36.11 -34.52
N GLN A 276 -77.64 37.42 -34.75
CA GLN A 276 -76.68 38.03 -35.66
C GLN A 276 -75.55 38.75 -34.93
N LEU A 277 -75.41 38.54 -33.62
CA LEU A 277 -74.32 39.16 -32.88
C LEU A 277 -72.99 38.58 -33.33
N GLU A 278 -72.00 39.47 -33.54
CA GLU A 278 -70.70 39.05 -34.03
C GLU A 278 -69.58 39.50 -33.10
N TYR A 279 -69.73 40.67 -32.50
CA TYR A 279 -68.74 41.21 -31.58
C TYR A 279 -69.41 41.51 -30.25
N PHE A 280 -68.95 40.86 -29.19
CA PHE A 280 -69.54 40.99 -27.87
C PHE A 280 -68.46 41.36 -26.87
N PHE A 281 -68.79 42.28 -25.97
CA PHE A 281 -67.85 42.80 -24.98
C PHE A 281 -68.44 42.63 -23.58
N LEU A 282 -67.63 42.07 -22.68
CA LEU A 282 -68.04 41.92 -21.28
C LEU A 282 -66.90 42.24 -20.32
N GLU A 283 -65.93 43.04 -20.74
CA GLU A 283 -64.73 43.27 -19.93
C GLU A 283 -65.06 44.12 -18.70
N TYR A 284 -64.26 43.92 -17.65
CA TYR A 284 -64.38 44.66 -16.39
C TYR A 284 -65.78 44.52 -15.80
N ASN A 285 -66.12 43.27 -15.48
CA ASN A 285 -67.44 42.91 -14.99
C ASN A 285 -67.29 42.12 -13.69
N ASN A 286 -68.41 41.81 -13.05
CA ASN A 286 -68.43 41.16 -11.73
C ASN A 286 -69.31 39.91 -11.77
N ILE A 287 -69.09 39.07 -12.79
CA ILE A 287 -69.85 37.84 -12.91
C ILE A 287 -69.37 36.83 -11.88
N GLN A 288 -70.32 36.27 -11.13
CA GLN A 288 -70.00 35.28 -10.10
C GLN A 288 -70.20 33.85 -10.57
N HIS A 289 -71.19 33.59 -11.41
CA HIS A 289 -71.46 32.24 -11.88
C HIS A 289 -71.94 32.31 -13.33
N LEU A 290 -71.35 31.48 -14.18
CA LEU A 290 -71.72 31.39 -15.59
C LEU A 290 -72.40 30.05 -15.83
N PHE A 291 -73.62 30.08 -16.35
CA PHE A 291 -74.39 28.88 -16.55
C PHE A 291 -74.10 28.27 -17.94
N SER A 292 -74.52 27.01 -18.10
CA SER A 292 -74.32 26.31 -19.37
C SER A 292 -75.13 26.95 -20.48
N HIS A 293 -76.36 27.36 -20.20
CA HIS A 293 -77.23 28.00 -21.17
C HIS A 293 -77.15 29.52 -21.12
N SER A 294 -76.19 30.07 -20.36
CA SER A 294 -76.05 31.52 -20.27
C SER A 294 -75.70 32.14 -21.62
N LEU A 295 -74.79 31.52 -22.36
CA LEU A 295 -74.38 32.01 -23.67
C LEU A 295 -75.09 31.30 -24.82
N HIS A 296 -76.31 30.82 -24.58
CA HIS A 296 -77.09 30.20 -25.63
C HIS A 296 -77.49 31.23 -26.69
N GLY A 297 -77.63 30.77 -27.93
CA GLY A 297 -78.06 31.63 -29.00
C GLY A 297 -77.01 32.53 -29.59
N LEU A 298 -75.76 32.39 -29.18
CA LEU A 298 -74.65 33.23 -29.65
C LEU A 298 -73.78 32.50 -30.67
N PHE A 299 -74.39 31.71 -31.54
CA PHE A 299 -73.65 30.86 -32.47
C PHE A 299 -73.05 31.61 -33.65
N ASN A 300 -73.09 32.94 -33.65
CA ASN A 300 -72.51 33.73 -34.74
C ASN A 300 -71.50 34.75 -34.24
N VAL A 301 -71.12 34.71 -32.97
CA VAL A 301 -70.17 35.68 -32.43
C VAL A 301 -68.76 35.32 -32.90
N ARG A 302 -68.05 36.30 -33.45
CA ARG A 302 -66.69 36.10 -33.94
C ARG A 302 -65.62 36.56 -32.95
N TYR A 303 -65.98 37.36 -31.95
CA TYR A 303 -65.00 37.92 -31.02
C TYR A 303 -65.67 38.15 -29.68
N LEU A 304 -65.14 37.52 -28.63
CA LEU A 304 -65.65 37.66 -27.27
C LEU A 304 -64.53 38.12 -26.36
N ASN A 305 -64.83 39.13 -25.53
CA ASN A 305 -63.86 39.68 -24.59
C ASN A 305 -64.37 39.46 -23.17
N LEU A 306 -63.51 38.90 -22.32
CA LEU A 306 -63.84 38.60 -20.94
C LEU A 306 -62.71 39.02 -20.01
N LYS A 307 -62.10 40.16 -20.28
CA LYS A 307 -61.01 40.66 -19.44
C LYS A 307 -61.57 41.25 -18.16
N ARG A 308 -61.22 40.63 -17.01
CA ARG A 308 -61.75 41.03 -15.70
C ARG A 308 -63.27 40.94 -15.67
N SER A 309 -63.84 40.00 -16.41
CA SER A 309 -65.30 39.87 -16.46
C SER A 309 -65.87 39.14 -15.25
N PHE A 310 -65.03 38.47 -14.47
CA PHE A 310 -65.48 37.64 -13.37
C PHE A 310 -65.12 38.25 -12.03
N THR A 311 -65.77 37.76 -10.99
CA THR A 311 -65.57 38.29 -9.65
C THR A 311 -64.16 37.98 -9.14
N LYS A 312 -63.52 39.01 -8.59
CA LYS A 312 -62.20 38.84 -8.00
C LYS A 312 -62.30 38.06 -6.70
N GLN A 313 -61.21 37.37 -6.36
CA GLN A 313 -61.17 36.55 -5.15
C GLN A 313 -61.29 37.42 -3.90
N SER A 314 -62.12 36.97 -2.96
CA SER A 314 -62.30 37.64 -1.69
C SER A 314 -62.02 36.64 -0.58
N ILE A 315 -61.21 37.05 0.41
CA ILE A 315 -60.84 36.15 1.49
C ILE A 315 -62.02 35.91 2.44
N SER A 316 -63.02 36.78 2.43
CA SER A 316 -64.14 36.65 3.35
C SER A 316 -64.97 35.41 3.05
N LEU A 317 -65.21 35.12 1.76
CA LEU A 317 -66.08 34.01 1.37
C LEU A 317 -65.44 33.04 0.39
N ALA A 318 -64.28 33.37 -0.21
CA ALA A 318 -63.63 32.55 -1.22
C ALA A 318 -64.58 32.24 -2.37
N SER A 319 -65.29 33.27 -2.83
CA SER A 319 -66.28 33.13 -3.90
C SER A 319 -65.57 33.13 -5.25
N LEU A 320 -64.93 32.01 -5.55
CA LEU A 320 -64.27 31.84 -6.84
C LEU A 320 -65.32 31.78 -7.95
N PRO A 321 -65.16 32.53 -9.03
CA PRO A 321 -66.13 32.47 -10.13
C PRO A 321 -66.08 31.11 -10.82
N LYS A 322 -67.17 30.36 -10.69
CA LYS A 322 -67.26 29.00 -11.23
C LYS A 322 -67.94 29.05 -12.60
N ILE A 323 -67.34 28.33 -13.55
CA ILE A 323 -67.89 28.22 -14.90
C ILE A 323 -68.35 26.78 -15.08
N ASP A 324 -69.63 26.62 -15.45
CA ASP A 324 -70.19 25.29 -15.64
C ASP A 324 -69.63 24.66 -16.92
N ASP A 325 -69.69 23.34 -16.97
CA ASP A 325 -69.23 22.61 -18.15
C ASP A 325 -70.13 22.89 -19.34
N PHE A 326 -69.53 22.87 -20.53
CA PHE A 326 -70.23 23.13 -21.79
C PHE A 326 -70.88 24.51 -21.82
N SER A 327 -70.29 25.47 -21.10
CA SER A 327 -70.85 26.82 -21.09
C SER A 327 -70.57 27.56 -22.39
N PHE A 328 -69.47 27.24 -23.06
CA PHE A 328 -69.10 27.86 -24.32
C PHE A 328 -69.41 26.97 -25.51
N GLN A 329 -70.24 25.93 -25.32
CA GLN A 329 -70.58 25.02 -26.41
C GLN A 329 -71.38 25.70 -27.51
N TRP A 330 -72.09 26.78 -27.20
CA TRP A 330 -72.90 27.46 -28.20
C TRP A 330 -72.07 28.31 -29.15
N LEU A 331 -70.80 28.59 -28.81
CA LEU A 331 -69.95 29.44 -29.63
C LEU A 331 -69.30 28.59 -30.71
N LYS A 332 -70.09 28.25 -31.73
CA LYS A 332 -69.58 27.42 -32.82
C LYS A 332 -68.68 28.22 -33.77
N CYS A 333 -68.89 29.53 -33.84
CA CYS A 333 -68.15 30.39 -34.77
C CYS A 333 -67.23 31.37 -34.07
N LEU A 334 -66.92 31.13 -32.80
CA LEU A 334 -66.01 32.02 -32.07
C LEU A 334 -64.60 31.86 -32.61
N GLU A 335 -63.92 32.99 -32.85
CA GLU A 335 -62.59 32.98 -33.42
C GLU A 335 -61.58 33.77 -32.61
N HIS A 336 -61.99 34.43 -31.53
CA HIS A 336 -61.09 35.26 -30.75
C HIS A 336 -61.68 35.42 -29.36
N LEU A 337 -61.00 34.90 -28.35
CA LEU A 337 -61.49 34.89 -26.97
C LEU A 337 -60.43 35.51 -26.07
N ASN A 338 -60.66 36.75 -25.65
CA ASN A 338 -59.79 37.42 -24.68
C ASN A 338 -60.41 37.25 -23.30
N MET A 339 -59.75 36.48 -22.44
CA MET A 339 -60.22 36.21 -21.08
C MET A 339 -59.07 36.38 -20.11
N GLU A 340 -58.41 37.54 -20.17
CA GLU A 340 -57.28 37.83 -19.31
C GLU A 340 -57.74 38.38 -17.97
N ASP A 341 -56.86 38.25 -16.97
CA ASP A 341 -57.04 38.84 -15.63
C ASP A 341 -58.34 38.36 -14.99
N ASN A 342 -58.41 37.06 -14.72
CA ASN A 342 -59.56 36.46 -14.05
C ASN A 342 -59.07 35.59 -12.89
N ASP A 343 -60.02 35.19 -12.06
CA ASP A 343 -59.75 34.36 -10.88
C ASP A 343 -60.44 33.00 -11.01
N ILE A 344 -60.40 32.43 -12.20
CA ILE A 344 -60.98 31.09 -12.43
C ILE A 344 -60.18 30.06 -11.65
N PRO A 345 -60.82 29.14 -10.92
CA PRO A 345 -60.05 28.17 -10.13
C PRO A 345 -59.15 27.27 -10.97
N GLY A 346 -59.63 26.79 -12.10
CA GLY A 346 -58.82 25.90 -12.92
C GLY A 346 -59.58 25.46 -14.16
N ILE A 347 -58.88 24.66 -14.96
CA ILE A 347 -59.43 24.12 -16.21
C ILE A 347 -60.17 22.83 -15.91
N LYS A 348 -61.41 22.72 -16.39
CA LYS A 348 -62.19 21.50 -16.33
C LYS A 348 -62.14 20.79 -17.68
N SER A 349 -62.59 19.54 -17.70
CA SER A 349 -62.49 18.72 -18.89
C SER A 349 -63.47 19.09 -19.98
N ASN A 350 -64.51 19.88 -19.67
CA ASN A 350 -65.53 20.23 -20.64
C ASN A 350 -65.79 21.73 -20.71
N MET A 351 -64.81 22.55 -20.29
CA MET A 351 -65.03 23.99 -20.28
C MET A 351 -64.99 24.58 -21.68
N PHE A 352 -64.04 24.12 -22.51
CA PHE A 352 -63.88 24.64 -23.86
C PHE A 352 -64.43 23.70 -24.93
N THR A 353 -65.27 22.74 -24.53
CA THR A 353 -65.88 21.84 -25.49
C THR A 353 -66.89 22.59 -26.36
N GLY A 354 -66.87 22.29 -27.66
CA GLY A 354 -67.76 22.90 -28.61
C GLY A 354 -67.13 23.97 -29.48
N LEU A 355 -65.93 24.42 -29.15
CA LEU A 355 -65.21 25.42 -29.93
C LEU A 355 -64.60 24.73 -31.15
N ILE A 356 -65.30 24.80 -32.28
CA ILE A 356 -64.82 24.17 -33.50
C ILE A 356 -64.17 25.16 -34.47
N ASN A 357 -64.30 26.46 -34.22
CA ASN A 357 -63.71 27.48 -35.08
C ASN A 357 -62.76 28.41 -34.33
N LEU A 358 -62.35 28.03 -33.13
CA LEU A 358 -61.48 28.90 -32.34
C LEU A 358 -60.10 29.00 -32.96
N LYS A 359 -59.54 30.21 -32.97
CA LYS A 359 -58.21 30.45 -33.52
C LYS A 359 -57.31 31.29 -32.62
N TYR A 360 -57.83 31.89 -31.55
CA TYR A 360 -57.02 32.71 -30.67
C TYR A 360 -57.58 32.60 -29.26
N LEU A 361 -56.76 32.15 -28.32
CA LEU A 361 -57.15 32.03 -26.92
C LEU A 361 -56.09 32.69 -26.06
N SER A 362 -56.51 33.60 -25.18
CA SER A 362 -55.62 34.29 -24.27
C SER A 362 -56.03 33.99 -22.83
N LEU A 363 -55.08 33.52 -22.02
CA LEU A 363 -55.32 33.17 -20.63
C LEU A 363 -54.33 33.88 -19.72
N SER A 364 -54.11 35.18 -19.97
CA SER A 364 -53.13 35.95 -19.21
C SER A 364 -53.67 36.25 -17.82
N ASN A 365 -53.06 35.66 -16.79
CA ASN A 365 -53.44 35.85 -15.40
C ASN A 365 -54.91 35.51 -15.15
N SER A 366 -55.40 34.47 -15.82
CA SER A 366 -56.82 34.12 -15.73
C SER A 366 -57.12 33.07 -14.67
N PHE A 367 -56.10 32.54 -14.00
CA PHE A 367 -56.30 31.54 -12.95
C PHE A 367 -55.52 31.93 -11.70
N THR A 368 -56.12 31.61 -10.54
CA THR A 368 -55.47 31.91 -9.28
C THR A 368 -54.24 31.04 -9.06
N SER A 369 -54.39 29.73 -9.26
CA SER A 369 -53.27 28.81 -9.02
C SER A 369 -53.42 27.63 -10.00
N LEU A 370 -52.78 27.75 -11.16
CA LEU A 370 -52.65 26.64 -12.09
C LEU A 370 -51.23 26.07 -11.97
N ARG A 371 -51.01 25.32 -10.90
CA ARG A 371 -49.66 24.85 -10.58
C ARG A 371 -49.18 23.80 -11.57
N THR A 372 -50.04 22.85 -11.93
CA THR A 372 -49.65 21.70 -12.73
C THR A 372 -50.40 21.71 -14.05
N LEU A 373 -49.67 21.53 -15.15
CA LEU A 373 -50.27 21.39 -16.48
C LEU A 373 -50.31 19.91 -16.83
N THR A 374 -51.37 19.25 -16.34
CA THR A 374 -51.56 17.83 -16.59
C THR A 374 -51.91 17.60 -18.07
N ASN A 375 -51.58 16.40 -18.55
CA ASN A 375 -51.90 16.03 -19.93
C ASN A 375 -53.39 16.03 -20.22
N GLU A 376 -54.24 15.93 -19.20
CA GLU A 376 -55.69 15.93 -19.36
C GLU A 376 -56.28 17.33 -19.28
N THR A 377 -55.43 18.35 -19.14
CA THR A 377 -55.93 19.73 -19.00
C THR A 377 -56.59 20.22 -20.29
N PHE A 378 -55.90 20.08 -21.41
CA PHE A 378 -56.36 20.66 -22.67
C PHE A 378 -57.14 19.68 -23.53
N VAL A 379 -57.86 18.75 -22.90
CA VAL A 379 -58.69 17.83 -23.68
C VAL A 379 -59.90 18.55 -24.25
N SER A 380 -60.32 19.65 -23.63
CA SER A 380 -61.46 20.41 -24.14
C SER A 380 -61.15 21.12 -25.45
N LEU A 381 -59.86 21.35 -25.75
CA LEU A 381 -59.44 21.95 -27.00
C LEU A 381 -58.98 20.91 -28.02
N ALA A 382 -59.59 19.72 -27.99
CA ALA A 382 -59.17 18.64 -28.88
C ALA A 382 -59.49 18.97 -30.33
N HIS A 383 -60.72 19.39 -30.60
CA HIS A 383 -61.14 19.70 -31.96
C HIS A 383 -61.00 21.18 -32.32
N SER A 384 -60.51 22.00 -31.40
CA SER A 384 -60.37 23.42 -31.66
C SER A 384 -59.13 23.67 -32.51
N PRO A 385 -59.24 24.33 -33.66
CA PRO A 385 -58.06 24.67 -34.47
C PRO A 385 -57.32 25.89 -33.93
N LEU A 386 -56.90 25.81 -32.67
CA LEU A 386 -56.24 26.92 -32.02
C LEU A 386 -54.87 27.17 -32.63
N HIS A 387 -54.52 28.44 -32.81
CA HIS A 387 -53.25 28.84 -33.39
C HIS A 387 -52.35 29.59 -32.43
N ILE A 388 -52.91 30.52 -31.66
CA ILE A 388 -52.14 31.31 -30.70
C ILE A 388 -52.72 31.07 -29.30
N LEU A 389 -51.86 30.68 -28.37
CA LEU A 389 -52.27 30.39 -27.00
C LEU A 389 -51.35 31.15 -26.04
N ASN A 390 -51.95 31.81 -25.06
CA ASN A 390 -51.23 32.65 -24.11
C ASN A 390 -51.47 32.14 -22.69
N LEU A 391 -50.38 31.86 -21.97
CA LEU A 391 -50.43 31.36 -20.59
C LEU A 391 -49.52 32.18 -19.69
N THR A 392 -49.51 33.50 -19.86
CA THR A 392 -48.64 34.36 -19.08
C THR A 392 -49.27 34.74 -17.75
N LYS A 393 -48.41 34.89 -16.74
CA LYS A 393 -48.80 35.34 -15.40
C LYS A 393 -49.85 34.45 -14.75
N ASN A 394 -49.86 33.16 -15.11
CA ASN A 394 -50.78 32.19 -14.54
C ASN A 394 -50.15 31.35 -13.43
N LYS A 395 -48.92 31.70 -13.02
CA LYS A 395 -48.20 30.98 -11.95
C LYS A 395 -48.09 29.49 -12.24
N ILE A 396 -47.76 29.15 -13.49
CA ILE A 396 -47.53 27.76 -13.85
C ILE A 396 -46.26 27.28 -13.15
N SER A 397 -46.36 26.17 -12.42
CA SER A 397 -45.26 25.67 -11.63
C SER A 397 -44.66 24.37 -12.17
N LYS A 398 -45.42 23.57 -12.89
CA LYS A 398 -44.92 22.30 -13.41
C LYS A 398 -45.70 21.95 -14.68
N ILE A 399 -44.98 21.42 -15.67
CA ILE A 399 -45.57 20.99 -16.93
C ILE A 399 -45.28 19.52 -17.10
N GLU A 400 -46.33 18.70 -17.08
CA GLU A 400 -46.19 17.26 -17.28
C GLU A 400 -46.10 16.94 -18.76
N SER A 401 -45.76 15.68 -19.05
CA SER A 401 -45.68 15.23 -20.42
C SER A 401 -47.06 15.19 -21.06
N ASP A 402 -47.09 15.37 -22.38
CA ASP A 402 -48.31 15.36 -23.19
C ASP A 402 -49.30 16.45 -22.78
N ALA A 403 -48.80 17.54 -22.19
CA ALA A 403 -49.68 18.64 -21.81
C ALA A 403 -50.27 19.33 -23.03
N PHE A 404 -49.48 19.46 -24.09
CA PHE A 404 -49.91 20.11 -25.32
C PHE A 404 -50.10 19.12 -26.46
N SER A 405 -50.38 17.86 -26.13
CA SER A 405 -50.56 16.83 -27.14
C SER A 405 -51.86 16.98 -27.92
N TRP A 406 -52.81 17.76 -27.44
CA TRP A 406 -54.09 17.91 -28.10
C TRP A 406 -54.13 19.08 -29.08
N LEU A 407 -53.12 19.95 -29.06
CA LEU A 407 -53.10 21.15 -29.90
C LEU A 407 -52.22 20.88 -31.12
N GLY A 408 -52.82 20.16 -32.08
CA GLY A 408 -52.10 19.84 -33.31
C GLY A 408 -51.92 21.01 -34.26
N HIS A 409 -52.80 22.01 -34.16
CA HIS A 409 -52.74 23.18 -35.03
C HIS A 409 -52.12 24.39 -34.34
N LEU A 410 -51.58 24.22 -33.14
CA LEU A 410 -51.01 25.34 -32.41
C LEU A 410 -49.78 25.88 -33.12
N GLU A 411 -49.66 27.20 -33.17
CA GLU A 411 -48.55 27.85 -33.85
C GLU A 411 -47.74 28.76 -32.94
N VAL A 412 -48.38 29.52 -32.06
CA VAL A 412 -47.70 30.43 -31.15
C VAL A 412 -48.07 30.04 -29.73
N LEU A 413 -47.05 29.83 -28.89
CA LEU A 413 -47.24 29.47 -27.49
C LEU A 413 -46.56 30.50 -26.61
N ASP A 414 -47.30 31.03 -25.64
CA ASP A 414 -46.81 32.07 -24.73
C ASP A 414 -46.90 31.52 -23.31
N LEU A 415 -45.74 31.10 -22.77
CA LEU A 415 -45.65 30.60 -21.41
C LEU A 415 -44.74 31.46 -20.54
N GLY A 416 -44.53 32.72 -20.91
CA GLY A 416 -43.63 33.57 -20.17
C GLY A 416 -44.24 34.13 -18.90
N LEU A 417 -43.39 34.79 -18.11
CA LEU A 417 -43.78 35.47 -16.87
C LEU A 417 -44.47 34.51 -15.90
N ASN A 418 -43.95 33.30 -15.79
CA ASN A 418 -44.49 32.29 -14.90
C ASN A 418 -43.41 31.85 -13.90
N GLU A 419 -43.74 30.82 -13.13
CA GLU A 419 -42.86 30.28 -12.09
C GLU A 419 -42.48 28.84 -12.42
N ILE A 420 -42.16 28.58 -13.69
CA ILE A 420 -41.93 27.22 -14.16
C ILE A 420 -40.53 26.78 -13.73
N GLY A 421 -40.46 25.85 -12.79
CA GLY A 421 -39.20 25.26 -12.39
C GLY A 421 -39.22 23.75 -12.54
N GLN A 422 -38.46 23.24 -13.50
CA GLN A 422 -38.42 21.81 -13.80
C GLN A 422 -37.22 21.54 -14.70
N GLU A 423 -37.10 20.30 -15.15
CA GLU A 423 -36.12 19.92 -16.16
C GLU A 423 -36.86 19.43 -17.40
N LEU A 424 -36.45 19.91 -18.57
CA LEU A 424 -37.17 19.68 -19.81
C LEU A 424 -36.81 18.31 -20.36
N THR A 425 -37.74 17.36 -20.19
CA THR A 425 -37.57 16.04 -20.79
C THR A 425 -37.75 16.06 -22.30
N GLY A 426 -38.51 17.03 -22.82
CA GLY A 426 -38.81 17.12 -24.22
C GLY A 426 -40.10 16.45 -24.64
N GLN A 427 -40.66 15.59 -23.79
CA GLN A 427 -41.92 14.95 -24.10
C GLN A 427 -43.12 15.87 -23.87
N GLU A 428 -42.91 17.04 -23.26
CA GLU A 428 -43.99 17.98 -23.05
C GLU A 428 -44.44 18.64 -24.36
N TRP A 429 -43.56 18.63 -25.37
CA TRP A 429 -43.83 19.32 -26.63
C TRP A 429 -44.38 18.39 -27.70
N ARG A 430 -44.65 17.13 -27.39
CA ARG A 430 -45.15 16.21 -28.41
C ARG A 430 -46.57 16.58 -28.79
N GLY A 431 -46.89 16.42 -30.08
CA GLY A 431 -48.15 16.83 -30.63
C GLY A 431 -48.16 18.21 -31.24
N LEU A 432 -47.10 18.99 -31.07
CA LEU A 432 -47.00 20.32 -31.66
C LEU A 432 -46.26 20.22 -33.00
N GLU A 433 -46.95 19.61 -33.96
CA GLU A 433 -46.38 19.39 -35.29
C GLU A 433 -46.29 20.67 -36.10
N ASN A 434 -47.16 21.65 -35.84
CA ASN A 434 -47.22 22.89 -36.61
C ASN A 434 -46.84 24.09 -35.76
N ILE A 435 -46.08 23.86 -34.69
CA ILE A 435 -45.71 24.94 -33.79
C ILE A 435 -44.62 25.79 -34.42
N PHE A 436 -44.63 27.09 -34.12
CA PHE A 436 -43.64 28.02 -34.63
C PHE A 436 -42.93 28.78 -33.52
N GLU A 437 -43.64 29.18 -32.47
CA GLU A 437 -43.07 30.01 -31.41
C GLU A 437 -43.45 29.44 -30.04
N ILE A 438 -42.48 29.37 -29.15
CA ILE A 438 -42.72 29.11 -27.74
C ILE A 438 -41.99 30.19 -26.94
N TYR A 439 -42.71 30.86 -26.05
CA TYR A 439 -42.15 31.87 -25.18
C TYR A 439 -41.99 31.29 -23.78
N LEU A 440 -40.77 31.37 -23.23
CA LEU A 440 -40.52 30.82 -21.91
C LEU A 440 -39.71 31.77 -21.03
N SER A 441 -39.75 33.07 -21.32
CA SER A 441 -38.95 34.02 -20.57
C SER A 441 -39.53 34.25 -19.19
N TYR A 442 -38.66 34.68 -18.26
CA TYR A 442 -39.02 35.07 -16.90
C TYR A 442 -39.71 33.93 -16.15
N ASN A 443 -38.96 32.84 -15.96
CA ASN A 443 -39.38 31.71 -15.15
C ASN A 443 -38.38 31.47 -14.03
N LYS A 444 -38.60 30.41 -13.26
CA LYS A 444 -37.72 30.13 -12.13
C LYS A 444 -36.40 29.51 -12.58
N TYR A 445 -36.47 28.32 -13.17
CA TYR A 445 -35.28 27.66 -13.71
C TYR A 445 -35.72 26.56 -14.66
N LEU A 446 -34.93 26.37 -15.72
CA LEU A 446 -35.13 25.28 -16.66
C LEU A 446 -33.81 24.56 -16.89
N GLN A 447 -33.86 23.23 -16.89
CA GLN A 447 -32.69 22.40 -17.11
C GLN A 447 -32.85 21.68 -18.44
N LEU A 448 -32.09 22.11 -19.44
CA LEU A 448 -32.20 21.53 -20.77
C LEU A 448 -31.52 20.16 -20.84
N THR A 449 -32.00 19.32 -21.75
CA THR A 449 -31.46 18.00 -21.96
C THR A 449 -31.13 17.83 -23.45
N ARG A 450 -30.71 16.62 -23.81
CA ARG A 450 -30.35 16.34 -25.19
C ARG A 450 -31.57 16.39 -26.10
N ASN A 451 -32.70 15.85 -25.63
CA ASN A 451 -33.93 15.77 -26.40
C ASN A 451 -34.97 16.79 -25.93
N SER A 452 -34.50 17.99 -25.54
CA SER A 452 -35.41 19.01 -25.03
C SER A 452 -36.38 19.49 -26.09
N PHE A 453 -35.91 19.64 -27.33
CA PHE A 453 -36.75 20.12 -28.42
C PHE A 453 -36.64 19.23 -29.65
N ALA A 454 -36.46 17.92 -29.44
CA ALA A 454 -36.36 17.00 -30.55
C ALA A 454 -37.70 16.69 -31.20
N LEU A 455 -38.81 16.98 -30.52
CA LEU A 455 -40.14 16.68 -31.05
C LEU A 455 -40.79 17.87 -31.75
N VAL A 456 -40.10 19.01 -31.84
CA VAL A 456 -40.65 20.19 -32.49
C VAL A 456 -39.63 20.74 -33.51
N PRO A 457 -39.42 20.05 -34.63
CA PRO A 457 -38.44 20.55 -35.62
C PRO A 457 -38.87 21.82 -36.32
N SER A 458 -40.15 22.17 -36.29
CA SER A 458 -40.65 23.35 -36.98
C SER A 458 -40.52 24.63 -36.16
N LEU A 459 -39.80 24.58 -35.04
CA LEU A 459 -39.65 25.77 -34.21
C LEU A 459 -38.85 26.85 -34.94
N GLN A 460 -39.28 28.10 -34.78
CA GLN A 460 -38.62 29.24 -35.38
C GLN A 460 -38.12 30.27 -34.39
N ARG A 461 -38.87 30.56 -33.33
CA ARG A 461 -38.46 31.51 -32.31
C ARG A 461 -38.54 30.86 -30.94
N LEU A 462 -37.44 30.96 -30.18
CA LEU A 462 -37.37 30.39 -28.83
C LEU A 462 -36.79 31.45 -27.91
N MET A 463 -37.62 31.98 -27.01
CA MET A 463 -37.22 33.05 -26.11
C MET A 463 -36.99 32.45 -24.72
N LEU A 464 -35.80 32.67 -24.18
CA LEU A 464 -35.41 32.15 -22.87
C LEU A 464 -34.74 33.23 -22.04
N ARG A 465 -35.33 34.43 -22.04
CA ARG A 465 -34.76 35.55 -21.32
C ARG A 465 -35.04 35.43 -19.83
N ARG A 466 -33.98 35.46 -19.03
CA ARG A 466 -34.06 35.41 -17.57
C ARG A 466 -34.82 34.17 -17.10
N VAL A 467 -34.34 33.01 -17.53
CA VAL A 467 -34.93 31.73 -17.17
C VAL A 467 -33.93 30.83 -16.43
N ALA A 468 -32.67 31.25 -16.31
CA ALA A 468 -31.64 30.53 -15.57
C ALA A 468 -31.46 29.11 -16.12
N LEU A 469 -30.97 29.06 -17.36
CA LEU A 469 -30.76 27.78 -18.03
C LEU A 469 -29.70 26.95 -17.31
N LYS A 470 -29.98 25.67 -17.14
CA LYS A 470 -29.07 24.73 -16.50
C LYS A 470 -28.81 23.57 -17.45
N ASN A 471 -27.60 22.99 -17.33
CA ASN A 471 -27.13 21.93 -18.22
C ASN A 471 -27.19 22.37 -19.68
N VAL A 472 -26.84 23.63 -19.94
CA VAL A 472 -26.83 24.17 -21.31
C VAL A 472 -25.63 23.69 -22.10
N ASP A 473 -24.59 23.19 -21.42
CA ASP A 473 -23.34 22.80 -22.07
C ASP A 473 -23.26 21.29 -22.30
N SER A 474 -24.37 20.65 -22.64
CA SER A 474 -24.34 19.24 -22.98
C SER A 474 -23.54 19.01 -24.26
N SER A 475 -22.94 17.82 -24.36
CA SER A 475 -22.13 17.50 -25.54
C SER A 475 -22.94 17.52 -26.84
N PRO A 476 -24.14 16.94 -26.92
CA PRO A 476 -24.98 17.18 -28.10
C PRO A 476 -25.81 18.45 -27.90
N SER A 477 -25.91 19.26 -28.95
CA SER A 477 -26.58 20.55 -28.84
C SER A 477 -28.09 20.37 -28.79
N PRO A 478 -28.78 20.89 -27.77
CA PRO A 478 -30.25 20.77 -27.73
C PRO A 478 -30.96 21.49 -28.87
N PHE A 479 -30.36 22.52 -29.46
CA PHE A 479 -30.96 23.18 -30.63
C PHE A 479 -30.60 22.51 -31.94
N GLN A 480 -29.95 21.33 -31.91
CA GLN A 480 -29.67 20.61 -33.15
C GLN A 480 -30.93 20.25 -33.93
N PRO A 481 -31.99 19.69 -33.33
CA PRO A 481 -33.21 19.44 -34.12
C PRO A 481 -33.88 20.69 -34.65
N LEU A 482 -33.61 21.86 -34.07
CA LEU A 482 -34.25 23.11 -34.48
C LEU A 482 -33.59 23.63 -35.75
N ARG A 483 -33.92 22.98 -36.87
CA ARG A 483 -33.33 23.34 -38.16
C ARG A 483 -33.87 24.67 -38.67
N ASN A 484 -35.14 24.98 -38.37
CA ASN A 484 -35.79 26.18 -38.87
C ASN A 484 -35.82 27.30 -37.85
N LEU A 485 -35.01 27.22 -36.80
CA LEU A 485 -34.98 28.26 -35.79
C LEU A 485 -34.43 29.56 -36.39
N THR A 486 -35.09 30.67 -36.06
CA THR A 486 -34.72 31.98 -36.60
C THR A 486 -34.38 33.00 -35.53
N ILE A 487 -35.05 32.95 -34.37
CA ILE A 487 -34.81 33.88 -33.28
C ILE A 487 -34.54 33.07 -32.02
N LEU A 488 -33.46 33.40 -31.31
CA LEU A 488 -33.10 32.73 -30.08
C LEU A 488 -32.60 33.76 -29.07
N ASP A 489 -33.27 33.82 -27.92
CA ASP A 489 -32.89 34.73 -26.84
C ASP A 489 -32.42 33.90 -25.65
N LEU A 490 -31.20 34.16 -25.19
CA LEU A 490 -30.61 33.49 -24.04
C LEU A 490 -30.01 34.51 -23.08
N SER A 491 -30.77 35.55 -22.78
CA SER A 491 -30.26 36.68 -22.02
C SER A 491 -30.60 36.56 -20.54
N ASN A 492 -29.77 37.18 -19.70
CA ASN A 492 -29.98 37.28 -18.25
C ASN A 492 -30.09 35.91 -17.58
N ASN A 493 -29.27 34.95 -18.03
CA ASN A 493 -29.30 33.60 -17.48
C ASN A 493 -28.03 33.21 -16.76
N ASN A 494 -27.02 34.08 -16.75
CA ASN A 494 -25.73 33.81 -16.10
C ASN A 494 -25.11 32.52 -16.62
N ILE A 495 -25.21 32.31 -17.93
CA ILE A 495 -24.62 31.14 -18.56
C ILE A 495 -23.11 31.26 -18.54
N ALA A 496 -22.43 30.23 -18.06
CA ALA A 496 -20.98 30.26 -17.90
C ALA A 496 -20.23 29.51 -18.99
N ASN A 497 -20.62 28.27 -19.28
CA ASN A 497 -19.90 27.43 -20.23
C ASN A 497 -20.79 27.14 -21.44
N ILE A 498 -20.28 27.43 -22.63
CA ILE A 498 -20.99 27.21 -23.88
C ILE A 498 -20.07 26.44 -24.82
N ASN A 499 -20.58 25.36 -25.40
CA ASN A 499 -19.78 24.51 -26.27
C ASN A 499 -19.62 25.13 -27.65
N ASP A 500 -18.63 24.62 -28.39
CA ASP A 500 -18.36 25.11 -29.74
C ASP A 500 -19.45 24.72 -30.72
N ASP A 501 -20.02 23.53 -30.60
CA ASP A 501 -20.94 22.99 -31.60
C ASP A 501 -22.40 23.21 -31.22
N MET A 502 -22.70 24.24 -30.43
CA MET A 502 -24.07 24.48 -29.99
C MET A 502 -24.95 24.98 -31.12
N LEU A 503 -24.39 25.78 -32.03
CA LEU A 503 -25.15 26.40 -33.10
C LEU A 503 -24.82 25.78 -34.46
N GLU A 504 -24.22 24.60 -34.47
CA GLU A 504 -23.96 23.89 -35.71
C GLU A 504 -25.27 23.41 -36.32
N GLY A 505 -25.43 23.62 -37.63
CA GLY A 505 -26.66 23.30 -38.31
C GLY A 505 -27.74 24.36 -38.21
N LEU A 506 -27.43 25.52 -37.63
CA LEU A 506 -28.39 26.62 -37.53
C LEU A 506 -28.12 27.64 -38.65
N GLU A 507 -28.35 27.20 -39.88
CA GLU A 507 -28.14 28.09 -41.02
C GLU A 507 -29.19 29.20 -41.08
N LYS A 508 -30.40 28.92 -40.64
CA LYS A 508 -31.50 29.87 -40.76
C LYS A 508 -31.66 30.78 -39.55
N LEU A 509 -30.77 30.69 -38.56
CA LEU A 509 -30.84 31.59 -37.41
C LEU A 509 -30.50 33.01 -37.85
N GLU A 510 -31.28 33.97 -37.38
CA GLU A 510 -31.10 35.37 -37.76
C GLU A 510 -30.89 36.28 -36.57
N ILE A 511 -31.61 36.07 -35.47
CA ILE A 511 -31.55 36.93 -34.29
C ILE A 511 -30.99 36.11 -33.15
N LEU A 512 -29.89 36.57 -32.57
CA LEU A 512 -29.27 35.93 -31.42
C LEU A 512 -29.00 36.97 -30.34
N ASP A 513 -29.52 36.73 -29.13
CA ASP A 513 -29.27 37.58 -27.98
C ASP A 513 -28.59 36.77 -26.89
N LEU A 514 -27.43 37.26 -26.44
CA LEU A 514 -26.70 36.63 -25.34
C LEU A 514 -26.28 37.67 -24.32
N GLN A 515 -27.01 38.77 -24.22
CA GLN A 515 -26.66 39.86 -23.34
C GLN A 515 -26.86 39.48 -21.88
N HIS A 516 -26.13 40.17 -21.00
CA HIS A 516 -26.22 39.99 -19.55
C HIS A 516 -25.92 38.55 -19.14
N ASN A 517 -24.76 38.05 -19.57
CA ASN A 517 -24.32 36.72 -19.20
C ASN A 517 -22.86 36.74 -18.77
N ASN A 518 -22.27 35.58 -18.55
CA ASN A 518 -20.87 35.48 -18.10
C ASN A 518 -20.12 34.54 -19.03
N LEU A 519 -19.62 35.08 -20.14
CA LEU A 519 -18.81 34.32 -21.10
C LEU A 519 -17.42 34.91 -21.26
N ALA A 520 -16.93 35.65 -20.26
CA ALA A 520 -15.64 36.32 -20.38
C ALA A 520 -14.51 35.31 -20.52
N ARG A 521 -14.54 34.22 -19.75
CA ARG A 521 -13.46 33.24 -19.78
C ARG A 521 -13.38 32.54 -21.13
N LEU A 522 -14.52 32.33 -21.79
CA LEU A 522 -14.57 31.54 -23.02
C LEU A 522 -13.84 32.19 -24.18
N TRP A 523 -13.48 33.48 -24.08
CA TRP A 523 -12.82 34.17 -25.17
C TRP A 523 -11.37 34.55 -24.87
N LYS A 524 -10.93 34.43 -23.62
CA LYS A 524 -9.54 34.73 -23.30
C LYS A 524 -8.61 33.65 -23.86
N HIS A 525 -7.40 34.06 -24.22
CA HIS A 525 -6.41 33.11 -24.74
C HIS A 525 -5.91 32.15 -23.66
N ALA A 526 -6.08 32.50 -22.38
CA ALA A 526 -5.63 31.65 -21.29
C ALA A 526 -6.64 30.57 -20.93
N ASN A 527 -7.79 30.53 -21.60
CA ASN A 527 -8.78 29.50 -21.33
C ASN A 527 -8.26 28.15 -21.80
N PRO A 528 -8.25 27.13 -20.93
CA PRO A 528 -7.84 25.80 -21.37
C PRO A 528 -8.75 25.27 -22.46
N GLY A 529 -8.17 24.56 -23.42
CA GLY A 529 -8.89 24.04 -24.56
C GLY A 529 -9.08 25.01 -25.70
N GLY A 530 -8.61 26.25 -25.57
CA GLY A 530 -8.74 27.23 -26.61
C GLY A 530 -10.03 28.01 -26.52
N PRO A 531 -10.08 29.17 -27.18
CA PRO A 531 -11.31 29.95 -27.20
C PRO A 531 -12.44 29.22 -27.92
N ILE A 532 -13.67 29.49 -27.49
CA ILE A 532 -14.84 28.84 -28.06
C ILE A 532 -15.38 29.72 -29.18
N TYR A 533 -15.37 29.19 -30.41
CA TYR A 533 -15.89 29.90 -31.58
C TYR A 533 -17.30 29.41 -31.84
N PHE A 534 -18.22 29.78 -30.94
CA PHE A 534 -19.60 29.33 -30.98
C PHE A 534 -20.45 30.12 -31.97
N LEU A 535 -19.84 30.85 -32.89
CA LEU A 535 -20.55 31.64 -33.88
C LEU A 535 -20.13 31.25 -35.28
N LYS A 536 -19.85 29.97 -35.49
CA LYS A 536 -19.40 29.46 -36.77
C LYS A 536 -20.57 28.79 -37.49
N GLY A 537 -20.68 29.05 -38.79
CA GLY A 537 -21.76 28.53 -39.59
C GLY A 537 -23.00 29.41 -39.62
N LEU A 538 -22.98 30.55 -38.95
CA LEU A 538 -24.13 31.45 -38.90
C LEU A 538 -24.07 32.42 -40.09
N SER A 539 -24.42 31.86 -41.26
CA SER A 539 -24.36 32.64 -42.48
C SER A 539 -25.49 33.65 -42.59
N HIS A 540 -26.63 33.41 -41.93
CA HIS A 540 -27.79 34.28 -42.04
C HIS A 540 -28.05 35.08 -40.77
N LEU A 541 -27.10 35.12 -39.84
CA LEU A 541 -27.30 35.87 -38.60
C LEU A 541 -27.31 37.36 -38.92
N HIS A 542 -28.28 38.07 -38.34
CA HIS A 542 -28.50 39.48 -38.66
C HIS A 542 -28.29 40.40 -37.46
N ILE A 543 -28.86 40.06 -36.30
CA ILE A 543 -28.74 40.88 -35.10
C ILE A 543 -28.09 40.04 -34.02
N LEU A 544 -27.02 40.57 -33.42
CA LEU A 544 -26.28 39.90 -32.37
C LEU A 544 -26.10 40.85 -31.20
N ASN A 545 -26.40 40.37 -29.99
CA ASN A 545 -26.31 41.16 -28.78
C ASN A 545 -25.43 40.45 -27.77
N LEU A 546 -24.43 41.15 -27.25
CA LEU A 546 -23.51 40.60 -26.25
C LEU A 546 -23.25 41.62 -25.15
N GLU A 547 -24.30 42.31 -24.68
CA GLU A 547 -24.13 43.32 -23.65
C GLU A 547 -23.85 42.69 -22.29
N SER A 548 -23.04 43.37 -21.49
CA SER A 548 -22.80 43.03 -20.09
C SER A 548 -22.29 41.59 -19.93
N ASN A 549 -21.44 41.16 -20.86
CA ASN A 549 -20.82 39.85 -20.76
C ASN A 549 -19.46 39.88 -20.09
N GLY A 550 -18.93 41.08 -19.79
CA GLY A 550 -17.64 41.18 -19.16
C GLY A 550 -16.48 40.77 -20.05
N PHE A 551 -16.66 40.83 -21.37
CA PHE A 551 -15.60 40.42 -22.29
C PHE A 551 -14.36 41.29 -22.13
N ASP A 552 -13.20 40.63 -22.06
CA ASP A 552 -11.93 41.33 -21.96
C ASP A 552 -11.05 41.14 -23.19
N GLU A 553 -11.35 40.16 -24.04
CA GLU A 553 -10.58 39.90 -25.26
C GLU A 553 -11.50 39.22 -26.26
N ILE A 554 -11.35 39.57 -27.53
CA ILE A 554 -12.15 39.04 -28.62
C ILE A 554 -11.25 38.20 -29.51
N PRO A 555 -11.58 36.93 -29.76
CA PRO A 555 -10.76 36.13 -30.68
C PRO A 555 -10.80 36.69 -32.10
N VAL A 556 -9.71 36.48 -32.82
CA VAL A 556 -9.54 37.09 -34.14
C VAL A 556 -10.50 36.48 -35.16
N GLU A 557 -10.82 35.20 -35.03
CA GLU A 557 -11.64 34.54 -36.04
C GLU A 557 -12.99 34.09 -35.50
N VAL A 558 -13.63 34.92 -34.70
CA VAL A 558 -14.96 34.61 -34.19
C VAL A 558 -16.05 35.12 -35.12
N PHE A 559 -15.85 36.28 -35.75
CA PHE A 559 -16.80 36.85 -36.71
C PHE A 559 -16.41 36.58 -38.15
N LYS A 560 -15.75 35.46 -38.42
CA LYS A 560 -15.22 35.18 -39.75
C LYS A 560 -16.29 34.80 -40.77
N ASP A 561 -17.44 34.31 -40.34
CA ASP A 561 -18.44 33.78 -41.25
C ASP A 561 -19.76 34.56 -41.27
N LEU A 562 -19.89 35.62 -40.46
CA LEU A 562 -21.12 36.40 -40.43
C LEU A 562 -21.12 37.37 -41.62
N PHE A 563 -21.53 36.85 -42.77
CA PHE A 563 -21.53 37.64 -43.99
C PHE A 563 -22.73 38.58 -44.08
N GLU A 564 -23.77 38.37 -43.28
CA GLU A 564 -24.99 39.17 -43.35
C GLU A 564 -25.29 39.87 -42.04
N LEU A 565 -24.29 40.03 -41.17
CA LEU A 565 -24.49 40.74 -39.92
C LEU A 565 -24.70 42.22 -40.17
N LYS A 566 -25.74 42.79 -39.57
CA LYS A 566 -26.04 44.20 -39.72
C LYS A 566 -26.08 44.95 -38.39
N ILE A 567 -26.64 44.34 -37.34
CA ILE A 567 -26.75 44.97 -36.03
C ILE A 567 -25.92 44.17 -35.05
N ILE A 568 -24.95 44.81 -34.41
CA ILE A 568 -24.11 44.18 -33.40
C ILE A 568 -24.10 45.07 -32.15
N ASP A 569 -24.18 44.44 -30.98
CA ASP A 569 -24.21 45.15 -29.71
C ASP A 569 -23.18 44.54 -28.78
N LEU A 570 -22.26 45.37 -28.29
CA LEU A 570 -21.19 44.93 -27.41
C LEU A 570 -20.97 45.90 -26.26
N GLY A 571 -22.03 46.57 -25.80
CA GLY A 571 -21.89 47.55 -24.75
C GLY A 571 -21.77 46.93 -23.36
N LEU A 572 -21.38 47.79 -22.41
CA LEU A 572 -21.30 47.43 -20.99
C LEU A 572 -20.35 46.27 -20.74
N ASN A 573 -19.26 46.18 -21.51
CA ASN A 573 -18.25 45.16 -21.35
C ASN A 573 -16.94 45.79 -20.89
N ASN A 574 -15.91 44.95 -20.75
CA ASN A 574 -14.60 45.38 -20.31
C ASN A 574 -13.58 45.33 -21.43
N LEU A 575 -14.03 45.58 -22.67
CA LEU A 575 -13.14 45.56 -23.82
C LEU A 575 -12.13 46.71 -23.74
N ASN A 576 -10.86 46.39 -23.93
CA ASN A 576 -9.80 47.39 -23.95
C ASN A 576 -9.00 47.38 -25.24
N THR A 577 -8.68 46.20 -25.77
CA THR A 577 -7.93 46.07 -27.00
C THR A 577 -8.59 45.04 -27.89
N LEU A 578 -8.79 45.40 -29.16
CA LEU A 578 -9.40 44.51 -30.13
C LEU A 578 -8.37 44.08 -31.16
N PRO A 579 -8.43 42.83 -31.61
CA PRO A 579 -7.47 42.36 -32.61
C PRO A 579 -7.64 43.07 -33.94
N ALA A 580 -6.52 43.26 -34.62
CA ALA A 580 -6.54 43.89 -35.94
C ALA A 580 -7.15 42.95 -36.97
N SER A 581 -7.84 43.56 -37.95
CA SER A 581 -8.49 42.85 -39.06
C SER A 581 -9.44 41.77 -38.54
N VAL A 582 -10.42 42.21 -37.76
CA VAL A 582 -11.44 41.33 -37.20
C VAL A 582 -12.78 41.53 -37.89
N PHE A 583 -13.09 42.76 -38.33
CA PHE A 583 -14.39 43.09 -38.89
C PHE A 583 -14.38 43.12 -40.41
N ASN A 584 -13.47 42.37 -41.04
CA ASN A 584 -13.37 42.38 -42.50
C ASN A 584 -14.62 41.81 -43.15
N ASN A 585 -15.18 40.75 -42.58
CA ASN A 585 -16.26 40.02 -43.20
C ASN A 585 -17.62 40.70 -43.06
N GLN A 586 -17.75 41.68 -42.15
CA GLN A 586 -19.01 42.40 -41.98
C GLN A 586 -19.06 43.58 -42.96
N VAL A 587 -19.30 43.23 -44.23
CA VAL A 587 -19.43 44.25 -45.27
C VAL A 587 -20.80 44.91 -45.28
N SER A 588 -21.76 44.39 -44.51
CA SER A 588 -23.11 44.91 -44.46
C SER A 588 -23.53 45.32 -43.04
N LEU A 589 -22.57 45.78 -42.24
CA LEU A 589 -22.89 46.22 -40.89
C LEU A 589 -23.64 47.56 -40.92
N LYS A 590 -24.56 47.73 -39.98
CA LYS A 590 -25.35 48.95 -39.88
C LYS A 590 -25.12 49.71 -38.59
N SER A 591 -25.23 49.04 -37.44
CA SER A 591 -25.10 49.69 -36.15
C SER A 591 -24.05 48.99 -35.31
N LEU A 592 -23.14 49.75 -34.72
CA LEU A 592 -22.11 49.24 -33.82
C LEU A 592 -22.26 49.94 -32.48
N ASN A 593 -22.46 49.16 -31.41
CA ASN A 593 -22.71 49.68 -30.07
C ASN A 593 -21.61 49.21 -29.14
N LEU A 594 -20.81 50.15 -28.65
CA LEU A 594 -19.71 49.86 -27.72
C LEU A 594 -19.72 50.83 -26.55
N GLN A 595 -20.90 51.12 -26.01
CA GLN A 595 -20.98 52.05 -24.90
C GLN A 595 -20.50 51.42 -23.61
N LYS A 596 -19.99 52.27 -22.71
CA LYS A 596 -19.62 51.88 -21.35
C LYS A 596 -18.59 50.76 -21.34
N ASN A 597 -17.58 50.88 -22.20
CA ASN A 597 -16.46 49.96 -22.25
C ASN A 597 -15.19 50.66 -21.79
N LEU A 598 -14.07 49.94 -21.87
CA LEU A 598 -12.78 50.45 -21.44
C LEU A 598 -11.83 50.69 -22.62
N ILE A 599 -12.37 50.77 -23.85
CA ILE A 599 -11.53 50.99 -25.02
C ILE A 599 -10.91 52.38 -24.95
N THR A 600 -9.70 52.52 -25.50
CA THR A 600 -8.98 53.78 -25.47
C THR A 600 -8.52 54.27 -26.83
N SER A 601 -8.36 53.37 -27.80
CA SER A 601 -7.83 53.73 -29.12
C SER A 601 -8.74 53.21 -30.21
N VAL A 602 -8.95 54.03 -31.24
CA VAL A 602 -9.73 53.65 -32.42
C VAL A 602 -8.80 53.84 -33.62
N GLU A 603 -8.56 52.78 -34.37
CA GLU A 603 -7.63 52.80 -35.49
C GLU A 603 -8.17 52.02 -36.67
N LYS A 604 -7.55 52.24 -37.83
CA LYS A 604 -8.04 51.67 -39.09
C LYS A 604 -7.89 50.15 -39.13
N LYS A 605 -6.81 49.61 -38.56
CA LYS A 605 -6.51 48.19 -38.72
C LYS A 605 -7.55 47.29 -38.06
N VAL A 606 -8.39 47.84 -37.16
CA VAL A 606 -9.46 47.09 -36.54
C VAL A 606 -10.83 47.66 -36.89
N PHE A 607 -10.96 48.98 -36.95
CA PHE A 607 -12.25 49.64 -37.13
C PHE A 607 -12.42 50.23 -38.51
N GLY A 608 -11.51 49.96 -39.44
CA GLY A 608 -11.62 50.45 -40.80
C GLY A 608 -12.80 49.84 -41.55
N PRO A 609 -12.77 48.52 -41.75
CA PRO A 609 -13.92 47.87 -42.40
C PRO A 609 -15.22 48.02 -41.63
N ALA A 610 -15.16 48.21 -40.30
CA ALA A 610 -16.38 48.42 -39.54
C ALA A 610 -17.06 49.72 -39.95
N PHE A 611 -16.29 50.78 -40.19
CA PHE A 611 -16.82 52.09 -40.52
C PHE A 611 -16.97 52.32 -42.02
N ARG A 612 -17.18 51.25 -42.81
CA ARG A 612 -17.39 51.42 -44.24
C ARG A 612 -18.69 52.17 -44.53
N ASN A 613 -19.83 51.58 -44.13
CA ASN A 613 -21.14 52.18 -44.39
C ASN A 613 -22.07 51.77 -43.25
N LEU A 614 -22.19 52.65 -42.25
CA LEU A 614 -23.04 52.42 -41.10
C LEU A 614 -24.19 53.42 -41.09
N THR A 615 -25.10 53.22 -40.15
CA THR A 615 -26.20 54.14 -39.93
C THR A 615 -26.33 54.58 -38.47
N GLU A 616 -25.69 53.89 -37.54
CA GLU A 616 -25.75 54.25 -36.12
C GLU A 616 -24.41 53.93 -35.48
N LEU A 617 -24.15 54.58 -34.35
CA LEU A 617 -22.92 54.33 -33.60
C LEU A 617 -23.17 54.70 -32.14
N ASP A 618 -22.80 53.79 -31.24
CA ASP A 618 -23.10 53.92 -29.82
C ASP A 618 -21.82 53.65 -29.03
N MET A 619 -21.07 54.71 -28.75
CA MET A 619 -19.77 54.65 -28.06
C MET A 619 -19.66 55.76 -27.02
N ARG A 620 -20.67 55.88 -26.16
CA ARG A 620 -20.78 57.04 -25.28
C ARG A 620 -19.69 57.04 -24.21
N PHE A 621 -19.72 56.07 -23.30
CA PHE A 621 -18.94 56.15 -22.07
C PHE A 621 -17.65 55.32 -22.19
N ASN A 622 -16.68 55.90 -22.89
CA ASN A 622 -15.38 55.26 -23.05
C ASN A 622 -14.28 56.26 -22.73
N PRO A 623 -13.22 55.83 -22.03
CA PRO A 623 -12.09 56.74 -21.79
C PRO A 623 -11.19 56.88 -23.01
N PHE A 624 -11.59 57.72 -23.95
CA PHE A 624 -10.81 57.91 -25.17
C PHE A 624 -9.49 58.60 -24.87
N ASP A 625 -8.47 58.25 -25.66
CA ASP A 625 -7.14 58.85 -25.55
C ASP A 625 -6.93 59.79 -26.71
N CYS A 626 -6.57 61.04 -26.40
CA CYS A 626 -6.31 62.06 -27.41
C CYS A 626 -4.83 62.02 -27.79
N THR A 627 -4.53 61.24 -28.82
CA THR A 627 -3.18 61.14 -29.38
C THR A 627 -3.31 60.92 -30.87
N CYS A 628 -2.39 61.51 -31.64
CA CYS A 628 -2.41 61.35 -33.10
C CYS A 628 -2.23 59.90 -33.52
N GLU A 629 -1.64 59.06 -32.67
CA GLU A 629 -1.48 57.64 -32.98
C GLU A 629 -2.73 56.84 -32.70
N SER A 630 -3.68 57.40 -31.93
CA SER A 630 -4.81 56.61 -31.43
C SER A 630 -6.18 57.19 -31.73
N ILE A 631 -6.30 58.49 -32.00
CA ILE A 631 -7.63 59.09 -32.14
C ILE A 631 -7.71 59.94 -33.40
N ALA A 632 -6.56 60.21 -34.03
CA ALA A 632 -6.53 61.15 -35.15
C ALA A 632 -7.39 60.67 -36.31
N TRP A 633 -7.28 59.37 -36.65
CA TRP A 633 -8.14 58.82 -37.69
C TRP A 633 -9.60 58.81 -37.25
N PHE A 634 -9.85 58.55 -35.96
CA PHE A 634 -11.22 58.53 -35.47
C PHE A 634 -11.88 59.89 -35.58
N VAL A 635 -11.23 60.94 -35.07
CA VAL A 635 -11.81 62.27 -35.13
C VAL A 635 -11.88 62.76 -36.57
N ASN A 636 -10.97 62.31 -37.42
CA ASN A 636 -11.07 62.61 -38.85
C ASN A 636 -12.34 62.00 -39.43
N TRP A 637 -12.65 60.76 -39.06
CA TRP A 637 -13.87 60.12 -39.55
C TRP A 637 -15.10 60.76 -38.94
N ILE A 638 -14.98 61.33 -37.74
CA ILE A 638 -16.08 62.08 -37.14
C ILE A 638 -16.34 63.35 -37.93
N ASN A 639 -15.27 63.98 -38.44
CA ASN A 639 -15.41 65.27 -39.12
C ASN A 639 -16.28 65.15 -40.36
N GLU A 640 -16.08 64.09 -41.16
CA GLU A 640 -16.90 63.84 -42.34
C GLU A 640 -17.48 62.43 -42.23
N THR A 641 -18.80 62.34 -42.16
CA THR A 641 -19.52 61.07 -42.06
C THR A 641 -21.00 61.33 -42.28
N HIS A 642 -21.73 60.25 -42.53
CA HIS A 642 -23.18 60.31 -42.64
C HIS A 642 -23.88 59.44 -41.60
N THR A 643 -23.14 58.67 -40.81
CA THR A 643 -23.74 57.85 -39.77
C THR A 643 -24.32 58.70 -38.66
N ASN A 644 -25.42 58.23 -38.07
CA ASN A 644 -26.06 58.95 -36.99
C ASN A 644 -25.28 58.73 -35.70
N ILE A 645 -24.68 59.77 -35.17
CA ILE A 645 -23.95 59.68 -33.90
C ILE A 645 -24.61 60.64 -32.92
N PRO A 646 -25.58 60.19 -32.14
CA PRO A 646 -26.25 61.08 -31.19
C PRO A 646 -25.35 61.41 -29.99
N GLU A 647 -25.64 62.56 -29.38
CA GLU A 647 -24.82 63.17 -28.31
C GLU A 647 -23.32 63.00 -28.56
N LEU A 648 -22.89 63.42 -29.75
CA LEU A 648 -21.49 63.31 -30.13
C LEU A 648 -20.62 64.23 -29.28
N SER A 649 -21.14 65.40 -28.90
CA SER A 649 -20.38 66.38 -28.14
C SER A 649 -20.75 66.39 -26.66
N SER A 650 -21.54 65.43 -26.20
CA SER A 650 -21.98 65.40 -24.80
C SER A 650 -21.19 64.41 -23.96
N HIS A 651 -21.05 63.15 -24.39
CA HIS A 651 -20.40 62.12 -23.60
C HIS A 651 -19.17 61.52 -24.25
N TYR A 652 -18.88 61.84 -25.51
CA TYR A 652 -17.63 61.42 -26.14
C TYR A 652 -16.51 62.35 -25.67
N LEU A 653 -16.17 62.21 -24.39
CA LEU A 653 -15.25 63.11 -23.71
C LEU A 653 -13.91 62.42 -23.53
N CYS A 654 -12.83 63.16 -23.77
CA CYS A 654 -11.49 62.61 -23.66
C CYS A 654 -11.06 62.59 -22.20
N ASN A 655 -10.70 61.40 -21.72
CA ASN A 655 -10.33 61.18 -20.32
C ASN A 655 -8.84 61.29 -20.08
N THR A 656 -8.02 60.95 -21.05
CA THR A 656 -6.58 60.84 -20.91
C THR A 656 -5.91 61.31 -22.19
N PRO A 657 -4.86 62.15 -22.10
CA PRO A 657 -4.14 62.72 -20.95
C PRO A 657 -4.92 63.81 -20.22
N PRO A 658 -4.47 64.19 -19.02
CA PRO A 658 -5.15 65.28 -18.30
C PRO A 658 -5.11 66.62 -19.02
N HIS A 659 -4.19 66.79 -19.99
CA HIS A 659 -4.22 68.00 -20.81
C HIS A 659 -5.51 68.09 -21.61
N TYR A 660 -5.97 66.97 -22.16
CA TYR A 660 -7.24 66.91 -22.89
C TYR A 660 -8.36 66.31 -22.05
N HIS A 661 -8.29 66.45 -20.74
CA HIS A 661 -9.27 65.83 -19.85
C HIS A 661 -10.61 66.52 -20.01
N GLY A 662 -11.60 65.79 -20.53
CA GLY A 662 -12.92 66.32 -20.75
C GLY A 662 -13.13 67.04 -22.06
N PHE A 663 -12.09 67.18 -22.88
CA PHE A 663 -12.22 67.89 -24.15
C PHE A 663 -12.88 66.98 -25.19
N PRO A 664 -13.99 67.41 -25.80
CA PRO A 664 -14.67 66.62 -26.85
C PRO A 664 -13.80 66.39 -28.08
N THR B 6 23.32 23.10 0.14
CA THR B 6 23.56 23.05 1.58
C THR B 6 23.96 24.44 2.09
N VAL B 7 22.98 25.31 2.24
CA VAL B 7 23.23 26.65 2.76
C VAL B 7 23.53 26.58 4.25
N SER B 8 24.51 27.35 4.70
CA SER B 8 24.91 27.34 6.10
C SER B 8 25.73 28.58 6.41
N HIS B 9 25.34 29.29 7.47
CA HIS B 9 26.14 30.36 8.06
C HIS B 9 26.58 30.03 9.48
N GLU B 10 25.66 29.59 10.32
CA GLU B 10 25.90 28.98 11.62
C GLU B 10 25.11 27.68 11.77
N VAL B 11 23.95 27.58 11.12
CA VAL B 11 23.14 26.37 11.11
C VAL B 11 23.32 25.68 9.77
N ALA B 12 23.70 24.40 9.82
CA ALA B 12 23.90 23.60 8.64
C ALA B 12 22.62 22.84 8.32
N ASP B 13 22.08 23.05 7.13
CA ASP B 13 20.81 22.47 6.73
C ASP B 13 20.99 21.68 5.45
N CYS B 14 20.57 20.42 5.46
CA CYS B 14 20.56 19.57 4.27
C CYS B 14 19.24 18.83 4.17
N SER B 15 18.14 19.57 4.32
CA SER B 15 16.81 18.95 4.35
C SER B 15 16.26 18.81 2.93
N HIS B 16 15.76 17.61 2.62
CA HIS B 16 15.12 17.32 1.33
C HIS B 16 16.05 17.58 0.15
N LEU B 17 17.33 17.30 0.32
CA LEU B 17 18.32 17.47 -0.74
C LEU B 17 18.82 16.15 -1.32
N LYS B 18 18.23 15.02 -0.91
CA LYS B 18 18.51 13.71 -1.51
C LYS B 18 19.99 13.34 -1.40
N LEU B 19 20.58 13.56 -0.23
CA LEU B 19 21.98 13.25 -0.02
C LEU B 19 22.18 11.76 0.22
N THR B 20 23.24 11.22 -0.38
CA THR B 20 23.64 9.83 -0.16
C THR B 20 24.84 9.70 0.77
N GLN B 21 25.77 10.64 0.72
CA GLN B 21 26.90 10.70 1.63
C GLN B 21 26.99 12.10 2.21
N VAL B 22 27.55 12.19 3.41
CA VAL B 22 27.66 13.50 4.08
C VAL B 22 28.65 14.38 3.32
N PRO B 23 28.43 15.68 3.25
CA PRO B 23 29.40 16.55 2.57
C PRO B 23 30.68 16.71 3.39
N ASP B 24 31.75 17.03 2.68
CA ASP B 24 33.06 17.19 3.31
C ASP B 24 33.60 18.62 3.18
N ASP B 25 32.76 19.59 2.80
CA ASP B 25 33.18 20.99 2.69
C ASP B 25 32.21 21.86 3.49
N LEU B 26 32.45 21.94 4.79
CA LEU B 26 31.71 22.79 5.71
C LEU B 26 32.70 23.37 6.71
N PRO B 27 32.35 24.51 7.32
CA PRO B 27 33.22 25.06 8.38
C PRO B 27 33.38 24.10 9.54
N THR B 28 34.57 24.12 10.15
CA THR B 28 34.86 23.21 11.24
C THR B 28 34.06 23.54 12.50
N ASN B 29 33.80 24.84 12.74
CA ASN B 29 33.20 25.29 13.99
C ASN B 29 31.67 25.30 13.94
N ILE B 30 31.06 24.48 13.08
CA ILE B 30 29.61 24.38 13.07
C ILE B 30 29.13 23.61 14.29
N THR B 31 28.00 24.03 14.84
CA THR B 31 27.47 23.41 16.05
C THR B 31 26.32 22.45 15.80
N VAL B 32 25.44 22.76 14.86
CA VAL B 32 24.31 21.90 14.51
C VAL B 32 24.38 21.59 13.02
N LEU B 33 24.19 20.32 12.67
CA LEU B 33 24.31 19.85 11.30
C LEU B 33 23.10 18.94 11.04
N ASN B 34 22.27 19.32 10.08
CA ASN B 34 21.00 18.64 9.84
C ASN B 34 21.00 17.98 8.46
N LEU B 35 20.70 16.68 8.44
CA LEU B 35 20.48 15.93 7.20
C LEU B 35 19.18 15.14 7.27
N THR B 36 18.09 15.79 7.66
CA THR B 36 16.80 15.10 7.70
C THR B 36 16.27 14.87 6.28
N HIS B 37 15.45 13.82 6.14
CA HIS B 37 14.82 13.42 4.88
C HIS B 37 15.88 13.08 3.82
N ASN B 38 16.68 12.06 4.13
CA ASN B 38 17.72 11.58 3.21
C ASN B 38 17.78 10.05 3.18
N GLN B 39 18.78 9.51 2.49
CA GLN B 39 19.09 8.08 2.43
C GLN B 39 20.56 7.81 2.69
N LEU B 40 21.09 8.35 3.78
CA LEU B 40 22.41 7.93 4.24
C LEU B 40 22.27 6.48 4.65
N ARG B 41 22.58 5.56 3.73
CA ARG B 41 22.48 4.13 4.03
C ARG B 41 23.45 3.75 5.14
N ARG B 42 24.66 4.29 5.08
CA ARG B 42 25.67 4.09 6.10
C ARG B 42 26.24 5.45 6.49
N LEU B 43 26.56 5.59 7.77
CA LEU B 43 27.13 6.82 8.32
C LEU B 43 28.53 6.50 8.83
N PRO B 44 29.53 6.47 7.96
CA PRO B 44 30.90 6.16 8.39
C PRO B 44 31.44 7.25 9.32
N ALA B 45 32.20 6.82 10.33
CA ALA B 45 32.83 7.75 11.24
C ALA B 45 34.07 8.39 10.64
N ALA B 46 34.64 7.81 9.58
CA ALA B 46 35.85 8.35 8.97
C ALA B 46 35.60 9.67 8.27
N ASN B 47 34.36 9.98 7.90
CA ASN B 47 34.05 11.23 7.22
C ASN B 47 33.86 12.39 8.19
N PHE B 48 33.90 12.13 9.50
CA PHE B 48 33.69 13.17 10.50
C PHE B 48 34.98 13.58 11.21
N THR B 49 36.13 13.36 10.59
CA THR B 49 37.38 13.89 11.15
C THR B 49 37.35 15.41 11.17
N ARG B 50 36.86 16.02 10.09
CA ARG B 50 36.77 17.48 10.02
C ARG B 50 35.72 18.01 10.98
N TYR B 51 34.64 17.26 11.18
CA TYR B 51 33.52 17.70 12.01
C TYR B 51 33.74 17.23 13.44
N SER B 52 34.26 18.13 14.28
CA SER B 52 34.56 17.80 15.67
C SER B 52 34.11 18.90 16.63
N GLN B 53 33.28 19.84 16.16
CA GLN B 53 32.78 20.92 17.02
C GLN B 53 31.27 20.96 17.05
N LEU B 54 30.60 19.84 16.75
CA LEU B 54 29.16 19.81 16.67
C LEU B 54 28.53 19.57 18.04
N THR B 55 27.34 20.13 18.24
CA THR B 55 26.55 19.91 19.44
C THR B 55 25.27 19.15 19.19
N SER B 56 24.60 19.41 18.06
CA SER B 56 23.36 18.72 17.69
C SER B 56 23.55 18.08 16.33
N LEU B 57 23.02 16.86 16.17
CA LEU B 57 23.13 16.10 14.93
C LEU B 57 21.76 15.52 14.60
N ASP B 58 21.03 16.19 13.71
CA ASP B 58 19.73 15.73 13.25
C ASP B 58 19.93 14.94 11.97
N VAL B 59 19.86 13.62 12.07
CA VAL B 59 20.10 12.73 10.93
C VAL B 59 18.86 11.86 10.75
N GLY B 60 17.72 12.35 11.23
CA GLY B 60 16.50 11.58 11.19
C GLY B 60 15.89 11.47 9.80
N PHE B 61 14.84 10.66 9.71
CA PHE B 61 14.11 10.42 8.47
C PHE B 61 15.03 9.91 7.36
N ASN B 62 15.94 9.00 7.72
CA ASN B 62 16.91 8.47 6.77
C ASN B 62 16.89 6.95 6.76
N THR B 63 17.89 6.34 6.14
CA THR B 63 17.94 4.89 6.02
C THR B 63 19.22 4.29 6.59
N ILE B 64 19.61 4.71 7.79
CA ILE B 64 20.75 4.11 8.46
C ILE B 64 20.32 2.77 9.06
N SER B 65 21.08 1.72 8.77
CA SER B 65 20.77 0.40 9.31
C SER B 65 21.26 0.26 10.74
N LYS B 66 22.57 0.38 10.94
CA LYS B 66 23.16 0.25 12.26
C LYS B 66 24.23 1.32 12.44
N LEU B 67 24.65 1.51 13.68
CA LEU B 67 25.59 2.54 14.06
C LEU B 67 26.87 1.91 14.61
N GLU B 68 27.92 2.72 14.72
CA GLU B 68 29.20 2.26 15.21
C GLU B 68 29.66 3.11 16.38
N PRO B 69 30.41 2.53 17.32
CA PRO B 69 30.89 3.31 18.48
C PRO B 69 31.79 4.47 18.11
N GLU B 70 32.51 4.39 16.98
CA GLU B 70 33.49 5.42 16.65
C GLU B 70 32.85 6.69 16.13
N LEU B 71 31.53 6.70 15.94
CA LEU B 71 30.86 7.90 15.43
C LEU B 71 30.99 9.06 16.43
N CYS B 72 30.64 8.83 17.70
CA CYS B 72 30.66 9.92 18.66
C CYS B 72 31.96 9.97 19.46
N GLN B 73 32.95 9.14 19.10
CA GLN B 73 34.29 9.34 19.64
C GLN B 73 34.85 10.68 19.20
N LYS B 74 34.63 11.05 17.94
CA LYS B 74 35.13 12.30 17.38
C LYS B 74 34.36 13.51 17.87
N LEU B 75 33.23 13.32 18.56
CA LEU B 75 32.38 14.43 18.99
C LEU B 75 32.37 14.49 20.51
N PRO B 76 33.18 15.36 21.12
CA PRO B 76 33.20 15.44 22.58
C PRO B 76 32.17 16.39 23.16
N MET B 77 31.51 17.16 22.29
CA MET B 77 30.60 18.21 22.72
C MET B 77 29.19 17.96 22.17
N LEU B 78 28.99 16.86 21.45
CA LEU B 78 27.68 16.53 20.93
C LEU B 78 26.69 16.33 22.05
N LYS B 79 25.50 16.95 21.91
CA LYS B 79 24.55 17.00 23.01
C LYS B 79 23.17 16.52 22.57
N VAL B 80 22.86 16.67 21.28
CA VAL B 80 21.57 16.26 20.72
C VAL B 80 21.84 15.26 19.61
N LEU B 81 21.17 14.10 19.66
CA LEU B 81 21.36 13.02 18.70
C LEU B 81 19.99 12.53 18.26
N ASN B 82 19.60 12.86 17.03
CA ASN B 82 18.27 12.57 16.51
C ASN B 82 18.35 11.46 15.47
N LEU B 83 17.64 10.37 15.73
CA LEU B 83 17.61 9.21 14.83
C LEU B 83 16.17 8.80 14.53
N GLN B 84 15.33 9.77 14.20
CA GLN B 84 13.94 9.48 13.89
C GLN B 84 13.81 8.80 12.54
N HIS B 85 12.92 7.79 12.49
CA HIS B 85 12.53 7.12 11.24
C HIS B 85 13.74 6.51 10.52
N ASN B 86 14.39 5.57 11.19
CA ASN B 86 15.51 4.84 10.64
C ASN B 86 15.29 3.34 10.88
N GLU B 87 16.33 2.54 10.61
CA GLU B 87 16.25 1.09 10.79
C GLU B 87 17.19 0.61 11.89
N LEU B 88 17.44 1.43 12.91
CA LEU B 88 18.34 1.07 14.00
C LEU B 88 17.61 0.10 14.94
N SER B 89 17.50 -1.14 14.49
CA SER B 89 16.79 -2.17 15.24
C SER B 89 17.70 -2.93 16.21
N GLN B 90 19.00 -2.65 16.21
CA GLN B 90 19.95 -3.32 17.07
C GLN B 90 20.66 -2.30 17.95
N LEU B 91 20.80 -2.62 19.23
CA LEU B 91 21.49 -1.77 20.19
C LEU B 91 22.48 -2.60 20.99
N SER B 92 23.59 -1.97 21.36
CA SER B 92 24.65 -2.64 22.09
C SER B 92 25.13 -1.75 23.23
N ASP B 93 25.94 -2.34 24.12
CA ASP B 93 26.48 -1.57 25.24
C ASP B 93 27.43 -0.48 24.76
N LYS B 94 28.14 -0.72 23.67
CA LYS B 94 29.13 0.20 23.13
C LYS B 94 28.56 1.17 22.11
N THR B 95 27.26 1.11 21.82
CA THR B 95 26.67 2.01 20.84
C THR B 95 26.75 3.46 21.29
N PHE B 96 26.50 3.71 22.58
CA PHE B 96 26.55 5.06 23.14
C PHE B 96 27.50 5.11 24.33
N ALA B 97 28.68 4.48 24.18
CA ALA B 97 29.61 4.37 25.30
C ALA B 97 30.47 5.62 25.45
N PHE B 98 31.25 5.95 24.42
CA PHE B 98 32.21 7.05 24.53
C PHE B 98 31.53 8.39 24.73
N CYS B 99 30.45 8.63 23.98
CA CYS B 99 29.72 9.90 24.09
C CYS B 99 28.75 9.84 25.26
N THR B 100 28.96 10.72 26.24
CA THR B 100 28.12 10.78 27.43
C THR B 100 27.61 12.19 27.73
N ASN B 101 27.93 13.17 26.89
CA ASN B 101 27.48 14.55 27.09
C ASN B 101 26.13 14.81 26.45
N LEU B 102 25.49 13.80 25.86
CA LEU B 102 24.20 13.96 25.23
C LEU B 102 23.14 14.28 26.27
N THR B 103 22.28 15.26 25.96
CA THR B 103 21.10 15.54 26.77
C THR B 103 19.81 15.32 25.99
N GLU B 104 19.92 14.90 24.73
CA GLU B 104 18.75 14.66 23.89
C GLU B 104 19.07 13.48 22.99
N LEU B 105 18.13 12.54 22.92
CA LEU B 105 18.34 11.32 22.14
C LEU B 105 16.97 10.81 21.68
N HIS B 106 16.68 11.00 20.40
CA HIS B 106 15.41 10.59 19.82
C HIS B 106 15.57 9.29 19.06
N LEU B 107 14.74 8.31 19.38
CA LEU B 107 14.71 7.04 18.67
C LEU B 107 13.30 6.70 18.22
N MET B 108 12.60 7.65 17.61
CA MET B 108 11.24 7.42 17.18
C MET B 108 11.21 6.64 15.87
N SER B 109 10.39 5.58 15.84
CA SER B 109 10.12 4.80 14.64
C SER B 109 11.39 4.17 14.05
N ASN B 110 12.13 3.46 14.89
CA ASN B 110 13.29 2.69 14.43
C ASN B 110 13.03 1.20 14.33
N SER B 111 11.79 0.77 14.58
CA SER B 111 11.41 -0.64 14.58
C SER B 111 12.29 -1.46 15.53
N ILE B 112 12.60 -0.87 16.69
CA ILE B 112 13.39 -1.57 17.70
C ILE B 112 12.52 -2.66 18.32
N GLN B 113 13.03 -3.89 18.33
CA GLN B 113 12.25 -5.03 18.83
C GLN B 113 12.43 -5.22 20.33
N LYS B 114 13.65 -5.45 20.77
CA LYS B 114 13.91 -5.72 22.18
C LYS B 114 15.20 -5.03 22.60
N ILE B 115 15.24 -4.59 23.86
CA ILE B 115 16.46 -4.12 24.49
C ILE B 115 17.14 -5.33 25.11
N LYS B 116 18.37 -5.63 24.68
CA LYS B 116 18.96 -6.92 25.03
C LYS B 116 19.53 -6.90 26.44
N ASN B 117 20.61 -6.12 26.67
CA ASN B 117 21.24 -6.09 27.97
C ASN B 117 21.32 -4.68 28.57
N ASN B 118 22.02 -3.74 27.92
CA ASN B 118 22.41 -2.49 28.57
C ASN B 118 22.87 -1.41 27.60
N PRO B 119 21.95 -0.67 26.97
CA PRO B 119 22.38 0.37 26.04
C PRO B 119 22.66 1.74 26.67
N PHE B 120 22.22 2.02 27.91
CA PHE B 120 22.16 3.41 28.36
C PHE B 120 22.82 3.67 29.71
N VAL B 121 23.67 2.78 30.23
CA VAL B 121 24.40 3.11 31.46
C VAL B 121 25.49 4.14 31.18
N LYS B 122 26.22 3.99 30.09
CA LYS B 122 27.43 4.78 29.85
C LYS B 122 27.17 6.26 29.63
N GLN B 123 25.93 6.74 29.75
CA GLN B 123 25.64 8.17 29.78
C GLN B 123 24.85 8.48 31.05
N LYS B 124 25.18 9.60 31.68
CA LYS B 124 24.49 10.02 32.88
C LYS B 124 23.85 11.40 32.78
N ASN B 125 24.20 12.20 31.77
CA ASN B 125 23.69 13.55 31.62
C ASN B 125 22.51 13.63 30.66
N LEU B 126 21.97 12.48 30.24
CA LEU B 126 20.85 12.47 29.32
C LEU B 126 19.60 13.01 30.02
N ILE B 127 18.84 13.83 29.30
CA ILE B 127 17.64 14.47 29.83
C ILE B 127 16.38 13.89 29.19
N THR B 128 16.32 13.86 27.86
CA THR B 128 15.13 13.41 27.14
C THR B 128 15.48 12.16 26.34
N LEU B 129 14.70 11.11 26.54
CA LEU B 129 14.84 9.86 25.80
C LEU B 129 13.52 9.56 25.10
N ASP B 130 13.59 9.30 23.80
CA ASP B 130 12.41 9.03 22.99
C ASP B 130 12.51 7.63 22.41
N LEU B 131 11.43 6.85 22.55
CA LEU B 131 11.36 5.50 21.99
C LEU B 131 10.00 5.26 21.35
N SER B 132 9.43 6.28 20.74
CA SER B 132 8.07 6.16 20.20
C SER B 132 8.06 5.33 18.92
N HIS B 133 6.88 4.76 18.64
CA HIS B 133 6.62 3.99 17.42
C HIS B 133 7.61 2.83 17.26
N ASN B 134 7.85 2.11 18.35
CA ASN B 134 8.77 0.99 18.37
C ASN B 134 8.01 -0.31 18.65
N GLY B 135 8.73 -1.42 18.52
CA GLY B 135 8.12 -2.73 18.73
C GLY B 135 8.37 -3.29 20.11
N LEU B 136 8.73 -2.43 21.06
CA LEU B 136 8.99 -2.87 22.42
C LEU B 136 7.71 -3.37 23.08
N SER B 137 7.83 -4.46 23.82
CA SER B 137 6.73 -5.00 24.60
C SER B 137 6.92 -4.87 26.10
N SER B 138 8.13 -4.55 26.56
CA SER B 138 8.42 -4.35 27.97
C SER B 138 9.20 -3.07 28.15
N THR B 139 9.03 -2.45 29.31
CA THR B 139 9.72 -1.19 29.64
C THR B 139 11.10 -1.41 30.23
N LYS B 140 11.69 -2.59 30.03
CA LYS B 140 13.03 -2.88 30.55
C LYS B 140 14.08 -2.31 29.61
N LEU B 141 14.89 -1.37 30.11
CA LEU B 141 15.96 -0.76 29.34
C LEU B 141 17.33 -1.04 29.92
N GLY B 142 17.44 -1.97 30.85
CA GLY B 142 18.71 -2.31 31.44
C GLY B 142 18.54 -3.24 32.61
N THR B 143 19.68 -3.60 33.22
CA THR B 143 19.70 -4.49 34.37
C THR B 143 19.84 -3.72 35.68
N GLN B 144 20.88 -2.89 35.78
CA GLN B 144 21.12 -2.11 36.99
C GLN B 144 20.38 -0.77 36.89
N VAL B 145 20.68 0.14 37.80
CA VAL B 145 20.03 1.45 37.87
C VAL B 145 20.90 2.47 37.14
N GLN B 146 20.27 3.29 36.30
CA GLN B 146 20.98 4.32 35.56
C GLN B 146 19.99 5.42 35.21
N LEU B 147 20.44 6.35 34.36
CA LEU B 147 19.67 7.53 33.93
C LEU B 147 19.23 8.36 35.14
N GLU B 148 20.22 8.78 35.94
CA GLU B 148 19.93 9.56 37.13
C GLU B 148 19.36 10.93 36.77
N ASN B 149 19.90 11.57 35.74
CA ASN B 149 19.47 12.90 35.34
C ASN B 149 18.35 12.88 34.31
N LEU B 150 17.84 11.70 33.96
CA LEU B 150 16.75 11.60 32.99
C LEU B 150 15.50 12.28 33.53
N GLN B 151 14.82 13.02 32.67
CA GLN B 151 13.58 13.71 33.03
C GLN B 151 12.44 13.43 32.06
N GLU B 152 12.73 13.13 30.81
CA GLU B 152 11.73 12.98 29.77
C GLU B 152 11.84 11.61 29.14
N LEU B 153 10.77 10.82 29.19
CA LEU B 153 10.77 9.48 28.62
C LEU B 153 9.50 9.29 27.80
N LEU B 154 9.66 8.86 26.55
CA LEU B 154 8.55 8.64 25.63
C LEU B 154 8.59 7.22 25.10
N LEU B 155 7.50 6.48 25.31
CA LEU B 155 7.38 5.11 24.82
C LEU B 155 6.04 4.90 24.11
N SER B 156 5.55 5.92 23.40
CA SER B 156 4.24 5.84 22.78
C SER B 156 4.27 4.94 21.55
N ASN B 157 3.08 4.44 21.19
CA ASN B 157 2.88 3.62 19.99
C ASN B 157 3.75 2.38 19.99
N ASN B 158 3.90 1.76 21.16
CA ASN B 158 4.64 0.51 21.30
C ASN B 158 3.66 -0.64 21.39
N LYS B 159 4.19 -1.84 21.65
CA LYS B 159 3.38 -3.06 21.77
C LYS B 159 3.50 -3.60 23.20
N ILE B 160 3.39 -2.71 24.18
CA ILE B 160 3.49 -3.07 25.58
C ILE B 160 2.09 -3.40 26.11
N GLN B 161 1.95 -4.59 26.67
CA GLN B 161 0.67 -5.05 27.19
C GLN B 161 0.65 -5.16 28.72
N ALA B 162 1.80 -5.06 29.37
CA ALA B 162 1.86 -5.16 30.83
C ALA B 162 2.92 -4.21 31.34
N LEU B 163 2.64 -3.61 32.50
CA LEU B 163 3.52 -2.67 33.15
C LEU B 163 3.90 -3.26 34.51
N LYS B 164 4.97 -4.05 34.51
CA LYS B 164 5.36 -4.79 35.72
C LYS B 164 6.25 -3.94 36.61
N SER B 165 6.26 -4.28 37.90
CA SER B 165 7.05 -3.52 38.87
C SER B 165 8.54 -3.73 38.66
N GLU B 166 8.96 -4.95 38.32
CA GLU B 166 10.38 -5.23 38.16
C GLU B 166 10.94 -4.56 36.91
N GLU B 167 10.08 -4.20 35.96
CA GLU B 167 10.54 -3.59 34.73
C GLU B 167 10.97 -2.13 34.92
N LEU B 168 10.61 -1.51 36.05
CA LEU B 168 10.94 -0.12 36.31
C LEU B 168 11.79 0.05 37.56
N ASP B 169 12.51 -0.99 37.97
CA ASP B 169 13.42 -0.87 39.12
C ASP B 169 14.64 -0.01 38.80
N ILE B 170 14.88 0.29 37.53
CA ILE B 170 15.99 1.15 37.12
C ILE B 170 15.84 2.57 37.62
N PHE B 171 14.62 3.09 37.69
CA PHE B 171 14.36 4.50 37.96
C PHE B 171 14.14 4.76 39.43
N ALA B 172 14.81 4.00 40.30
CA ALA B 172 14.69 4.19 41.74
C ALA B 172 15.28 5.51 42.21
N ASN B 173 16.17 6.12 41.43
CA ASN B 173 16.79 7.39 41.78
C ASN B 173 16.76 8.35 40.60
N SER B 174 15.62 8.43 39.93
CA SER B 174 15.45 9.32 38.78
C SER B 174 14.19 10.15 38.95
N SER B 175 14.28 11.42 38.59
CA SER B 175 13.14 12.34 38.67
C SER B 175 12.53 12.45 37.28
N LEU B 176 11.38 11.80 37.09
CA LEU B 176 10.75 11.71 35.78
C LEU B 176 9.51 12.61 35.75
N LYS B 177 9.48 13.54 34.79
CA LYS B 177 8.37 14.46 34.66
C LYS B 177 7.35 14.04 33.60
N LYS B 178 7.65 13.01 32.80
CA LYS B 178 6.75 12.61 31.73
C LYS B 178 6.98 11.13 31.42
N LEU B 179 5.93 10.33 31.53
CA LEU B 179 5.94 8.93 31.11
C LEU B 179 4.93 8.79 29.99
N GLU B 180 5.39 8.95 28.75
CA GLU B 180 4.52 8.86 27.60
C GLU B 180 4.35 7.40 27.19
N LEU B 181 3.21 6.81 27.54
CA LEU B 181 2.90 5.43 27.20
C LEU B 181 1.64 5.35 26.35
N SER B 182 1.49 6.28 25.41
CA SER B 182 0.27 6.37 24.62
C SER B 182 0.21 5.27 23.57
N SER B 183 -1.02 4.94 23.16
CA SER B 183 -1.30 4.01 22.07
C SER B 183 -0.73 2.61 22.31
N ASN B 184 -0.54 2.23 23.58
CA ASN B 184 -0.08 0.90 23.94
C ASN B 184 -1.18 0.20 24.73
N GLN B 185 -1.45 -1.06 24.38
CA GLN B 185 -2.60 -1.78 24.93
C GLN B 185 -2.20 -2.48 26.24
N ILE B 186 -1.93 -1.67 27.26
CA ILE B 186 -1.63 -2.20 28.58
C ILE B 186 -2.94 -2.59 29.25
N LYS B 187 -3.00 -3.84 29.74
CA LYS B 187 -4.21 -4.33 30.39
C LYS B 187 -3.96 -4.88 31.80
N GLU B 188 -2.73 -4.79 32.32
CA GLU B 188 -2.43 -5.32 33.64
C GLU B 188 -1.49 -4.36 34.35
N PHE B 189 -1.78 -4.08 35.61
CA PHE B 189 -0.95 -3.20 36.44
C PHE B 189 -0.43 -3.99 37.63
N SER B 190 0.88 -3.90 37.87
CA SER B 190 1.47 -4.60 39.00
C SER B 190 1.60 -3.66 40.20
N PRO B 191 1.41 -4.19 41.41
CA PRO B 191 1.61 -3.36 42.61
C PRO B 191 3.05 -2.90 42.72
N GLY B 192 3.22 -1.65 43.14
CA GLY B 192 4.54 -1.07 43.28
C GLY B 192 5.24 -0.73 41.98
N CYS B 193 4.52 -0.75 40.85
CA CYS B 193 5.14 -0.44 39.57
C CYS B 193 5.62 1.01 39.53
N PHE B 194 4.80 1.93 40.03
CA PHE B 194 5.17 3.34 40.05
C PHE B 194 5.88 3.75 41.33
N HIS B 195 5.73 2.97 42.41
CA HIS B 195 6.50 3.24 43.62
C HIS B 195 7.97 2.95 43.41
N ALA B 196 8.31 2.09 42.45
CA ALA B 196 9.71 1.85 42.13
C ALA B 196 10.36 3.06 41.50
N ILE B 197 9.58 3.89 40.80
CA ILE B 197 10.11 5.12 40.22
C ILE B 197 10.49 6.09 41.34
N GLY B 198 11.64 6.73 41.19
CA GLY B 198 12.12 7.67 42.19
C GLY B 198 11.20 8.86 42.40
N ARG B 199 11.05 9.70 41.37
CA ARG B 199 10.16 10.86 41.44
C ARG B 199 9.34 10.90 40.16
N LEU B 200 8.08 10.47 40.25
CA LEU B 200 7.14 10.51 39.14
C LEU B 200 6.32 11.79 39.24
N PHE B 201 6.35 12.61 38.19
CA PHE B 201 5.61 13.86 38.17
C PHE B 201 4.46 13.87 37.16
N GLY B 202 4.61 13.15 36.04
CA GLY B 202 3.56 13.16 35.04
C GLY B 202 3.39 11.84 34.32
N LEU B 203 2.13 11.42 34.14
CA LEU B 203 1.79 10.21 33.42
C LEU B 203 0.86 10.55 32.27
N PHE B 204 1.18 10.01 31.10
CA PHE B 204 0.42 10.28 29.87
C PHE B 204 0.00 8.95 29.26
N LEU B 205 -1.29 8.67 29.27
CA LEU B 205 -1.82 7.41 28.76
C LEU B 205 -2.90 7.66 27.72
N ASN B 206 -2.64 8.57 26.78
CA ASN B 206 -3.62 8.90 25.76
C ASN B 206 -3.82 7.73 24.81
N ASN B 207 -5.06 7.59 24.33
CA ASN B 207 -5.45 6.56 23.36
C ASN B 207 -5.17 5.15 23.87
N VAL B 208 -5.23 4.93 25.17
CA VAL B 208 -4.97 3.63 25.77
C VAL B 208 -6.26 3.13 26.41
N GLN B 209 -6.71 1.95 25.99
CA GLN B 209 -7.99 1.42 26.43
C GLN B 209 -7.91 0.82 27.82
N LEU B 210 -8.32 1.58 28.84
CA LEU B 210 -8.40 1.05 30.20
C LEU B 210 -9.79 0.58 30.55
N GLY B 211 -10.78 1.48 30.49
CA GLY B 211 -12.08 1.23 31.03
C GLY B 211 -12.19 1.77 32.45
N PRO B 212 -13.41 1.80 33.00
CA PRO B 212 -13.57 2.34 34.36
C PRO B 212 -12.86 1.54 35.43
N SER B 213 -12.96 0.20 35.38
CA SER B 213 -12.34 -0.62 36.41
C SER B 213 -10.82 -0.51 36.38
N LEU B 214 -10.23 -0.56 35.18
CA LEU B 214 -8.78 -0.43 35.08
C LEU B 214 -8.32 0.97 35.47
N THR B 215 -9.15 2.00 35.23
CA THR B 215 -8.83 3.33 35.70
C THR B 215 -8.82 3.39 37.22
N GLU B 216 -9.76 2.69 37.86
CA GLU B 216 -9.77 2.64 39.33
C GLU B 216 -8.53 1.94 39.86
N LYS B 217 -8.13 0.84 39.22
CA LYS B 217 -6.89 0.17 39.63
C LYS B 217 -5.68 1.07 39.38
N LEU B 218 -5.72 1.86 38.31
CA LEU B 218 -4.63 2.81 38.04
C LEU B 218 -4.52 3.83 39.16
N CYS B 219 -5.65 4.41 39.58
CA CYS B 219 -5.64 5.38 40.66
C CYS B 219 -5.15 4.76 41.96
N LEU B 220 -5.52 3.51 42.22
CA LEU B 220 -5.02 2.81 43.40
C LEU B 220 -3.52 2.61 43.31
N GLU B 221 -2.99 2.39 42.10
CA GLU B 221 -1.54 2.26 41.94
C GLU B 221 -0.82 3.60 42.06
N LEU B 222 -1.52 4.72 41.90
CA LEU B 222 -0.93 6.03 42.11
C LEU B 222 -1.03 6.50 43.55
N ALA B 223 -1.36 5.61 44.48
CA ALA B 223 -1.44 6.00 45.89
C ALA B 223 -0.05 6.28 46.45
N ASN B 224 0.05 7.38 47.21
CA ASN B 224 1.27 7.76 47.92
C ASN B 224 2.44 7.97 46.95
N THR B 225 2.26 8.89 46.01
CA THR B 225 3.29 9.29 45.06
C THR B 225 3.20 10.79 44.83
N SER B 226 4.15 11.32 44.05
CA SER B 226 4.26 12.74 43.80
C SER B 226 3.81 13.13 42.40
N ILE B 227 2.80 12.46 41.85
CA ILE B 227 2.35 12.77 40.49
C ILE B 227 1.68 14.13 40.46
N ARG B 228 1.94 14.89 39.39
CA ARG B 228 1.38 16.23 39.23
C ARG B 228 0.34 16.23 38.12
N ASN B 229 0.65 15.58 37.01
CA ASN B 229 -0.18 15.59 35.82
C ASN B 229 -0.58 14.16 35.45
N LEU B 230 -1.81 14.01 34.96
CA LEU B 230 -2.31 12.70 34.54
C LEU B 230 -3.34 12.94 33.43
N SER B 231 -3.05 12.42 32.24
CA SER B 231 -3.95 12.54 31.11
C SER B 231 -4.48 11.16 30.74
N LEU B 232 -5.80 11.03 30.63
CA LEU B 232 -6.47 9.81 30.23
C LEU B 232 -7.34 10.05 29.00
N SER B 233 -6.80 10.79 28.03
CA SER B 233 -7.56 11.15 26.85
C SER B 233 -7.80 9.93 25.96
N ASN B 234 -9.03 9.80 25.48
CA ASN B 234 -9.45 8.71 24.59
C ASN B 234 -9.14 7.35 25.20
N SER B 235 -9.40 7.21 26.51
CA SER B 235 -9.15 5.98 27.23
C SER B 235 -10.40 5.12 27.37
N GLN B 236 -11.48 5.49 26.68
CA GLN B 236 -12.76 4.78 26.75
C GLN B 236 -13.26 4.73 28.20
N LEU B 237 -13.38 5.90 28.82
CA LEU B 237 -13.93 6.01 30.17
C LEU B 237 -15.39 6.44 30.01
N SER B 238 -16.25 5.45 29.75
CA SER B 238 -17.65 5.73 29.48
C SER B 238 -18.38 6.22 30.72
N THR B 239 -18.08 5.65 31.88
CA THR B 239 -18.72 6.01 33.13
C THR B 239 -17.68 6.21 34.22
N THR B 240 -18.05 7.01 35.22
CA THR B 240 -17.23 7.24 36.39
C THR B 240 -18.08 7.15 37.64
N SER B 241 -17.43 6.90 38.76
CA SER B 241 -18.12 6.73 40.04
C SER B 241 -17.31 7.43 41.12
N ASN B 242 -17.85 7.42 42.35
CA ASN B 242 -17.17 8.05 43.48
C ASN B 242 -15.93 7.28 43.91
N THR B 243 -15.73 6.06 43.44
CA THR B 243 -14.57 5.26 43.77
C THR B 243 -13.62 5.06 42.60
N THR B 244 -13.94 5.62 41.43
CA THR B 244 -13.04 5.50 40.28
C THR B 244 -11.70 6.19 40.55
N PHE B 245 -11.74 7.37 41.16
CA PHE B 245 -10.53 8.10 41.54
C PHE B 245 -10.25 8.00 43.05
N LEU B 246 -10.46 6.82 43.61
CA LEU B 246 -10.29 6.62 45.05
C LEU B 246 -8.84 6.80 45.49
N GLY B 247 -7.90 6.36 44.65
CA GLY B 247 -6.52 6.30 45.06
C GLY B 247 -5.80 7.64 45.06
N LEU B 248 -6.48 8.72 44.67
CA LEU B 248 -5.78 9.98 44.45
C LEU B 248 -5.82 10.92 45.66
N LYS B 249 -6.40 10.51 46.79
CA LYS B 249 -6.22 11.28 48.02
C LYS B 249 -4.77 11.31 48.46
N TRP B 250 -4.07 10.19 48.37
CA TRP B 250 -2.71 10.07 48.86
C TRP B 250 -1.69 10.75 47.97
N THR B 251 -2.12 11.39 46.89
CA THR B 251 -1.28 12.25 46.08
C THR B 251 -1.89 13.66 46.05
N ASN B 252 -1.23 14.57 45.34
CA ASN B 252 -1.67 15.96 45.26
C ASN B 252 -1.80 16.39 43.80
N LEU B 253 -2.48 15.56 43.01
CA LEU B 253 -2.62 15.79 41.58
C LEU B 253 -3.27 17.15 41.29
N THR B 254 -2.74 17.83 40.27
CA THR B 254 -3.19 19.17 39.91
C THR B 254 -3.78 19.26 38.51
N MET B 255 -3.28 18.48 37.54
CA MET B 255 -3.77 18.52 36.17
C MET B 255 -4.32 17.15 35.80
N LEU B 256 -5.59 17.12 35.40
CA LEU B 256 -6.25 15.89 34.97
C LEU B 256 -6.95 16.14 33.64
N ASP B 257 -6.71 15.25 32.68
CA ASP B 257 -7.29 15.36 31.34
C ASP B 257 -8.20 14.16 31.11
N LEU B 258 -9.45 14.42 30.74
CA LEU B 258 -10.42 13.37 30.46
C LEU B 258 -11.15 13.62 29.14
N SER B 259 -10.43 14.16 28.15
CA SER B 259 -11.04 14.46 26.87
C SER B 259 -11.21 13.21 26.02
N TYR B 260 -12.18 13.26 25.10
CA TYR B 260 -12.42 12.22 24.10
C TYR B 260 -12.70 10.85 24.71
N ASN B 261 -13.15 10.80 25.96
CA ASN B 261 -13.41 9.53 26.63
C ASN B 261 -14.83 9.02 26.44
N ASN B 262 -15.69 9.79 25.75
CA ASN B 262 -17.08 9.43 25.53
C ASN B 262 -17.79 9.15 26.86
N LEU B 263 -17.49 9.99 27.85
CA LEU B 263 -18.01 9.80 29.21
C LEU B 263 -19.49 10.16 29.20
N ASN B 264 -20.35 9.13 29.21
CA ASN B 264 -21.78 9.35 29.04
C ASN B 264 -22.38 10.06 30.25
N VAL B 265 -22.10 9.55 31.46
CA VAL B 265 -22.68 10.11 32.68
C VAL B 265 -21.60 10.17 33.75
N VAL B 266 -21.68 11.20 34.58
CA VAL B 266 -20.71 11.43 35.66
C VAL B 266 -21.40 11.10 36.97
N GLY B 267 -20.80 10.19 37.75
CA GLY B 267 -21.41 9.77 39.00
C GLY B 267 -21.38 10.86 40.05
N ASN B 268 -22.25 10.70 41.05
CA ASN B 268 -22.34 11.67 42.12
C ASN B 268 -21.11 11.58 43.02
N ASP B 269 -20.53 12.75 43.34
CA ASP B 269 -19.32 12.86 44.17
C ASP B 269 -18.16 12.05 43.59
N SER B 270 -18.07 12.04 42.25
CA SER B 270 -16.98 11.33 41.60
C SER B 270 -15.67 12.09 41.73
N PHE B 271 -15.73 13.43 41.68
CA PHE B 271 -14.55 14.27 41.71
C PHE B 271 -14.32 14.91 43.07
N ALA B 272 -14.99 14.40 44.11
CA ALA B 272 -14.78 14.91 45.46
C ALA B 272 -13.46 14.46 46.05
N TRP B 273 -12.73 13.57 45.38
CA TRP B 273 -11.51 12.98 45.90
C TRP B 273 -10.26 13.68 45.37
N LEU B 274 -10.42 14.83 44.71
CA LEU B 274 -9.30 15.62 44.20
C LEU B 274 -9.36 17.02 44.80
N PRO B 275 -8.75 17.23 45.97
CA PRO B 275 -8.76 18.56 46.58
C PRO B 275 -7.72 19.52 46.03
N GLN B 276 -6.63 19.02 45.42
CA GLN B 276 -5.58 19.88 44.90
C GLN B 276 -5.64 20.04 43.38
N LEU B 277 -6.73 19.60 42.74
CA LEU B 277 -6.86 19.77 41.31
C LEU B 277 -6.97 21.25 40.95
N GLU B 278 -6.24 21.65 39.91
CA GLU B 278 -6.20 23.06 39.51
C GLU B 278 -6.59 23.23 38.06
N TYR B 279 -6.21 22.28 37.21
CA TYR B 279 -6.51 22.32 35.78
C TYR B 279 -7.24 21.04 35.42
N PHE B 280 -8.46 21.18 34.92
CA PHE B 280 -9.31 20.04 34.59
C PHE B 280 -9.79 20.18 33.15
N PHE B 281 -9.78 19.07 32.41
CA PHE B 281 -10.16 19.05 31.01
C PHE B 281 -11.26 18.02 30.79
N LEU B 282 -12.33 18.44 30.09
CA LEU B 282 -13.42 17.54 29.75
C LEU B 282 -13.92 17.75 28.33
N GLU B 283 -13.09 18.32 27.45
CA GLU B 283 -13.54 18.70 26.11
C GLU B 283 -13.82 17.47 25.25
N TYR B 284 -14.74 17.64 24.29
CA TYR B 284 -15.12 16.60 23.34
C TYR B 284 -15.62 15.35 24.06
N ASN B 285 -16.70 15.53 24.80
CA ASN B 285 -17.26 14.48 25.65
C ASN B 285 -18.75 14.34 25.32
N ASN B 286 -19.40 13.34 25.92
CA ASN B 286 -20.79 12.99 25.62
C ASN B 286 -21.60 12.96 26.91
N ILE B 287 -21.47 13.99 27.72
CA ILE B 287 -22.22 14.07 28.98
C ILE B 287 -23.68 14.39 28.69
N GLN B 288 -24.59 13.59 29.24
CA GLN B 288 -26.02 13.80 29.05
C GLN B 288 -26.67 14.54 30.21
N HIS B 289 -26.22 14.33 31.45
CA HIS B 289 -26.81 15.01 32.59
C HIS B 289 -25.71 15.32 33.60
N LEU B 290 -25.70 16.55 34.08
CA LEU B 290 -24.73 16.99 35.09
C LEU B 290 -25.47 17.24 36.40
N PHE B 291 -25.05 16.56 37.46
CA PHE B 291 -25.72 16.66 38.74
C PHE B 291 -25.16 17.81 39.57
N SER B 292 -25.91 18.18 40.61
CA SER B 292 -25.49 19.27 41.50
C SER B 292 -24.22 18.90 42.26
N HIS B 293 -24.11 17.66 42.72
CA HIS B 293 -22.94 17.20 43.44
C HIS B 293 -21.93 16.51 42.53
N SER B 294 -22.11 16.61 41.21
CA SER B 294 -21.17 15.99 40.28
C SER B 294 -19.78 16.60 40.38
N LEU B 295 -19.72 17.92 40.49
CA LEU B 295 -18.44 18.64 40.60
C LEU B 295 -18.09 18.98 42.04
N HIS B 296 -18.56 18.19 43.00
CA HIS B 296 -18.22 18.41 44.39
C HIS B 296 -16.73 18.15 44.63
N GLY B 297 -16.16 18.86 45.60
CA GLY B 297 -14.78 18.66 45.97
C GLY B 297 -13.76 19.28 45.05
N LEU B 298 -14.19 20.09 44.09
CA LEU B 298 -13.29 20.75 43.13
C LEU B 298 -13.10 22.22 43.45
N PHE B 299 -13.00 22.56 44.74
CA PHE B 299 -12.95 23.95 45.17
C PHE B 299 -11.59 24.61 44.95
N ASN B 300 -10.66 23.96 44.25
CA ASN B 300 -9.35 24.55 43.98
C ASN B 300 -9.02 24.57 42.50
N VAL B 301 -9.97 24.27 41.62
CA VAL B 301 -9.71 24.26 40.18
C VAL B 301 -9.67 25.70 39.68
N ARG B 302 -8.60 26.03 38.94
CA ARG B 302 -8.44 27.36 38.38
C ARG B 302 -8.85 27.46 36.92
N TYR B 303 -9.00 26.34 36.22
CA TYR B 303 -9.31 26.36 34.79
C TYR B 303 -10.09 25.11 34.44
N LEU B 304 -11.30 25.29 33.89
CA LEU B 304 -12.16 24.19 33.48
C LEU B 304 -12.52 24.36 32.02
N ASN B 305 -12.41 23.27 31.25
CA ASN B 305 -12.72 23.27 29.83
C ASN B 305 -13.88 22.32 29.58
N LEU B 306 -14.90 22.80 28.87
CA LEU B 306 -16.10 22.04 28.57
C LEU B 306 -16.51 22.22 27.12
N LYS B 307 -15.53 22.27 26.22
CA LYS B 307 -15.82 22.45 24.80
C LYS B 307 -16.31 21.14 24.20
N ARG B 308 -17.56 21.13 23.73
CA ARG B 308 -18.21 19.93 23.21
C ARG B 308 -18.26 18.82 24.25
N SER B 309 -18.37 19.19 25.53
CA SER B 309 -18.38 18.20 26.60
C SER B 309 -19.74 17.55 26.77
N PHE B 310 -20.79 18.10 26.18
CA PHE B 310 -22.15 17.62 26.39
C PHE B 310 -22.68 16.95 25.13
N THR B 311 -23.76 16.20 25.31
CA THR B 311 -24.36 15.45 24.21
C THR B 311 -24.98 16.39 23.19
N LYS B 312 -24.68 16.13 21.92
CA LYS B 312 -25.25 16.90 20.83
C LYS B 312 -26.73 16.56 20.67
N GLN B 313 -27.48 17.53 20.13
CA GLN B 313 -28.91 17.36 19.94
C GLN B 313 -29.20 16.26 18.93
N SER B 314 -30.17 15.41 19.25
CA SER B 314 -30.61 14.34 18.37
C SER B 314 -32.12 14.47 18.16
N ILE B 315 -32.56 14.43 16.91
CA ILE B 315 -33.97 14.59 16.60
C ILE B 315 -34.79 13.38 17.04
N SER B 316 -34.14 12.23 17.25
CA SER B 316 -34.87 11.01 17.61
C SER B 316 -35.50 11.13 19.00
N LEU B 317 -34.76 11.70 19.95
CA LEU B 317 -35.22 11.77 21.33
C LEU B 317 -35.21 13.17 21.94
N ALA B 318 -34.60 14.15 21.27
CA ALA B 318 -34.47 15.51 21.80
C ALA B 318 -33.82 15.51 23.19
N SER B 319 -32.75 14.72 23.33
CA SER B 319 -32.05 14.57 24.61
C SER B 319 -31.10 15.75 24.81
N LEU B 320 -31.69 16.89 25.14
CA LEU B 320 -30.90 18.08 25.44
C LEU B 320 -30.13 17.87 26.73
N PRO B 321 -28.82 18.15 26.76
CA PRO B 321 -28.05 18.00 28.00
C PRO B 321 -28.51 19.00 29.05
N LYS B 322 -29.09 18.48 30.13
CA LYS B 322 -29.65 19.31 31.20
C LYS B 322 -28.62 19.46 32.32
N ILE B 323 -28.44 20.69 32.79
CA ILE B 323 -27.55 20.98 33.90
C ILE B 323 -28.41 21.40 35.09
N ASP B 324 -28.23 20.70 36.20
CA ASP B 324 -28.99 21.01 37.41
C ASP B 324 -28.53 22.33 38.02
N ASP B 325 -29.40 22.93 38.80
CA ASP B 325 -29.09 24.18 39.48
C ASP B 325 -28.01 23.96 40.54
N PHE B 326 -27.18 24.98 40.74
CA PHE B 326 -26.08 24.96 41.70
C PHE B 326 -25.08 23.84 41.40
N SER B 327 -24.94 23.48 40.13
CA SER B 327 -24.00 22.42 39.76
C SER B 327 -22.56 22.92 39.82
N PHE B 328 -22.33 24.21 39.58
CA PHE B 328 -21.01 24.80 39.64
C PHE B 328 -20.76 25.56 40.94
N GLN B 329 -21.60 25.34 41.96
CA GLN B 329 -21.44 26.04 43.23
C GLN B 329 -20.16 25.66 43.96
N TRP B 330 -19.62 24.48 43.69
CA TRP B 330 -18.40 24.04 44.36
C TRP B 330 -17.14 24.71 43.82
N LEU B 331 -17.23 25.35 42.65
CA LEU B 331 -16.07 25.98 42.02
C LEU B 331 -15.92 27.39 42.59
N LYS B 332 -15.38 27.45 43.82
CA LYS B 332 -15.20 28.74 44.48
C LYS B 332 -13.99 29.48 43.92
N CYS B 333 -13.01 28.76 43.38
CA CYS B 333 -11.77 29.35 42.89
C CYS B 333 -11.62 29.24 41.38
N LEU B 334 -12.71 28.96 40.66
CA LEU B 334 -12.63 28.88 39.21
C LEU B 334 -12.40 30.26 38.62
N GLU B 335 -11.46 30.34 37.68
CA GLU B 335 -11.09 31.61 37.07
C GLU B 335 -11.15 31.60 35.55
N HIS B 336 -11.45 30.47 34.92
CA HIS B 336 -11.46 30.37 33.47
C HIS B 336 -12.33 29.19 33.09
N LEU B 337 -13.43 29.45 32.40
CA LEU B 337 -14.41 28.42 32.05
C LEU B 337 -14.66 28.48 30.54
N ASN B 338 -14.09 27.53 29.81
CA ASN B 338 -14.34 27.39 28.37
C ASN B 338 -15.44 26.34 28.19
N MET B 339 -16.60 26.78 27.73
CA MET B 339 -17.75 25.91 27.51
C MET B 339 -18.37 26.21 26.14
N GLU B 340 -17.53 26.19 25.12
CA GLU B 340 -17.97 26.47 23.76
C GLU B 340 -18.54 25.22 23.09
N ASP B 341 -19.37 25.45 22.07
CA ASP B 341 -19.92 24.40 21.21
C ASP B 341 -20.68 23.35 22.02
N ASN B 342 -21.78 23.78 22.63
CA ASN B 342 -22.64 22.90 23.39
C ASN B 342 -24.09 23.09 22.95
N ASP B 343 -24.94 22.17 23.39
CA ASP B 343 -26.36 22.20 23.08
C ASP B 343 -27.20 22.38 24.33
N ILE B 344 -26.75 23.26 25.22
CA ILE B 344 -27.50 23.56 26.44
C ILE B 344 -28.80 24.27 26.08
N PRO B 345 -29.94 23.87 26.65
CA PRO B 345 -31.21 24.51 26.26
C PRO B 345 -31.26 26.00 26.57
N GLY B 346 -30.77 26.42 27.73
CA GLY B 346 -30.82 27.83 28.07
C GLY B 346 -30.22 28.08 29.44
N ILE B 347 -30.22 29.35 29.82
CA ILE B 347 -29.69 29.80 31.10
C ILE B 347 -30.79 29.71 32.16
N LYS B 348 -30.48 29.08 33.28
CA LYS B 348 -31.35 29.04 34.45
C LYS B 348 -30.88 30.06 35.48
N SER B 349 -31.72 30.32 36.47
CA SER B 349 -31.45 31.36 37.45
C SER B 349 -30.37 30.97 38.45
N ASN B 350 -30.03 29.68 38.56
CA ASN B 350 -29.05 29.23 39.55
C ASN B 350 -27.95 28.37 38.94
N MET B 351 -27.71 28.51 37.63
CA MET B 351 -26.71 27.67 36.99
C MET B 351 -25.30 28.10 37.35
N PHE B 352 -25.04 29.42 37.37
CA PHE B 352 -23.71 29.95 37.65
C PHE B 352 -23.59 30.49 39.08
N THR B 353 -24.52 30.13 39.96
CA THR B 353 -24.44 30.57 41.34
C THR B 353 -23.27 29.88 42.05
N GLY B 354 -22.55 30.66 42.86
CA GLY B 354 -21.42 30.17 43.61
C GLY B 354 -20.06 30.57 43.04
N LEU B 355 -20.03 31.09 41.82
CA LEU B 355 -18.78 31.51 41.19
C LEU B 355 -18.41 32.88 41.75
N ILE B 356 -17.53 32.88 42.77
CA ILE B 356 -17.11 34.12 43.40
C ILE B 356 -15.74 34.60 42.91
N ASN B 357 -15.01 33.78 42.16
CA ASN B 357 -13.70 34.15 41.64
C ASN B 357 -13.61 34.06 40.13
N LEU B 358 -14.76 33.97 39.44
CA LEU B 358 -14.74 33.82 37.99
C LEU B 358 -14.26 35.10 37.33
N LYS B 359 -13.42 34.95 36.29
CA LYS B 359 -12.89 36.08 35.56
C LYS B 359 -12.98 35.93 34.04
N TYR B 360 -13.32 34.74 33.53
CA TYR B 360 -13.40 34.53 32.09
C TYR B 360 -14.47 33.49 31.81
N LEU B 361 -15.48 33.85 31.04
CA LEU B 361 -16.56 32.95 30.66
C LEU B 361 -16.75 33.01 29.16
N SER B 362 -16.74 31.85 28.50
CA SER B 362 -16.93 31.75 27.07
C SER B 362 -18.16 30.89 26.79
N LEU B 363 -19.09 31.42 26.00
CA LEU B 363 -20.33 30.73 25.64
C LEU B 363 -20.50 30.70 24.13
N SER B 364 -19.44 30.37 23.41
CA SER B 364 -19.47 30.37 21.95
C SER B 364 -20.24 29.16 21.45
N ASN B 365 -21.41 29.40 20.85
CA ASN B 365 -22.27 28.35 20.29
C ASN B 365 -22.64 27.31 21.35
N SER B 366 -22.86 27.75 22.58
CA SER B 366 -23.13 26.83 23.67
C SER B 366 -24.62 26.59 23.92
N PHE B 367 -25.50 27.26 23.18
CA PHE B 367 -26.93 27.07 23.32
C PHE B 367 -27.59 26.86 21.97
N THR B 368 -28.62 26.02 21.95
CA THR B 368 -29.34 25.74 20.72
C THR B 368 -30.14 26.95 20.26
N SER B 369 -30.90 27.55 21.17
CA SER B 369 -31.75 28.69 20.82
C SER B 369 -31.86 29.60 22.03
N LEU B 370 -30.96 30.58 22.13
CA LEU B 370 -31.08 31.66 23.10
C LEU B 370 -31.59 32.91 22.40
N ARG B 371 -32.89 32.91 22.13
CA ARG B 371 -33.48 33.97 21.32
C ARG B 371 -33.52 35.31 22.07
N THR B 372 -33.90 35.28 23.34
CA THR B 372 -34.13 36.50 24.11
C THR B 372 -33.16 36.57 25.28
N LEU B 373 -32.51 37.74 25.43
CA LEU B 373 -31.65 38.00 26.58
C LEU B 373 -32.43 38.81 27.59
N THR B 374 -33.20 38.11 28.41
CA THR B 374 -34.00 38.75 29.44
C THR B 374 -33.10 39.32 30.54
N ASN B 375 -33.59 40.35 31.23
CA ASN B 375 -32.86 40.96 32.33
C ASN B 375 -32.61 39.99 33.48
N GLU B 376 -33.39 38.92 33.59
CA GLU B 376 -33.23 37.93 34.64
C GLU B 376 -32.29 36.80 34.23
N THR B 377 -31.71 36.87 33.03
CA THR B 377 -30.84 35.79 32.55
C THR B 377 -29.56 35.69 33.37
N PHE B 378 -28.86 36.81 33.56
CA PHE B 378 -27.54 36.80 34.17
C PHE B 378 -27.59 37.10 35.66
N VAL B 379 -28.67 36.71 36.34
CA VAL B 379 -28.74 36.88 37.80
C VAL B 379 -27.79 35.93 38.51
N SER B 380 -27.45 34.81 37.86
CA SER B 380 -26.53 33.85 38.47
C SER B 380 -25.11 34.39 38.54
N LEU B 381 -24.76 35.37 37.71
CA LEU B 381 -23.45 36.01 37.72
C LEU B 381 -23.47 37.32 38.50
N ALA B 382 -24.30 37.41 39.54
CA ALA B 382 -24.42 38.66 40.29
C ALA B 382 -23.14 38.97 41.06
N HIS B 383 -22.61 38.00 41.79
CA HIS B 383 -21.42 38.20 42.59
C HIS B 383 -20.15 37.78 41.87
N SER B 384 -20.24 37.31 40.63
CA SER B 384 -19.06 36.88 39.89
C SER B 384 -18.32 38.09 39.35
N PRO B 385 -17.03 38.25 39.64
CA PRO B 385 -16.25 39.36 39.07
C PRO B 385 -15.80 39.08 37.64
N LEU B 386 -16.77 38.82 36.77
CA LEU B 386 -16.49 38.47 35.39
C LEU B 386 -15.91 39.67 34.65
N HIS B 387 -14.91 39.42 33.82
CA HIS B 387 -14.25 40.45 33.04
C HIS B 387 -14.44 40.30 31.53
N ILE B 388 -14.33 39.08 31.01
CA ILE B 388 -14.49 38.81 29.59
C ILE B 388 -15.63 37.83 29.41
N LEU B 389 -16.60 38.19 28.57
CA LEU B 389 -17.78 37.37 28.31
C LEU B 389 -17.95 37.24 26.81
N ASN B 390 -18.19 36.01 26.35
CA ASN B 390 -18.31 35.70 24.93
C ASN B 390 -19.67 35.07 24.66
N LEU B 391 -20.41 35.65 23.72
CA LEU B 391 -21.74 35.18 23.33
C LEU B 391 -21.85 35.05 21.82
N THR B 392 -20.81 34.51 21.18
CA THR B 392 -20.79 34.38 19.74
C THR B 392 -21.47 33.10 19.28
N LYS B 393 -22.11 33.16 18.11
CA LYS B 393 -22.75 32.02 17.45
C LYS B 393 -23.80 31.35 18.33
N ASN B 394 -24.44 32.13 19.21
CA ASN B 394 -25.50 31.62 20.06
C ASN B 394 -26.89 31.95 19.53
N LYS B 395 -26.98 32.50 18.33
CA LYS B 395 -28.26 32.85 17.69
C LYS B 395 -29.09 33.77 18.58
N ILE B 396 -28.45 34.77 19.17
CA ILE B 396 -29.17 35.78 19.95
C ILE B 396 -30.04 36.59 19.00
N SER B 397 -31.33 36.68 19.32
CA SER B 397 -32.27 37.37 18.44
C SER B 397 -32.81 38.67 19.01
N LYS B 398 -32.83 38.83 20.33
CA LYS B 398 -33.35 40.04 20.96
C LYS B 398 -32.68 40.25 22.30
N ILE B 399 -32.35 41.49 22.60
CA ILE B 399 -31.72 41.87 23.86
C ILE B 399 -32.65 42.86 24.56
N GLU B 400 -33.20 42.45 25.70
CA GLU B 400 -34.06 43.32 26.48
C GLU B 400 -33.22 44.26 27.35
N SER B 401 -33.90 45.24 27.94
CA SER B 401 -33.22 46.17 28.83
C SER B 401 -32.76 45.47 30.10
N ASP B 402 -31.69 46.00 30.69
CA ASP B 402 -31.08 45.50 31.92
C ASP B 402 -30.59 44.05 31.78
N ALA B 403 -30.27 43.63 30.56
CA ALA B 403 -29.75 42.28 30.36
C ALA B 403 -28.38 42.11 31.00
N PHE B 404 -27.55 43.15 30.93
CA PHE B 404 -26.20 43.11 31.49
C PHE B 404 -26.07 43.99 32.73
N SER B 405 -27.18 44.22 33.43
CA SER B 405 -27.17 45.05 34.63
C SER B 405 -26.46 44.40 35.80
N TRP B 406 -26.24 43.09 35.77
CA TRP B 406 -25.62 42.39 36.89
C TRP B 406 -24.11 42.28 36.76
N LEU B 407 -23.55 42.62 35.60
CA LEU B 407 -22.11 42.48 35.36
C LEU B 407 -21.45 43.84 35.54
N GLY B 408 -21.24 44.20 36.81
CA GLY B 408 -20.60 45.48 37.12
C GLY B 408 -19.12 45.51 36.84
N HIS B 409 -18.45 44.35 36.84
CA HIS B 409 -17.02 44.27 36.60
C HIS B 409 -16.69 43.82 35.17
N LEU B 410 -17.69 43.72 34.30
CA LEU B 410 -17.45 43.27 32.94
C LEU B 410 -16.59 44.28 32.19
N GLU B 411 -15.65 43.77 31.40
CA GLU B 411 -14.73 44.61 30.64
C GLU B 411 -14.78 44.36 29.14
N VAL B 412 -14.86 43.09 28.73
CA VAL B 412 -14.89 42.73 27.32
C VAL B 412 -16.18 41.96 27.06
N LEU B 413 -16.95 42.40 26.07
CA LEU B 413 -18.20 41.76 25.69
C LEU B 413 -18.13 41.36 24.22
N ASP B 414 -18.45 40.10 23.95
CA ASP B 414 -18.39 39.53 22.60
C ASP B 414 -19.79 39.04 22.24
N LEU B 415 -20.48 39.83 21.42
CA LEU B 415 -21.82 39.48 20.95
C LEU B 415 -21.88 39.33 19.43
N GLY B 416 -20.73 39.07 18.79
CA GLY B 416 -20.69 38.99 17.35
C GLY B 416 -21.20 37.66 16.81
N LEU B 417 -21.33 37.60 15.49
CA LEU B 417 -21.73 36.40 14.75
C LEU B 417 -23.08 35.87 15.25
N ASN B 418 -24.02 36.76 15.51
CA ASN B 418 -25.34 36.41 15.97
C ASN B 418 -26.39 36.93 14.99
N GLU B 419 -27.66 36.80 15.38
CA GLU B 419 -28.80 37.21 14.56
C GLU B 419 -29.58 38.31 15.25
N ILE B 420 -28.86 39.29 15.81
CA ILE B 420 -29.47 40.32 16.64
C ILE B 420 -30.13 41.36 15.72
N GLY B 421 -31.44 41.38 15.70
CA GLY B 421 -32.18 42.41 14.99
C GLY B 421 -33.12 43.17 15.89
N GLN B 422 -32.82 44.44 16.15
CA GLN B 422 -33.60 45.28 17.05
C GLN B 422 -33.17 46.72 16.84
N GLU B 423 -33.71 47.62 17.66
CA GLU B 423 -33.28 49.01 17.71
C GLU B 423 -32.71 49.28 19.10
N LEU B 424 -31.55 49.93 19.15
CA LEU B 424 -30.80 50.09 20.39
C LEU B 424 -31.36 51.27 21.17
N THR B 425 -32.13 50.95 22.22
CA THR B 425 -32.63 51.98 23.12
C THR B 425 -31.52 52.56 24.00
N GLY B 426 -30.46 51.80 24.24
CA GLY B 426 -29.38 52.21 25.10
C GLY B 426 -29.50 51.77 26.54
N GLN B 427 -30.69 51.35 26.96
CA GLN B 427 -30.89 50.85 28.32
C GLN B 427 -30.38 49.43 28.50
N GLU B 428 -30.00 48.76 27.41
CA GLU B 428 -29.47 47.40 27.53
C GLU B 428 -28.07 47.40 28.13
N TRP B 429 -27.36 48.53 28.05
CA TRP B 429 -25.98 48.62 28.49
C TRP B 429 -25.83 49.16 29.91
N ARG B 430 -26.94 49.42 30.61
CA ARG B 430 -26.84 49.96 31.96
C ARG B 430 -26.26 48.92 32.91
N GLY B 431 -25.44 49.38 33.86
CA GLY B 431 -24.73 48.51 34.76
C GLY B 431 -23.32 48.15 34.32
N LEU B 432 -22.94 48.50 33.09
CA LEU B 432 -21.58 48.23 32.60
C LEU B 432 -20.72 49.47 32.83
N GLU B 433 -20.43 49.71 34.11
CA GLU B 433 -19.65 50.87 34.52
C GLU B 433 -18.17 50.73 34.18
N ASN B 434 -17.66 49.50 34.10
CA ASN B 434 -16.24 49.26 33.85
C ASN B 434 -16.03 48.56 32.51
N ILE B 435 -16.98 48.72 31.58
CA ILE B 435 -16.88 48.05 30.30
C ILE B 435 -15.87 48.76 29.41
N PHE B 436 -15.18 48.00 28.57
CA PHE B 436 -14.19 48.54 27.65
C PHE B 436 -14.46 48.19 26.20
N GLU B 437 -14.93 46.96 25.93
CA GLU B 437 -15.13 46.49 24.57
C GLU B 437 -16.49 45.81 24.45
N ILE B 438 -17.21 46.14 23.38
CA ILE B 438 -18.40 45.40 22.96
C ILE B 438 -18.23 45.04 21.49
N TYR B 439 -18.39 43.77 21.17
CA TYR B 439 -18.32 43.29 19.79
C TYR B 439 -19.73 43.01 19.30
N LEU B 440 -20.11 43.61 18.17
CA LEU B 440 -21.45 43.40 17.63
C LEU B 440 -21.43 43.15 16.13
N SER B 441 -20.32 42.65 15.59
CA SER B 441 -20.21 42.44 14.16
C SER B 441 -21.04 41.22 13.73
N TYR B 442 -21.42 41.24 12.45
CA TYR B 442 -22.12 40.12 11.79
C TYR B 442 -23.44 39.79 12.50
N ASN B 443 -24.35 40.76 12.49
CA ASN B 443 -25.70 40.58 12.98
C ASN B 443 -26.70 40.89 11.87
N LYS B 444 -27.99 40.86 12.21
CA LYS B 444 -29.02 41.09 11.21
C LYS B 444 -29.16 42.58 10.90
N TYR B 445 -29.56 43.38 11.88
CA TYR B 445 -29.67 44.82 11.70
C TYR B 445 -29.75 45.48 13.08
N LEU B 446 -29.13 46.65 13.19
CA LEU B 446 -29.21 47.46 14.39
C LEU B 446 -29.58 48.89 14.01
N GLN B 447 -30.50 49.48 14.77
CA GLN B 447 -30.96 50.85 14.54
C GLN B 447 -30.50 51.70 15.72
N LEU B 448 -29.51 52.55 15.48
CA LEU B 448 -28.95 53.38 16.52
C LEU B 448 -29.88 54.55 16.84
N THR B 449 -29.80 55.03 18.08
CA THR B 449 -30.59 56.16 18.56
C THR B 449 -29.64 57.19 19.17
N ARG B 450 -30.24 58.25 19.73
CA ARG B 450 -29.45 59.30 20.34
C ARG B 450 -28.73 58.81 21.59
N ASN B 451 -29.41 58.01 22.40
CA ASN B 451 -28.88 57.50 23.66
C ASN B 451 -28.48 56.03 23.55
N SER B 452 -27.94 55.63 22.40
CA SER B 452 -27.58 54.23 22.20
C SER B 452 -26.46 53.80 23.12
N PHE B 453 -25.47 54.67 23.35
CA PHE B 453 -24.33 54.35 24.19
C PHE B 453 -24.07 55.44 25.23
N ALA B 454 -25.14 56.08 25.72
CA ALA B 454 -24.98 57.13 26.72
C ALA B 454 -24.69 56.59 28.10
N LEU B 455 -24.94 55.32 28.35
CA LEU B 455 -24.75 54.72 29.66
C LEU B 455 -23.40 54.02 29.81
N VAL B 456 -22.57 54.05 28.78
CA VAL B 456 -21.25 53.40 28.83
C VAL B 456 -20.17 54.37 28.37
N PRO B 457 -19.84 55.41 29.16
CA PRO B 457 -18.82 56.38 28.72
C PRO B 457 -17.42 55.80 28.68
N SER B 458 -17.16 54.67 29.32
CA SER B 458 -15.83 54.08 29.37
C SER B 458 -15.53 53.19 28.17
N LEU B 459 -16.39 53.19 27.15
CA LEU B 459 -16.17 52.36 25.97
C LEU B 459 -14.91 52.79 25.22
N GLN B 460 -14.14 51.81 24.75
CA GLN B 460 -12.93 52.07 23.99
C GLN B 460 -12.94 51.46 22.59
N ARG B 461 -13.48 50.27 22.41
CA ARG B 461 -13.56 49.63 21.10
C ARG B 461 -15.00 49.21 20.82
N LEU B 462 -15.50 49.61 19.65
CA LEU B 462 -16.86 49.28 19.25
C LEU B 462 -16.80 48.77 17.80
N MET B 463 -17.05 47.48 17.62
CA MET B 463 -16.97 46.84 16.32
C MET B 463 -18.38 46.62 15.79
N LEU B 464 -18.66 47.14 14.60
CA LEU B 464 -19.97 47.04 13.97
C LEU B 464 -19.83 46.63 12.50
N ARG B 465 -18.98 45.63 12.25
CA ARG B 465 -18.73 45.18 10.89
C ARG B 465 -19.87 44.31 10.40
N ARG B 466 -20.46 44.70 9.26
CA ARG B 466 -21.53 43.96 8.61
C ARG B 466 -22.71 43.75 9.56
N VAL B 467 -23.23 44.86 10.09
CA VAL B 467 -24.37 44.84 10.99
C VAL B 467 -25.54 45.64 10.45
N ALA B 468 -25.38 46.32 9.31
CA ALA B 468 -26.44 47.07 8.64
C ALA B 468 -27.03 48.14 9.56
N LEU B 469 -26.19 49.12 9.89
CA LEU B 469 -26.61 50.20 10.78
C LEU B 469 -27.73 51.02 10.16
N LYS B 470 -28.74 51.33 10.96
CA LYS B 470 -29.87 52.14 10.54
C LYS B 470 -30.02 53.33 11.47
N ASN B 471 -30.52 54.44 10.92
CA ASN B 471 -30.64 55.71 11.62
C ASN B 471 -29.29 56.18 12.16
N VAL B 472 -28.23 55.96 11.38
CA VAL B 472 -26.88 56.37 11.76
C VAL B 472 -26.67 57.87 11.61
N ASP B 473 -27.53 58.55 10.84
CA ASP B 473 -27.38 59.97 10.54
C ASP B 473 -28.26 60.84 11.42
N SER B 474 -28.43 60.49 12.69
CA SER B 474 -29.18 61.34 13.61
C SER B 474 -28.44 62.65 13.84
N SER B 475 -29.21 63.69 14.13
CA SER B 475 -28.61 65.02 14.36
C SER B 475 -27.65 65.03 15.54
N PRO B 476 -27.96 64.46 16.71
CA PRO B 476 -26.93 64.29 17.73
C PRO B 476 -26.16 62.99 17.51
N SER B 477 -24.85 63.04 17.65
CA SER B 477 -24.00 61.89 17.35
C SER B 477 -24.12 60.83 18.43
N PRO B 478 -24.48 59.58 18.10
CA PRO B 478 -24.55 58.53 19.13
C PRO B 478 -23.20 58.22 19.80
N PHE B 479 -22.08 58.47 19.13
CA PHE B 479 -20.77 58.28 19.76
C PHE B 479 -20.30 59.49 20.54
N GLN B 480 -21.16 60.50 20.73
CA GLN B 480 -20.79 61.65 21.56
C GLN B 480 -20.45 61.26 23.01
N PRO B 481 -21.23 60.44 23.71
CA PRO B 481 -20.80 60.04 25.07
C PRO B 481 -19.54 59.21 25.10
N LEU B 482 -19.15 58.59 23.98
CA LEU B 482 -17.97 57.73 23.95
C LEU B 482 -16.71 58.60 23.86
N ARG B 483 -16.36 59.19 25.00
CA ARG B 483 -15.20 60.07 25.04
C ARG B 483 -13.89 59.29 24.95
N ASN B 484 -13.85 58.08 25.49
CA ASN B 484 -12.64 57.27 25.53
C ASN B 484 -12.58 56.23 24.41
N LEU B 485 -13.43 56.36 23.38
CA LEU B 485 -13.42 55.41 22.28
C LEU B 485 -12.11 55.50 21.52
N THR B 486 -11.54 54.34 21.19
CA THR B 486 -10.25 54.25 20.50
C THR B 486 -10.33 53.50 19.18
N ILE B 487 -11.17 52.48 19.08
CA ILE B 487 -11.32 51.70 17.85
C ILE B 487 -12.80 51.66 17.48
N LEU B 488 -13.09 51.97 16.22
CA LEU B 488 -14.46 51.96 15.72
C LEU B 488 -14.48 51.36 14.33
N ASP B 489 -15.24 50.28 14.15
CA ASP B 489 -15.40 49.61 12.87
C ASP B 489 -16.84 49.78 12.40
N LEU B 490 -17.02 50.34 11.21
CA LEU B 490 -18.33 50.54 10.59
C LEU B 490 -18.31 50.04 9.16
N SER B 491 -17.80 48.84 8.95
CA SER B 491 -17.58 48.32 7.60
C SER B 491 -18.71 47.42 7.16
N ASN B 492 -18.88 47.33 5.84
CA ASN B 492 -19.86 46.43 5.20
C ASN B 492 -21.28 46.68 5.69
N ASN B 493 -21.66 47.94 5.87
CA ASN B 493 -22.98 48.29 6.36
C ASN B 493 -23.81 49.07 5.35
N ASN B 494 -23.24 49.40 4.19
CA ASN B 494 -23.94 50.17 3.15
C ASN B 494 -24.47 51.48 3.70
N ILE B 495 -23.67 52.14 4.54
CA ILE B 495 -24.06 53.43 5.11
C ILE B 495 -24.02 54.48 4.00
N ALA B 496 -25.11 55.23 3.88
CA ALA B 496 -25.25 56.21 2.80
C ALA B 496 -25.00 57.64 3.25
N ASN B 497 -25.64 58.08 4.33
CA ASN B 497 -25.56 59.46 4.79
C ASN B 497 -24.88 59.52 6.15
N ILE B 498 -23.83 60.35 6.25
CA ILE B 498 -23.07 60.53 7.47
C ILE B 498 -22.96 62.01 7.75
N ASN B 499 -23.29 62.42 8.97
CA ASN B 499 -23.28 63.83 9.34
C ASN B 499 -21.85 64.33 9.59
N ASP B 500 -21.71 65.65 9.58
CA ASP B 500 -20.41 66.27 9.80
C ASP B 500 -19.93 66.12 11.25
N ASP B 501 -20.85 66.20 12.21
CA ASP B 501 -20.48 66.25 13.62
C ASP B 501 -20.56 64.89 14.30
N MET B 502 -20.40 63.80 13.54
CA MET B 502 -20.52 62.46 14.11
C MET B 502 -19.33 62.12 14.99
N LEU B 503 -18.13 62.60 14.63
CA LEU B 503 -16.91 62.27 15.35
C LEU B 503 -16.38 63.45 16.15
N GLU B 504 -17.21 64.45 16.39
CA GLU B 504 -16.81 65.58 17.23
C GLU B 504 -16.69 65.12 18.67
N GLY B 505 -15.60 65.54 19.33
CA GLY B 505 -15.30 65.11 20.67
C GLY B 505 -14.60 63.77 20.77
N LEU B 506 -14.20 63.18 19.64
CA LEU B 506 -13.49 61.90 19.63
C LEU B 506 -11.98 62.16 19.45
N GLU B 507 -11.40 62.78 20.48
CA GLU B 507 -9.97 63.08 20.42
C GLU B 507 -9.13 61.82 20.56
N LYS B 508 -9.61 60.82 21.29
CA LYS B 508 -8.83 59.63 21.58
C LYS B 508 -9.06 58.50 20.58
N LEU B 509 -9.86 58.73 19.53
CA LEU B 509 -10.05 57.70 18.51
C LEU B 509 -8.77 57.51 17.73
N GLU B 510 -8.40 56.24 17.50
CA GLU B 510 -7.16 55.90 16.80
C GLU B 510 -7.40 55.06 15.56
N ILE B 511 -8.30 54.10 15.62
CA ILE B 511 -8.55 53.17 14.51
C ILE B 511 -9.96 53.41 14.00
N LEU B 512 -10.09 53.74 12.72
CA LEU B 512 -11.37 53.94 12.08
C LEU B 512 -11.43 53.14 10.79
N ASP B 513 -12.45 52.28 10.67
CA ASP B 513 -12.69 51.51 9.46
C ASP B 513 -14.04 51.87 8.88
N LEU B 514 -14.07 52.29 7.62
CA LEU B 514 -15.31 52.58 6.92
C LEU B 514 -15.34 51.92 5.55
N GLN B 515 -14.62 50.81 5.41
CA GLN B 515 -14.50 50.14 4.13
C GLN B 515 -15.81 49.47 3.74
N HIS B 516 -15.97 49.25 2.43
CA HIS B 516 -17.14 48.57 1.85
C HIS B 516 -18.45 49.28 2.24
N ASN B 517 -18.51 50.57 1.94
CA ASN B 517 -19.72 51.35 2.19
C ASN B 517 -20.04 52.21 0.97
N ASN B 518 -21.04 53.09 1.09
CA ASN B 518 -21.47 53.95 -0.01
C ASN B 518 -21.48 55.40 0.47
N LEU B 519 -20.32 56.05 0.39
CA LEU B 519 -20.18 57.46 0.75
C LEU B 519 -19.68 58.29 -0.43
N ALA B 520 -19.90 57.83 -1.65
CA ALA B 520 -19.39 58.54 -2.83
C ALA B 520 -20.02 59.91 -2.98
N ARG B 521 -21.33 60.02 -2.75
CA ARG B 521 -22.01 61.29 -2.92
C ARG B 521 -21.54 62.33 -1.91
N LEU B 522 -21.19 61.91 -0.70
CA LEU B 522 -20.84 62.83 0.37
C LEU B 522 -19.58 63.63 0.11
N TRP B 523 -18.77 63.25 -0.87
CA TRP B 523 -17.52 63.94 -1.15
C TRP B 523 -17.52 64.68 -2.48
N LYS B 524 -18.50 64.47 -3.34
CA LYS B 524 -18.56 65.20 -4.60
C LYS B 524 -18.94 66.66 -4.34
N HIS B 525 -18.43 67.54 -5.20
CA HIS B 525 -18.75 68.96 -5.09
C HIS B 525 -20.20 69.26 -5.45
N ALA B 526 -20.86 68.37 -6.17
CA ALA B 526 -22.25 68.55 -6.56
C ALA B 526 -23.23 68.14 -5.47
N ASN B 527 -22.74 67.64 -4.34
CA ASN B 527 -23.63 67.26 -3.25
C ASN B 527 -24.26 68.50 -2.63
N PRO B 528 -25.58 68.57 -2.52
CA PRO B 528 -26.21 69.72 -1.84
C PRO B 528 -25.78 69.81 -0.39
N GLY B 529 -25.59 71.04 0.08
CA GLY B 529 -25.12 71.29 1.42
C GLY B 529 -23.62 71.24 1.59
N GLY B 530 -22.87 70.95 0.53
CA GLY B 530 -21.43 70.90 0.61
C GLY B 530 -20.92 69.54 1.01
N PRO B 531 -19.64 69.28 0.74
CA PRO B 531 -19.04 68.00 1.16
C PRO B 531 -19.01 67.86 2.67
N ILE B 532 -19.10 66.62 3.13
CA ILE B 532 -19.11 66.33 4.57
C ILE B 532 -17.67 66.06 5.02
N TYR B 533 -17.17 66.91 5.90
CA TYR B 533 -15.82 66.75 6.46
C TYR B 533 -15.93 66.05 7.81
N PHE B 534 -16.30 64.78 7.76
CA PHE B 534 -16.54 63.98 8.96
C PHE B 534 -15.27 63.46 9.61
N LEU B 535 -14.11 64.01 9.25
CA LEU B 535 -12.83 63.59 9.79
C LEU B 535 -12.10 64.76 10.44
N LYS B 536 -12.86 65.68 11.04
CA LYS B 536 -12.30 66.86 11.67
C LYS B 536 -12.22 66.66 13.18
N GLY B 537 -11.10 67.09 13.77
CA GLY B 537 -10.86 66.90 15.18
C GLY B 537 -10.19 65.59 15.55
N LEU B 538 -9.89 64.75 14.57
CA LEU B 538 -9.27 63.45 14.83
C LEU B 538 -7.74 63.62 14.87
N SER B 539 -7.28 64.19 15.99
CA SER B 539 -5.86 64.46 16.14
C SER B 539 -5.04 63.19 16.40
N HIS B 540 -5.65 62.15 16.97
CA HIS B 540 -4.94 60.94 17.33
C HIS B 540 -5.30 59.75 16.44
N LEU B 541 -5.94 59.99 15.30
CA LEU B 541 -6.30 58.89 14.41
C LEU B 541 -5.05 58.34 13.75
N HIS B 542 -4.94 57.01 13.74
CA HIS B 542 -3.73 56.34 13.27
C HIS B 542 -3.96 55.49 12.03
N ILE B 543 -5.00 54.67 12.02
CA ILE B 543 -5.30 53.79 10.90
C ILE B 543 -6.68 54.13 10.36
N LEU B 544 -6.76 54.40 9.06
CA LEU B 544 -8.01 54.76 8.40
C LEU B 544 -8.19 53.89 7.17
N ASN B 545 -9.38 53.31 7.02
CA ASN B 545 -9.70 52.41 5.92
C ASN B 545 -10.95 52.92 5.21
N LEU B 546 -10.86 53.07 3.89
CA LEU B 546 -11.98 53.53 3.08
C LEU B 546 -12.07 52.71 1.79
N GLU B 547 -11.90 51.40 1.89
CA GLU B 547 -11.94 50.55 0.71
C GLU B 547 -13.36 50.39 0.18
N SER B 548 -13.48 50.29 -1.14
CA SER B 548 -14.73 49.94 -1.82
C SER B 548 -15.86 50.92 -1.48
N ASN B 549 -15.51 52.20 -1.33
CA ASN B 549 -16.51 53.23 -1.09
C ASN B 549 -17.00 53.89 -2.36
N GLY B 550 -16.41 53.58 -3.51
CA GLY B 550 -16.83 54.19 -4.76
C GLY B 550 -16.50 55.66 -4.87
N PHE B 551 -15.51 56.14 -4.11
CA PHE B 551 -15.17 57.57 -4.12
C PHE B 551 -14.70 58.00 -5.51
N ASP B 552 -15.25 59.12 -5.97
CA ASP B 552 -14.86 59.70 -7.25
C ASP B 552 -14.13 61.03 -7.12
N GLU B 553 -14.20 61.68 -5.96
CA GLU B 553 -13.53 62.95 -5.73
C GLU B 553 -13.26 63.08 -4.23
N ILE B 554 -12.11 63.64 -3.89
CA ILE B 554 -11.68 63.81 -2.51
C ILE B 554 -11.65 65.31 -2.21
N PRO B 555 -12.34 65.78 -1.17
CA PRO B 555 -12.26 67.20 -0.82
C PRO B 555 -10.86 67.59 -0.38
N VAL B 556 -10.52 68.85 -0.63
CA VAL B 556 -9.14 69.32 -0.42
C VAL B 556 -8.80 69.40 1.06
N GLU B 557 -9.79 69.69 1.91
CA GLU B 557 -9.50 69.89 3.33
C GLU B 557 -10.17 68.83 4.21
N VAL B 558 -10.14 67.57 3.78
CA VAL B 558 -10.70 66.49 4.58
C VAL B 558 -9.65 65.89 5.51
N PHE B 559 -8.39 65.81 5.07
CA PHE B 559 -7.28 65.30 5.87
C PHE B 559 -6.44 66.42 6.48
N LYS B 560 -7.04 67.56 6.79
CA LYS B 560 -6.30 68.72 7.25
C LYS B 560 -5.80 68.60 8.69
N ASP B 561 -6.42 67.76 9.51
CA ASP B 561 -6.11 67.71 10.93
C ASP B 561 -5.52 66.38 11.39
N LEU B 562 -5.35 65.40 10.51
CA LEU B 562 -4.80 64.10 10.89
C LEU B 562 -3.28 64.22 10.96
N PHE B 563 -2.80 64.71 12.09
CA PHE B 563 -1.36 64.93 12.28
C PHE B 563 -0.61 63.65 12.62
N GLU B 564 -1.32 62.60 13.03
CA GLU B 564 -0.67 61.36 13.44
C GLU B 564 -1.12 60.17 12.61
N LEU B 565 -1.66 60.41 11.42
CA LEU B 565 -2.06 59.33 10.53
C LEU B 565 -0.83 58.61 9.99
N LYS B 566 -0.85 57.28 10.08
CA LYS B 566 0.25 56.47 9.58
C LYS B 566 -0.17 55.44 8.54
N ILE B 567 -1.34 54.81 8.71
CA ILE B 567 -1.84 53.81 7.78
C ILE B 567 -3.12 54.32 7.17
N ILE B 568 -3.16 54.42 5.85
CA ILE B 568 -4.34 54.86 5.12
C ILE B 568 -4.62 53.85 4.01
N ASP B 569 -5.90 53.52 3.81
CA ASP B 569 -6.31 52.56 2.82
C ASP B 569 -7.43 53.16 1.98
N LEU B 570 -7.23 53.20 0.66
CA LEU B 570 -8.21 53.78 -0.26
C LEU B 570 -8.36 52.94 -1.51
N GLY B 571 -8.19 51.62 -1.40
CA GLY B 571 -8.26 50.75 -2.55
C GLY B 571 -9.69 50.47 -2.99
N LEU B 572 -9.79 49.88 -4.19
CA LEU B 572 -11.06 49.44 -4.78
C LEU B 572 -12.07 50.57 -4.90
N ASN B 573 -11.61 51.77 -5.20
CA ASN B 573 -12.46 52.93 -5.41
C ASN B 573 -12.39 53.39 -6.86
N ASN B 574 -13.11 54.46 -7.16
CA ASN B 574 -13.16 55.03 -8.50
C ASN B 574 -12.41 56.35 -8.59
N LEU B 575 -11.33 56.49 -7.81
CA LEU B 575 -10.55 57.72 -7.82
C LEU B 575 -9.84 57.88 -9.15
N ASN B 576 -9.95 59.07 -9.74
CA ASN B 576 -9.27 59.40 -10.98
C ASN B 576 -8.38 60.62 -10.87
N THR B 577 -8.83 61.66 -10.17
CA THR B 577 -8.05 62.88 -9.99
C THR B 577 -8.12 63.29 -8.53
N LEU B 578 -6.95 63.59 -7.96
CA LEU B 578 -6.86 64.01 -6.58
C LEU B 578 -6.45 65.48 -6.51
N PRO B 579 -6.99 66.24 -5.57
CA PRO B 579 -6.63 67.65 -5.46
C PRO B 579 -5.18 67.85 -5.06
N ALA B 580 -4.58 68.92 -5.57
CA ALA B 580 -3.20 69.23 -5.24
C ALA B 580 -3.09 69.72 -3.80
N SER B 581 -1.95 69.40 -3.17
CA SER B 581 -1.63 69.78 -1.79
C SER B 581 -2.73 69.33 -0.83
N VAL B 582 -2.96 68.02 -0.80
CA VAL B 582 -3.94 67.41 0.09
C VAL B 582 -3.28 66.65 1.22
N PHE B 583 -2.09 66.07 0.98
CA PHE B 583 -1.42 65.22 1.95
C PHE B 583 -0.31 65.94 2.70
N ASN B 584 -0.41 67.27 2.81
CA ASN B 584 0.64 68.04 3.47
C ASN B 584 0.74 67.69 4.95
N ASN B 585 -0.40 67.51 5.61
CA ASN B 585 -0.43 67.34 7.05
C ASN B 585 -0.02 65.94 7.52
N GLN B 586 0.01 64.96 6.62
CA GLN B 586 0.44 63.60 6.99
C GLN B 586 1.95 63.49 6.87
N VAL B 587 2.64 64.09 7.86
CA VAL B 587 4.09 64.01 7.92
C VAL B 587 4.59 62.69 8.48
N SER B 588 3.70 61.86 9.02
CA SER B 588 4.07 60.58 9.62
C SER B 588 3.35 59.41 8.97
N LEU B 589 3.07 59.51 7.66
CA LEU B 589 2.42 58.41 6.96
C LEU B 589 3.38 57.26 6.76
N LYS B 590 2.85 56.04 6.81
CA LYS B 590 3.67 54.83 6.62
C LYS B 590 3.26 54.02 5.40
N SER B 591 1.96 53.70 5.26
CA SER B 591 1.49 52.87 4.16
C SER B 591 0.37 53.57 3.42
N LEU B 592 0.46 53.61 2.10
CA LEU B 592 -0.57 54.17 1.23
C LEU B 592 -1.05 53.09 0.28
N ASN B 593 -2.35 52.80 0.31
CA ASN B 593 -2.94 51.72 -0.48
C ASN B 593 -3.96 52.31 -1.44
N LEU B 594 -3.69 52.22 -2.74
CA LEU B 594 -4.58 52.72 -3.77
C LEU B 594 -4.75 51.70 -4.89
N GLN B 595 -4.90 50.43 -4.53
CA GLN B 595 -5.04 49.38 -5.54
C GLN B 595 -6.43 49.43 -6.17
N LYS B 596 -6.49 48.97 -7.42
CA LYS B 596 -7.75 48.76 -8.14
C LYS B 596 -8.57 50.06 -8.23
N ASN B 597 -7.89 51.16 -8.54
CA ASN B 597 -8.52 52.44 -8.76
C ASN B 597 -8.40 52.84 -10.23
N LEU B 598 -8.87 54.04 -10.55
CA LEU B 598 -8.86 54.55 -11.91
C LEU B 598 -7.88 55.71 -12.08
N ILE B 599 -6.93 55.86 -11.16
CA ILE B 599 -5.95 56.96 -11.25
C ILE B 599 -5.05 56.72 -12.45
N THR B 600 -4.59 57.82 -13.06
CA THR B 600 -3.76 57.74 -14.25
C THR B 600 -2.45 58.52 -14.14
N SER B 601 -2.38 59.52 -13.27
CA SER B 601 -1.20 60.38 -13.16
C SER B 601 -0.76 60.48 -11.71
N VAL B 602 0.56 60.44 -11.50
CA VAL B 602 1.16 60.61 -10.18
C VAL B 602 2.13 61.78 -10.30
N GLU B 603 1.92 62.82 -9.50
CA GLU B 603 2.71 64.04 -9.58
C GLU B 603 3.03 64.57 -8.20
N LYS B 604 4.00 65.49 -8.15
CA LYS B 604 4.51 66.00 -6.88
C LYS B 604 3.48 66.83 -6.13
N LYS B 605 2.67 67.62 -6.85
CA LYS B 605 1.79 68.58 -6.20
C LYS B 605 0.71 67.91 -5.35
N VAL B 606 0.48 66.60 -5.53
CA VAL B 606 -0.47 65.86 -4.71
C VAL B 606 0.22 64.75 -3.92
N PHE B 607 1.19 64.07 -4.53
CA PHE B 607 1.80 62.89 -3.93
C PHE B 607 3.22 63.15 -3.44
N GLY B 608 3.67 64.40 -3.45
CA GLY B 608 4.98 64.75 -2.95
C GLY B 608 5.14 64.52 -1.46
N PRO B 609 4.35 65.25 -0.65
CA PRO B 609 4.40 65.02 0.80
C PRO B 609 3.99 63.61 1.20
N ALA B 610 3.16 62.94 0.40
CA ALA B 610 2.80 61.55 0.71
C ALA B 610 4.02 60.64 0.66
N PHE B 611 4.90 60.84 -0.31
CA PHE B 611 6.08 59.98 -0.49
C PHE B 611 7.31 60.50 0.24
N ARG B 612 7.14 61.21 1.36
CA ARG B 612 8.29 61.67 2.13
C ARG B 612 9.05 60.50 2.74
N ASN B 613 8.39 59.74 3.62
CA ASN B 613 9.03 58.62 4.30
C ASN B 613 7.95 57.57 4.58
N LEU B 614 7.85 56.59 3.68
CA LEU B 614 6.89 55.52 3.79
C LEU B 614 7.61 54.20 4.02
N THR B 615 6.81 53.15 4.27
CA THR B 615 7.33 51.79 4.39
C THR B 615 6.59 50.79 3.51
N GLU B 616 5.43 51.14 2.98
CA GLU B 616 4.66 50.24 2.12
C GLU B 616 3.94 51.07 1.07
N LEU B 617 3.57 50.42 -0.03
CA LEU B 617 2.83 51.08 -1.10
C LEU B 617 2.04 50.02 -1.86
N ASP B 618 0.76 50.29 -2.07
CA ASP B 618 -0.16 49.32 -2.65
C ASP B 618 -0.95 50.01 -3.77
N MET B 619 -0.44 49.94 -4.99
CA MET B 619 -1.01 50.59 -6.17
C MET B 619 -0.98 49.66 -7.37
N ARG B 620 -1.49 48.44 -7.19
CA ARG B 620 -1.30 47.39 -8.20
C ARG B 620 -2.10 47.68 -9.47
N PHE B 621 -3.42 47.68 -9.37
CA PHE B 621 -4.28 47.63 -10.56
C PHE B 621 -4.80 49.02 -10.91
N ASN B 622 -3.92 49.82 -11.53
CA ASN B 622 -4.29 51.14 -11.98
C ASN B 622 -3.86 51.34 -13.42
N PRO B 623 -4.67 51.99 -14.24
CA PRO B 623 -4.25 52.28 -15.62
C PRO B 623 -3.31 53.47 -15.69
N PHE B 624 -2.03 53.23 -15.40
CA PHE B 624 -1.05 54.32 -15.42
C PHE B 624 -0.82 54.82 -16.83
N ASP B 625 -0.53 56.12 -16.93
CA ASP B 625 -0.22 56.78 -18.20
C ASP B 625 1.27 57.06 -18.28
N CYS B 626 1.90 56.58 -19.35
CA CYS B 626 3.33 56.79 -19.57
C CYS B 626 3.53 58.09 -20.35
N THR B 627 3.72 59.17 -19.62
CA THR B 627 4.02 60.48 -20.18
C THR B 627 4.93 61.22 -19.22
N CYS B 628 5.87 62.00 -19.77
CA CYS B 628 6.80 62.75 -18.94
C CYS B 628 6.09 63.77 -18.06
N GLU B 629 4.88 64.19 -18.43
CA GLU B 629 4.12 65.12 -17.61
C GLU B 629 3.39 64.42 -16.47
N SER B 630 3.25 63.10 -16.52
CA SER B 630 2.38 62.39 -15.60
C SER B 630 3.04 61.24 -14.83
N ILE B 631 4.13 60.67 -15.32
CA ILE B 631 4.69 59.49 -14.68
C ILE B 631 6.19 59.63 -14.46
N ALA B 632 6.79 60.65 -15.07
CA ALA B 632 8.25 60.78 -15.04
C ALA B 632 8.77 60.93 -13.60
N TRP B 633 8.11 61.77 -12.81
CA TRP B 633 8.50 61.90 -11.41
C TRP B 633 8.21 60.61 -10.65
N PHE B 634 7.11 59.93 -10.98
CA PHE B 634 6.78 58.69 -10.29
C PHE B 634 7.83 57.61 -10.54
N VAL B 635 8.18 57.37 -11.81
CA VAL B 635 9.17 56.33 -12.11
C VAL B 635 10.54 56.75 -11.60
N ASN B 636 10.81 58.06 -11.53
CA ASN B 636 12.04 58.52 -10.92
C ASN B 636 12.08 58.14 -9.44
N TRP B 637 10.95 58.33 -8.74
CA TRP B 637 10.88 57.95 -7.33
C TRP B 637 10.93 56.44 -7.16
N ILE B 638 10.46 55.69 -8.16
CA ILE B 638 10.58 54.24 -8.13
C ILE B 638 12.04 53.83 -8.25
N ASN B 639 12.82 54.57 -9.06
CA ASN B 639 14.20 54.18 -9.32
C ASN B 639 15.03 54.20 -8.04
N GLU B 640 14.86 55.23 -7.20
CA GLU B 640 15.56 55.31 -5.92
C GLU B 640 14.51 55.49 -4.81
N THR B 641 14.44 54.51 -3.91
CA THR B 641 13.50 54.53 -2.80
C THR B 641 13.88 53.43 -1.83
N HIS B 642 13.33 53.50 -0.62
CA HIS B 642 13.49 52.45 0.38
C HIS B 642 12.15 51.84 0.80
N THR B 643 11.03 52.37 0.31
CA THR B 643 9.73 51.82 0.65
C THR B 643 9.55 50.45 0.00
N ASN B 644 8.83 49.57 0.70
CA ASN B 644 8.57 48.23 0.20
C ASN B 644 7.46 48.29 -0.84
N ILE B 645 7.80 47.99 -2.09
CA ILE B 645 6.81 47.96 -3.16
C ILE B 645 6.79 46.55 -3.74
N PRO B 646 5.94 45.67 -3.24
CA PRO B 646 5.90 44.30 -3.75
C PRO B 646 5.25 44.23 -5.13
N GLU B 647 5.61 43.18 -5.88
CA GLU B 647 5.24 42.99 -7.29
C GLU B 647 5.26 44.30 -8.08
N LEU B 648 6.40 44.99 -8.00
CA LEU B 648 6.56 46.26 -8.69
C LEU B 648 6.57 46.08 -10.21
N SER B 649 7.12 44.97 -10.68
CA SER B 649 7.24 44.70 -12.11
C SER B 649 6.19 43.71 -12.61
N SER B 650 5.21 43.35 -11.79
CA SER B 650 4.20 42.37 -12.17
C SER B 650 2.88 43.01 -12.59
N HIS B 651 2.32 43.90 -11.78
CA HIS B 651 1.02 44.48 -12.06
C HIS B 651 1.03 45.99 -12.23
N TYR B 652 2.15 46.66 -11.97
CA TYR B 652 2.29 48.09 -12.26
C TYR B 652 2.56 48.26 -13.75
N LEU B 653 1.53 47.96 -14.55
CA LEU B 653 1.65 47.89 -16.00
C LEU B 653 1.00 49.11 -16.62
N CYS B 654 1.66 49.69 -17.62
CA CYS B 654 1.16 50.87 -18.28
C CYS B 654 0.09 50.51 -19.30
N ASN B 655 -1.09 51.10 -19.13
CA ASN B 655 -2.25 50.80 -19.95
C ASN B 655 -2.41 51.74 -21.14
N THR B 656 -1.96 52.97 -21.01
CA THR B 656 -2.17 54.02 -21.99
C THR B 656 -0.95 54.92 -22.06
N PRO B 657 -0.45 55.26 -23.26
CA PRO B 657 -0.90 54.98 -24.64
C PRO B 657 -0.65 53.53 -25.07
N PRO B 658 -1.26 53.11 -26.19
CA PRO B 658 -0.99 51.75 -26.69
C PRO B 658 0.45 51.50 -27.08
N HIS B 659 1.24 52.56 -27.30
CA HIS B 659 2.67 52.37 -27.53
C HIS B 659 3.34 51.75 -26.31
N TYR B 660 2.97 52.20 -25.11
CA TYR B 660 3.48 51.66 -23.86
C TYR B 660 2.50 50.70 -23.20
N HIS B 661 1.65 50.05 -23.99
CA HIS B 661 0.61 49.18 -23.45
C HIS B 661 1.25 47.94 -22.83
N GLY B 662 1.14 47.81 -21.50
CA GLY B 662 1.69 46.68 -20.80
C GLY B 662 3.15 46.83 -20.39
N PHE B 663 3.81 47.92 -20.75
CA PHE B 663 5.21 48.11 -20.41
C PHE B 663 5.34 48.55 -18.96
N PRO B 664 6.11 47.83 -18.13
CA PRO B 664 6.33 48.19 -16.73
C PRO B 664 7.03 49.54 -16.57
N THR C 6 19.38 6.34 -23.24
CA THR C 6 18.34 5.99 -24.20
C THR C 6 18.94 5.31 -25.42
N VAL C 7 19.31 4.04 -25.29
CA VAL C 7 19.88 3.29 -26.40
C VAL C 7 18.78 2.97 -27.40
N SER C 8 19.10 3.08 -28.69
CA SER C 8 18.11 2.84 -29.74
C SER C 8 18.83 2.64 -31.07
N HIS C 9 18.49 1.54 -31.75
CA HIS C 9 18.88 1.32 -33.14
C HIS C 9 17.69 1.26 -34.07
N GLU C 10 16.66 0.50 -33.72
CA GLU C 10 15.33 0.51 -34.31
C GLU C 10 14.25 0.58 -33.24
N VAL C 11 14.52 0.04 -32.05
CA VAL C 11 13.61 0.11 -30.92
C VAL C 11 14.13 1.15 -29.94
N ALA C 12 13.28 2.11 -29.61
CA ALA C 12 13.62 3.18 -28.67
C ALA C 12 13.17 2.78 -27.28
N ASP C 13 14.12 2.72 -26.35
CA ASP C 13 13.87 2.26 -24.99
C ASP C 13 14.29 3.34 -24.00
N CYS C 14 13.38 3.72 -23.11
CA CYS C 14 13.66 4.64 -22.03
C CYS C 14 13.08 4.12 -20.72
N SER C 15 13.32 2.85 -20.43
CA SER C 15 12.74 2.20 -19.27
C SER C 15 13.60 2.42 -18.04
N HIS C 16 12.96 2.83 -16.94
CA HIS C 16 13.62 3.02 -15.64
C HIS C 16 14.77 4.03 -15.72
N LEU C 17 14.59 5.06 -16.53
CA LEU C 17 15.60 6.10 -16.67
C LEU C 17 15.19 7.43 -16.05
N LYS C 18 14.07 7.46 -15.33
CA LYS C 18 13.64 8.63 -14.54
C LYS C 18 13.49 9.88 -15.40
N LEU C 19 12.87 9.73 -16.57
CA LEU C 19 12.68 10.85 -17.47
C LEU C 19 11.52 11.73 -17.01
N THR C 20 11.70 13.04 -17.11
CA THR C 20 10.67 14.02 -16.82
C THR C 20 10.04 14.60 -18.07
N GLN C 21 10.84 14.80 -19.13
CA GLN C 21 10.35 15.24 -20.42
C GLN C 21 10.89 14.31 -21.50
N VAL C 22 10.15 14.20 -22.59
CA VAL C 22 10.56 13.30 -23.68
C VAL C 22 11.82 13.84 -24.34
N PRO C 23 12.73 12.98 -24.78
CA PRO C 23 13.93 13.47 -25.47
C PRO C 23 13.60 14.01 -26.86
N ASP C 24 14.45 14.91 -27.34
CA ASP C 24 14.27 15.53 -28.64
C ASP C 24 15.39 15.20 -29.62
N ASP C 25 16.22 14.19 -29.32
CA ASP C 25 17.31 13.77 -30.20
C ASP C 25 17.19 12.27 -30.45
N LEU C 26 16.34 11.89 -31.39
CA LEU C 26 16.14 10.52 -31.82
C LEU C 26 15.94 10.53 -33.33
N PRO C 27 16.22 9.41 -34.01
CA PRO C 27 15.93 9.34 -35.45
C PRO C 27 14.45 9.51 -35.73
N THR C 28 14.17 10.14 -36.88
CA THR C 28 12.78 10.44 -37.25
C THR C 28 12.01 9.17 -37.60
N ASN C 29 12.68 8.18 -38.20
CA ASN C 29 12.01 6.99 -38.71
C ASN C 29 11.86 5.88 -37.68
N ILE C 30 11.86 6.22 -36.38
CA ILE C 30 11.62 5.21 -35.35
C ILE C 30 10.15 4.81 -35.36
N THR C 31 9.89 3.52 -35.13
CA THR C 31 8.54 2.99 -35.15
C THR C 31 7.93 2.80 -33.77
N VAL C 32 8.72 2.34 -32.80
CA VAL C 32 8.26 2.10 -31.44
C VAL C 32 9.14 2.92 -30.49
N LEU C 33 8.51 3.62 -29.55
CA LEU C 33 9.20 4.50 -28.62
C LEU C 33 8.63 4.22 -27.24
N ASN C 34 9.47 3.77 -26.32
CA ASN C 34 9.04 3.29 -25.01
C ASN C 34 9.59 4.20 -23.90
N LEU C 35 8.70 4.71 -23.06
CA LEU C 35 9.06 5.45 -21.85
C LEU C 35 8.31 4.90 -20.63
N THR C 36 8.34 3.59 -20.45
CA THR C 36 7.69 3.01 -19.28
C THR C 36 8.50 3.30 -18.02
N HIS C 37 7.79 3.32 -16.88
CA HIS C 37 8.36 3.58 -15.55
C HIS C 37 9.03 4.95 -15.49
N ASN C 38 8.22 5.99 -15.70
CA ASN C 38 8.69 7.38 -15.64
C ASN C 38 7.68 8.28 -14.92
N GLN C 39 7.94 9.59 -14.93
CA GLN C 39 7.05 10.62 -14.40
C GLN C 39 6.87 11.76 -15.39
N LEU C 40 6.49 11.42 -16.62
CA LEU C 40 6.04 12.44 -17.57
C LEU C 40 4.73 12.99 -16.99
N ARG C 41 4.82 14.07 -16.23
CA ARG C 41 3.63 14.67 -15.64
C ARG C 41 2.69 15.16 -16.72
N ARG C 42 3.25 15.77 -17.76
CA ARG C 42 2.49 16.24 -18.91
C ARG C 42 3.19 15.75 -20.17
N LEU C 43 2.39 15.41 -21.18
CA LEU C 43 2.89 14.94 -22.47
C LEU C 43 2.47 15.95 -23.53
N PRO C 44 3.21 17.04 -23.68
CA PRO C 44 2.85 18.03 -24.70
C PRO C 44 2.98 17.48 -26.11
N ALA C 45 2.05 17.88 -26.97
CA ALA C 45 2.10 17.48 -28.36
C ALA C 45 3.12 18.27 -29.17
N ALA C 46 3.56 19.43 -28.66
CA ALA C 46 4.51 20.26 -29.39
C ALA C 46 5.89 19.62 -29.47
N ASN C 47 6.22 18.69 -28.58
CA ASN C 47 7.51 18.03 -28.61
C ASN C 47 7.57 16.87 -29.59
N PHE C 48 6.45 16.52 -30.23
CA PHE C 48 6.40 15.40 -31.16
C PHE C 48 6.32 15.85 -32.62
N THR C 49 6.76 17.07 -32.93
CA THR C 49 6.87 17.47 -34.33
C THR C 49 7.88 16.61 -35.07
N ARG C 50 9.01 16.32 -34.43
CA ARG C 50 10.03 15.49 -35.05
C ARG C 50 9.57 14.04 -35.14
N TYR C 51 8.78 13.58 -34.17
CA TYR C 51 8.35 12.19 -34.11
C TYR C 51 7.01 12.06 -34.83
N SER C 52 7.08 11.61 -36.09
CA SER C 52 5.88 11.47 -36.92
C SER C 52 5.87 10.15 -37.69
N GLN C 53 6.75 9.21 -37.34
CA GLN C 53 6.80 7.91 -38.02
C GLN C 53 6.61 6.75 -37.04
N LEU C 54 6.00 7.01 -35.90
CA LEU C 54 5.86 5.99 -34.87
C LEU C 54 4.63 5.13 -35.11
N THR C 55 4.72 3.86 -34.70
CA THR C 55 3.61 2.92 -34.75
C THR C 55 3.11 2.50 -33.38
N SER C 56 4.02 2.31 -32.42
CA SER C 56 3.68 1.93 -31.06
C SER C 56 4.26 2.95 -30.10
N LEU C 57 3.49 3.29 -29.06
CA LEU C 57 3.88 4.28 -28.06
C LEU C 57 3.56 3.72 -26.68
N ASP C 58 4.58 3.17 -26.02
CA ASP C 58 4.43 2.64 -24.66
C ASP C 58 4.87 3.72 -23.68
N VAL C 59 3.88 4.37 -23.06
CA VAL C 59 4.15 5.47 -22.15
C VAL C 59 3.53 5.12 -20.80
N GLY C 60 3.38 3.82 -20.54
CA GLY C 60 2.74 3.36 -19.33
C GLY C 60 3.61 3.51 -18.09
N PHE C 61 2.99 3.22 -16.95
CA PHE C 61 3.65 3.30 -15.63
C PHE C 61 4.21 4.69 -15.37
N ASN C 62 3.45 5.72 -15.75
CA ASN C 62 3.91 7.10 -15.60
C ASN C 62 2.87 7.93 -14.83
N THR C 63 3.03 9.26 -14.86
CA THR C 63 2.14 10.13 -14.10
C THR C 63 1.48 11.18 -14.99
N ILE C 64 0.95 10.76 -16.13
CA ILE C 64 0.19 11.68 -16.98
C ILE C 64 -1.21 11.87 -16.38
N SER C 65 -1.62 13.13 -16.20
CA SER C 65 -2.93 13.41 -15.66
C SER C 65 -4.02 13.29 -16.73
N LYS C 66 -3.92 14.11 -17.77
CA LYS C 66 -4.90 14.09 -18.85
C LYS C 66 -4.17 14.22 -20.18
N LEU C 67 -4.90 13.95 -21.26
CA LEU C 67 -4.35 13.92 -22.61
C LEU C 67 -5.03 14.99 -23.45
N GLU C 68 -4.44 15.28 -24.61
CA GLU C 68 -4.93 16.29 -25.52
C GLU C 68 -5.16 15.69 -26.91
N PRO C 69 -6.15 16.20 -27.65
CA PRO C 69 -6.40 15.67 -28.99
C PRO C 69 -5.25 15.84 -29.95
N GLU C 70 -4.40 16.85 -29.76
CA GLU C 70 -3.33 17.14 -30.72
C GLU C 70 -2.17 16.17 -30.62
N LEU C 71 -2.18 15.26 -29.64
CA LEU C 71 -1.09 14.30 -29.50
C LEU C 71 -1.01 13.37 -30.71
N CYS C 72 -2.12 12.75 -31.08
CA CYS C 72 -2.09 11.78 -32.17
C CYS C 72 -2.48 12.40 -33.51
N GLN C 73 -2.67 13.72 -33.57
CA GLN C 73 -2.76 14.40 -34.86
C GLN C 73 -1.45 14.23 -35.64
N LYS C 74 -0.32 14.36 -34.95
CA LYS C 74 0.99 14.26 -35.58
C LYS C 74 1.36 12.83 -35.94
N LEU C 75 0.60 11.84 -35.48
CA LEU C 75 0.93 10.43 -35.70
C LEU C 75 -0.13 9.80 -36.58
N PRO C 76 0.11 9.68 -37.89
CA PRO C 76 -0.91 9.08 -38.77
C PRO C 76 -0.80 7.57 -38.86
N MET C 77 0.28 6.99 -38.32
CA MET C 77 0.57 5.57 -38.47
C MET C 77 0.61 4.88 -37.10
N LEU C 78 0.37 5.63 -36.02
CA LEU C 78 0.38 5.06 -34.68
C LEU C 78 -0.71 3.98 -34.57
N LYS C 79 -0.33 2.84 -34.00
CA LYS C 79 -1.20 1.67 -34.01
C LYS C 79 -1.37 1.09 -32.61
N VAL C 80 -0.38 1.28 -31.75
CA VAL C 80 -0.41 0.78 -30.38
C VAL C 80 -0.23 1.97 -29.44
N LEU C 81 -1.14 2.08 -28.47
CA LEU C 81 -1.16 3.20 -27.53
C LEU C 81 -1.33 2.64 -26.12
N ASN C 82 -0.27 2.66 -25.33
CA ASN C 82 -0.24 2.03 -24.01
C ASN C 82 -0.23 3.11 -22.93
N LEU C 83 -1.24 3.10 -22.06
CA LEU C 83 -1.38 4.07 -20.97
C LEU C 83 -1.61 3.34 -19.65
N GLN C 84 -0.81 2.32 -19.38
CA GLN C 84 -0.95 1.57 -18.13
C GLN C 84 -0.45 2.38 -16.94
N HIS C 85 -1.20 2.31 -15.84
CA HIS C 85 -0.80 2.88 -14.54
C HIS C 85 -0.54 4.38 -14.65
N ASN C 86 -1.58 5.12 -15.00
CA ASN C 86 -1.55 6.57 -15.08
C ASN C 86 -2.76 7.14 -14.34
N GLU C 87 -2.98 8.45 -14.48
CA GLU C 87 -4.09 9.12 -13.84
C GLU C 87 -5.10 9.66 -14.84
N LEU C 88 -5.26 8.98 -15.98
CA LEU C 88 -6.20 9.41 -17.02
C LEU C 88 -7.61 9.04 -16.59
N SER C 89 -8.14 9.82 -15.66
CA SER C 89 -9.47 9.58 -15.11
C SER C 89 -10.57 10.29 -15.89
N GLN C 90 -10.23 11.09 -16.90
CA GLN C 90 -11.20 11.83 -17.70
C GLN C 90 -11.06 11.44 -19.15
N LEU C 91 -12.18 11.21 -19.81
CA LEU C 91 -12.22 10.88 -21.23
C LEU C 91 -13.24 11.76 -21.93
N SER C 92 -12.96 12.09 -23.19
CA SER C 92 -13.81 12.95 -23.99
C SER C 92 -13.98 12.37 -25.39
N ASP C 93 -14.92 12.93 -26.14
CA ASP C 93 -15.15 12.48 -27.51
C ASP C 93 -13.95 12.75 -28.40
N LYS C 94 -13.24 13.84 -28.13
CA LYS C 94 -12.11 14.27 -28.94
C LYS C 94 -10.77 13.73 -28.46
N THR C 95 -10.76 12.90 -27.40
CA THR C 95 -9.51 12.36 -26.89
C THR C 95 -8.85 11.43 -27.91
N PHE C 96 -9.64 10.61 -28.58
CA PHE C 96 -9.14 9.68 -29.59
C PHE C 96 -9.85 9.90 -30.93
N ALA C 97 -10.02 11.17 -31.32
CA ALA C 97 -10.80 11.48 -32.52
C ALA C 97 -9.97 11.36 -33.79
N PHE C 98 -8.90 12.15 -33.88
CA PHE C 98 -8.12 12.21 -35.12
C PHE C 98 -7.42 10.89 -35.43
N CYS C 99 -6.85 10.25 -34.41
CA CYS C 99 -6.17 8.98 -34.60
C CYS C 99 -7.18 7.84 -34.60
N THR C 100 -7.27 7.12 -35.72
CA THR C 100 -8.19 6.00 -35.86
C THR C 100 -7.52 4.74 -36.38
N ASN C 101 -6.20 4.76 -36.59
CA ASN C 101 -5.47 3.59 -37.07
C ASN C 101 -4.99 2.69 -35.93
N LEU C 102 -5.33 3.02 -34.69
CA LEU C 102 -4.91 2.22 -33.55
C LEU C 102 -5.58 0.86 -33.59
N THR C 103 -4.81 -0.19 -33.33
CA THR C 103 -5.33 -1.54 -33.13
C THR C 103 -5.09 -2.05 -31.72
N GLU C 104 -4.43 -1.26 -30.88
CA GLU C 104 -4.13 -1.65 -29.51
C GLU C 104 -4.24 -0.42 -28.64
N LEU C 105 -4.94 -0.56 -27.51
CA LEU C 105 -5.17 0.58 -26.62
C LEU C 105 -5.34 0.03 -25.21
N HIS C 106 -4.33 0.21 -24.37
CA HIS C 106 -4.33 -0.28 -23.00
C HIS C 106 -4.64 0.87 -22.05
N LEU C 107 -5.65 0.67 -21.20
CA LEU C 107 -5.98 1.63 -20.16
C LEU C 107 -6.06 0.95 -18.79
N MET C 108 -5.06 0.15 -18.45
CA MET C 108 -5.07 -0.57 -17.18
C MET C 108 -4.65 0.36 -16.05
N SER C 109 -5.45 0.36 -14.98
CA SER C 109 -5.13 1.06 -13.72
C SER C 109 -4.98 2.56 -13.94
N ASN C 110 -5.97 3.19 -14.56
CA ASN C 110 -6.01 4.64 -14.70
C ASN C 110 -6.99 5.30 -13.73
N SER C 111 -7.62 4.53 -12.84
CA SER C 111 -8.62 5.04 -11.90
C SER C 111 -9.75 5.76 -12.63
N ILE C 112 -10.15 5.21 -13.78
CA ILE C 112 -11.26 5.78 -14.52
C ILE C 112 -12.55 5.50 -13.77
N GLN C 113 -13.34 6.55 -13.52
CA GLN C 113 -14.55 6.41 -12.73
C GLN C 113 -15.76 6.05 -13.59
N LYS C 114 -16.09 6.92 -14.55
CA LYS C 114 -17.26 6.71 -15.39
C LYS C 114 -16.94 7.12 -16.82
N ILE C 115 -17.55 6.40 -17.76
CA ILE C 115 -17.55 6.81 -19.17
C ILE C 115 -18.74 7.72 -19.38
N LYS C 116 -18.48 8.96 -19.81
CA LYS C 116 -19.52 9.97 -19.77
C LYS C 116 -20.46 9.83 -20.96
N ASN C 117 -19.98 10.11 -22.18
CA ASN C 117 -20.83 10.04 -23.36
C ASN C 117 -20.30 9.09 -24.44
N ASN C 118 -19.10 9.34 -24.99
CA ASN C 118 -18.69 8.68 -26.23
C ASN C 118 -17.20 8.80 -26.51
N PRO C 119 -16.36 7.97 -25.90
CA PRO C 119 -14.91 8.06 -26.17
C PRO C 119 -14.43 7.27 -27.39
N PHE C 120 -15.18 6.31 -27.93
CA PHE C 120 -14.58 5.32 -28.82
C PHE C 120 -15.30 5.13 -30.16
N VAL C 121 -16.17 6.06 -30.57
CA VAL C 121 -16.76 5.93 -31.91
C VAL C 121 -15.73 6.27 -32.99
N LYS C 122 -14.94 7.32 -32.78
CA LYS C 122 -14.09 7.86 -33.84
C LYS C 122 -12.96 6.93 -34.27
N GLN C 123 -12.87 5.72 -33.74
CA GLN C 123 -11.97 4.70 -34.26
C GLN C 123 -12.78 3.46 -34.60
N LYS C 124 -12.42 2.82 -35.73
CA LYS C 124 -13.11 1.61 -36.16
C LYS C 124 -12.17 0.43 -36.35
N ASN C 125 -10.86 0.64 -36.40
CA ASN C 125 -9.90 -0.42 -36.62
C ASN C 125 -9.30 -0.96 -35.33
N LEU C 126 -9.82 -0.55 -34.18
CA LEU C 126 -9.30 -1.03 -32.91
C LEU C 126 -9.60 -2.51 -32.73
N ILE C 127 -8.61 -3.24 -32.22
CA ILE C 127 -8.71 -4.69 -32.03
C ILE C 127 -8.79 -5.04 -30.55
N THR C 128 -7.86 -4.55 -29.74
CA THR C 128 -7.78 -4.89 -28.34
C THR C 128 -8.00 -3.65 -27.50
N LEU C 129 -8.95 -3.72 -26.58
CA LEU C 129 -9.24 -2.63 -25.64
C LEU C 129 -9.09 -3.16 -24.23
N ASP C 130 -8.32 -2.45 -23.40
CA ASP C 130 -8.06 -2.86 -22.04
C ASP C 130 -8.57 -1.78 -21.09
N LEU C 131 -9.34 -2.20 -20.08
CA LEU C 131 -9.85 -1.29 -19.06
C LEU C 131 -9.71 -1.91 -17.67
N SER C 132 -8.64 -2.65 -17.43
CA SER C 132 -8.49 -3.38 -16.18
C SER C 132 -8.13 -2.43 -15.03
N HIS C 133 -8.46 -2.87 -13.82
CA HIS C 133 -8.13 -2.16 -12.58
C HIS C 133 -8.66 -0.74 -12.58
N ASN C 134 -9.92 -0.59 -13.00
CA ASN C 134 -10.58 0.71 -13.08
C ASN C 134 -11.75 0.75 -12.11
N GLY C 135 -12.32 1.95 -11.96
CA GLY C 135 -13.43 2.15 -11.05
C GLY C 135 -14.79 2.09 -11.72
N LEU C 136 -14.84 1.51 -12.91
CA LEU C 136 -16.10 1.41 -13.63
C LEU C 136 -17.07 0.49 -12.92
N SER C 137 -18.35 0.89 -12.89
CA SER C 137 -19.41 0.07 -12.32
C SER C 137 -20.38 -0.45 -13.37
N SER C 138 -20.36 0.09 -14.58
CA SER C 138 -21.21 -0.37 -15.67
C SER C 138 -20.38 -0.57 -16.92
N THR C 139 -20.82 -1.48 -17.77
CA THR C 139 -20.13 -1.79 -19.02
C THR C 139 -20.54 -0.89 -20.16
N LYS C 140 -21.11 0.27 -19.88
CA LYS C 140 -21.53 1.21 -20.91
C LYS C 140 -20.33 2.05 -21.36
N LEU C 141 -19.97 1.92 -22.64
CA LEU C 141 -18.85 2.67 -23.21
C LEU C 141 -19.30 3.62 -24.33
N GLY C 142 -20.59 3.84 -24.46
CA GLY C 142 -21.10 4.74 -25.48
C GLY C 142 -22.60 4.67 -25.57
N THR C 143 -23.14 5.46 -26.49
CA THR C 143 -24.58 5.52 -26.72
C THR C 143 -24.99 4.69 -27.94
N GLN C 144 -24.38 4.96 -29.09
CA GLN C 144 -24.69 4.23 -30.31
C GLN C 144 -23.81 2.99 -30.41
N VAL C 145 -23.81 2.35 -31.58
CA VAL C 145 -23.07 1.12 -31.81
C VAL C 145 -21.75 1.48 -32.49
N GLN C 146 -20.66 0.90 -31.99
CA GLN C 146 -19.34 1.14 -32.55
C GLN C 146 -18.45 -0.06 -32.23
N LEU C 147 -17.15 0.09 -32.51
CA LEU C 147 -16.14 -0.97 -32.32
C LEU C 147 -16.51 -2.22 -33.11
N GLU C 148 -16.68 -2.03 -34.42
CA GLU C 148 -17.06 -3.14 -35.29
C GLU C 148 -15.94 -4.19 -35.37
N ASN C 149 -14.69 -3.73 -35.47
CA ASN C 149 -13.55 -4.62 -35.61
C ASN C 149 -12.95 -5.04 -34.27
N LEU C 150 -13.57 -4.62 -33.15
CA LEU C 150 -13.05 -5.00 -31.84
C LEU C 150 -13.14 -6.50 -31.64
N GLN C 151 -12.09 -7.08 -31.05
CA GLN C 151 -12.03 -8.50 -30.77
C GLN C 151 -11.67 -8.81 -29.32
N GLU C 152 -10.92 -7.94 -28.67
CA GLU C 152 -10.39 -8.20 -27.33
C GLU C 152 -10.84 -7.10 -26.39
N LEU C 153 -11.55 -7.48 -25.33
CA LEU C 153 -12.04 -6.52 -24.34
C LEU C 153 -11.73 -7.03 -22.94
N LEU C 154 -11.09 -6.18 -22.14
CA LEU C 154 -10.70 -6.52 -20.77
C LEU C 154 -11.28 -5.49 -19.81
N LEU C 155 -12.06 -5.97 -18.83
CA LEU C 155 -12.65 -5.12 -17.80
C LEU C 155 -12.43 -5.69 -16.41
N SER C 156 -11.29 -6.35 -16.18
CA SER C 156 -11.05 -7.03 -14.92
C SER C 156 -10.76 -6.03 -13.80
N ASN C 157 -10.98 -6.49 -12.57
CA ASN C 157 -10.69 -5.72 -11.36
C ASN C 157 -11.43 -4.39 -11.34
N ASN C 158 -12.67 -4.39 -11.80
CA ASN C 158 -13.52 -3.22 -11.75
C ASN C 158 -14.50 -3.34 -10.59
N LYS C 159 -15.43 -2.39 -10.50
CA LYS C 159 -16.43 -2.36 -9.45
C LYS C 159 -17.83 -2.54 -10.06
N ILE C 160 -17.95 -3.49 -10.98
CA ILE C 160 -19.21 -3.76 -11.66
C ILE C 160 -19.98 -4.80 -10.88
N GLN C 161 -21.22 -4.48 -10.51
CA GLN C 161 -22.06 -5.37 -9.73
C GLN C 161 -23.24 -5.93 -10.53
N ALA C 162 -23.52 -5.38 -11.71
CA ALA C 162 -24.63 -5.85 -12.52
C ALA C 162 -24.23 -5.81 -13.98
N LEU C 163 -24.70 -6.79 -14.74
CA LEU C 163 -24.43 -6.92 -16.17
C LEU C 163 -25.76 -6.84 -16.89
N LYS C 164 -26.19 -5.62 -17.22
CA LYS C 164 -27.50 -5.40 -17.80
C LYS C 164 -27.47 -5.56 -19.31
N SER C 165 -28.64 -5.86 -19.89
CA SER C 165 -28.73 -6.09 -21.32
C SER C 165 -28.54 -4.79 -22.09
N GLU C 166 -29.06 -3.68 -21.58
CA GLU C 166 -28.97 -2.41 -22.31
C GLU C 166 -27.54 -1.88 -22.30
N GLU C 167 -26.71 -2.34 -21.36
CA GLU C 167 -25.34 -1.86 -21.28
C GLU C 167 -24.45 -2.42 -22.37
N LEU C 168 -24.90 -3.47 -23.08
CA LEU C 168 -24.09 -4.09 -24.12
C LEU C 168 -24.78 -4.06 -25.48
N ASP C 169 -25.71 -3.11 -25.69
CA ASP C 169 -26.34 -2.96 -26.99
C ASP C 169 -25.39 -2.41 -28.05
N ILE C 170 -24.22 -1.90 -27.63
CA ILE C 170 -23.22 -1.39 -28.57
C ILE C 170 -22.63 -2.49 -29.45
N PHE C 171 -22.49 -3.70 -28.92
CA PHE C 171 -21.76 -4.77 -29.58
C PHE C 171 -22.68 -5.66 -30.40
N ALA C 172 -23.74 -5.08 -30.97
CA ALA C 172 -24.67 -5.84 -31.79
C ALA C 172 -24.06 -6.32 -33.09
N ASN C 173 -22.97 -5.70 -33.54
CA ASN C 173 -22.29 -6.07 -34.77
C ASN C 173 -20.79 -6.16 -34.55
N SER C 174 -20.37 -6.79 -33.45
CA SER C 174 -18.96 -6.95 -33.12
C SER C 174 -18.69 -8.41 -32.79
N SER C 175 -17.55 -8.91 -33.26
CA SER C 175 -17.12 -10.28 -33.00
C SER C 175 -16.11 -10.24 -31.86
N LEU C 176 -16.54 -10.66 -30.67
CA LEU C 176 -15.74 -10.56 -29.46
C LEU C 176 -15.25 -11.96 -29.07
N LYS C 177 -13.93 -12.12 -28.95
CA LYS C 177 -13.34 -13.40 -28.58
C LYS C 177 -13.00 -13.50 -27.10
N LYS C 178 -13.07 -12.41 -26.35
CA LYS C 178 -12.67 -12.42 -24.95
C LYS C 178 -13.40 -11.32 -24.21
N LEU C 179 -14.16 -11.69 -23.18
CA LEU C 179 -14.82 -10.74 -22.27
C LEU C 179 -14.21 -10.97 -20.89
N GLU C 180 -13.16 -10.24 -20.59
CA GLU C 180 -12.48 -10.39 -19.30
C GLU C 180 -13.18 -9.54 -18.26
N LEU C 181 -13.97 -10.19 -17.40
CA LEU C 181 -14.70 -9.52 -16.33
C LEU C 181 -14.29 -10.07 -14.97
N SER C 182 -13.00 -10.34 -14.79
CA SER C 182 -12.51 -10.97 -13.58
C SER C 182 -12.50 -9.99 -12.41
N SER C 183 -12.57 -10.55 -11.20
CA SER C 183 -12.45 -9.82 -9.94
C SER C 183 -13.50 -8.73 -9.77
N ASN C 184 -14.65 -8.87 -10.43
CA ASN C 184 -15.76 -7.94 -10.30
C ASN C 184 -16.94 -8.67 -9.67
N GLN C 185 -17.57 -8.04 -8.68
CA GLN C 185 -18.60 -8.70 -7.88
C GLN C 185 -19.97 -8.53 -8.54
N ILE C 186 -20.13 -9.17 -9.69
CA ILE C 186 -21.42 -9.19 -10.38
C ILE C 186 -22.33 -10.20 -9.70
N LYS C 187 -23.54 -9.75 -9.32
CA LYS C 187 -24.49 -10.62 -8.65
C LYS C 187 -25.85 -10.68 -9.33
N GLU C 188 -26.01 -10.03 -10.48
CA GLU C 188 -27.29 -10.04 -11.18
C GLU C 188 -27.05 -10.14 -12.67
N PHE C 189 -27.81 -11.01 -13.34
CA PHE C 189 -27.73 -11.21 -14.77
C PHE C 189 -29.06 -10.86 -15.42
N SER C 190 -29.01 -10.03 -16.47
CA SER C 190 -30.23 -9.64 -17.16
C SER C 190 -30.46 -10.53 -18.37
N PRO C 191 -31.72 -10.86 -18.68
CA PRO C 191 -32.00 -11.64 -19.89
C PRO C 191 -31.59 -10.89 -21.14
N GLY C 192 -31.03 -11.61 -22.10
CA GLY C 192 -30.58 -11.01 -23.34
C GLY C 192 -29.32 -10.18 -23.23
N CYS C 193 -28.61 -10.25 -22.11
CA CYS C 193 -27.39 -9.47 -21.95
C CYS C 193 -26.32 -9.90 -22.94
N PHE C 194 -26.16 -11.20 -23.13
CA PHE C 194 -25.18 -11.73 -24.08
C PHE C 194 -25.75 -11.92 -25.47
N HIS C 195 -27.07 -12.02 -25.61
CA HIS C 195 -27.67 -12.08 -26.94
C HIS C 195 -27.55 -10.75 -27.66
N ALA C 196 -27.38 -9.66 -26.92
CA ALA C 196 -27.15 -8.36 -27.54
C ALA C 196 -25.78 -8.31 -28.22
N ILE C 197 -24.82 -9.07 -27.71
CA ILE C 197 -23.49 -9.13 -28.33
C ILE C 197 -23.60 -9.83 -29.68
N GLY C 198 -22.93 -9.28 -30.68
CA GLY C 198 -22.95 -9.83 -32.03
C GLY C 198 -22.42 -11.25 -32.10
N ARG C 199 -21.12 -11.42 -31.84
CA ARG C 199 -20.50 -12.74 -31.86
C ARG C 199 -19.63 -12.87 -30.60
N LEU C 200 -20.14 -13.59 -29.61
CA LEU C 200 -19.42 -13.88 -28.38
C LEU C 200 -18.73 -15.23 -28.51
N PHE C 201 -17.41 -15.24 -28.34
CA PHE C 201 -16.65 -16.47 -28.44
C PHE C 201 -16.04 -16.91 -27.12
N GLY C 202 -15.70 -15.99 -26.23
CA GLY C 202 -15.09 -16.37 -24.97
C GLY C 202 -15.48 -15.49 -23.81
N LEU C 203 -15.79 -16.11 -22.67
CA LEU C 203 -16.13 -15.41 -21.44
C LEU C 203 -15.18 -15.82 -20.34
N PHE C 204 -14.64 -14.84 -19.61
CA PHE C 204 -13.67 -15.06 -18.55
C PHE C 204 -14.16 -14.40 -17.29
N LEU C 205 -14.52 -15.20 -16.29
CA LEU C 205 -15.06 -14.70 -15.04
C LEU C 205 -14.28 -15.23 -13.85
N ASN C 206 -12.95 -15.17 -13.95
CA ASN C 206 -12.10 -15.68 -12.87
C ASN C 206 -12.23 -14.81 -11.63
N ASN C 207 -12.12 -15.45 -10.46
CA ASN C 207 -12.16 -14.79 -9.15
C ASN C 207 -13.45 -14.01 -8.93
N VAL C 208 -14.56 -14.45 -9.53
CA VAL C 208 -15.83 -13.77 -9.41
C VAL C 208 -16.80 -14.69 -8.67
N GLN C 209 -17.33 -14.21 -7.54
CA GLN C 209 -18.17 -15.03 -6.69
C GLN C 209 -19.59 -15.18 -7.23
N LEU C 210 -19.86 -16.30 -7.92
CA LEU C 210 -21.22 -16.59 -8.38
C LEU C 210 -21.96 -17.51 -7.41
N GLY C 211 -21.43 -18.70 -7.17
CA GLY C 211 -22.15 -19.73 -6.48
C GLY C 211 -22.82 -20.66 -7.47
N PRO C 212 -23.36 -21.78 -6.99
CA PRO C 212 -23.99 -22.75 -7.91
C PRO C 212 -25.23 -22.20 -8.60
N SER C 213 -26.10 -21.52 -7.85
CA SER C 213 -27.34 -20.99 -8.44
C SER C 213 -27.05 -19.93 -9.49
N LEU C 214 -26.14 -19.00 -9.19
CA LEU C 214 -25.81 -17.97 -10.16
C LEU C 214 -25.08 -18.56 -11.36
N THR C 215 -24.32 -19.63 -11.17
CA THR C 215 -23.72 -20.33 -12.31
C THR C 215 -24.79 -20.94 -13.20
N GLU C 216 -25.84 -21.50 -12.60
CA GLU C 216 -26.94 -22.05 -13.39
C GLU C 216 -27.65 -20.97 -14.18
N LYS C 217 -27.89 -19.82 -13.55
CA LYS C 217 -28.47 -18.69 -14.27
C LYS C 217 -27.54 -18.19 -15.37
N LEU C 218 -26.23 -18.24 -15.13
CA LEU C 218 -25.27 -17.86 -16.15
C LEU C 218 -25.37 -18.78 -17.38
N CYS C 219 -25.42 -20.09 -17.13
CA CYS C 219 -25.55 -21.04 -18.24
C CYS C 219 -26.85 -20.85 -18.99
N LEU C 220 -27.94 -20.54 -18.27
CA LEU C 220 -29.20 -20.24 -18.93
C LEU C 220 -29.09 -18.99 -19.79
N GLU C 221 -28.30 -18.01 -19.35
CA GLU C 221 -28.10 -16.81 -20.15
C GLU C 221 -27.19 -17.05 -21.36
N LEU C 222 -26.40 -18.13 -21.34
CA LEU C 222 -25.59 -18.49 -22.50
C LEU C 222 -26.34 -19.40 -23.47
N ALA C 223 -27.66 -19.52 -23.35
CA ALA C 223 -28.42 -20.34 -24.28
C ALA C 223 -28.47 -19.69 -25.65
N ASN C 224 -28.27 -20.52 -26.69
CA ASN C 224 -28.37 -20.10 -28.09
C ASN C 224 -27.40 -18.98 -28.42
N THR C 225 -26.11 -19.27 -28.22
CA THR C 225 -25.03 -18.35 -28.56
C THR C 225 -23.85 -19.15 -29.09
N SER C 226 -22.82 -18.43 -29.56
CA SER C 226 -21.65 -19.05 -30.18
C SER C 226 -20.42 -19.05 -29.28
N ILE C 227 -20.61 -19.21 -27.96
CA ILE C 227 -19.47 -19.17 -27.05
C ILE C 227 -18.60 -20.42 -27.25
N ARG C 228 -17.28 -20.21 -27.20
CA ARG C 228 -16.33 -21.31 -27.38
C ARG C 228 -15.63 -21.64 -26.07
N ASN C 229 -15.24 -20.62 -25.33
CA ASN C 229 -14.47 -20.77 -24.10
C ASN C 229 -15.21 -20.12 -22.93
N LEU C 230 -15.11 -20.76 -21.77
CA LEU C 230 -15.74 -20.24 -20.55
C LEU C 230 -14.90 -20.70 -19.36
N SER C 231 -14.36 -19.73 -18.62
CA SER C 231 -13.57 -20.02 -17.44
C SER C 231 -14.29 -19.51 -16.21
N LEU C 232 -14.46 -20.37 -15.21
CA LEU C 232 -15.08 -20.02 -13.95
C LEU C 232 -14.13 -20.31 -12.78
N SER C 233 -12.86 -19.94 -12.96
CA SER C 233 -11.85 -20.24 -11.95
C SER C 233 -12.05 -19.40 -10.71
N ASN C 234 -11.95 -20.05 -9.54
CA ASN C 234 -12.09 -19.40 -8.24
C ASN C 234 -13.42 -18.66 -8.13
N SER C 235 -14.48 -19.30 -8.62
CA SER C 235 -15.81 -18.71 -8.60
C SER C 235 -16.65 -19.22 -7.42
N GLN C 236 -16.03 -19.94 -6.49
CA GLN C 236 -16.72 -20.52 -5.33
C GLN C 236 -17.87 -21.42 -5.79
N LEU C 237 -17.54 -22.41 -6.63
CA LEU C 237 -18.51 -23.40 -7.09
C LEU C 237 -18.27 -24.65 -6.23
N SER C 238 -18.87 -24.63 -5.04
CA SER C 238 -18.65 -25.72 -4.08
C SER C 238 -19.31 -27.01 -4.54
N THR C 239 -20.49 -26.91 -5.13
CA THR C 239 -21.25 -28.09 -5.57
C THR C 239 -21.77 -27.86 -6.97
N THR C 240 -22.00 -28.96 -7.69
CA THR C 240 -22.60 -28.93 -9.00
C THR C 240 -23.67 -30.01 -9.10
N SER C 241 -24.58 -29.83 -10.05
CA SER C 241 -25.70 -30.74 -10.23
C SER C 241 -25.92 -30.95 -11.72
N ASN C 242 -26.87 -31.82 -12.05
CA ASN C 242 -27.20 -32.11 -13.45
C ASN C 242 -27.88 -30.95 -14.15
N THR C 243 -28.33 -29.94 -13.41
CA THR C 243 -28.98 -28.77 -13.99
C THR C 243 -28.15 -27.50 -13.85
N THR C 244 -26.96 -27.59 -13.26
CA THR C 244 -26.09 -26.41 -13.15
C THR C 244 -25.67 -25.92 -14.52
N PHE C 245 -25.31 -26.83 -15.43
CA PHE C 245 -24.95 -26.50 -16.80
C PHE C 245 -26.07 -26.82 -17.78
N LEU C 246 -27.32 -26.55 -17.39
CA LEU C 246 -28.47 -26.88 -18.21
C LEU C 246 -28.49 -26.07 -19.50
N GLY C 247 -28.07 -24.82 -19.45
CA GLY C 247 -28.23 -23.91 -20.58
C GLY C 247 -27.24 -24.13 -21.71
N LEU C 248 -26.31 -25.07 -21.56
CA LEU C 248 -25.21 -25.18 -22.52
C LEU C 248 -25.46 -26.19 -23.63
N LYS C 249 -26.63 -26.84 -23.68
CA LYS C 249 -26.98 -27.61 -24.87
C LYS C 249 -27.11 -26.73 -26.10
N TRP C 250 -27.71 -25.55 -25.97
CA TRP C 250 -27.98 -24.68 -27.10
C TRP C 250 -26.75 -23.96 -27.61
N THR C 251 -25.58 -24.21 -27.02
CA THR C 251 -24.30 -23.75 -27.54
C THR C 251 -23.41 -24.96 -27.80
N ASN C 252 -22.20 -24.71 -28.29
CA ASN C 252 -21.26 -25.76 -28.63
C ASN C 252 -19.93 -25.53 -27.92
N LEU C 253 -19.98 -25.26 -26.62
CA LEU C 253 -18.81 -24.93 -25.84
C LEU C 253 -17.77 -26.04 -25.90
N THR C 254 -16.50 -25.63 -26.01
CA THR C 254 -15.38 -26.56 -26.16
C THR C 254 -14.36 -26.50 -25.02
N MET C 255 -14.14 -25.32 -24.43
CA MET C 255 -13.18 -25.16 -23.34
C MET C 255 -13.90 -24.68 -22.10
N LEU C 256 -13.77 -25.43 -21.01
CA LEU C 256 -14.38 -25.07 -19.73
C LEU C 256 -13.33 -25.20 -18.64
N ASP C 257 -13.21 -24.17 -17.81
CA ASP C 257 -12.23 -24.13 -16.73
C ASP C 257 -12.99 -24.04 -15.41
N LEU C 258 -12.69 -24.97 -14.49
CA LEU C 258 -13.31 -25.00 -13.17
C LEU C 258 -12.27 -25.15 -12.07
N SER C 259 -11.11 -24.53 -12.25
CA SER C 259 -10.04 -24.64 -11.27
C SER C 259 -10.29 -23.74 -10.07
N TYR C 260 -9.71 -24.12 -8.92
CA TYR C 260 -9.71 -23.33 -7.69
C TYR C 260 -11.12 -23.02 -7.19
N ASN C 261 -12.11 -23.82 -7.56
CA ASN C 261 -13.49 -23.57 -7.15
C ASN C 261 -13.87 -24.27 -5.85
N ASN C 262 -12.96 -25.05 -5.27
CA ASN C 262 -13.21 -25.80 -4.03
C ASN C 262 -14.44 -26.68 -4.18
N LEU C 263 -14.57 -27.31 -5.34
CA LEU C 263 -15.74 -28.12 -5.68
C LEU C 263 -15.68 -29.40 -4.86
N ASN C 264 -16.48 -29.47 -3.80
CA ASN C 264 -16.38 -30.59 -2.85
C ASN C 264 -16.86 -31.89 -3.48
N VAL C 265 -18.04 -31.88 -4.11
CA VAL C 265 -18.62 -33.09 -4.68
C VAL C 265 -19.23 -32.74 -6.04
N VAL C 266 -19.15 -33.69 -6.96
CA VAL C 266 -19.67 -33.53 -8.32
C VAL C 266 -20.93 -34.36 -8.44
N GLY C 267 -22.02 -33.73 -8.84
CA GLY C 267 -23.28 -34.43 -8.93
C GLY C 267 -23.31 -35.42 -10.08
N ASN C 268 -24.24 -36.36 -9.99
CA ASN C 268 -24.38 -37.39 -11.01
C ASN C 268 -24.94 -36.78 -12.29
N ASP C 269 -24.32 -37.12 -13.42
CA ASP C 269 -24.71 -36.62 -14.75
C ASP C 269 -24.69 -35.10 -14.80
N SER C 270 -23.72 -34.50 -14.10
CA SER C 270 -23.59 -33.05 -14.12
C SER C 270 -23.00 -32.55 -15.43
N PHE C 271 -22.08 -33.32 -16.01
CA PHE C 271 -21.38 -32.93 -17.23
C PHE C 271 -21.91 -33.65 -18.46
N ALA C 272 -23.09 -34.26 -18.35
CA ALA C 272 -23.70 -34.92 -19.50
C ALA C 272 -24.28 -33.93 -20.50
N TRP C 273 -24.30 -32.64 -20.17
CA TRP C 273 -24.92 -31.62 -20.99
C TRP C 273 -23.92 -30.87 -21.87
N LEU C 274 -22.68 -31.36 -21.94
CA LEU C 274 -21.64 -30.78 -22.79
C LEU C 274 -21.14 -31.83 -23.76
N PRO C 275 -21.78 -31.95 -24.93
CA PRO C 275 -21.32 -32.93 -25.93
C PRO C 275 -20.14 -32.49 -26.77
N GLN C 276 -19.91 -31.18 -26.91
CA GLN C 276 -18.81 -30.68 -27.73
C GLN C 276 -17.62 -30.21 -26.91
N LEU C 277 -17.58 -30.51 -25.62
CA LEU C 277 -16.44 -30.14 -24.80
C LEU C 277 -15.19 -30.90 -25.24
N GLU C 278 -14.08 -30.17 -25.34
CA GLU C 278 -12.84 -30.77 -25.82
C GLU C 278 -11.69 -30.58 -24.82
N TYR C 279 -11.69 -29.45 -24.14
CA TYR C 279 -10.66 -29.13 -23.15
C TYR C 279 -11.34 -28.81 -21.84
N PHE C 280 -11.05 -29.60 -20.80
CA PHE C 280 -11.67 -29.47 -19.50
C PHE C 280 -10.59 -29.34 -18.44
N PHE C 281 -10.81 -28.43 -17.48
CA PHE C 281 -9.85 -28.15 -16.42
C PHE C 281 -10.51 -28.31 -15.07
N LEU C 282 -9.85 -29.05 -14.17
CA LEU C 282 -10.34 -29.22 -12.81
C LEU C 282 -9.22 -29.16 -11.78
N GLU C 283 -8.10 -28.52 -12.11
CA GLU C 283 -6.93 -28.53 -11.24
C GLU C 283 -7.18 -27.72 -9.97
N TYR C 284 -6.46 -28.11 -8.90
CA TYR C 284 -6.52 -27.45 -7.60
C TYR C 284 -7.96 -27.40 -7.07
N ASN C 285 -8.51 -28.60 -6.85
CA ASN C 285 -9.90 -28.75 -6.44
C ASN C 285 -9.94 -29.65 -5.20
N ASN C 286 -11.13 -29.80 -4.63
CA ASN C 286 -11.32 -30.52 -3.36
C ASN C 286 -12.38 -31.61 -3.53
N ILE C 287 -12.25 -32.41 -4.58
CA ILE C 287 -13.20 -33.49 -4.83
C ILE C 287 -12.94 -34.62 -3.84
N GLN C 288 -14.01 -35.07 -3.17
CA GLN C 288 -13.90 -36.16 -2.21
C GLN C 288 -14.31 -37.51 -2.79
N HIS C 289 -15.30 -37.54 -3.69
CA HIS C 289 -15.75 -38.79 -4.27
C HIS C 289 -16.14 -38.55 -5.72
N LEU C 290 -15.66 -39.42 -6.61
CA LEU C 290 -15.97 -39.34 -8.03
C LEU C 290 -16.84 -40.54 -8.40
N PHE C 291 -18.02 -40.26 -8.95
CA PHE C 291 -18.97 -41.32 -9.27
C PHE C 291 -18.72 -41.86 -10.68
N SER C 292 -19.32 -43.03 -10.95
CA SER C 292 -19.18 -43.66 -12.26
C SER C 292 -19.82 -42.82 -13.36
N HIS C 293 -20.97 -42.23 -13.08
CA HIS C 293 -21.68 -41.40 -14.04
C HIS C 293 -21.36 -39.92 -13.87
N SER C 294 -20.35 -39.59 -13.05
CA SER C 294 -19.99 -38.19 -12.84
C SER C 294 -19.48 -37.55 -14.12
N LEU C 295 -18.66 -38.27 -14.88
CA LEU C 295 -18.10 -37.77 -16.13
C LEU C 295 -18.86 -38.27 -17.35
N HIS C 296 -20.15 -38.55 -17.19
CA HIS C 296 -20.98 -38.96 -18.32
C HIS C 296 -21.14 -37.82 -19.31
N GLY C 297 -21.30 -38.17 -20.58
CA GLY C 297 -21.54 -37.18 -21.61
C GLY C 297 -20.33 -36.43 -22.09
N LEU C 298 -19.13 -36.80 -21.64
CA LEU C 298 -17.88 -36.13 -22.02
C LEU C 298 -17.10 -36.93 -23.05
N PHE C 299 -17.79 -37.55 -24.00
CA PHE C 299 -17.16 -38.45 -24.96
C PHE C 299 -16.39 -37.73 -26.06
N ASN C 300 -16.21 -36.41 -25.97
CA ASN C 300 -15.45 -35.66 -26.98
C ASN C 300 -14.31 -34.85 -26.38
N VAL C 301 -14.00 -35.04 -25.10
CA VAL C 301 -12.93 -34.28 -24.45
C VAL C 301 -11.58 -34.84 -24.90
N ARG C 302 -10.69 -33.95 -25.35
CA ARG C 302 -9.37 -34.35 -25.78
C ARG C 302 -8.29 -34.14 -24.74
N TYR C 303 -8.57 -33.35 -23.70
CA TYR C 303 -7.55 -33.04 -22.69
C TYR C 303 -8.23 -32.78 -21.36
N LEU C 304 -7.85 -33.56 -20.34
CA LEU C 304 -8.40 -33.43 -19.01
C LEU C 304 -7.26 -33.21 -18.01
N ASN C 305 -7.44 -32.23 -17.13
CA ASN C 305 -6.44 -31.90 -16.12
C ASN C 305 -7.05 -32.14 -14.74
N LEU C 306 -6.32 -32.88 -13.90
CA LEU C 306 -6.77 -33.22 -12.55
C LEU C 306 -5.64 -33.05 -11.55
N LYS C 307 -4.84 -32.00 -11.72
CA LYS C 307 -3.72 -31.76 -10.82
C LYS C 307 -4.23 -31.17 -9.51
N ARG C 308 -4.04 -31.90 -8.40
CA ARG C 308 -4.56 -31.52 -7.09
C ARG C 308 -6.07 -31.35 -7.11
N SER C 309 -6.76 -32.12 -7.93
CA SER C 309 -8.21 -32.02 -8.06
C SER C 309 -8.95 -32.71 -6.93
N PHE C 310 -8.28 -33.56 -6.17
CA PHE C 310 -8.91 -34.38 -5.15
C PHE C 310 -8.50 -33.91 -3.75
N THR C 311 -9.28 -34.36 -2.77
CA THR C 311 -9.07 -33.96 -1.38
C THR C 311 -7.75 -34.53 -0.85
N LYS C 312 -6.98 -33.67 -0.20
CA LYS C 312 -5.73 -34.09 0.42
C LYS C 312 -6.02 -34.93 1.66
N GLN C 313 -5.07 -35.81 1.99
CA GLN C 313 -5.23 -36.70 3.13
C GLN C 313 -5.26 -35.90 4.43
N SER C 314 -6.19 -36.27 5.31
CA SER C 314 -6.32 -35.67 6.63
C SER C 314 -6.27 -36.77 7.68
N ILE C 315 -5.45 -36.57 8.70
CA ILE C 315 -5.28 -37.58 9.74
C ILE C 315 -6.53 -37.70 10.62
N SER C 316 -7.37 -36.66 10.64
CA SER C 316 -8.54 -36.67 11.50
C SER C 316 -9.55 -37.73 11.08
N LEU C 317 -9.77 -37.89 9.77
CA LEU C 317 -10.79 -38.80 9.26
C LEU C 317 -10.27 -39.80 8.24
N ALA C 318 -9.06 -39.63 7.72
CA ALA C 318 -8.49 -40.49 6.67
C ALA C 318 -9.42 -40.55 5.46
N SER C 319 -9.94 -39.39 5.06
CA SER C 319 -10.88 -39.29 3.94
C SER C 319 -10.11 -39.32 2.62
N LEU C 320 -9.66 -40.52 2.27
CA LEU C 320 -8.97 -40.71 1.00
C LEU C 320 -9.96 -40.52 -0.15
N PRO C 321 -9.63 -39.74 -1.18
CA PRO C 321 -10.54 -39.56 -2.31
C PRO C 321 -10.69 -40.87 -3.09
N LYS C 322 -11.89 -41.43 -3.06
CA LYS C 322 -12.17 -42.71 -3.70
C LYS C 322 -12.76 -42.48 -5.08
N ILE C 323 -12.25 -43.21 -6.07
CA ILE C 323 -12.75 -43.15 -7.43
C ILE C 323 -13.43 -44.47 -7.74
N ASP C 324 -14.70 -44.40 -8.15
CA ASP C 324 -15.45 -45.59 -8.47
C ASP C 324 -14.95 -46.22 -9.77
N ASP C 325 -15.22 -47.52 -9.91
CA ASP C 325 -14.83 -48.23 -11.12
C ASP C 325 -15.62 -47.72 -12.32
N PHE C 326 -14.97 -47.77 -13.49
CA PHE C 326 -15.55 -47.31 -14.76
C PHE C 326 -15.97 -45.85 -14.70
N SER C 327 -15.26 -45.04 -13.91
CA SER C 327 -15.59 -43.63 -13.82
C SER C 327 -15.13 -42.86 -15.04
N PHE C 328 -14.06 -43.31 -15.69
CA PHE C 328 -13.54 -42.68 -16.89
C PHE C 328 -13.94 -43.42 -18.16
N GLN C 329 -14.94 -44.32 -18.07
CA GLN C 329 -15.36 -45.09 -19.23
C GLN C 329 -15.99 -44.23 -20.31
N TRP C 330 -16.54 -43.06 -19.95
CA TRP C 330 -17.17 -42.19 -20.92
C TRP C 330 -16.17 -41.42 -21.78
N LEU C 331 -14.90 -41.38 -21.37
CA LEU C 331 -13.87 -40.64 -22.10
C LEU C 331 -13.31 -41.52 -23.21
N LYS C 332 -14.10 -41.64 -24.28
CA LYS C 332 -13.68 -42.47 -25.41
C LYS C 332 -12.63 -41.78 -26.26
N CYS C 333 -12.61 -40.45 -26.26
CA CYS C 333 -11.70 -39.67 -27.09
C CYS C 333 -10.67 -38.90 -26.28
N LEU C 334 -10.46 -39.26 -25.02
CA LEU C 334 -9.45 -38.59 -24.21
C LEU C 334 -8.06 -38.96 -24.70
N GLU C 335 -7.21 -37.95 -24.83
CA GLU C 335 -5.86 -38.14 -25.36
C GLU C 335 -4.78 -37.58 -24.46
N HIS C 336 -5.12 -36.94 -23.36
CA HIS C 336 -4.13 -36.31 -22.47
C HIS C 336 -4.76 -36.15 -21.10
N LEU C 337 -4.22 -36.85 -20.11
CA LEU C 337 -4.77 -36.85 -18.75
C LEU C 337 -3.67 -36.49 -17.76
N ASN C 338 -3.71 -35.25 -17.27
CA ASN C 338 -2.79 -34.80 -16.23
C ASN C 338 -3.50 -34.95 -14.88
N MET C 339 -3.01 -35.88 -14.05
CA MET C 339 -3.59 -36.15 -12.75
C MET C 339 -2.47 -36.25 -11.71
N GLU C 340 -1.63 -35.21 -11.67
CA GLU C 340 -0.50 -35.16 -10.75
C GLU C 340 -0.93 -34.63 -9.38
N ASP C 341 -0.14 -34.97 -8.37
CA ASP C 341 -0.29 -34.45 -7.01
C ASP C 341 -1.68 -34.75 -6.44
N ASN C 342 -1.96 -36.03 -6.27
CA ASN C 342 -3.22 -36.49 -5.69
C ASN C 342 -2.95 -37.48 -4.58
N ASP C 343 -3.99 -37.78 -3.82
CA ASP C 343 -3.91 -38.72 -2.69
C ASP C 343 -4.81 -39.92 -2.94
N ILE C 344 -4.81 -40.43 -4.17
CA ILE C 344 -5.58 -41.62 -4.51
C ILE C 344 -4.99 -42.83 -3.78
N PRO C 345 -5.82 -43.67 -3.15
CA PRO C 345 -5.26 -44.82 -2.40
C PRO C 345 -4.48 -45.79 -3.26
N GLY C 346 -4.97 -46.12 -4.46
CA GLY C 346 -4.28 -47.06 -5.31
C GLY C 346 -5.03 -47.29 -6.59
N ILE C 347 -4.45 -48.14 -7.43
CA ILE C 347 -5.02 -48.50 -8.72
C ILE C 347 -5.98 -49.67 -8.54
N LYS C 348 -7.18 -49.54 -9.08
CA LYS C 348 -8.15 -50.61 -9.14
C LYS C 348 -8.15 -51.23 -10.53
N SER C 349 -8.81 -52.38 -10.65
CA SER C 349 -8.78 -53.14 -11.90
C SER C 349 -9.64 -52.52 -13.00
N ASN C 350 -10.55 -51.60 -12.67
CA ASN C 350 -11.45 -51.02 -13.65
C ASN C 350 -11.46 -49.50 -13.61
N MET C 351 -10.39 -48.88 -13.10
CA MET C 351 -10.37 -47.43 -12.99
C MET C 351 -10.16 -46.77 -14.35
N PHE C 352 -9.26 -47.32 -15.17
CA PHE C 352 -8.95 -46.74 -16.47
C PHE C 352 -9.60 -47.51 -17.63
N THR C 353 -10.59 -48.34 -17.33
CA THR C 353 -11.30 -49.07 -18.38
C THR C 353 -12.13 -48.10 -19.22
N GLY C 354 -12.10 -48.32 -20.54
CA GLY C 354 -12.83 -47.50 -21.48
C GLY C 354 -12.00 -46.51 -22.25
N LEU C 355 -10.75 -46.29 -21.84
CA LEU C 355 -9.85 -45.36 -22.53
C LEU C 355 -9.29 -46.06 -23.75
N ILE C 356 -9.93 -45.81 -24.91
CA ILE C 356 -9.49 -46.43 -26.16
C ILE C 356 -8.66 -45.50 -27.02
N ASN C 357 -8.57 -44.21 -26.69
CA ASN C 357 -7.78 -43.25 -27.45
C ASN C 357 -6.73 -42.54 -26.60
N LEU C 358 -6.44 -43.06 -25.41
CA LEU C 358 -5.48 -42.41 -24.53
C LEU C 358 -4.07 -42.49 -25.10
N LYS C 359 -3.33 -41.39 -24.99
CA LYS C 359 -1.96 -41.34 -25.48
C LYS C 359 -0.97 -40.73 -24.50
N TYR C 360 -1.44 -40.13 -23.40
CA TYR C 360 -0.55 -39.50 -22.43
C TYR C 360 -1.18 -39.61 -21.05
N LEU C 361 -0.50 -40.25 -20.12
CA LEU C 361 -0.97 -40.40 -18.75
C LEU C 361 0.15 -39.98 -17.80
N SER C 362 -0.17 -39.09 -16.88
CA SER C 362 0.79 -38.60 -15.88
C SER C 362 0.26 -38.92 -14.49
N LEU C 363 1.08 -39.59 -13.69
CA LEU C 363 0.73 -39.99 -12.33
C LEU C 363 1.78 -39.51 -11.34
N SER C 364 2.21 -38.26 -11.48
CA SER C 364 3.27 -37.73 -10.63
C SER C 364 2.72 -37.42 -9.25
N ASN C 365 3.18 -38.17 -8.24
CA ASN C 365 2.76 -38.01 -6.85
C ASN C 365 1.25 -38.12 -6.69
N SER C 366 0.62 -39.01 -7.45
CA SER C 366 -0.82 -39.12 -7.43
C SER C 366 -1.35 -40.18 -6.47
N PHE C 367 -0.46 -40.92 -5.79
CA PHE C 367 -0.87 -41.93 -4.83
C PHE C 367 -0.11 -41.76 -3.53
N THR C 368 -0.80 -42.05 -2.42
CA THR C 368 -0.17 -41.94 -1.10
C THR C 368 0.88 -43.02 -0.91
N SER C 369 0.54 -44.27 -1.21
CA SER C 369 1.47 -45.38 -1.00
C SER C 369 1.18 -46.45 -2.06
N LEU C 370 1.88 -46.36 -3.19
CA LEU C 370 1.88 -47.43 -4.19
C LEU C 370 3.18 -48.22 -4.07
N ARG C 371 3.22 -49.07 -3.05
CA ARG C 371 4.46 -49.78 -2.71
C ARG C 371 4.82 -50.83 -3.76
N THR C 372 3.83 -51.59 -4.21
CA THR C 372 4.07 -52.73 -5.09
C THR C 372 3.39 -52.52 -6.43
N LEU C 373 4.14 -52.74 -7.51
CA LEU C 373 3.58 -52.69 -8.86
C LEU C 373 3.31 -54.12 -9.32
N THR C 374 2.15 -54.62 -8.92
CA THR C 374 1.73 -55.97 -9.28
C THR C 374 1.43 -56.05 -10.77
N ASN C 375 1.56 -57.25 -11.34
CA ASN C 375 1.26 -57.47 -12.75
C ASN C 375 -0.20 -57.20 -13.09
N GLU C 376 -1.10 -57.24 -12.11
CA GLU C 376 -2.51 -56.97 -12.33
C GLU C 376 -2.86 -55.50 -12.17
N THR C 377 -1.88 -54.65 -11.92
CA THR C 377 -2.16 -53.23 -11.70
C THR C 377 -2.66 -52.55 -12.97
N PHE C 378 -1.95 -52.72 -14.07
CA PHE C 378 -2.24 -51.98 -15.31
C PHE C 378 -3.14 -52.77 -16.27
N VAL C 379 -4.03 -53.61 -15.74
CA VAL C 379 -4.97 -54.33 -16.59
C VAL C 379 -6.01 -53.38 -17.16
N SER C 380 -6.26 -52.26 -16.48
CA SER C 380 -7.24 -51.29 -16.96
C SER C 380 -6.75 -50.57 -18.21
N LEU C 381 -5.44 -50.53 -18.45
CA LEU C 381 -4.86 -49.92 -19.65
C LEU C 381 -4.54 -50.96 -20.72
N ALA C 382 -5.34 -52.04 -20.79
CA ALA C 382 -5.05 -53.11 -21.74
C ALA C 382 -5.24 -52.64 -23.17
N HIS C 383 -6.37 -52.00 -23.47
CA HIS C 383 -6.68 -51.53 -24.81
C HIS C 383 -6.27 -50.09 -25.05
N SER C 384 -5.70 -49.42 -24.06
CA SER C 384 -5.32 -48.02 -24.22
C SER C 384 -4.01 -47.93 -24.99
N PRO C 385 -3.96 -47.18 -26.10
CA PRO C 385 -2.71 -47.00 -26.84
C PRO C 385 -1.80 -45.95 -26.18
N LEU C 386 -1.47 -46.18 -24.92
CA LEU C 386 -0.66 -45.25 -24.17
C LEU C 386 0.77 -45.19 -24.71
N HIS C 387 1.31 -43.99 -24.79
CA HIS C 387 2.66 -43.77 -25.29
C HIS C 387 3.62 -43.24 -24.24
N ILE C 388 3.20 -42.29 -23.42
CA ILE C 388 4.03 -41.70 -22.38
C ILE C 388 3.35 -41.92 -21.04
N LEU C 389 4.09 -42.52 -20.10
CA LEU C 389 3.58 -42.82 -18.77
C LEU C 389 4.56 -42.29 -17.73
N ASN C 390 4.03 -41.60 -16.72
CA ASN C 390 4.84 -40.96 -15.69
C ASN C 390 4.45 -41.51 -14.32
N LEU C 391 5.44 -42.01 -13.58
CA LEU C 391 5.24 -42.58 -12.24
C LEU C 391 6.23 -42.00 -11.26
N THR C 392 6.45 -40.68 -11.32
CA THR C 392 7.43 -40.04 -10.45
C THR C 392 6.81 -39.64 -9.13
N LYS C 393 7.63 -39.70 -8.07
CA LYS C 393 7.25 -39.27 -6.72
C LYS C 393 6.04 -40.02 -6.18
N ASN C 394 5.84 -41.27 -6.63
CA ASN C 394 4.75 -42.10 -6.17
C ASN C 394 5.19 -43.10 -5.10
N LYS C 395 6.42 -43.00 -4.62
CA LYS C 395 6.97 -43.88 -3.58
C LYS C 395 6.85 -45.35 -3.98
N ILE C 396 7.17 -45.67 -5.23
CA ILE C 396 7.20 -47.05 -5.68
C ILE C 396 8.33 -47.78 -4.97
N SER C 397 8.01 -48.90 -4.33
CA SER C 397 8.99 -49.64 -3.54
C SER C 397 9.40 -50.97 -4.15
N LYS C 398 8.53 -51.59 -4.95
CA LYS C 398 8.84 -52.89 -5.54
C LYS C 398 8.09 -53.02 -6.86
N ILE C 399 8.75 -53.59 -7.85
CA ILE C 399 8.17 -53.83 -9.17
C ILE C 399 8.22 -55.33 -9.43
N GLU C 400 7.05 -55.95 -9.51
CA GLU C 400 6.97 -57.37 -9.80
C GLU C 400 7.08 -57.62 -11.31
N SER C 401 7.21 -58.89 -11.67
CA SER C 401 7.28 -59.26 -13.08
C SER C 401 5.94 -59.02 -13.76
N ASP C 402 6.01 -58.76 -15.07
CA ASP C 402 4.84 -58.51 -15.91
C ASP C 402 4.03 -57.30 -15.46
N ALA C 403 4.66 -56.35 -14.77
CA ALA C 403 3.96 -55.15 -14.34
C ALA C 403 3.55 -54.29 -15.53
N PHE C 404 4.40 -54.23 -16.56
CA PHE C 404 4.14 -53.43 -17.75
C PHE C 404 3.84 -54.31 -18.96
N SER C 405 3.35 -55.52 -18.73
CA SER C 405 3.06 -56.44 -19.83
C SER C 405 1.84 -56.03 -20.64
N TRP C 406 1.01 -55.13 -20.14
CA TRP C 406 -0.20 -54.72 -20.84
C TRP C 406 0.00 -53.50 -21.72
N LEU C 407 1.14 -52.81 -21.61
CA LEU C 407 1.40 -51.59 -22.36
C LEU C 407 2.26 -51.92 -23.56
N GLY C 408 1.61 -52.46 -24.60
CA GLY C 408 2.32 -52.81 -25.81
C GLY C 408 2.73 -51.63 -26.67
N HIS C 409 2.03 -50.51 -26.53
CA HIS C 409 2.32 -49.31 -27.32
C HIS C 409 3.09 -48.27 -26.52
N LEU C 410 3.54 -48.60 -25.31
CA LEU C 410 4.25 -47.64 -24.48
C LEU C 410 5.58 -47.28 -25.11
N GLU C 411 5.92 -45.99 -25.05
CA GLU C 411 7.15 -45.49 -25.64
C GLU C 411 8.06 -44.79 -24.64
N VAL C 412 7.52 -43.99 -23.73
CA VAL C 412 8.28 -43.26 -22.73
C VAL C 412 7.79 -43.69 -21.36
N LEU C 413 8.72 -44.11 -20.50
CA LEU C 413 8.41 -44.54 -19.15
C LEU C 413 9.21 -43.68 -18.17
N ASP C 414 8.52 -43.11 -17.19
CA ASP C 414 9.12 -42.22 -16.19
C ASP C 414 8.88 -42.84 -14.81
N LEU C 415 9.92 -43.47 -14.27
CA LEU C 415 9.87 -44.07 -12.94
C LEU C 415 10.86 -43.44 -11.98
N GLY C 416 11.29 -42.21 -12.25
CA GLY C 416 12.29 -41.57 -11.43
C GLY C 416 11.71 -41.00 -10.14
N LEU C 417 12.63 -40.55 -9.28
CA LEU C 417 12.29 -39.90 -8.01
C LEU C 417 11.41 -40.78 -7.13
N ASN C 418 11.72 -42.07 -7.08
CA ASN C 418 10.98 -43.03 -6.28
C ASN C 418 11.92 -43.71 -5.29
N GLU C 419 11.39 -44.72 -4.60
CA GLU C 419 12.13 -45.46 -3.58
C GLU C 419 12.27 -46.93 -4.00
N ILE C 420 12.61 -47.14 -5.26
CA ILE C 420 12.64 -48.49 -5.83
C ILE C 420 13.93 -49.18 -5.37
N GLY C 421 13.79 -50.17 -4.50
CA GLY C 421 14.93 -50.99 -4.11
C GLY C 421 14.68 -52.46 -4.36
N GLN C 422 15.37 -53.03 -5.32
CA GLN C 422 15.19 -54.43 -5.73
C GLN C 422 16.38 -54.83 -6.59
N GLU C 423 16.31 -56.04 -7.14
CA GLU C 423 17.27 -56.51 -8.14
C GLU C 423 16.51 -56.79 -9.43
N LEU C 424 17.06 -56.31 -10.54
CA LEU C 424 16.36 -56.33 -11.82
C LEU C 424 16.51 -57.71 -12.46
N THR C 425 15.44 -58.50 -12.40
CA THR C 425 15.43 -59.78 -13.08
C THR C 425 15.32 -59.64 -14.59
N GLY C 426 14.75 -58.52 -15.06
CA GLY C 426 14.55 -58.29 -16.48
C GLY C 426 13.19 -58.71 -16.99
N GLN C 427 12.46 -59.52 -16.23
CA GLN C 427 11.11 -59.92 -16.61
C GLN C 427 10.07 -58.83 -16.37
N GLU C 428 10.45 -57.76 -15.67
CA GLU C 428 9.52 -56.66 -15.43
C GLU C 428 9.25 -55.86 -16.71
N TRP C 429 10.16 -55.94 -17.68
CA TRP C 429 10.06 -55.14 -18.89
C TRP C 429 9.42 -55.88 -20.06
N ARG C 430 8.94 -57.12 -19.84
CA ARG C 430 8.35 -57.87 -20.93
C ARG C 430 7.02 -57.24 -21.35
N GLY C 431 6.76 -57.26 -22.65
CA GLY C 431 5.59 -56.61 -23.22
C GLY C 431 5.83 -55.21 -23.73
N LEU C 432 7.01 -54.63 -23.46
CA LEU C 432 7.35 -53.30 -23.95
C LEU C 432 8.13 -53.43 -25.26
N GLU C 433 7.40 -53.85 -26.29
CA GLU C 433 7.98 -54.07 -27.61
C GLU C 433 8.31 -52.77 -28.34
N ASN C 434 7.60 -51.69 -28.03
CA ASN C 434 7.78 -50.42 -28.71
C ASN C 434 8.32 -49.35 -27.76
N ILE C 435 8.98 -49.77 -26.68
CA ILE C 435 9.48 -48.83 -25.69
C ILE C 435 10.73 -48.14 -26.22
N PHE C 436 10.91 -46.88 -25.82
CA PHE C 436 12.06 -46.09 -26.24
C PHE C 436 12.83 -45.53 -25.05
N GLU C 437 12.14 -45.08 -23.99
CA GLU C 437 12.79 -44.44 -22.86
C GLU C 437 12.26 -45.01 -21.56
N ILE C 438 13.17 -45.32 -20.63
CA ILE C 438 12.82 -45.62 -19.25
C ILE C 438 13.68 -44.72 -18.35
N TYR C 439 13.03 -44.00 -17.44
CA TYR C 439 13.71 -43.16 -16.48
C TYR C 439 13.71 -43.85 -15.12
N LEU C 440 14.89 -44.01 -14.53
CA LEU C 440 14.98 -44.69 -13.24
C LEU C 440 15.90 -43.94 -12.27
N SER C 441 16.09 -42.64 -12.46
CA SER C 441 16.99 -41.87 -11.61
C SER C 441 16.40 -41.65 -10.24
N TYR C 442 17.28 -41.43 -9.26
CA TYR C 442 16.92 -41.07 -7.88
C TYR C 442 16.02 -42.14 -7.24
N ASN C 443 16.57 -43.33 -7.10
CA ASN C 443 15.92 -44.44 -6.39
C ASN C 443 16.82 -44.91 -5.25
N LYS C 444 16.40 -45.97 -4.57
CA LYS C 444 17.16 -46.47 -3.44
C LYS C 444 18.37 -47.26 -3.89
N TYR C 445 18.15 -48.39 -4.57
CA TYR C 445 19.24 -49.20 -5.10
C TYR C 445 18.68 -50.15 -6.15
N LEU C 446 19.46 -50.39 -7.19
CA LEU C 446 19.13 -51.37 -8.22
C LEU C 446 20.34 -52.28 -8.45
N GLN C 447 20.07 -53.58 -8.55
CA GLN C 447 21.10 -54.59 -8.77
C GLN C 447 20.89 -55.18 -10.16
N LEU C 448 21.75 -54.82 -11.11
CA LEU C 448 21.62 -55.28 -12.48
C LEU C 448 22.06 -56.73 -12.61
N THR C 449 21.50 -57.42 -13.59
CA THR C 449 21.82 -58.80 -13.89
C THR C 449 22.19 -58.92 -15.37
N ARG C 450 22.43 -60.16 -15.81
CA ARG C 450 22.81 -60.40 -17.19
C ARG C 450 21.64 -60.09 -18.13
N ASN C 451 20.43 -60.47 -17.75
CA ASN C 451 19.23 -60.29 -18.56
C ASN C 451 18.36 -59.14 -18.05
N SER C 452 19.00 -58.07 -17.57
CA SER C 452 18.24 -56.95 -17.01
C SER C 452 17.41 -56.25 -18.07
N PHE C 453 17.96 -56.09 -19.28
CA PHE C 453 17.27 -55.40 -20.36
C PHE C 453 17.29 -56.23 -21.65
N ALA C 454 17.22 -57.55 -21.53
CA ALA C 454 17.24 -58.41 -22.71
C ALA C 454 15.89 -58.44 -23.43
N LEU C 455 14.82 -58.01 -22.77
CA LEU C 455 13.49 -58.05 -23.35
C LEU C 455 13.07 -56.73 -23.99
N VAL C 456 13.94 -55.73 -23.98
CA VAL C 456 13.63 -54.43 -24.56
C VAL C 456 14.76 -53.99 -25.50
N PRO C 457 14.92 -54.63 -26.66
CA PRO C 457 16.01 -54.24 -27.57
C PRO C 457 15.83 -52.88 -28.20
N SER C 458 14.62 -52.32 -28.19
CA SER C 458 14.35 -51.03 -28.81
C SER C 458 14.66 -49.84 -27.89
N LEU C 459 15.30 -50.07 -26.75
CA LEU C 459 15.62 -49.00 -25.83
C LEU C 459 16.61 -48.02 -26.45
N GLN C 460 16.37 -46.73 -26.22
CA GLN C 460 17.25 -45.67 -26.72
C GLN C 460 17.86 -44.81 -25.64
N ARG C 461 17.11 -44.47 -24.58
CA ARG C 461 17.63 -43.67 -23.48
C ARG C 461 17.38 -44.38 -22.16
N LEU C 462 18.43 -44.51 -21.36
CA LEU C 462 18.34 -45.18 -20.05
C LEU C 462 19.05 -44.28 -19.04
N MET C 463 18.27 -43.69 -18.14
CA MET C 463 18.80 -42.77 -17.15
C MET C 463 18.86 -43.47 -15.80
N LEU C 464 20.05 -43.50 -15.19
CA LEU C 464 20.28 -44.17 -13.92
C LEU C 464 21.09 -43.27 -12.99
N ARG C 465 20.69 -41.98 -12.92
CA ARG C 465 21.41 -41.02 -12.10
C ARG C 465 21.04 -41.19 -10.64
N ARG C 466 22.06 -41.39 -9.80
CA ARG C 466 21.90 -41.52 -8.34
C ARG C 466 20.92 -42.64 -8.00
N VAL C 467 21.22 -43.84 -8.49
CA VAL C 467 20.42 -45.02 -8.24
C VAL C 467 21.22 -46.12 -7.54
N ALA C 468 22.52 -45.93 -7.34
CA ALA C 468 23.39 -46.86 -6.61
C ALA C 468 23.37 -48.24 -7.26
N LEU C 469 23.89 -48.30 -8.49
CA LEU C 469 23.92 -49.54 -9.24
C LEU C 469 24.80 -50.58 -8.54
N LYS C 470 24.30 -51.81 -8.47
CA LYS C 470 25.02 -52.93 -7.88
C LYS C 470 25.12 -54.06 -8.89
N ASN C 471 26.22 -54.83 -8.78
CA ASN C 471 26.55 -55.89 -9.72
C ASN C 471 26.64 -55.36 -11.15
N VAL C 472 27.19 -54.15 -11.30
CA VAL C 472 27.36 -53.55 -12.62
C VAL C 472 28.50 -54.16 -13.41
N ASP C 473 29.41 -54.86 -12.73
CA ASP C 473 30.61 -55.41 -13.35
C ASP C 473 30.46 -56.90 -13.69
N SER C 474 29.27 -57.31 -14.12
CA SER C 474 29.08 -58.70 -14.55
C SER C 474 29.89 -58.97 -15.82
N SER C 475 30.31 -60.24 -15.99
CA SER C 475 31.10 -60.60 -17.15
C SER C 475 30.37 -60.37 -18.47
N PRO C 476 29.09 -60.74 -18.64
CA PRO C 476 28.36 -60.28 -19.82
C PRO C 476 27.74 -58.92 -19.57
N SER C 477 27.83 -58.03 -20.56
CA SER C 477 27.37 -56.66 -20.39
C SER C 477 25.86 -56.58 -20.40
N PRO C 478 25.21 -56.02 -19.37
CA PRO C 478 23.74 -55.89 -19.40
C PRO C 478 23.21 -55.00 -20.50
N PHE C 479 23.99 -54.05 -21.00
CA PHE C 479 23.58 -53.22 -22.13
C PHE C 479 23.88 -53.86 -23.48
N GLN C 480 24.32 -55.12 -23.50
CA GLN C 480 24.54 -55.80 -24.79
C GLN C 480 23.28 -55.90 -25.64
N PRO C 481 22.11 -56.30 -25.11
CA PRO C 481 20.91 -56.30 -25.98
C PRO C 481 20.48 -54.91 -26.43
N LEU C 482 20.91 -53.85 -25.75
CA LEU C 482 20.50 -52.49 -26.11
C LEU C 482 21.31 -52.01 -27.31
N ARG C 483 20.93 -52.53 -28.48
CA ARG C 483 21.62 -52.17 -29.71
C ARG C 483 21.32 -50.74 -30.15
N ASN C 484 20.11 -50.25 -29.87
CA ASN C 484 19.69 -48.93 -30.31
C ASN C 484 19.81 -47.88 -29.21
N LEU C 485 20.54 -48.18 -28.14
CA LEU C 485 20.69 -47.20 -27.06
C LEU C 485 21.47 -45.99 -27.54
N THR C 486 20.99 -44.81 -27.17
CA THR C 486 21.59 -43.54 -27.59
C THR C 486 22.04 -42.66 -26.43
N ILE C 487 21.31 -42.68 -25.31
CA ILE C 487 21.65 -41.89 -24.14
C ILE C 487 21.72 -42.80 -22.93
N LEU C 488 22.81 -42.70 -22.18
CA LEU C 488 23.00 -43.50 -20.98
C LEU C 488 23.61 -42.64 -19.88
N ASP C 489 22.91 -42.54 -18.75
CA ASP C 489 23.38 -41.78 -17.59
C ASP C 489 23.65 -42.76 -16.45
N LEU C 490 24.87 -42.74 -15.93
CA LEU C 490 25.29 -43.56 -14.81
C LEU C 490 26.00 -42.73 -13.76
N SER C 491 25.41 -41.59 -13.41
CA SER C 491 26.06 -40.62 -12.54
C SER C 491 25.63 -40.78 -11.10
N ASN C 492 26.52 -40.34 -10.18
CA ASN C 492 26.25 -40.32 -8.74
C ASN C 492 25.89 -41.68 -8.19
N ASN C 493 26.57 -42.74 -8.66
CA ASN C 493 26.28 -44.09 -8.22
C ASN C 493 27.44 -44.74 -7.48
N ASN C 494 28.59 -44.06 -7.37
CA ASN C 494 29.77 -44.58 -6.69
C ASN C 494 30.20 -45.92 -7.28
N ILE C 495 30.13 -46.01 -8.62
CA ILE C 495 30.54 -47.23 -9.30
C ILE C 495 32.06 -47.36 -9.22
N ALA C 496 32.53 -48.53 -8.79
CA ALA C 496 33.96 -48.75 -8.57
C ALA C 496 34.63 -49.54 -9.68
N ASN C 497 34.06 -50.67 -10.08
CA ASN C 497 34.67 -51.55 -11.07
C ASN C 497 33.80 -51.61 -12.32
N ILE C 498 34.42 -51.34 -13.47
CA ILE C 498 33.74 -51.35 -14.76
C ILE C 498 34.56 -52.20 -15.72
N ASN C 499 33.91 -53.14 -16.39
CA ASN C 499 34.60 -54.06 -17.29
C ASN C 499 34.92 -53.38 -18.62
N ASP C 500 35.85 -53.99 -19.35
CA ASP C 500 36.26 -53.47 -20.65
C ASP C 500 35.17 -53.61 -21.70
N ASP C 501 34.41 -54.71 -21.68
CA ASP C 501 33.46 -55.01 -22.75
C ASP C 501 32.04 -54.58 -22.41
N MET C 502 31.87 -53.56 -21.56
CA MET C 502 30.54 -53.14 -21.15
C MET C 502 29.81 -52.42 -22.28
N LEU C 503 30.54 -51.66 -23.10
CA LEU C 503 29.94 -50.86 -24.16
C LEU C 503 30.23 -51.43 -25.55
N GLU C 504 30.63 -52.69 -25.62
CA GLU C 504 30.83 -53.35 -26.89
C GLU C 504 29.49 -53.57 -27.58
N GLY C 505 29.43 -53.25 -28.88
CA GLY C 505 28.19 -53.31 -29.62
C GLY C 505 27.30 -52.10 -29.48
N LEU C 506 27.77 -51.04 -28.82
CA LEU C 506 27.00 -49.81 -28.68
C LEU C 506 27.48 -48.78 -29.70
N GLU C 507 27.24 -49.09 -30.98
CA GLU C 507 27.65 -48.18 -32.04
C GLU C 507 26.81 -46.91 -32.06
N LYS C 508 25.54 -47.01 -31.68
CA LYS C 508 24.61 -45.89 -31.77
C LYS C 508 24.55 -45.04 -30.50
N LEU C 509 25.36 -45.34 -29.49
CA LEU C 509 25.39 -44.52 -28.29
C LEU C 509 25.98 -43.15 -28.60
N GLU C 510 25.34 -42.11 -28.10
CA GLU C 510 25.77 -40.73 -28.37
C GLU C 510 26.08 -39.95 -27.10
N ILE C 511 25.27 -40.12 -26.06
CA ILE C 511 25.42 -39.35 -24.82
C ILE C 511 25.77 -40.33 -23.71
N LEU C 512 26.92 -40.10 -23.06
CA LEU C 512 27.36 -40.90 -21.94
C LEU C 512 27.74 -40.00 -20.78
N ASP C 513 27.14 -40.22 -19.62
CA ASP C 513 27.46 -39.50 -18.40
C ASP C 513 27.96 -40.48 -17.35
N LEU C 514 29.16 -40.23 -16.81
CA LEU C 514 29.72 -41.03 -15.74
C LEU C 514 30.25 -40.15 -14.62
N GLN C 515 29.70 -38.95 -14.49
CA GLN C 515 30.19 -37.99 -13.51
C GLN C 515 29.86 -38.44 -12.09
N HIS C 516 30.65 -37.93 -11.13
CA HIS C 516 30.46 -38.19 -9.70
C HIS C 516 30.50 -39.69 -9.39
N ASN C 517 31.58 -40.34 -9.82
CA ASN C 517 31.79 -41.75 -9.53
C ASN C 517 33.21 -41.99 -9.05
N ASN C 518 33.60 -43.25 -8.88
CA ASN C 518 34.93 -43.61 -8.39
C ASN C 518 35.56 -44.61 -9.36
N LEU C 519 36.20 -44.09 -10.41
CA LEU C 519 36.91 -44.90 -11.38
C LEU C 519 38.39 -44.54 -11.46
N ALA C 520 38.94 -43.97 -10.39
CA ALA C 520 40.32 -43.51 -10.41
C ALA C 520 41.29 -44.68 -10.59
N ARG C 521 41.04 -45.80 -9.90
CA ARG C 521 41.94 -46.94 -9.97
C ARG C 521 41.97 -47.56 -11.36
N LEU C 522 40.84 -47.53 -12.06
CA LEU C 522 40.72 -48.21 -13.35
C LEU C 522 41.60 -47.62 -14.44
N TRP C 523 42.17 -46.42 -14.23
CA TRP C 523 42.99 -45.78 -15.24
C TRP C 523 44.45 -45.66 -14.86
N LYS C 524 44.81 -45.94 -13.61
CA LYS C 524 46.22 -45.90 -13.22
C LYS C 524 46.97 -47.08 -13.82
N HIS C 525 48.26 -46.85 -14.11
CA HIS C 525 49.10 -47.91 -14.65
C HIS C 525 49.39 -49.00 -13.63
N ALA C 526 49.23 -48.72 -12.34
CA ALA C 526 49.46 -49.70 -11.30
C ALA C 526 48.28 -50.63 -11.05
N ASN C 527 47.17 -50.42 -11.77
CA ASN C 527 46.01 -51.29 -11.61
C ASN C 527 46.33 -52.68 -12.15
N PRO C 528 46.13 -53.74 -11.36
CA PRO C 528 46.34 -55.09 -11.89
C PRO C 528 45.40 -55.40 -13.05
N GLY C 529 45.91 -56.13 -14.03
CA GLY C 529 45.16 -56.44 -15.23
C GLY C 529 45.20 -55.37 -16.30
N GLY C 530 45.86 -54.25 -16.06
CA GLY C 530 45.95 -53.19 -17.03
C GLY C 530 44.80 -52.21 -16.94
N PRO C 531 44.97 -51.02 -17.51
CA PRO C 531 43.87 -50.04 -17.52
C PRO C 531 42.69 -50.54 -18.33
N ILE C 532 41.50 -50.10 -17.92
CA ILE C 532 40.26 -50.49 -18.58
C ILE C 532 39.93 -49.47 -19.65
N TYR C 533 39.91 -49.91 -20.91
CA TYR C 533 39.57 -49.05 -22.04
C TYR C 533 38.10 -49.28 -22.40
N PHE C 534 37.23 -48.82 -21.50
CA PHE C 534 35.79 -49.03 -21.62
C PHE C 534 35.12 -48.06 -22.59
N LEU C 535 35.90 -47.36 -23.42
CA LEU C 535 35.37 -46.41 -24.38
C LEU C 535 35.77 -46.77 -25.80
N LYS C 536 35.87 -48.07 -26.08
CA LYS C 536 36.29 -48.56 -27.39
C LYS C 536 35.06 -48.98 -28.20
N GLY C 537 35.06 -48.63 -29.48
CA GLY C 537 33.93 -48.90 -30.35
C GLY C 537 32.86 -47.83 -30.36
N LEU C 538 33.04 -46.75 -29.60
CA LEU C 538 32.05 -45.67 -29.53
C LEU C 538 32.31 -44.66 -30.65
N SER C 539 31.94 -45.07 -31.87
CA SER C 539 32.18 -44.24 -33.03
C SER C 539 31.25 -43.04 -33.10
N HIS C 540 30.06 -43.14 -32.51
CA HIS C 540 29.06 -42.08 -32.60
C HIS C 540 28.86 -41.34 -31.27
N LEU C 541 29.77 -41.51 -30.32
CA LEU C 541 29.63 -40.82 -29.03
C LEU C 541 29.88 -39.33 -29.23
N HIS C 542 29.01 -38.50 -28.66
CA HIS C 542 29.05 -37.06 -28.87
C HIS C 542 29.35 -36.28 -27.60
N ILE C 543 28.67 -36.59 -26.50
CA ILE C 543 28.85 -35.88 -25.23
C ILE C 543 29.31 -36.88 -24.19
N LEU C 544 30.42 -36.58 -23.52
CA LEU C 544 31.00 -37.44 -22.49
C LEU C 544 31.27 -36.61 -21.25
N ASN C 545 30.85 -37.11 -20.09
CA ASN C 545 31.00 -36.42 -18.82
C ASN C 545 31.71 -37.34 -17.84
N LEU C 546 32.79 -36.84 -17.23
CA LEU C 546 33.55 -37.60 -16.24
C LEU C 546 33.93 -36.72 -15.06
N GLU C 547 32.98 -35.90 -14.58
CA GLU C 547 33.26 -35.00 -13.48
C GLU C 547 33.36 -35.75 -12.16
N SER C 548 34.24 -35.27 -11.29
CA SER C 548 34.35 -35.74 -9.90
C SER C 548 34.62 -37.24 -9.82
N ASN C 549 35.42 -37.74 -10.75
CA ASN C 549 35.82 -39.15 -10.73
C ASN C 549 37.14 -39.38 -10.00
N GLY C 550 37.83 -38.32 -9.60
CA GLY C 550 39.10 -38.47 -8.92
C GLY C 550 40.21 -39.01 -9.79
N PHE C 551 40.11 -38.84 -11.11
CA PHE C 551 41.13 -39.37 -12.03
C PHE C 551 42.48 -38.73 -11.76
N ASP C 552 43.52 -39.56 -11.68
CA ASP C 552 44.88 -39.09 -11.50
C ASP C 552 45.77 -39.34 -12.71
N GLU C 553 45.35 -40.20 -13.63
CA GLU C 553 46.13 -40.50 -14.83
C GLU C 553 45.17 -40.96 -15.92
N ILE C 554 45.44 -40.56 -17.16
CA ILE C 554 44.60 -40.88 -18.30
C ILE C 554 45.39 -41.79 -19.22
N PRO C 555 44.87 -42.97 -19.57
CA PRO C 555 45.60 -43.84 -20.52
C PRO C 555 45.71 -43.18 -21.89
N VAL C 556 46.79 -43.53 -22.60
CA VAL C 556 47.11 -42.86 -23.85
C VAL C 556 46.13 -43.24 -24.96
N GLU C 557 45.59 -44.46 -24.92
CA GLU C 557 44.73 -44.91 -26.01
C GLU C 557 43.30 -45.16 -25.55
N VAL C 558 42.77 -44.28 -24.71
CA VAL C 558 41.38 -44.40 -24.27
C VAL C 558 40.43 -43.66 -25.20
N PHE C 559 40.84 -42.52 -25.75
CA PHE C 559 40.05 -41.73 -26.69
C PHE C 559 40.46 -41.97 -28.14
N LYS C 560 40.94 -43.17 -28.47
CA LYS C 560 41.49 -43.43 -29.79
C LYS C 560 40.41 -43.56 -30.88
N ASP C 561 39.17 -43.88 -30.51
CA ASP C 561 38.14 -44.17 -31.51
C ASP C 561 36.98 -43.19 -31.51
N LEU C 562 36.99 -42.19 -30.65
CA LEU C 562 35.89 -41.21 -30.59
C LEU C 562 36.11 -40.18 -31.70
N PHE C 563 35.67 -40.54 -32.90
CA PHE C 563 35.86 -39.69 -34.07
C PHE C 563 34.84 -38.56 -34.15
N GLU C 564 33.74 -38.65 -33.39
CA GLU C 564 32.68 -37.65 -33.44
C GLU C 564 32.43 -37.00 -32.10
N LEU C 565 33.40 -37.06 -31.18
CA LEU C 565 33.26 -36.41 -29.89
C LEU C 565 33.31 -34.90 -30.05
N LYS C 566 32.35 -34.22 -29.44
CA LYS C 566 32.29 -32.76 -29.49
C LYS C 566 32.31 -32.11 -28.13
N ILE C 567 31.61 -32.68 -27.14
CA ILE C 567 31.54 -32.12 -25.80
C ILE C 567 32.18 -33.13 -24.84
N ILE C 568 33.21 -32.69 -24.11
CA ILE C 568 33.89 -33.52 -23.13
C ILE C 568 33.98 -32.73 -21.83
N ASP C 569 33.75 -33.41 -20.71
CA ASP C 569 33.76 -32.79 -19.40
C ASP C 569 34.64 -33.62 -18.47
N LEU C 570 35.66 -32.98 -17.89
CA LEU C 570 36.60 -33.66 -16.99
C LEU C 570 36.92 -32.81 -15.77
N GLY C 571 35.96 -32.01 -15.31
CA GLY C 571 36.21 -31.14 -14.19
C GLY C 571 36.17 -31.85 -12.85
N LEU C 572 36.63 -31.14 -11.82
CA LEU C 572 36.60 -31.59 -10.43
C LEU C 572 37.33 -32.92 -10.23
N ASN C 573 38.42 -33.13 -10.96
CA ASN C 573 39.24 -34.32 -10.84
C ASN C 573 40.61 -33.94 -10.28
N ASN C 574 41.48 -34.95 -10.16
CA ASN C 574 42.84 -34.77 -9.65
C ASN C 574 43.88 -34.91 -10.75
N LEU C 575 43.54 -34.51 -11.97
CA LEU C 575 44.47 -34.61 -13.08
C LEU C 575 45.64 -33.65 -12.88
N ASN C 576 46.85 -34.16 -13.05
CA ASN C 576 48.07 -33.36 -12.96
C ASN C 576 48.91 -33.41 -14.22
N THR C 577 49.06 -34.59 -14.82
CA THR C 577 49.85 -34.76 -16.03
C THR C 577 49.06 -35.61 -17.02
N LEU C 578 48.98 -35.14 -18.26
CA LEU C 578 48.28 -35.85 -19.31
C LEU C 578 49.27 -36.37 -20.34
N PRO C 579 49.02 -37.57 -20.88
CA PRO C 579 49.95 -38.13 -21.87
C PRO C 579 49.96 -37.31 -23.15
N ALA C 580 51.13 -37.27 -23.78
CA ALA C 580 51.27 -36.56 -25.05
C ALA C 580 50.57 -37.31 -26.17
N SER C 581 50.04 -36.53 -27.12
CA SER C 581 49.33 -37.05 -28.30
C SER C 581 48.19 -37.99 -27.89
N VAL C 582 47.26 -37.45 -27.12
CA VAL C 582 46.09 -38.18 -26.68
C VAL C 582 44.82 -37.71 -27.39
N PHE C 583 44.76 -36.43 -27.75
CA PHE C 583 43.55 -35.84 -28.33
C PHE C 583 43.63 -35.72 -29.85
N ASN C 584 44.45 -36.57 -30.49
CA ASN C 584 44.61 -36.47 -31.94
C ASN C 584 43.31 -36.80 -32.68
N ASN C 585 42.56 -37.78 -32.20
CA ASN C 585 41.40 -38.27 -32.92
C ASN C 585 40.17 -37.39 -32.77
N GLN C 586 40.16 -36.47 -31.80
CA GLN C 586 39.03 -35.55 -31.62
C GLN C 586 39.22 -34.33 -32.53
N VAL C 587 38.98 -34.54 -33.83
CA VAL C 587 39.08 -33.45 -34.79
C VAL C 587 37.83 -32.58 -34.79
N SER C 588 36.77 -32.98 -34.10
CA SER C 588 35.52 -32.24 -34.06
C SER C 588 35.11 -31.87 -32.64
N LEU C 589 36.09 -31.62 -31.77
CA LEU C 589 35.78 -31.22 -30.41
C LEU C 589 35.26 -29.79 -30.38
N LYS C 590 34.33 -29.52 -29.45
CA LYS C 590 33.75 -28.19 -29.30
C LYS C 590 34.03 -27.57 -27.94
N SER C 591 33.78 -28.28 -26.85
CA SER C 591 33.95 -27.75 -25.50
C SER C 591 34.83 -28.67 -24.69
N LEU C 592 35.82 -28.11 -24.01
CA LEU C 592 36.70 -28.84 -23.11
C LEU C 592 36.62 -28.22 -21.73
N ASN C 593 36.23 -29.03 -20.74
CA ASN C 593 36.01 -28.55 -19.37
C ASN C 593 36.98 -29.26 -18.44
N LEU C 594 37.89 -28.49 -17.84
CA LEU C 594 38.88 -29.03 -16.91
C LEU C 594 38.98 -28.15 -15.66
N GLN C 595 37.84 -27.70 -15.15
CA GLN C 595 37.85 -26.84 -13.97
C GLN C 595 38.17 -27.63 -12.71
N LYS C 596 38.76 -26.93 -11.74
CA LYS C 596 38.99 -27.47 -10.39
C LYS C 596 39.84 -28.75 -10.43
N ASN C 597 40.88 -28.74 -11.24
CA ASN C 597 41.84 -29.82 -11.33
C ASN C 597 43.19 -29.38 -10.78
N LEU C 598 44.17 -30.27 -10.86
CA LEU C 598 45.51 -30.01 -10.36
C LEU C 598 46.54 -29.86 -11.47
N ILE C 599 46.09 -29.61 -12.70
CA ILE C 599 47.01 -29.46 -13.82
C ILE C 599 47.84 -28.19 -13.64
N THR C 600 49.07 -28.23 -14.14
CA THR C 600 49.99 -27.10 -13.98
C THR C 600 50.58 -26.61 -15.30
N SER C 601 50.64 -27.45 -16.33
CA SER C 601 51.30 -27.11 -17.58
C SER C 601 50.36 -27.40 -18.74
N VAL C 602 50.33 -26.49 -19.72
CA VAL C 602 49.57 -26.65 -20.95
C VAL C 602 50.56 -26.53 -22.10
N GLU C 603 50.66 -27.58 -22.91
CA GLU C 603 51.64 -27.64 -23.99
C GLU C 603 51.03 -28.24 -25.26
N LYS C 604 51.74 -28.04 -26.37
CA LYS C 604 51.21 -28.45 -27.67
C LYS C 604 51.12 -29.97 -27.81
N LYS C 605 52.07 -30.71 -27.26
CA LYS C 605 52.13 -32.15 -27.50
C LYS C 605 50.93 -32.91 -26.94
N VAL C 606 50.16 -32.28 -26.05
CA VAL C 606 48.95 -32.88 -25.52
C VAL C 606 47.71 -32.08 -25.87
N PHE C 607 47.80 -30.74 -25.85
CA PHE C 607 46.64 -29.88 -26.02
C PHE C 607 46.63 -29.17 -27.37
N GLY C 608 47.54 -29.52 -28.28
CA GLY C 608 47.58 -28.95 -29.60
C GLY C 608 46.36 -29.30 -30.43
N PRO C 609 46.17 -30.58 -30.73
CA PRO C 609 44.97 -31.00 -31.46
C PRO C 609 43.66 -30.68 -30.74
N ALA C 610 43.69 -30.60 -29.40
CA ALA C 610 42.49 -30.22 -28.66
C ALA C 610 42.05 -28.81 -28.99
N PHE C 611 42.99 -27.88 -29.14
CA PHE C 611 42.70 -26.47 -29.40
C PHE C 611 42.67 -26.14 -30.88
N ARG C 612 42.31 -27.09 -31.74
CA ARG C 612 42.20 -26.80 -33.17
C ARG C 612 41.06 -25.84 -33.45
N ASN C 613 39.83 -26.24 -33.14
CA ASN C 613 38.65 -25.42 -33.41
C ASN C 613 37.61 -25.75 -32.33
N LEU C 614 37.59 -24.93 -31.28
CA LEU C 614 36.66 -25.08 -30.18
C LEU C 614 35.69 -23.91 -30.13
N THR C 615 34.71 -24.02 -29.24
CA THR C 615 33.77 -22.94 -28.99
C THR C 615 33.64 -22.59 -27.52
N GLU C 616 34.11 -23.43 -26.60
CA GLU C 616 34.04 -23.16 -25.17
C GLU C 616 35.28 -23.74 -24.52
N LEU C 617 35.59 -23.22 -23.32
CA LEU C 617 36.72 -23.71 -22.55
C LEU C 617 36.46 -23.41 -21.09
N ASP C 618 36.64 -24.41 -20.24
CA ASP C 618 36.30 -24.34 -18.82
C ASP C 618 37.48 -24.87 -18.00
N MET C 619 38.39 -23.97 -17.62
CA MET C 619 39.61 -24.30 -16.89
C MET C 619 39.85 -23.28 -15.78
N ARG C 620 38.84 -23.05 -14.94
CA ARG C 620 38.89 -21.94 -13.99
C ARG C 620 39.91 -22.19 -12.88
N PHE C 621 39.68 -23.21 -12.05
CA PHE C 621 40.40 -23.35 -10.79
C PHE C 621 41.54 -24.36 -10.93
N ASN C 622 42.62 -23.91 -11.54
CA ASN C 622 43.80 -24.74 -11.69
C ASN C 622 45.04 -23.97 -11.26
N PRO C 623 45.98 -24.60 -10.57
CA PRO C 623 47.22 -23.91 -10.22
C PRO C 623 48.19 -23.85 -11.39
N PHE C 624 47.98 -22.88 -12.28
CA PHE C 624 48.84 -22.76 -13.46
C PHE C 624 50.25 -22.32 -13.05
N ASP C 625 51.23 -22.78 -13.83
CA ASP C 625 52.63 -22.42 -13.62
C ASP C 625 53.05 -21.45 -14.71
N CYS C 626 53.59 -20.30 -14.30
CA CYS C 626 54.07 -19.27 -15.23
C CYS C 626 55.53 -19.54 -15.55
N THR C 627 55.76 -20.28 -16.62
CA THR C 627 57.09 -20.57 -17.14
C THR C 627 57.00 -20.68 -18.64
N CYS C 628 58.03 -20.20 -19.34
CA CYS C 628 58.05 -20.25 -20.79
C CYS C 628 58.03 -21.68 -21.33
N GLU C 629 58.43 -22.66 -20.52
CA GLU C 629 58.37 -24.06 -20.93
C GLU C 629 56.98 -24.67 -20.73
N SER C 630 56.10 -24.01 -19.97
CA SER C 630 54.85 -24.63 -19.57
C SER C 630 53.60 -23.80 -19.88
N ILE C 631 53.70 -22.48 -20.05
CA ILE C 631 52.50 -21.67 -20.20
C ILE C 631 52.62 -20.74 -21.40
N ALA C 632 53.83 -20.61 -21.96
CA ALA C 632 54.06 -19.62 -23.01
C ALA C 632 53.20 -19.89 -24.24
N TRP C 633 53.10 -21.15 -24.67
CA TRP C 633 52.22 -21.48 -25.78
C TRP C 633 50.77 -21.28 -25.38
N PHE C 634 50.41 -21.58 -24.13
CA PHE C 634 49.03 -21.41 -23.69
C PHE C 634 48.61 -19.95 -23.73
N VAL C 635 49.40 -19.06 -23.12
CA VAL C 635 49.04 -17.64 -23.11
C VAL C 635 49.12 -17.06 -24.51
N ASN C 636 49.99 -17.61 -25.36
CA ASN C 636 50.01 -17.20 -26.76
C ASN C 636 48.69 -17.55 -27.44
N TRP C 637 48.16 -18.75 -27.17
CA TRP C 637 46.88 -19.14 -27.74
C TRP C 637 45.74 -18.34 -27.13
N ILE C 638 45.90 -17.88 -25.88
CA ILE C 638 44.91 -16.99 -25.28
C ILE C 638 44.90 -15.64 -25.98
N ASN C 639 46.08 -15.17 -26.40
CA ASN C 639 46.17 -13.84 -26.99
C ASN C 639 45.36 -13.73 -28.28
N GLU C 640 45.43 -14.75 -29.13
CA GLU C 640 44.62 -14.79 -30.36
C GLU C 640 43.83 -16.09 -30.38
N THR C 641 42.49 -15.96 -30.36
CA THR C 641 41.59 -17.10 -30.37
C THR C 641 40.19 -16.58 -30.63
N HIS C 642 39.29 -17.50 -30.98
CA HIS C 642 37.88 -17.20 -31.14
C HIS C 642 36.99 -18.00 -30.20
N THR C 643 37.57 -18.93 -29.43
CA THR C 643 36.79 -19.72 -28.49
C THR C 643 36.31 -18.85 -27.34
N ASN C 644 35.12 -19.16 -26.83
CA ASN C 644 34.55 -18.42 -25.71
C ASN C 644 35.21 -18.86 -24.41
N ILE C 645 35.96 -17.97 -23.79
CA ILE C 645 36.60 -18.26 -22.51
C ILE C 645 36.06 -17.26 -21.49
N PRO C 646 35.00 -17.60 -20.78
CA PRO C 646 34.44 -16.68 -19.78
C PRO C 646 35.31 -16.58 -18.54
N GLU C 647 35.20 -15.43 -17.85
CA GLU C 647 36.04 -15.05 -16.70
C GLU C 647 37.51 -15.45 -16.92
N LEU C 648 38.05 -15.02 -18.06
CA LEU C 648 39.44 -15.35 -18.39
C LEU C 648 40.41 -14.63 -17.46
N SER C 649 40.07 -13.43 -17.01
CA SER C 649 40.94 -12.64 -16.15
C SER C 649 40.51 -12.66 -14.69
N SER C 650 39.54 -13.50 -14.33
CA SER C 650 39.05 -13.56 -12.95
C SER C 650 39.62 -14.72 -12.15
N HIS C 651 39.56 -15.94 -12.68
CA HIS C 651 40.00 -17.11 -11.93
C HIS C 651 41.15 -17.88 -12.58
N TYR C 652 41.55 -17.53 -13.80
CA TYR C 652 42.75 -18.11 -14.42
C TYR C 652 43.98 -17.40 -13.84
N LEU C 653 44.23 -17.69 -12.57
CA LEU C 653 45.25 -16.99 -11.80
C LEU C 653 46.45 -17.90 -11.60
N CYS C 654 47.64 -17.34 -11.75
CA CYS C 654 48.87 -18.11 -11.63
C CYS C 654 49.23 -18.31 -10.17
N ASN C 655 49.36 -19.56 -9.76
CA ASN C 655 49.61 -19.93 -8.38
C ASN C 655 51.09 -20.10 -8.06
N THR C 656 51.89 -20.50 -9.03
CA THR C 656 53.29 -20.85 -8.84
C THR C 656 54.09 -20.42 -10.06
N PRO C 657 55.25 -19.77 -9.87
CA PRO C 657 56.00 -19.41 -8.67
C PRO C 657 55.38 -18.26 -7.88
N PRO C 658 55.82 -18.03 -6.64
CA PRO C 658 55.30 -16.90 -5.87
C PRO C 658 55.60 -15.53 -6.49
N HIS C 659 56.56 -15.45 -7.41
CA HIS C 659 56.78 -14.21 -8.14
C HIS C 659 55.56 -13.85 -8.97
N TYR C 660 54.95 -14.84 -9.61
CA TYR C 660 53.73 -14.65 -10.41
C TYR C 660 52.48 -15.09 -9.65
N HIS C 661 52.51 -15.06 -8.32
CA HIS C 661 51.40 -15.56 -7.52
C HIS C 661 50.20 -14.64 -7.69
N GLY C 662 49.14 -15.17 -8.30
CA GLY C 662 47.92 -14.41 -8.52
C GLY C 662 47.90 -13.59 -9.79
N PHE C 663 48.98 -13.57 -10.55
CA PHE C 663 49.03 -12.76 -11.77
C PHE C 663 48.29 -13.48 -12.89
N PRO C 664 47.29 -12.84 -13.52
CA PRO C 664 46.55 -13.43 -14.64
C PRO C 664 47.42 -13.73 -15.85
N THR D 6 75.80 -63.34 10.71
CA THR D 6 75.96 -63.50 12.16
C THR D 6 76.53 -62.23 12.79
N VAL D 7 75.68 -61.22 12.95
CA VAL D 7 76.10 -59.97 13.56
C VAL D 7 76.28 -60.18 15.06
N SER D 8 77.35 -59.59 15.61
CA SER D 8 77.66 -59.75 17.02
C SER D 8 78.64 -58.67 17.45
N HIS D 9 78.29 -57.97 18.54
CA HIS D 9 79.21 -57.08 19.24
C HIS D 9 79.52 -57.55 20.64
N GLU D 10 78.50 -57.90 21.41
CA GLU D 10 78.57 -58.62 22.68
C GLU D 10 77.59 -59.79 22.70
N VAL D 11 76.47 -59.67 21.99
CA VAL D 11 75.49 -60.74 21.87
C VAL D 11 75.64 -61.37 20.49
N ALA D 12 75.82 -62.69 20.47
CA ALA D 12 75.98 -63.44 19.24
C ALA D 12 74.62 -63.99 18.82
N ASP D 13 74.18 -63.61 17.62
CA ASP D 13 72.86 -63.97 17.12
C ASP D 13 73.01 -64.70 15.79
N CYS D 14 72.40 -65.88 15.70
CA CYS D 14 72.34 -66.64 14.46
C CYS D 14 70.93 -67.17 14.23
N SER D 15 69.93 -66.30 14.39
CA SER D 15 68.54 -66.70 14.31
C SER D 15 68.05 -66.66 12.87
N HIS D 16 67.40 -67.75 12.44
CA HIS D 16 66.79 -67.87 11.12
C HIS D 16 67.81 -67.68 10.00
N LEU D 17 69.03 -68.16 10.21
CA LEU D 17 70.09 -68.07 9.21
C LEU D 17 70.43 -69.41 8.58
N LYS D 18 69.66 -70.47 8.87
CA LYS D 18 69.77 -71.77 8.21
C LYS D 18 71.18 -72.36 8.35
N LEU D 19 71.72 -72.29 9.56
CA LEU D 19 73.05 -72.83 9.82
C LEU D 19 73.01 -74.34 9.96
N THR D 20 74.01 -75.01 9.38
CA THR D 20 74.19 -76.46 9.51
C THR D 20 75.30 -76.82 10.49
N GLN D 21 76.37 -76.02 10.54
CA GLN D 21 77.43 -76.19 11.52
C GLN D 21 77.70 -74.86 12.19
N VAL D 22 78.20 -74.92 13.41
CA VAL D 22 78.46 -73.70 14.18
C VAL D 22 79.61 -72.93 13.53
N PRO D 23 79.59 -71.60 13.54
CA PRO D 23 80.71 -70.85 12.97
C PRO D 23 81.94 -70.94 13.85
N ASP D 24 83.10 -70.75 13.23
CA ASP D 24 84.37 -70.81 13.92
C ASP D 24 85.14 -69.49 13.92
N ASP D 25 84.46 -68.38 13.57
CA ASP D 25 85.08 -67.06 13.56
C ASP D 25 84.21 -66.09 14.38
N LEU D 26 84.39 -66.13 15.70
CA LEU D 26 83.73 -65.24 16.64
C LEU D 26 84.74 -64.87 17.71
N PRO D 27 84.53 -63.73 18.39
CA PRO D 27 85.42 -63.39 19.52
C PRO D 27 85.35 -64.43 20.62
N THR D 28 86.49 -64.63 21.28
CA THR D 28 86.59 -65.64 22.33
C THR D 28 85.77 -65.26 23.56
N ASN D 29 85.71 -63.97 23.89
CA ASN D 29 85.10 -63.50 25.13
C ASN D 29 83.60 -63.26 25.00
N ILE D 30 82.93 -63.92 24.07
CA ILE D 30 81.47 -63.80 23.98
C ILE D 30 80.83 -64.57 25.12
N THR D 31 79.73 -64.01 25.65
CA THR D 31 79.04 -64.61 26.80
C THR D 31 77.79 -65.39 26.41
N VAL D 32 77.01 -64.89 25.45
CA VAL D 32 75.79 -65.54 25.00
C VAL D 32 75.90 -65.76 23.49
N LEU D 33 75.55 -66.97 23.06
CA LEU D 33 75.67 -67.36 21.66
C LEU D 33 74.36 -68.06 21.28
N ASN D 34 73.65 -67.52 20.30
CA ASN D 34 72.31 -67.96 19.96
C ASN D 34 72.28 -68.54 18.55
N LEU D 35 71.81 -69.78 18.42
CA LEU D 35 71.54 -70.41 17.12
C LEU D 35 70.14 -71.00 17.08
N THR D 36 69.14 -70.21 17.46
CA THR D 36 67.77 -70.70 17.39
C THR D 36 67.29 -70.77 15.93
N HIS D 37 66.33 -71.67 15.69
CA HIS D 37 65.73 -71.89 14.37
C HIS D 37 66.78 -72.32 13.34
N ASN D 38 67.41 -73.47 13.62
CA ASN D 38 68.41 -74.04 12.71
C ASN D 38 68.25 -75.54 12.59
N GLN D 39 69.20 -76.19 11.90
CA GLN D 39 69.28 -77.65 11.76
C GLN D 39 70.68 -78.16 12.06
N LEU D 40 71.23 -77.77 13.21
CA LEU D 40 72.44 -78.40 13.71
C LEU D 40 72.08 -79.85 14.02
N ARG D 41 72.29 -80.74 13.04
CA ARG D 41 71.96 -82.14 13.25
C ARG D 41 72.80 -82.74 14.37
N ARG D 42 74.09 -82.38 14.40
CA ARG D 42 75.00 -82.80 15.44
C ARG D 42 75.73 -81.57 15.97
N LEU D 43 76.00 -81.56 17.26
CA LEU D 43 76.72 -80.47 17.92
C LEU D 43 78.02 -81.03 18.48
N PRO D 44 79.05 -81.16 17.65
CA PRO D 44 80.33 -81.68 18.13
C PRO D 44 80.97 -80.75 19.15
N ALA D 45 81.59 -81.35 20.16
CA ALA D 45 82.31 -80.58 21.16
C ALA D 45 83.67 -80.10 20.67
N ALA D 46 84.19 -80.70 19.60
CA ALA D 46 85.51 -80.31 19.10
C ALA D 46 85.51 -78.92 18.47
N ASN D 47 84.34 -78.41 18.05
CA ASN D 47 84.26 -77.09 17.46
C ASN D 47 84.19 -75.97 18.50
N PHE D 48 84.10 -76.31 19.78
CA PHE D 48 84.00 -75.32 20.84
C PHE D 48 85.29 -75.16 21.64
N THR D 49 86.44 -75.51 21.06
CA THR D 49 87.71 -75.20 21.71
C THR D 49 87.91 -73.70 21.83
N ARG D 50 87.58 -72.96 20.78
CA ARG D 50 87.70 -71.50 20.81
C ARG D 50 86.69 -70.88 21.75
N TYR D 51 85.50 -71.47 21.85
CA TYR D 51 84.40 -70.92 22.65
C TYR D 51 84.49 -71.51 24.05
N SER D 52 85.08 -70.74 24.97
CA SER D 52 85.24 -71.20 26.35
C SER D 52 84.90 -70.10 27.36
N GLN D 53 84.26 -69.02 26.92
CA GLN D 53 83.88 -67.94 27.82
C GLN D 53 82.37 -67.67 27.80
N LEU D 54 81.58 -68.66 27.39
CA LEU D 54 80.15 -68.46 27.23
C LEU D 54 79.42 -68.69 28.55
N THR D 55 78.32 -67.97 28.73
CA THR D 55 77.43 -68.13 29.89
C THR D 55 76.07 -68.68 29.52
N SER D 56 75.51 -68.26 28.38
CA SER D 56 74.22 -68.73 27.91
C SER D 56 74.38 -69.30 26.50
N LEU D 57 73.68 -70.41 26.24
CA LEU D 57 73.75 -71.11 24.95
C LEU D 57 72.33 -71.46 24.53
N ASP D 58 71.76 -70.63 23.65
CA ASP D 58 70.43 -70.86 23.11
C ASP D 58 70.58 -71.59 21.78
N VAL D 59 70.32 -72.89 21.79
CA VAL D 59 70.49 -73.73 20.60
C VAL D 59 69.15 -74.40 20.31
N GLY D 60 68.07 -73.78 20.76
CA GLY D 60 66.75 -74.34 20.61
C GLY D 60 66.22 -74.27 19.19
N PHE D 61 65.06 -74.91 19.00
CA PHE D 61 64.37 -74.96 17.70
C PHE D 61 65.27 -75.54 16.60
N ASN D 62 66.02 -76.58 16.95
CA ASN D 62 66.95 -77.20 16.00
C ASN D 62 66.71 -78.70 15.89
N THR D 63 67.64 -79.42 15.28
CA THR D 63 67.48 -80.85 15.06
C THR D 63 68.62 -81.66 15.65
N ILE D 64 69.01 -81.38 16.89
CA ILE D 64 70.01 -82.19 17.57
C ILE D 64 69.35 -83.48 18.06
N SER D 65 69.96 -84.62 17.72
CA SER D 65 69.43 -85.90 18.16
C SER D 65 69.81 -86.21 19.60
N LYS D 66 71.11 -86.30 19.88
CA LYS D 66 71.60 -86.59 21.22
C LYS D 66 72.81 -85.71 21.51
N LEU D 67 73.17 -85.67 22.79
CA LEU D 67 74.24 -84.81 23.27
C LEU D 67 75.37 -85.65 23.85
N GLU D 68 76.52 -85.02 24.06
CA GLU D 68 77.71 -85.69 24.57
C GLU D 68 78.21 -84.99 25.82
N PRO D 69 78.81 -85.74 26.75
CA PRO D 69 79.33 -85.11 27.98
C PRO D 69 80.41 -84.08 27.73
N GLU D 70 81.17 -84.21 26.65
CA GLU D 70 82.30 -83.32 26.43
C GLU D 70 81.89 -81.93 25.96
N LEU D 71 80.60 -81.71 25.72
CA LEU D 71 80.15 -80.39 25.26
C LEU D 71 80.39 -79.33 26.34
N CYS D 72 79.94 -79.59 27.56
CA CYS D 72 80.07 -78.57 28.61
C CYS D 72 81.31 -78.76 29.46
N GLN D 73 82.19 -79.71 29.10
CA GLN D 73 83.51 -79.75 29.71
C GLN D 73 84.28 -78.48 29.40
N LYS D 74 84.19 -78.00 28.15
CA LYS D 74 84.90 -76.83 27.70
C LYS D 74 84.29 -75.53 28.24
N LEU D 75 83.11 -75.60 28.85
CA LEU D 75 82.42 -74.40 29.32
C LEU D 75 82.33 -74.43 30.84
N PRO D 76 83.21 -73.73 31.55
CA PRO D 76 83.16 -73.75 33.02
C PRO D 76 82.25 -72.69 33.60
N MET D 77 81.77 -71.77 32.76
CA MET D 77 80.99 -70.62 33.22
C MET D 77 79.60 -70.62 32.59
N LEU D 78 79.28 -71.64 31.79
CA LEU D 78 77.97 -71.74 31.18
C LEU D 78 76.89 -71.85 32.25
N LYS D 79 75.83 -71.06 32.09
CA LYS D 79 74.82 -70.93 33.13
C LYS D 79 73.41 -71.16 32.60
N VAL D 80 73.21 -70.89 31.31
CA VAL D 80 71.91 -71.08 30.67
C VAL D 80 72.09 -72.03 29.50
N LEU D 81 71.26 -73.07 29.45
CA LEU D 81 71.34 -74.11 28.43
C LEU D 81 69.94 -74.37 27.89
N ASN D 82 69.68 -73.90 26.67
CA ASN D 82 68.34 -73.96 26.07
C ASN D 82 68.32 -75.01 24.96
N LEU D 83 67.44 -75.99 25.10
CA LEU D 83 67.30 -77.08 24.12
C LEU D 83 65.83 -77.24 23.73
N GLN D 84 65.16 -76.13 23.42
CA GLN D 84 63.76 -76.19 23.04
C GLN D 84 63.60 -76.77 21.63
N HIS D 85 62.59 -77.62 21.47
CA HIS D 85 62.17 -78.15 20.16
C HIS D 85 63.32 -78.89 19.46
N ASN D 86 63.79 -79.95 20.10
CA ASN D 86 64.82 -80.82 19.55
C ASN D 86 64.36 -82.27 19.67
N GLU D 87 65.28 -83.20 19.40
CA GLU D 87 64.99 -84.63 19.47
C GLU D 87 65.79 -85.32 20.59
N LEU D 88 66.09 -84.61 21.67
CA LEU D 88 66.86 -85.16 22.78
C LEU D 88 65.95 -86.06 23.60
N SER D 89 65.68 -87.25 23.07
CA SER D 89 64.79 -88.21 23.72
C SER D 89 65.52 -89.15 24.67
N GLN D 90 66.84 -89.06 24.75
CA GLN D 90 67.63 -89.93 25.62
C GLN D 90 68.43 -89.08 26.58
N LEU D 91 68.45 -89.49 27.85
CA LEU D 91 69.20 -88.80 28.90
C LEU D 91 70.01 -89.83 29.67
N SER D 92 71.18 -89.40 30.14
CA SER D 92 72.09 -90.27 30.88
C SER D 92 72.63 -89.52 32.09
N ASP D 93 73.28 -90.28 32.98
CA ASP D 93 73.87 -89.69 34.17
C ASP D 93 74.99 -88.72 33.82
N LYS D 94 75.72 -89.00 32.75
CA LYS D 94 76.87 -88.21 32.32
C LYS D 94 76.51 -87.10 31.33
N THR D 95 75.23 -86.95 31.00
CA THR D 95 74.83 -85.91 30.05
C THR D 95 75.11 -84.52 30.60
N PHE D 96 74.83 -84.30 31.89
CA PHE D 96 75.03 -83.02 32.55
C PHE D 96 75.92 -83.19 33.77
N ALA D 97 76.99 -83.97 33.64
CA ALA D 97 77.83 -84.29 34.79
C ALA D 97 78.85 -83.21 35.08
N PHE D 98 79.73 -82.92 34.10
CA PHE D 98 80.84 -82.00 34.34
C PHE D 98 80.35 -80.58 34.59
N CYS D 99 79.36 -80.13 33.81
CA CYS D 99 78.83 -78.79 33.97
C CYS D 99 77.79 -78.77 35.09
N THR D 100 78.08 -77.99 36.14
CA THR D 100 77.19 -77.87 37.28
C THR D 100 76.87 -76.42 37.65
N ASN D 101 77.38 -75.45 36.91
CA ASN D 101 77.13 -74.04 37.17
C ASN D 101 75.86 -73.53 36.49
N LEU D 102 75.13 -74.40 35.80
CA LEU D 102 73.91 -74.01 35.13
C LEU D 102 72.84 -73.60 36.14
N THR D 103 72.16 -72.49 35.87
CA THR D 103 70.99 -72.07 36.63
C THR D 103 69.73 -72.07 35.78
N GLU D 104 69.85 -72.40 34.49
CA GLU D 104 68.71 -72.42 33.58
C GLU D 104 68.90 -73.58 32.63
N LEU D 105 67.83 -74.37 32.44
CA LEU D 105 67.91 -75.55 31.59
C LEU D 105 66.51 -75.80 31.04
N HIS D 106 66.32 -75.51 29.75
CA HIS D 106 65.03 -75.68 29.09
C HIS D 106 65.06 -76.94 28.25
N LEU D 107 64.07 -77.81 28.46
CA LEU D 107 63.90 -79.01 27.65
C LEU D 107 62.47 -79.11 27.13
N MET D 108 61.96 -78.02 26.56
CA MET D 108 60.60 -78.02 26.05
C MET D 108 60.53 -78.70 24.69
N SER D 109 59.58 -79.63 24.55
CA SER D 109 59.26 -80.29 23.27
C SER D 109 60.45 -81.06 22.71
N ASN D 110 61.04 -81.93 23.53
CA ASN D 110 62.09 -82.82 23.07
C ASN D 110 61.61 -84.25 22.86
N SER D 111 60.31 -84.51 23.03
CA SER D 111 59.74 -85.85 22.91
C SER D 111 60.42 -86.84 23.84
N ILE D 112 60.75 -86.38 25.05
CA ILE D 112 61.37 -87.25 26.04
C ILE D 112 60.32 -88.23 26.55
N GLN D 113 60.65 -89.52 26.50
CA GLN D 113 59.68 -90.56 26.87
C GLN D 113 59.73 -90.86 28.36
N LYS D 114 60.89 -91.30 28.86
CA LYS D 114 61.03 -91.69 30.25
C LYS D 114 62.38 -91.24 30.77
N ILE D 115 62.41 -90.89 32.05
CA ILE D 115 63.65 -90.65 32.77
C ILE D 115 64.11 -91.98 33.35
N LYS D 116 65.30 -92.42 32.96
CA LYS D 116 65.67 -93.80 33.24
C LYS D 116 66.17 -93.97 34.67
N ASN D 117 67.32 -93.38 35.00
CA ASN D 117 67.87 -93.51 36.34
C ASN D 117 68.13 -92.18 37.03
N ASN D 118 69.00 -91.31 36.47
CA ASN D 118 69.53 -90.18 37.24
C ASN D 118 70.19 -89.12 36.36
N PRO D 119 69.43 -88.22 35.75
CA PRO D 119 70.06 -87.18 34.91
C PRO D 119 70.50 -85.93 35.65
N PHE D 120 70.05 -85.66 36.88
CA PHE D 120 70.16 -84.31 37.42
C PHE D 120 70.77 -84.23 38.83
N VAL D 121 71.45 -85.28 39.31
CA VAL D 121 72.15 -85.13 40.59
C VAL D 121 73.40 -84.26 40.44
N LYS D 122 74.16 -84.45 39.37
CA LYS D 122 75.49 -83.84 39.25
C LYS D 122 75.45 -82.32 39.13
N GLN D 123 74.30 -81.66 39.21
CA GLN D 123 74.22 -80.22 39.33
C GLN D 123 73.41 -79.88 40.58
N LYS D 124 73.87 -78.85 41.30
CA LYS D 124 73.18 -78.41 42.50
C LYS D 124 72.76 -76.94 42.46
N ASN D 125 73.28 -76.15 41.53
CA ASN D 125 72.98 -74.73 41.44
C ASN D 125 71.87 -74.43 40.44
N LEU D 126 71.21 -75.44 39.91
CA LEU D 126 70.14 -75.22 38.94
C LEU D 126 68.95 -74.55 39.62
N ILE D 127 68.37 -73.58 38.92
CA ILE D 127 67.25 -72.80 39.43
C ILE D 127 65.95 -73.14 38.71
N THR D 128 65.96 -73.08 37.38
CA THR D 128 64.77 -73.30 36.57
C THR D 128 64.97 -74.54 35.70
N LEU D 129 64.03 -75.48 35.79
CA LEU D 129 64.03 -76.68 34.96
C LEU D 129 62.73 -76.74 34.19
N ASP D 130 62.82 -76.93 32.88
CA ASP D 130 61.67 -76.96 31.99
C ASP D 130 61.60 -78.33 31.33
N LEU D 131 60.41 -78.95 31.37
CA LEU D 131 60.17 -80.23 30.72
C LEU D 131 58.83 -80.22 29.99
N SER D 132 58.44 -79.10 29.43
CA SER D 132 57.13 -78.97 28.82
C SER D 132 57.05 -79.72 27.49
N HIS D 133 55.82 -80.08 27.11
CA HIS D 133 55.52 -80.73 25.84
C HIS D 133 56.33 -82.01 25.63
N ASN D 134 56.41 -82.82 26.69
CA ASN D 134 57.15 -84.07 26.67
C ASN D 134 56.20 -85.25 26.82
N GLY D 135 56.74 -86.45 26.65
CA GLY D 135 55.95 -87.66 26.74
C GLY D 135 56.03 -88.34 28.09
N LEU D 136 56.45 -87.59 29.11
CA LEU D 136 56.58 -88.15 30.45
C LEU D 136 55.20 -88.49 31.01
N SER D 137 55.12 -89.64 31.69
CA SER D 137 53.90 -90.05 32.37
C SER D 137 54.03 -90.04 33.89
N SER D 138 55.24 -89.94 34.42
CA SER D 138 55.47 -89.88 35.86
C SER D 138 56.43 -88.73 36.16
N THR D 139 56.28 -88.17 37.35
CA THR D 139 57.12 -87.05 37.79
C THR D 139 58.43 -87.52 38.44
N LYS D 140 58.85 -88.75 38.18
CA LYS D 140 60.09 -89.26 38.75
C LYS D 140 61.27 -88.81 37.89
N LEU D 141 62.18 -88.04 38.50
CA LEU D 141 63.37 -87.55 37.82
C LEU D 141 64.65 -88.06 38.44
N GLY D 142 64.57 -89.05 39.31
CA GLY D 142 65.75 -89.62 39.93
C GLY D 142 65.37 -90.58 41.03
N THR D 143 66.40 -91.14 41.67
CA THR D 143 66.23 -92.10 42.75
C THR D 143 66.41 -91.43 44.12
N GLN D 144 67.55 -90.78 44.32
CA GLN D 144 67.84 -90.12 45.58
C GLN D 144 67.29 -88.68 45.55
N VAL D 145 67.69 -87.88 46.53
CA VAL D 145 67.23 -86.51 46.66
C VAL D 145 68.29 -85.58 46.05
N GLN D 146 67.83 -84.64 45.24
CA GLN D 146 68.73 -83.68 44.60
C GLN D 146 67.94 -82.41 44.28
N LEU D 147 68.56 -81.51 43.52
CA LEU D 147 67.99 -80.22 43.14
C LEU D 147 67.60 -79.40 44.38
N GLU D 148 68.60 -79.19 45.25
CA GLU D 148 68.36 -78.44 46.48
C GLU D 148 68.03 -76.98 46.19
N ASN D 149 68.72 -76.37 45.24
CA ASN D 149 68.51 -74.97 44.91
C ASN D 149 67.46 -74.76 43.83
N LEU D 150 66.80 -75.82 43.37
CA LEU D 150 65.77 -75.68 42.35
C LEU D 150 64.59 -74.87 42.87
N GLN D 151 64.08 -73.97 42.04
CA GLN D 151 62.94 -73.14 42.37
C GLN D 151 61.82 -73.18 41.35
N GLU D 152 62.14 -73.46 40.08
CA GLU D 152 61.18 -73.37 38.99
C GLU D 152 61.15 -74.72 38.28
N LEU D 153 59.96 -75.33 38.22
CA LEU D 153 59.79 -76.62 37.56
C LEU D 153 58.56 -76.57 36.67
N LEU D 154 58.73 -76.94 35.40
CA LEU D 154 57.65 -76.92 34.42
C LEU D 154 57.51 -78.31 33.79
N LEU D 155 56.31 -78.88 33.90
CA LEU D 155 56.01 -80.18 33.31
C LEU D 155 54.70 -80.16 32.52
N SER D 156 54.41 -79.03 31.87
CA SER D 156 53.14 -78.87 31.19
C SER D 156 53.11 -79.69 29.90
N ASN D 157 51.88 -79.98 29.45
CA ASN D 157 51.63 -80.68 28.18
C ASN D 157 52.31 -82.05 28.14
N ASN D 158 52.30 -82.74 29.26
CA ASN D 158 52.84 -84.09 29.36
C ASN D 158 51.69 -85.10 29.33
N LYS D 159 52.02 -86.38 29.52
CA LYS D 159 51.05 -87.45 29.52
C LYS D 159 50.99 -88.10 30.91
N ILE D 160 50.96 -87.26 31.95
CA ILE D 160 50.93 -87.72 33.33
C ILE D 160 49.48 -87.87 33.76
N GLN D 161 49.12 -89.06 34.24
CA GLN D 161 47.76 -89.35 34.67
C GLN D 161 47.64 -89.54 36.17
N ALA D 162 48.76 -89.67 36.89
CA ALA D 162 48.71 -89.86 38.33
C ALA D 162 49.87 -89.11 38.96
N LEU D 163 49.61 -88.55 40.14
CA LEU D 163 50.60 -87.79 40.90
C LEU D 163 50.81 -88.51 42.23
N LYS D 164 51.74 -89.46 42.23
CA LYS D 164 51.94 -90.31 43.40
C LYS D 164 52.91 -89.67 44.40
N SER D 165 52.79 -90.08 45.66
CA SER D 165 53.62 -89.51 46.70
C SER D 165 55.08 -89.93 46.56
N GLU D 166 55.33 -91.18 46.15
CA GLU D 166 56.70 -91.65 46.04
C GLU D 166 57.43 -91.01 44.86
N GLU D 167 56.68 -90.46 43.91
CA GLU D 167 57.30 -89.85 42.74
C GLU D 167 57.92 -88.49 43.04
N LEU D 168 57.59 -87.89 44.20
CA LEU D 168 58.11 -86.58 44.57
C LEU D 168 58.91 -86.62 45.87
N ASP D 169 59.44 -87.78 46.25
CA ASP D 169 60.28 -87.87 47.43
C ASP D 169 61.64 -87.18 47.24
N ILE D 170 61.99 -86.85 46.00
CA ILE D 170 63.25 -86.15 45.72
C ILE D 170 63.28 -84.75 46.30
N PHE D 171 62.14 -84.06 46.34
CA PHE D 171 62.07 -82.65 46.69
C PHE D 171 61.81 -82.44 48.18
N ALA D 172 62.32 -83.35 49.02
CA ALA D 172 62.14 -83.23 50.46
C ALA D 172 62.89 -82.05 51.05
N ASN D 173 63.90 -81.53 50.36
CA ASN D 173 64.68 -80.39 50.82
C ASN D 173 64.87 -79.38 49.71
N SER D 174 63.78 -79.07 48.98
CA SER D 174 63.82 -78.10 47.90
C SER D 174 62.68 -77.11 48.07
N SER D 175 62.97 -75.84 47.80
CA SER D 175 61.99 -74.76 47.89
C SER D 175 61.48 -74.49 46.47
N LEU D 176 60.25 -74.94 46.19
CA LEU D 176 59.69 -74.85 44.85
C LEU D 176 58.60 -73.78 44.83
N LYS D 177 58.77 -72.80 43.93
CA LYS D 177 57.82 -71.71 43.81
C LYS D 177 56.80 -71.91 42.68
N LYS D 178 56.99 -72.91 41.83
CA LYS D 178 56.10 -73.12 40.68
C LYS D 178 56.13 -74.58 40.28
N LEU D 179 54.98 -75.23 40.29
CA LEU D 179 54.81 -76.59 39.79
C LEU D 179 53.84 -76.51 38.61
N GLU D 180 54.40 -76.34 37.42
CA GLU D 180 53.58 -76.22 36.21
C GLU D 180 53.23 -77.61 35.69
N LEU D 181 51.99 -78.04 35.95
CA LEU D 181 51.51 -79.34 35.49
C LEU D 181 50.30 -79.17 34.59
N SER D 182 50.33 -78.17 33.71
CA SER D 182 49.19 -77.86 32.87
C SER D 182 49.03 -78.87 31.73
N SER D 183 47.79 -78.99 31.26
CA SER D 183 47.43 -79.80 30.09
C SER D 183 47.78 -81.27 30.26
N ASN D 184 47.84 -81.76 31.51
CA ASN D 184 48.08 -83.16 31.79
C ASN D 184 46.86 -83.74 32.48
N GLN D 185 46.41 -84.92 32.04
CA GLN D 185 45.15 -85.49 32.49
C GLN D 185 45.36 -86.32 33.76
N ILE D 186 45.70 -85.63 34.84
CA ILE D 186 45.84 -86.27 36.14
C ILE D 186 44.44 -86.50 36.72
N LYS D 187 44.16 -87.75 37.12
CA LYS D 187 42.86 -88.10 37.68
C LYS D 187 42.95 -88.76 39.05
N GLU D 188 44.14 -88.90 39.62
CA GLU D 188 44.29 -89.53 40.93
C GLU D 188 45.33 -88.78 41.74
N PHE D 189 45.01 -88.53 43.01
CA PHE D 189 45.90 -87.85 43.93
C PHE D 189 46.23 -88.77 45.09
N SER D 190 47.53 -88.90 45.39
CA SER D 190 47.95 -89.75 46.50
C SER D 190 48.15 -88.92 47.76
N PRO D 191 47.81 -89.48 48.92
CA PRO D 191 48.06 -88.77 50.18
C PRO D 191 49.55 -88.53 50.40
N GLY D 192 49.88 -87.35 50.91
CA GLY D 192 51.26 -86.98 51.15
C GLY D 192 52.07 -86.68 49.92
N CYS D 193 51.42 -86.52 48.76
CA CYS D 193 52.15 -86.23 47.52
C CYS D 193 52.84 -84.86 47.60
N PHE D 194 52.14 -83.86 48.13
CA PHE D 194 52.71 -82.53 48.27
C PHE D 194 53.40 -82.32 49.60
N HIS D 195 53.08 -83.12 50.61
CA HIS D 195 53.80 -83.05 51.88
C HIS D 195 55.24 -83.55 51.72
N ALA D 196 55.49 -84.38 50.72
CA ALA D 196 56.86 -84.81 50.45
C ALA D 196 57.71 -83.67 49.93
N ILE D 197 57.10 -82.69 49.26
CA ILE D 197 57.84 -81.53 48.79
C ILE D 197 58.29 -80.70 49.98
N GLY D 198 59.53 -80.23 49.94
CA GLY D 198 60.08 -79.43 51.02
C GLY D 198 59.34 -78.14 51.27
N ARG D 199 59.37 -77.23 50.30
CA ARG D 199 58.66 -75.95 50.41
C ARG D 199 57.93 -75.70 49.10
N LEU D 200 56.62 -75.95 49.09
CA LEU D 200 55.76 -75.70 47.95
C LEU D 200 55.14 -74.32 48.10
N PHE D 201 55.35 -73.46 47.11
CA PHE D 201 54.80 -72.10 47.14
C PHE D 201 53.73 -71.87 46.08
N GLY D 202 53.83 -72.52 44.92
CA GLY D 202 52.85 -72.29 43.87
C GLY D 202 52.53 -73.53 43.06
N LEU D 203 51.24 -73.74 42.80
CA LEU D 203 50.76 -74.85 41.98
C LEU D 203 49.95 -74.30 40.80
N PHE D 204 50.26 -74.80 39.61
CA PHE D 204 49.63 -74.35 38.38
C PHE D 204 49.06 -75.56 37.65
N LEU D 205 47.73 -75.63 37.58
CA LEU D 205 47.05 -76.77 36.97
C LEU D 205 46.08 -76.30 35.90
N ASN D 206 46.52 -75.38 35.05
CA ASN D 206 45.66 -74.85 33.99
C ASN D 206 45.35 -75.92 32.95
N ASN D 207 44.13 -75.84 32.41
CA ASN D 207 43.65 -76.73 31.35
C ASN D 207 43.68 -78.20 31.77
N VAL D 208 43.52 -78.48 33.06
CA VAL D 208 43.55 -79.85 33.58
C VAL D 208 42.16 -80.19 34.12
N GLN D 209 41.57 -81.25 33.59
CA GLN D 209 40.20 -81.62 33.94
C GLN D 209 40.12 -82.31 35.29
N LEU D 210 39.77 -81.56 36.34
CA LEU D 210 39.54 -82.15 37.66
C LEU D 210 38.07 -82.42 37.90
N GLY D 211 37.24 -81.37 37.87
CA GLY D 211 35.87 -81.47 38.32
C GLY D 211 35.77 -81.00 39.77
N PRO D 212 34.55 -80.83 40.26
CA PRO D 212 34.38 -80.35 41.64
C PRO D 212 34.91 -81.31 42.69
N SER D 213 34.62 -82.61 42.55
CA SER D 213 35.05 -83.59 43.54
C SER D 213 36.56 -83.70 43.60
N LEU D 214 37.21 -83.77 42.42
CA LEU D 214 38.66 -83.84 42.39
C LEU D 214 39.30 -82.56 42.90
N THR D 215 38.65 -81.41 42.69
CA THR D 215 39.13 -80.16 43.27
C THR D 215 39.06 -80.20 44.79
N GLU D 216 37.99 -80.79 45.34
CA GLU D 216 37.89 -80.93 46.79
C GLU D 216 38.99 -81.84 47.34
N LYS D 217 39.26 -82.95 46.65
CA LYS D 217 40.36 -83.81 47.05
C LYS D 217 41.70 -83.09 46.93
N LEU D 218 41.84 -82.25 45.92
CA LEU D 218 43.06 -81.46 45.76
C LEU D 218 43.27 -80.54 46.96
N CYS D 219 42.21 -79.83 47.36
CA CYS D 219 42.31 -78.93 48.51
C CYS D 219 42.62 -79.69 49.78
N LEU D 220 42.05 -80.89 49.93
CA LEU D 220 42.38 -81.73 51.08
C LEU D 220 43.84 -82.14 51.06
N GLU D 221 44.40 -82.37 49.87
CA GLU D 221 45.81 -82.70 49.76
C GLU D 221 46.72 -81.51 50.01
N LEU D 222 46.20 -80.29 49.89
CA LEU D 222 46.97 -79.09 50.22
C LEU D 222 46.85 -78.69 51.68
N ALA D 223 46.34 -79.58 52.54
CA ALA D 223 46.24 -79.27 53.95
C ALA D 223 47.62 -79.24 54.60
N ASN D 224 47.85 -78.22 55.44
CA ASN D 224 49.07 -78.06 56.22
C ASN D 224 50.31 -77.98 55.33
N THR D 225 50.31 -76.98 54.45
CA THR D 225 51.44 -76.69 53.58
C THR D 225 51.59 -75.18 53.44
N SER D 226 52.65 -74.76 52.76
CA SER D 226 52.98 -73.34 52.61
C SER D 226 52.67 -72.81 51.22
N ILE D 227 51.61 -73.29 50.57
CA ILE D 227 51.29 -72.84 49.22
C ILE D 227 50.83 -71.38 49.26
N ARG D 228 51.26 -70.61 48.25
CA ARG D 228 50.91 -69.20 48.17
C ARG D 228 49.95 -68.96 47.01
N ASN D 229 50.22 -69.60 45.87
CA ASN D 229 49.46 -69.39 44.64
C ASN D 229 48.89 -70.71 44.15
N LEU D 230 47.68 -70.65 43.60
CA LEU D 230 47.01 -71.83 43.06
C LEU D 230 46.10 -71.37 41.93
N SER D 231 46.37 -71.86 40.73
CA SER D 231 45.56 -71.53 39.56
C SER D 231 44.86 -72.80 39.07
N LEU D 232 43.55 -72.71 38.89
CA LEU D 232 42.74 -73.80 38.38
C LEU D 232 41.98 -73.35 37.13
N SER D 233 42.67 -72.65 36.24
CA SER D 233 42.04 -72.11 35.05
C SER D 233 41.68 -73.21 34.07
N ASN D 234 40.46 -73.13 33.52
CA ASN D 234 39.94 -74.09 32.55
C ASN D 234 40.02 -75.53 33.08
N SER D 235 39.66 -75.69 34.35
CA SER D 235 39.68 -76.99 35.00
C SER D 235 38.32 -77.65 35.03
N GLN D 236 37.34 -77.09 34.30
CA GLN D 236 35.97 -77.60 34.28
C GLN D 236 35.38 -77.67 35.68
N LEU D 237 35.41 -76.53 36.38
CA LEU D 237 34.80 -76.41 37.70
C LEU D 237 33.43 -75.76 37.50
N SER D 238 32.45 -76.60 37.14
CA SER D 238 31.12 -76.09 36.82
C SER D 238 30.40 -75.57 38.06
N THR D 239 30.57 -76.25 39.19
CA THR D 239 29.90 -75.87 40.43
C THR D 239 30.90 -75.90 41.57
N THR D 240 30.60 -75.12 42.61
CA THR D 240 31.38 -75.09 43.83
C THR D 240 30.44 -75.13 45.03
N SER D 241 31.00 -75.54 46.17
CA SER D 241 30.21 -75.68 47.39
C SER D 241 31.06 -75.18 48.56
N ASN D 242 30.45 -75.18 49.75
CA ASN D 242 31.14 -74.73 50.95
C ASN D 242 32.23 -75.70 51.40
N THR D 243 32.28 -76.91 50.84
CA THR D 243 33.29 -77.90 51.19
C THR D 243 34.26 -78.17 50.05
N THR D 244 34.10 -77.49 48.90
CA THR D 244 35.03 -77.67 47.79
C THR D 244 36.43 -77.22 48.17
N PHE D 245 36.55 -76.07 48.85
CA PHE D 245 37.82 -75.56 49.34
C PHE D 245 37.99 -75.79 50.84
N LEU D 246 37.58 -76.97 51.32
CA LEU D 246 37.64 -77.27 52.75
C LEU D 246 39.07 -77.35 53.26
N GLY D 247 39.98 -77.87 52.44
CA GLY D 247 41.32 -78.16 52.91
C GLY D 247 42.22 -76.95 53.04
N LEU D 248 41.74 -75.76 52.69
CA LEU D 248 42.61 -74.60 52.59
C LEU D 248 42.65 -73.74 53.86
N LYS D 249 41.95 -74.13 54.93
CA LYS D 249 42.18 -73.47 56.22
C LYS D 249 43.59 -73.69 56.73
N TRP D 250 44.12 -74.90 56.59
CA TRP D 250 45.42 -75.25 57.15
C TRP D 250 46.58 -74.67 56.35
N THR D 251 46.31 -73.91 55.29
CA THR D 251 47.30 -73.13 54.59
C THR D 251 46.90 -71.66 54.62
N ASN D 252 47.74 -70.82 54.01
CA ASN D 252 47.51 -69.37 54.01
C ASN D 252 47.53 -68.84 52.58
N LEU D 253 46.78 -69.50 51.69
CA LEU D 253 46.77 -69.16 50.28
C LEU D 253 46.34 -67.72 50.05
N THR D 254 47.02 -67.06 49.12
CA THR D 254 46.80 -65.65 48.82
C THR D 254 46.30 -65.37 47.41
N MET D 255 46.74 -66.17 46.42
CA MET D 255 46.34 -65.98 45.03
C MET D 255 45.61 -67.22 44.54
N LEU D 256 44.37 -67.04 44.07
CA LEU D 256 43.57 -68.12 43.53
C LEU D 256 43.00 -67.68 42.19
N ASP D 257 43.15 -68.54 41.18
CA ASP D 257 42.67 -68.26 39.83
C ASP D 257 41.61 -69.30 39.47
N LEU D 258 40.43 -68.83 39.06
CA LEU D 258 39.33 -69.70 38.67
C LEU D 258 38.73 -69.26 37.34
N SER D 259 39.57 -68.78 36.42
CA SER D 259 39.09 -68.31 35.13
C SER D 259 38.80 -69.47 34.20
N TYR D 260 37.89 -69.22 33.24
CA TYR D 260 37.55 -70.15 32.16
C TYR D 260 37.04 -71.50 32.65
N ASN D 261 36.52 -71.55 33.87
CA ASN D 261 36.04 -72.81 34.45
C ASN D 261 34.57 -73.08 34.15
N ASN D 262 33.88 -72.15 33.48
CA ASN D 262 32.46 -72.28 33.17
C ASN D 262 31.64 -72.53 34.44
N LEU D 263 32.00 -71.81 35.50
CA LEU D 263 31.39 -72.00 36.81
C LEU D 263 29.98 -71.42 36.76
N ASN D 264 28.99 -72.32 36.66
CA ASN D 264 27.60 -71.87 36.44
C ASN D 264 27.05 -71.16 37.67
N VAL D 265 27.18 -71.77 38.85
CA VAL D 265 26.63 -71.21 40.07
C VAL D 265 27.64 -71.38 41.20
N VAL D 266 27.67 -70.40 42.10
CA VAL D 266 28.60 -70.39 43.23
C VAL D 266 27.79 -70.69 44.49
N GLY D 267 28.20 -71.72 45.22
CA GLY D 267 27.47 -72.11 46.41
C GLY D 267 27.61 -71.11 47.54
N ASN D 268 26.67 -71.20 48.48
CA ASN D 268 26.66 -70.30 49.61
C ASN D 268 27.81 -70.62 50.56
N ASP D 269 28.53 -69.58 50.98
CA ASP D 269 29.69 -69.71 51.88
C ASP D 269 30.74 -70.64 51.30
N SER D 270 30.91 -70.58 49.97
CA SER D 270 31.92 -71.42 49.32
C SER D 270 33.32 -70.86 49.56
N PHE D 271 33.46 -69.53 49.61
CA PHE D 271 34.75 -68.89 49.74
C PHE D 271 34.98 -68.37 51.15
N ALA D 272 34.20 -68.83 52.13
CA ALA D 272 34.40 -68.44 53.51
C ALA D 272 35.61 -69.12 54.14
N TRP D 273 36.23 -70.06 53.44
CA TRP D 273 37.32 -70.86 53.97
C TRP D 273 38.70 -70.33 53.56
N LEU D 274 38.74 -69.14 52.97
CA LEU D 274 39.99 -68.49 52.56
C LEU D 274 40.10 -67.14 53.26
N PRO D 275 40.67 -67.10 54.47
CA PRO D 275 40.82 -65.82 55.17
C PRO D 275 42.02 -64.99 54.73
N GLN D 276 43.06 -65.61 54.15
CA GLN D 276 44.24 -64.88 53.74
C GLN D 276 44.30 -64.63 52.23
N LEU D 277 43.21 -64.86 51.52
CA LEU D 277 43.17 -64.59 50.08
C LEU D 277 43.31 -63.09 49.82
N GLU D 278 44.15 -62.74 48.86
CA GLU D 278 44.41 -61.34 48.56
C GLU D 278 44.14 -61.02 47.10
N TYR D 279 44.43 -61.96 46.20
CA TYR D 279 44.22 -61.78 44.77
C TYR D 279 43.33 -62.92 44.28
N PHE D 280 42.16 -62.56 43.74
CA PHE D 280 41.18 -63.54 43.29
C PHE D 280 40.80 -63.25 41.85
N PHE D 281 40.69 -64.29 41.04
CA PHE D 281 40.39 -64.17 39.62
C PHE D 281 39.17 -65.00 39.28
N LEU D 282 38.22 -64.39 38.56
CA LEU D 282 37.03 -65.09 38.10
C LEU D 282 36.65 -64.72 36.67
N GLU D 283 37.60 -64.23 35.87
CA GLU D 283 37.28 -63.71 34.56
C GLU D 283 36.87 -64.82 33.60
N TYR D 284 36.06 -64.45 32.61
CA TYR D 284 35.58 -65.36 31.57
C TYR D 284 34.86 -66.58 32.18
N ASN D 285 33.77 -66.28 32.89
CA ASN D 285 33.02 -67.28 33.63
C ASN D 285 31.54 -67.17 33.21
N ASN D 286 30.73 -68.11 33.72
CA ASN D 286 29.32 -68.22 33.33
C ASN D 286 28.44 -68.21 34.58
N ILE D 287 28.67 -67.25 35.47
CA ILE D 287 27.88 -67.14 36.68
C ILE D 287 26.50 -66.59 36.34
N GLN D 288 25.45 -67.27 36.80
CA GLN D 288 24.08 -66.85 36.56
C GLN D 288 23.48 -66.08 37.73
N HIS D 289 23.82 -66.43 38.97
CA HIS D 289 23.27 -65.75 40.14
C HIS D 289 24.34 -65.68 41.21
N LEU D 290 24.52 -64.49 41.78
CA LEU D 290 25.47 -64.26 42.86
C LEU D 290 24.70 -63.97 44.14
N PHE D 291 24.97 -64.77 45.17
CA PHE D 291 24.24 -64.66 46.43
C PHE D 291 24.91 -63.65 47.35
N SER D 292 24.17 -63.25 48.39
CA SER D 292 24.69 -62.29 49.35
C SER D 292 25.85 -62.88 50.15
N HIS D 293 25.75 -64.16 50.53
CA HIS D 293 26.80 -64.84 51.28
C HIS D 293 27.75 -65.61 50.37
N SER D 294 27.66 -65.41 49.05
CA SER D 294 28.54 -66.10 48.13
C SER D 294 30.00 -65.71 48.34
N LEU D 295 30.26 -64.42 48.54
CA LEU D 295 31.61 -63.93 48.75
C LEU D 295 31.93 -63.71 50.24
N HIS D 296 31.30 -64.49 51.11
CA HIS D 296 31.59 -64.41 52.54
C HIS D 296 33.00 -64.91 52.82
N GLY D 297 33.61 -64.35 53.85
CA GLY D 297 34.93 -64.78 54.28
C GLY D 297 36.08 -64.25 53.46
N LEU D 298 35.83 -63.34 52.53
CA LEU D 298 36.87 -62.77 51.67
C LEU D 298 37.26 -61.36 52.10
N PHE D 299 37.32 -61.12 53.41
CA PHE D 299 37.56 -59.78 53.94
C PHE D 299 39.01 -59.31 53.82
N ASN D 300 39.88 -60.06 53.14
CA ASN D 300 41.26 -59.66 52.96
C ASN D 300 41.69 -59.59 51.50
N VAL D 301 40.74 -59.70 50.56
CA VAL D 301 41.09 -59.66 49.15
C VAL D 301 41.37 -58.22 48.73
N ARG D 302 42.51 -58.00 48.08
CA ARG D 302 42.90 -56.68 47.61
C ARG D 302 42.59 -56.43 46.14
N TYR D 303 42.32 -57.47 45.36
CA TYR D 303 42.10 -57.32 43.93
C TYR D 303 41.16 -58.42 43.45
N LEU D 304 40.03 -58.02 42.87
CA LEU D 304 39.04 -58.95 42.34
C LEU D 304 38.79 -58.63 40.88
N ASN D 305 38.79 -59.68 40.04
CA ASN D 305 38.56 -59.55 38.61
C ASN D 305 37.29 -60.29 38.24
N LEU D 306 36.39 -59.62 37.52
CA LEU D 306 35.10 -60.18 37.12
C LEU D 306 34.82 -59.85 35.66
N LYS D 307 35.85 -59.89 34.81
CA LYS D 307 35.67 -59.59 33.40
C LYS D 307 35.02 -60.77 32.68
N ARG D 308 33.81 -60.56 32.15
CA ARG D 308 33.02 -61.61 31.53
C ARG D 308 32.75 -62.76 32.49
N SER D 309 32.62 -62.46 33.78
CA SER D 309 32.41 -63.49 34.78
C SER D 309 30.96 -63.95 34.85
N PHE D 310 30.03 -63.21 34.24
CA PHE D 310 28.61 -63.49 34.35
C PHE D 310 28.06 -63.99 33.02
N THR D 311 26.87 -64.59 33.10
CA THR D 311 26.23 -65.17 31.93
C THR D 311 25.82 -64.08 30.94
N LYS D 312 26.14 -64.31 29.68
CA LYS D 312 25.76 -63.41 28.61
C LYS D 312 24.26 -63.49 28.35
N GLN D 313 23.69 -62.40 27.85
CA GLN D 313 22.26 -62.34 27.60
C GLN D 313 21.87 -63.32 26.48
N SER D 314 20.77 -64.03 26.71
CA SER D 314 20.22 -64.97 25.74
C SER D 314 18.77 -64.59 25.47
N ILE D 315 18.41 -64.50 24.19
CA ILE D 315 17.04 -64.11 23.83
C ILE D 315 16.03 -65.20 24.16
N SER D 316 16.49 -66.45 24.30
CA SER D 316 15.58 -67.55 24.55
C SER D 316 14.90 -67.44 25.92
N LEU D 317 15.66 -67.03 26.94
CA LEU D 317 15.13 -66.99 28.30
C LEU D 317 15.31 -65.64 28.99
N ALA D 318 16.11 -64.73 28.43
CA ALA D 318 16.41 -63.43 29.06
C ALA D 318 16.97 -63.62 30.46
N SER D 319 17.89 -64.57 30.61
CA SER D 319 18.48 -64.90 31.90
C SER D 319 19.58 -63.90 32.23
N LEU D 320 19.15 -62.70 32.61
CA LEU D 320 20.09 -61.66 33.03
C LEU D 320 20.75 -62.07 34.34
N PRO D 321 22.08 -61.98 34.44
CA PRO D 321 22.75 -62.33 35.70
C PRO D 321 22.38 -61.34 36.80
N LYS D 322 21.67 -61.82 37.81
CA LYS D 322 21.19 -60.99 38.90
C LYS D 322 22.16 -61.07 40.08
N ILE D 323 22.49 -59.91 40.65
CA ILE D 323 23.35 -59.82 41.82
C ILE D 323 22.50 -59.36 42.98
N ASP D 324 22.51 -60.14 44.06
CA ASP D 324 21.72 -59.79 45.24
C ASP D 324 22.35 -58.60 45.96
N ASP D 325 21.52 -57.92 46.75
CA ASP D 325 21.98 -56.78 47.52
C ASP D 325 22.95 -57.23 48.61
N PHE D 326 23.91 -56.35 48.92
CA PHE D 326 24.95 -56.60 49.93
C PHE D 326 25.77 -57.83 49.60
N SER D 327 25.94 -58.13 48.31
CA SER D 327 26.73 -59.29 47.92
C SER D 327 28.22 -59.03 48.08
N PHE D 328 28.65 -57.77 47.95
CA PHE D 328 30.05 -57.39 48.10
C PHE D 328 30.32 -56.76 49.46
N GLN D 329 29.41 -56.91 50.43
CA GLN D 329 29.59 -56.33 51.74
C GLN D 329 30.76 -56.93 52.50
N TRP D 330 31.14 -58.17 52.18
CA TRP D 330 32.24 -58.82 52.88
C TRP D 330 33.60 -58.32 52.44
N LEU D 331 33.68 -57.60 51.32
CA LEU D 331 34.96 -57.11 50.79
C LEU D 331 35.28 -55.78 51.47
N LYS D 332 35.75 -55.88 52.72
CA LYS D 332 36.09 -54.67 53.47
C LYS D 332 37.42 -54.09 53.02
N CYS D 333 38.31 -54.92 52.49
CA CYS D 333 39.64 -54.49 52.09
C CYS D 333 39.86 -54.54 50.59
N LEU D 334 38.79 -54.60 49.79
CA LEU D 334 38.93 -54.60 48.35
C LEU D 334 39.40 -53.24 47.86
N GLU D 335 40.40 -53.24 46.98
CA GLU D 335 40.99 -52.01 46.48
C GLU D 335 41.01 -51.91 44.96
N HIS D 336 40.58 -52.95 44.25
CA HIS D 336 40.64 -52.95 42.79
C HIS D 336 39.63 -53.97 42.29
N LEU D 337 38.62 -53.50 41.56
CA LEU D 337 37.52 -54.34 41.09
C LEU D 337 37.36 -54.16 39.59
N ASN D 338 37.83 -55.14 38.82
CA ASN D 338 37.65 -55.15 37.37
C ASN D 338 36.43 -56.00 37.05
N MET D 339 35.36 -55.37 36.58
CA MET D 339 34.12 -56.06 36.25
C MET D 339 33.63 -55.57 34.88
N GLU D 340 34.50 -55.66 33.89
CA GLU D 340 34.19 -55.23 32.54
C GLU D 340 33.48 -56.33 31.75
N ASP D 341 32.76 -55.91 30.72
CA ASP D 341 32.11 -56.82 29.76
C ASP D 341 31.15 -57.80 30.46
N ASN D 342 30.10 -57.24 31.05
CA ASN D 342 29.07 -58.04 31.70
C ASN D 342 27.70 -57.60 31.21
N ASP D 343 26.70 -58.40 31.54
CA ASP D 343 25.31 -58.14 31.17
C ASP D 343 24.44 -57.91 32.39
N ILE D 344 24.97 -57.16 33.36
CA ILE D 344 24.19 -56.83 34.57
C ILE D 344 23.04 -55.92 34.19
N PRO D 345 21.82 -56.17 34.68
CA PRO D 345 20.68 -55.32 34.27
C PRO D 345 20.83 -53.86 34.67
N GLY D 346 21.32 -53.60 35.89
CA GLY D 346 21.46 -52.21 36.32
C GLY D 346 22.01 -52.15 37.73
N ILE D 347 22.18 -50.92 38.20
CA ILE D 347 22.69 -50.64 39.53
C ILE D 347 21.53 -50.62 40.53
N LYS D 348 21.69 -51.36 41.62
CA LYS D 348 20.75 -51.34 42.73
C LYS D 348 21.31 -50.46 43.85
N SER D 349 20.45 -50.14 44.82
CA SER D 349 20.82 -49.21 45.88
C SER D 349 21.77 -49.82 46.90
N ASN D 350 21.92 -51.14 46.94
CA ASN D 350 22.75 -51.80 47.94
C ASN D 350 23.75 -52.78 47.32
N MET D 351 24.08 -52.60 46.04
CA MET D 351 24.98 -53.55 45.38
C MET D 351 26.43 -53.34 45.84
N PHE D 352 26.87 -52.10 45.96
CA PHE D 352 28.24 -51.78 46.35
C PHE D 352 28.36 -51.36 47.81
N THR D 353 27.34 -51.63 48.62
CA THR D 353 27.40 -51.29 50.04
C THR D 353 28.41 -52.18 50.75
N GLY D 354 29.20 -51.57 51.64
CA GLY D 354 30.20 -52.27 52.41
C GLY D 354 31.63 -52.05 51.93
N LEU D 355 31.81 -51.47 50.76
CA LEU D 355 33.14 -51.20 50.22
C LEU D 355 33.68 -49.94 50.89
N ILE D 356 34.48 -50.13 51.94
CA ILE D 356 35.06 -49.01 52.68
C ILE D 356 36.50 -48.71 52.28
N ASN D 357 37.14 -49.59 51.52
CA ASN D 357 38.53 -49.39 51.10
C ASN D 357 38.68 -49.39 49.58
N LEU D 358 37.58 -49.28 48.83
CA LEU D 358 37.65 -49.33 47.38
C LEU D 358 38.35 -48.10 46.82
N LYS D 359 39.21 -48.32 45.82
CA LYS D 359 39.95 -47.23 45.19
C LYS D 359 39.93 -47.28 43.67
N TYR D 360 39.44 -48.35 43.06
CA TYR D 360 39.41 -48.47 41.61
C TYR D 360 38.22 -49.33 41.22
N LEU D 361 37.32 -48.77 40.42
CA LEU D 361 36.15 -49.47 39.92
C LEU D 361 36.06 -49.29 38.42
N SER D 362 35.93 -50.40 37.69
CA SER D 362 35.81 -50.39 36.24
C SER D 362 34.48 -51.03 35.85
N LEU D 363 33.69 -50.31 35.05
CA LEU D 363 32.39 -50.78 34.60
C LEU D 363 32.29 -50.70 33.08
N SER D 364 33.34 -51.13 32.39
CA SER D 364 33.38 -51.03 30.94
C SER D 364 32.47 -52.09 30.31
N ASN D 365 31.39 -51.64 29.67
CA ASN D 365 30.42 -52.52 29.01
C ASN D 365 29.84 -53.56 29.97
N SER D 366 29.61 -53.15 31.22
CA SER D 366 29.15 -54.10 32.23
C SER D 366 27.63 -54.12 32.38
N PHE D 367 26.90 -53.28 31.66
CA PHE D 367 25.45 -53.25 31.72
C PHE D 367 24.85 -53.29 30.33
N THR D 368 23.71 -53.97 30.21
CA THR D 368 23.03 -54.05 28.92
C THR D 368 22.45 -52.71 28.51
N SER D 369 21.72 -52.06 29.43
CA SER D 369 21.08 -50.78 29.11
C SER D 369 21.03 -49.93 30.37
N LEU D 370 22.06 -49.12 30.58
CA LEU D 370 22.05 -48.10 31.63
C LEU D 370 21.77 -46.74 30.99
N ARG D 371 20.50 -46.52 30.66
CA ARG D 371 20.12 -45.34 29.89
C ARG D 371 20.23 -44.07 30.73
N THR D 372 19.78 -44.11 31.98
CA THR D 372 19.69 -42.92 32.82
C THR D 372 20.60 -43.07 34.03
N LEU D 373 21.39 -42.03 34.30
CA LEU D 373 22.23 -41.97 35.49
C LEU D 373 21.52 -41.10 36.53
N THR D 374 20.60 -41.73 37.26
CA THR D 374 19.84 -41.04 38.29
C THR D 374 20.76 -40.68 39.46
N ASN D 375 20.38 -39.64 40.19
CA ASN D 375 21.13 -39.22 41.37
C ASN D 375 21.17 -40.28 42.47
N GLU D 376 20.23 -41.23 42.46
CA GLU D 376 20.19 -42.30 43.45
C GLU D 376 20.97 -43.53 43.01
N THR D 377 21.63 -43.47 41.85
CA THR D 377 22.35 -44.63 41.33
C THR D 377 23.56 -44.98 42.20
N PHE D 378 24.40 -43.99 42.50
CA PHE D 378 25.67 -44.23 43.18
C PHE D 378 25.58 -44.02 44.69
N VAL D 379 24.41 -44.29 45.29
CA VAL D 379 24.29 -44.19 46.73
C VAL D 379 25.05 -45.32 47.42
N SER D 380 25.25 -46.44 46.72
CA SER D 380 25.99 -47.56 47.30
C SER D 380 27.47 -47.25 47.47
N LEU D 381 28.00 -46.28 46.73
CA LEU D 381 29.38 -45.84 46.86
C LEU D 381 29.52 -44.60 47.71
N ALA D 382 28.65 -44.44 48.71
CA ALA D 382 28.67 -43.24 49.54
C ALA D 382 29.94 -43.17 50.39
N HIS D 383 30.27 -44.25 51.08
CA HIS D 383 31.44 -44.30 51.95
C HIS D 383 32.68 -44.85 51.26
N SER D 384 32.58 -45.22 49.99
CA SER D 384 33.72 -45.77 49.28
C SER D 384 34.67 -44.66 48.85
N PRO D 385 35.94 -44.72 49.22
CA PRO D 385 36.92 -43.70 48.76
C PRO D 385 37.40 -43.97 47.34
N LEU D 386 36.45 -44.03 46.41
CA LEU D 386 36.76 -44.32 45.02
C LEU D 386 37.55 -43.17 44.39
N HIS D 387 38.56 -43.53 43.59
CA HIS D 387 39.40 -42.56 42.92
C HIS D 387 39.28 -42.59 41.41
N ILE D 388 39.23 -43.78 40.80
CA ILE D 388 39.11 -43.93 39.36
C ILE D 388 37.85 -44.72 39.06
N LEU D 389 36.99 -44.16 38.21
CA LEU D 389 35.73 -44.78 37.84
C LEU D 389 35.61 -44.80 36.32
N ASN D 390 35.23 -45.94 35.77
CA ASN D 390 35.15 -46.15 34.33
C ASN D 390 33.73 -46.54 33.95
N LEU D 391 33.13 -45.80 33.00
CA LEU D 391 31.77 -46.04 32.53
C LEU D 391 31.73 -46.07 31.01
N THR D 392 32.72 -46.71 30.39
CA THR D 392 32.79 -46.75 28.94
C THR D 392 31.97 -47.89 28.36
N LYS D 393 31.41 -47.65 27.18
CA LYS D 393 30.65 -48.64 26.41
C LYS D 393 29.46 -49.20 27.19
N ASN D 394 28.90 -48.40 28.09
CA ASN D 394 27.72 -48.79 28.86
C ASN D 394 26.43 -48.23 28.29
N LYS D 395 26.48 -47.59 27.11
CA LYS D 395 25.31 -47.01 26.45
C LYS D 395 24.57 -46.04 27.35
N ILE D 396 25.33 -45.18 28.05
CA ILE D 396 24.72 -44.13 28.85
C ILE D 396 24.04 -43.14 27.93
N SER D 397 22.75 -42.87 28.19
CA SER D 397 21.96 -42.00 27.32
C SER D 397 21.61 -40.67 27.95
N LYS D 398 21.52 -40.59 29.28
CA LYS D 398 21.15 -39.35 29.95
C LYS D 398 21.78 -39.33 31.34
N ILE D 399 22.27 -38.17 31.74
CA ILE D 399 22.87 -37.97 33.05
C ILE D 399 22.07 -36.90 33.78
N GLU D 400 21.40 -37.28 34.86
CA GLU D 400 20.62 -36.34 35.65
C GLU D 400 21.55 -35.60 36.62
N SER D 401 20.99 -34.57 37.25
CA SER D 401 21.73 -33.80 38.24
C SER D 401 22.03 -34.64 39.47
N ASP D 402 23.13 -34.31 40.15
CA ASP D 402 23.58 -34.98 41.36
C ASP D 402 23.86 -36.47 41.15
N ALA D 403 24.19 -36.87 39.91
CA ALA D 403 24.50 -38.26 39.65
C ALA D 403 25.80 -38.67 40.33
N PHE D 404 26.78 -37.76 40.38
CA PHE D 404 28.08 -38.04 40.99
C PHE D 404 28.26 -37.27 42.30
N SER D 405 27.15 -36.93 42.97
CA SER D 405 27.22 -36.17 44.21
C SER D 405 27.75 -36.99 45.38
N TRP D 406 27.79 -38.32 45.26
CA TRP D 406 28.23 -39.17 46.35
C TRP D 406 29.71 -39.49 46.30
N LEU D 407 30.39 -39.18 45.18
CA LEU D 407 31.80 -39.52 45.00
C LEU D 407 32.64 -38.28 45.31
N GLY D 408 32.83 -38.03 46.60
CA GLY D 408 33.62 -36.90 47.03
C GLY D 408 35.12 -37.07 46.83
N HIS D 409 35.60 -38.31 46.78
CA HIS D 409 37.01 -38.59 46.60
C HIS D 409 37.36 -39.00 45.17
N LEU D 410 36.41 -38.89 44.24
CA LEU D 410 36.65 -39.30 42.87
C LEU D 410 37.69 -38.38 42.22
N GLU D 411 38.60 -38.97 41.45
CA GLU D 411 39.67 -38.24 40.80
C GLU D 411 39.67 -38.39 39.29
N VAL D 412 39.43 -39.60 38.78
CA VAL D 412 39.42 -39.87 37.35
C VAL D 412 38.05 -40.42 36.98
N LEU D 413 37.41 -39.80 35.98
CA LEU D 413 36.10 -40.22 35.50
C LEU D 413 36.20 -40.54 34.02
N ASP D 414 35.72 -41.73 33.65
CA ASP D 414 35.77 -42.20 32.27
C ASP D 414 34.33 -42.46 31.80
N LEU D 415 33.81 -41.53 31.00
CA LEU D 415 32.47 -41.64 30.45
C LEU D 415 32.47 -41.69 28.92
N GLY D 416 33.60 -42.07 28.33
CA GLY D 416 33.71 -42.07 26.88
C GLY D 416 33.05 -43.28 26.24
N LEU D 417 32.98 -43.22 24.91
CA LEU D 417 32.45 -44.31 24.07
C LEU D 417 31.01 -44.68 24.47
N ASN D 418 30.20 -43.66 24.73
CA ASN D 418 28.81 -43.84 25.11
C ASN D 418 27.91 -43.11 24.12
N GLU D 419 26.62 -43.07 24.44
CA GLU D 419 25.60 -42.45 23.60
C GLU D 419 24.96 -41.27 24.33
N ILE D 420 25.77 -40.46 24.99
CA ILE D 420 25.27 -39.39 25.85
C ILE D 420 24.84 -38.22 24.98
N GLY D 421 23.53 -37.99 24.90
CA GLY D 421 23.01 -36.82 24.22
C GLY D 421 22.14 -35.99 25.13
N GLN D 422 22.61 -34.80 25.49
CA GLN D 422 21.91 -33.92 26.41
C GLN D 422 22.55 -32.53 26.32
N GLU D 423 22.11 -31.63 27.18
CA GLU D 423 22.73 -30.31 27.34
C GLU D 423 23.25 -30.22 28.77
N LEU D 424 24.49 -29.76 28.92
CA LEU D 424 25.19 -29.79 30.21
C LEU D 424 24.76 -28.59 31.04
N THR D 425 23.90 -28.86 32.03
CA THR D 425 23.51 -27.82 32.98
C THR D 425 24.64 -27.46 33.93
N GLY D 426 25.56 -28.39 34.18
CA GLY D 426 26.65 -28.20 35.11
C GLY D 426 26.37 -28.70 36.51
N GLN D 427 25.11 -28.96 36.84
CA GLN D 427 24.76 -29.51 38.15
C GLN D 427 25.04 -31.00 38.26
N GLU D 428 25.38 -31.66 37.14
CA GLU D 428 25.70 -33.08 37.19
C GLU D 428 27.05 -33.32 37.85
N TRP D 429 27.92 -32.31 37.89
CA TRP D 429 29.27 -32.45 38.40
C TRP D 429 29.41 -32.03 39.86
N ARG D 430 28.33 -31.66 40.53
CA ARG D 430 28.43 -31.22 41.91
C ARG D 430 28.79 -32.40 42.81
N GLY D 431 29.61 -32.11 43.82
CA GLY D 431 30.14 -33.14 44.70
C GLY D 431 31.49 -33.68 44.30
N LEU D 432 31.99 -33.33 43.13
CA LEU D 432 33.32 -33.76 42.68
C LEU D 432 34.34 -32.68 43.04
N GLU D 433 34.59 -32.57 44.34
CA GLU D 433 35.51 -31.56 44.86
C GLU D 433 36.97 -31.90 44.58
N ASN D 434 37.30 -33.18 44.43
CA ASN D 434 38.68 -33.63 44.24
C ASN D 434 38.86 -34.26 42.88
N ILE D 435 38.00 -33.90 41.91
CA ILE D 435 38.07 -34.50 40.59
C ILE D 435 39.22 -33.89 39.81
N PHE D 436 39.84 -34.70 38.94
CA PHE D 436 40.96 -34.26 38.11
C PHE D 436 40.71 -34.47 36.63
N GLU D 437 40.08 -35.60 36.26
CA GLU D 437 39.89 -35.96 34.87
C GLU D 437 38.46 -36.40 34.63
N ILE D 438 37.86 -35.92 33.55
CA ILE D 438 36.59 -36.44 33.03
C ILE D 438 36.80 -36.73 31.55
N TYR D 439 36.47 -37.93 31.13
CA TYR D 439 36.54 -38.33 29.73
C TYR D 439 35.14 -38.37 29.16
N LEU D 440 34.92 -37.66 28.05
CA LEU D 440 33.60 -37.61 27.44
C LEU D 440 33.66 -37.79 25.93
N SER D 441 34.71 -38.41 25.40
CA SER D 441 34.86 -38.55 23.97
C SER D 441 33.90 -39.60 23.41
N TYR D 442 33.59 -39.44 22.12
CA TYR D 442 32.78 -40.40 21.36
C TYR D 442 31.39 -40.58 21.98
N ASN D 443 30.63 -39.49 21.99
CA ASN D 443 29.24 -39.49 22.40
C ASN D 443 28.36 -38.96 21.27
N LYS D 444 27.07 -38.82 21.56
CA LYS D 444 26.14 -38.37 20.52
C LYS D 444 26.25 -36.87 20.30
N TYR D 445 25.91 -36.08 21.33
CA TYR D 445 26.02 -34.63 21.24
C TYR D 445 25.97 -34.06 22.65
N LEU D 446 26.74 -32.99 22.88
CA LEU D 446 26.71 -32.25 24.13
C LEU D 446 26.58 -30.76 23.82
N GLN D 447 25.72 -30.09 24.57
CA GLN D 447 25.47 -28.66 24.42
C GLN D 447 25.98 -27.96 25.67
N LEU D 448 27.11 -27.25 25.54
CA LEU D 448 27.71 -26.58 26.67
C LEU D 448 26.95 -25.31 27.02
N THR D 449 27.04 -24.92 28.29
CA THR D 449 26.41 -23.72 28.81
C THR D 449 27.45 -22.88 29.54
N ARG D 450 26.98 -21.78 30.13
CA ARG D 450 27.89 -20.89 30.85
C ARG D 450 28.45 -21.57 32.09
N ASN D 451 27.61 -22.31 32.82
CA ASN D 451 27.99 -22.96 34.06
C ASN D 451 28.17 -24.46 33.88
N SER D 452 28.72 -24.87 32.72
CA SER D 452 28.88 -26.30 32.44
C SER D 452 29.87 -26.95 33.38
N PHE D 453 30.95 -26.25 33.72
CA PHE D 453 31.99 -26.78 34.59
C PHE D 453 32.34 -25.82 35.71
N ALA D 454 31.36 -25.06 36.19
CA ALA D 454 31.60 -24.10 37.26
C ALA D 454 31.74 -24.76 38.63
N LEU D 455 31.28 -26.00 38.78
CA LEU D 455 31.32 -26.69 40.05
C LEU D 455 32.54 -27.59 40.21
N VAL D 456 33.43 -27.64 39.22
CA VAL D 456 34.63 -28.47 39.29
C VAL D 456 35.86 -27.64 38.95
N PRO D 457 36.29 -26.72 39.82
CA PRO D 457 37.46 -25.90 39.50
C PRO D 457 38.78 -26.67 39.48
N SER D 458 38.82 -27.87 40.07
CA SER D 458 40.04 -28.66 40.13
C SER D 458 40.28 -29.50 38.89
N LEU D 459 39.50 -29.31 37.84
CA LEU D 459 39.66 -30.09 36.62
C LEU D 459 41.00 -29.80 35.96
N GLN D 460 41.64 -30.86 35.46
CA GLN D 460 42.92 -30.74 34.77
C GLN D 460 42.90 -31.25 33.34
N ARG D 461 42.20 -32.34 33.05
CA ARG D 461 42.10 -32.88 31.70
C ARG D 461 40.64 -33.06 31.32
N LEU D 462 40.27 -32.52 30.16
CA LEU D 462 38.90 -32.61 29.66
C LEU D 462 38.97 -33.04 28.19
N MET D 463 38.54 -34.27 27.92
CA MET D 463 38.60 -34.83 26.58
C MET D 463 37.20 -34.80 25.96
N LEU D 464 37.07 -34.17 24.80
CA LEU D 464 35.80 -34.03 24.10
C LEU D 464 35.96 -34.37 22.62
N ARG D 465 36.67 -35.46 22.34
CA ARG D 465 36.92 -35.86 20.97
C ARG D 465 35.69 -36.52 20.36
N ARG D 466 35.24 -35.98 19.23
CA ARG D 466 34.10 -36.50 18.47
C ARG D 466 32.86 -36.60 19.36
N VAL D 467 32.48 -35.46 19.93
CA VAL D 467 31.31 -35.36 20.78
C VAL D 467 30.29 -34.35 20.24
N ALA D 468 30.62 -33.65 19.15
CA ALA D 468 29.72 -32.70 18.49
C ALA D 468 29.25 -31.62 19.46
N LEU D 469 30.20 -30.80 19.89
CA LEU D 469 29.89 -29.72 20.83
C LEU D 469 28.95 -28.70 20.21
N LYS D 470 27.94 -28.30 20.99
CA LYS D 470 26.97 -27.30 20.58
C LYS D 470 26.95 -26.16 21.57
N ASN D 471 26.64 -24.96 21.07
CA ASN D 471 26.67 -23.73 21.87
C ASN D 471 28.05 -23.50 22.49
N VAL D 472 29.11 -23.84 21.75
CA VAL D 472 30.47 -23.65 22.22
C VAL D 472 30.91 -22.19 22.19
N ASP D 473 30.20 -21.35 21.43
CA ASP D 473 30.58 -19.95 21.24
C ASP D 473 29.78 -19.01 22.13
N SER D 474 29.50 -19.41 23.36
CA SER D 474 28.83 -18.52 24.30
C SER D 474 29.73 -17.35 24.65
N SER D 475 29.11 -16.21 24.99
CA SER D 475 29.89 -15.02 25.33
C SER D 475 30.78 -15.22 26.56
N PRO D 476 30.31 -15.81 27.67
CA PRO D 476 31.26 -16.20 28.73
C PRO D 476 31.83 -17.58 28.43
N SER D 477 33.13 -17.74 28.65
CA SER D 477 33.81 -18.98 28.30
C SER D 477 33.48 -20.08 29.32
N PRO D 478 32.96 -21.23 28.88
CA PRO D 478 32.68 -22.32 29.82
C PRO D 478 33.91 -22.87 30.52
N PHE D 479 35.10 -22.75 29.93
CA PHE D 479 36.33 -23.17 30.61
C PHE D 479 36.93 -22.10 31.50
N GLN D 480 36.22 -20.99 31.72
CA GLN D 480 36.72 -19.96 32.64
C GLN D 480 36.91 -20.48 34.07
N PRO D 481 35.98 -21.22 34.68
CA PRO D 481 36.26 -21.75 36.02
C PRO D 481 37.39 -22.77 36.05
N LEU D 482 37.75 -23.37 34.92
CA LEU D 482 38.78 -24.40 34.88
C LEU D 482 40.16 -23.72 34.90
N ARG D 483 40.53 -23.26 36.10
CA ARG D 483 41.80 -22.57 36.26
C ARG D 483 42.99 -23.53 36.18
N ASN D 484 42.80 -24.77 36.63
CA ASN D 484 43.88 -25.75 36.66
C ASN D 484 43.85 -26.71 35.49
N LEU D 485 43.10 -26.40 34.44
CA LEU D 485 43.03 -27.27 33.27
C LEU D 485 44.39 -27.33 32.57
N THR D 486 44.79 -28.55 32.19
CA THR D 486 46.08 -28.78 31.57
C THR D 486 45.98 -29.42 30.19
N ILE D 487 45.00 -30.30 29.98
CA ILE D 487 44.81 -30.98 28.70
C ILE D 487 43.37 -30.77 28.26
N LEU D 488 43.18 -30.34 27.01
CA LEU D 488 41.86 -30.11 26.45
C LEU D 488 41.84 -30.62 25.01
N ASP D 489 40.94 -31.56 24.73
CA ASP D 489 40.76 -32.11 23.39
C ASP D 489 39.39 -31.71 22.88
N LEU D 490 39.36 -31.05 21.72
CA LEU D 490 38.13 -30.62 21.06
C LEU D 490 38.15 -31.03 19.60
N SER D 491 38.50 -32.27 19.33
CA SER D 491 38.72 -32.74 17.97
C SER D 491 37.49 -33.44 17.40
N ASN D 492 37.37 -33.42 16.07
CA ASN D 492 36.32 -34.11 15.33
C ASN D 492 34.93 -33.69 15.77
N ASN D 493 34.73 -32.40 16.02
CA ASN D 493 33.44 -31.89 16.47
C ASN D 493 32.79 -30.93 15.47
N ASN D 494 33.47 -30.61 14.37
CA ASN D 494 32.96 -29.70 13.35
C ASN D 494 32.59 -28.34 13.96
N ILE D 495 33.43 -27.87 14.88
CA ILE D 495 33.21 -26.58 15.51
C ILE D 495 33.46 -25.47 14.50
N ALA D 496 32.50 -24.55 14.36
CA ALA D 496 32.58 -23.50 13.36
C ALA D 496 33.00 -22.15 13.92
N ASN D 497 32.37 -21.69 15.00
CA ASN D 497 32.62 -20.38 15.55
C ASN D 497 33.23 -20.50 16.94
N ILE D 498 34.37 -19.86 17.14
CA ILE D 498 35.09 -19.86 18.41
C ILE D 498 35.40 -18.42 18.80
N ASN D 499 35.08 -18.05 20.03
CA ASN D 499 35.27 -16.69 20.48
C ASN D 499 36.73 -16.43 20.84
N ASP D 500 37.07 -15.14 20.93
CA ASP D 500 38.44 -14.73 21.26
C ASP D 500 38.79 -15.04 22.70
N ASP D 501 37.85 -14.88 23.64
CA ASP D 501 38.14 -14.98 25.06
C ASP D 501 37.82 -16.35 25.63
N MET D 502 37.87 -17.40 24.81
CA MET D 502 37.53 -18.74 25.28
C MET D 502 38.60 -19.32 26.19
N LEU D 503 39.86 -19.00 25.93
CA LEU D 503 40.98 -19.56 26.68
C LEU D 503 41.64 -18.51 27.58
N GLU D 504 40.95 -17.41 27.85
CA GLU D 504 41.46 -16.42 28.78
C GLU D 504 41.44 -16.97 30.19
N GLY D 505 42.53 -16.76 30.93
CA GLY D 505 42.69 -17.33 32.25
C GLY D 505 43.17 -18.76 32.29
N LEU D 506 43.55 -19.33 31.14
CA LEU D 506 44.06 -20.70 31.07
C LEU D 506 45.59 -20.66 30.99
N GLU D 507 46.21 -20.19 32.08
CA GLU D 507 47.66 -20.10 32.11
C GLU D 507 48.30 -21.49 32.19
N LYS D 508 47.64 -22.44 32.84
CA LYS D 508 48.22 -23.75 33.08
C LYS D 508 47.89 -24.77 31.99
N LEU D 509 47.19 -24.37 30.93
CA LEU D 509 46.91 -25.28 29.83
C LEU D 509 48.19 -25.62 29.10
N GLU D 510 48.38 -26.91 28.80
CA GLU D 510 49.59 -27.39 28.15
C GLU D 510 49.31 -28.10 26.83
N ILE D 511 48.27 -28.93 26.78
CA ILE D 511 47.95 -29.73 25.61
C ILE D 511 46.62 -29.26 25.05
N LEU D 512 46.61 -28.83 23.78
CA LEU D 512 45.40 -28.41 23.10
C LEU D 512 45.31 -29.11 21.76
N ASP D 513 44.19 -29.79 21.53
CA ASP D 513 43.91 -30.44 20.26
C ASP D 513 42.65 -29.85 19.65
N LEU D 514 42.76 -29.36 18.41
CA LEU D 514 41.62 -28.83 17.69
C LEU D 514 41.57 -29.41 16.27
N GLN D 515 42.13 -30.60 16.08
CA GLN D 515 42.22 -31.19 14.77
C GLN D 515 40.84 -31.64 14.27
N HIS D 516 40.73 -31.75 12.94
CA HIS D 516 39.51 -32.20 12.27
C HIS D 516 38.30 -31.34 12.64
N ASN D 517 38.44 -30.03 12.43
CA ASN D 517 37.35 -29.10 12.67
C ASN D 517 37.23 -28.12 11.51
N ASN D 518 36.38 -27.12 11.64
CA ASN D 518 36.14 -26.13 10.58
C ASN D 518 36.32 -24.74 11.15
N LEU D 519 37.56 -24.25 11.18
CA LEU D 519 37.87 -22.91 11.64
C LEU D 519 38.55 -22.10 10.55
N ALA D 520 38.33 -22.44 9.27
CA ALA D 520 39.02 -21.76 8.18
C ALA D 520 38.61 -20.29 8.10
N ARG D 521 37.32 -20.00 8.28
CA ARG D 521 36.84 -18.63 8.16
C ARG D 521 37.40 -17.74 9.26
N LEU D 522 37.62 -18.28 10.45
CA LEU D 522 38.03 -17.49 11.60
C LEU D 522 39.42 -16.88 11.46
N TRP D 523 40.22 -17.32 10.49
CA TRP D 523 41.56 -16.80 10.32
C TRP D 523 41.76 -15.99 9.05
N LYS D 524 40.80 -16.01 8.13
CA LYS D 524 40.92 -15.18 6.92
C LYS D 524 40.75 -13.71 7.26
N HIS D 525 41.43 -12.86 6.49
CA HIS D 525 41.31 -11.42 6.69
C HIS D 525 39.95 -10.88 6.27
N ALA D 526 39.21 -11.63 5.47
CA ALA D 526 37.88 -11.20 5.03
C ALA D 526 36.79 -11.52 6.04
N ASN D 527 37.13 -12.16 7.15
CA ASN D 527 36.14 -12.48 8.17
C ASN D 527 35.67 -11.20 8.84
N PRO D 528 34.36 -10.93 8.90
CA PRO D 528 33.88 -9.76 9.62
C PRO D 528 34.24 -9.82 11.10
N GLY D 529 34.57 -8.66 11.65
CA GLY D 529 34.99 -8.57 13.03
C GLY D 529 36.46 -8.84 13.27
N GLY D 530 37.22 -9.18 12.22
CA GLY D 530 38.63 -9.45 12.37
C GLY D 530 38.91 -10.90 12.69
N PRO D 531 40.15 -11.33 12.48
CA PRO D 531 40.53 -12.71 12.83
C PRO D 531 40.45 -12.94 14.33
N ILE D 532 40.16 -14.18 14.70
CA ILE D 532 40.02 -14.56 16.11
C ILE D 532 41.37 -15.07 16.60
N TYR D 533 41.95 -14.36 17.57
CA TYR D 533 43.22 -14.75 18.18
C TYR D 533 42.94 -15.50 19.46
N PHE D 534 42.39 -16.71 19.31
CA PHE D 534 41.96 -17.53 20.45
C PHE D 534 43.11 -18.28 21.11
N LEU D 535 44.35 -17.88 20.85
CA LEU D 535 45.52 -18.52 21.41
C LEU D 535 46.38 -17.52 22.19
N LYS D 536 45.73 -16.54 22.81
CA LYS D 536 46.42 -15.49 23.55
C LYS D 536 46.38 -15.80 25.04
N GLY D 537 47.51 -15.57 25.70
CA GLY D 537 47.65 -15.88 27.11
C GLY D 537 48.10 -17.30 27.41
N LEU D 538 48.32 -18.12 26.39
CA LEU D 538 48.74 -19.51 26.60
C LEU D 538 50.26 -19.58 26.72
N SER D 539 50.74 -19.15 27.89
CA SER D 539 52.18 -19.11 28.14
C SER D 539 52.78 -20.49 28.35
N HIS D 540 51.99 -21.47 28.81
CA HIS D 540 52.50 -22.79 29.12
C HIS D 540 52.02 -23.85 28.13
N LEU D 541 51.48 -23.45 26.98
CA LEU D 541 51.01 -24.43 26.00
C LEU D 541 52.20 -25.12 25.37
N HIS D 542 52.13 -26.45 25.27
CA HIS D 542 53.25 -27.26 24.82
C HIS D 542 52.96 -27.99 23.51
N ILE D 543 51.81 -28.65 23.39
CA ILE D 543 51.46 -29.40 22.19
C ILE D 543 50.17 -28.81 21.63
N LEU D 544 50.21 -28.46 20.34
CA LEU D 544 49.06 -27.88 19.65
C LEU D 544 48.83 -28.64 18.35
N ASN D 545 47.57 -29.03 18.12
CA ASN D 545 47.20 -29.79 16.93
C ASN D 545 46.07 -29.06 16.20
N LEU D 546 46.26 -28.84 14.90
CA LEU D 546 45.26 -28.17 14.07
C LEU D 546 45.13 -28.88 12.73
N GLU D 547 45.09 -30.21 12.75
CA GLU D 547 45.00 -30.98 11.51
C GLU D 547 43.61 -30.88 10.91
N SER D 548 43.55 -30.88 9.57
CA SER D 548 42.30 -30.98 8.82
C SER D 548 41.31 -29.88 9.18
N ASN D 549 41.83 -28.68 9.43
CA ASN D 549 40.98 -27.52 9.69
C ASN D 549 40.66 -26.72 8.44
N GLY D 550 41.27 -27.05 7.31
CA GLY D 550 41.02 -26.30 6.09
C GLY D 550 41.57 -24.90 6.10
N PHE D 551 42.57 -24.62 6.93
CA PHE D 551 43.12 -23.27 7.03
C PHE D 551 43.71 -22.82 5.69
N ASP D 552 43.38 -21.60 5.28
CA ASP D 552 43.92 -21.01 4.07
C ASP D 552 44.82 -19.82 4.33
N GLU D 553 44.78 -19.24 5.53
CA GLU D 553 45.62 -18.10 5.88
C GLU D 553 45.83 -18.11 7.38
N ILE D 554 47.02 -17.75 7.82
CA ILE D 554 47.39 -17.73 9.24
C ILE D 554 47.62 -16.27 9.63
N PRO D 555 46.95 -15.76 10.66
CA PRO D 555 47.22 -14.40 11.11
C PRO D 555 48.64 -14.25 11.65
N VAL D 556 49.17 -13.04 11.50
CA VAL D 556 50.59 -12.80 11.81
C VAL D 556 50.84 -12.87 13.31
N GLU D 557 49.87 -12.48 14.13
CA GLU D 557 50.10 -12.42 15.57
C GLU D 557 49.24 -13.41 16.34
N VAL D 558 49.11 -14.63 15.83
CA VAL D 558 48.35 -15.66 16.53
C VAL D 558 49.25 -16.47 17.47
N PHE D 559 50.50 -16.71 17.07
CA PHE D 559 51.48 -17.44 17.89
C PHE D 559 52.44 -16.49 18.62
N LYS D 560 51.99 -15.30 18.98
CA LYS D 560 52.87 -14.29 19.54
C LYS D 560 53.26 -14.57 20.99
N ASP D 561 52.48 -15.36 21.73
CA ASP D 561 52.70 -15.55 23.15
C ASP D 561 53.07 -16.97 23.56
N LEU D 562 53.13 -17.91 22.61
CA LEU D 562 53.46 -19.29 22.93
C LEU D 562 54.98 -19.41 23.07
N PHE D 563 55.46 -19.07 24.26
CA PHE D 563 56.90 -19.08 24.53
C PHE D 563 57.44 -20.47 24.82
N GLU D 564 56.57 -21.44 25.12
CA GLU D 564 56.99 -22.79 25.48
C GLU D 564 56.42 -23.84 24.54
N LEU D 565 56.00 -23.44 23.34
CA LEU D 565 55.49 -24.39 22.37
C LEU D 565 56.63 -25.25 21.84
N LYS D 566 56.41 -26.57 21.84
CA LYS D 566 57.41 -27.51 21.34
C LYS D 566 56.89 -28.39 20.21
N ILE D 567 55.65 -28.85 20.29
CA ILE D 567 55.06 -29.71 19.27
C ILE D 567 53.89 -28.97 18.64
N ILE D 568 53.94 -28.79 17.32
CA ILE D 568 52.88 -28.13 16.56
C ILE D 568 52.52 -29.01 15.37
N ASP D 569 51.23 -29.13 15.09
CA ASP D 569 50.73 -29.97 14.02
C ASP D 569 49.76 -29.16 13.17
N LEU D 570 50.04 -29.05 11.87
CA LEU D 570 49.22 -28.28 10.94
C LEU D 570 49.01 -29.02 9.63
N GLY D 571 48.98 -30.35 9.67
CA GLY D 571 48.84 -31.12 8.45
C GLY D 571 47.42 -31.16 7.92
N LEU D 572 47.31 -31.64 6.68
CA LEU D 572 46.02 -31.86 6.01
C LEU D 572 45.19 -30.59 5.92
N ASN D 573 45.84 -29.45 5.73
CA ASN D 573 45.17 -28.17 5.56
C ASN D 573 45.39 -27.64 4.14
N ASN D 574 44.87 -26.45 3.88
CA ASN D 574 44.98 -25.80 2.58
C ASN D 574 45.92 -24.61 2.62
N LEU D 575 46.95 -24.67 3.46
CA LEU D 575 47.91 -23.58 3.58
C LEU D 575 48.71 -23.44 2.29
N ASN D 576 48.80 -22.22 1.79
CA ASN D 576 49.59 -21.92 0.59
C ASN D 576 50.65 -20.87 0.84
N THR D 577 50.33 -19.81 1.57
CA THR D 577 51.26 -18.74 1.88
C THR D 577 51.17 -18.40 3.36
N LEU D 578 52.33 -18.32 4.00
CA LEU D 578 52.42 -18.00 5.42
C LEU D 578 53.04 -16.63 5.60
N PRO D 579 52.55 -15.86 6.57
CA PRO D 579 53.11 -14.52 6.79
C PRO D 579 54.55 -14.58 7.28
N ALA D 580 55.32 -13.58 6.87
CA ALA D 580 56.71 -13.49 7.29
C ALA D 580 56.82 -13.11 8.76
N SER D 581 57.86 -13.64 9.41
CA SER D 581 58.15 -13.39 10.83
C SER D 581 56.94 -13.73 11.72
N VAL D 582 56.52 -14.99 11.63
CA VAL D 582 55.42 -15.49 12.43
C VAL D 582 55.89 -16.42 13.55
N PHE D 583 56.99 -17.16 13.31
CA PHE D 583 57.47 -18.15 14.25
C PHE D 583 58.63 -17.65 15.10
N ASN D 584 58.73 -16.34 15.30
CA ASN D 584 59.84 -15.77 16.06
C ASN D 584 59.80 -16.22 17.51
N ASN D 585 58.61 -16.28 18.11
CA ASN D 585 58.49 -16.52 19.54
C ASN D 585 58.65 -17.98 19.92
N GLN D 586 58.58 -18.91 18.96
CA GLN D 586 58.79 -20.34 19.25
C GLN D 586 60.27 -20.66 19.21
N VAL D 587 60.97 -20.24 20.26
CA VAL D 587 62.40 -20.54 20.37
C VAL D 587 62.67 -21.95 20.87
N SER D 588 61.63 -22.68 21.30
CA SER D 588 61.79 -24.02 21.84
C SER D 588 60.93 -25.03 21.08
N LEU D 589 60.75 -24.81 19.77
CA LEU D 589 59.98 -25.75 18.97
C LEU D 589 60.78 -27.03 18.72
N LYS D 590 60.07 -28.16 18.66
CA LYS D 590 60.71 -29.45 18.43
C LYS D 590 60.24 -30.12 17.14
N SER D 591 58.94 -30.23 16.91
CA SER D 591 58.40 -30.92 15.75
C SER D 591 57.44 -30.00 15.01
N LEU D 592 57.62 -29.90 13.70
CA LEU D 592 56.73 -29.14 12.83
C LEU D 592 56.15 -30.07 11.77
N ASN D 593 54.83 -30.17 11.72
CA ASN D 593 54.13 -31.10 10.83
C ASN D 593 53.25 -30.31 9.87
N LEU D 594 53.59 -30.36 8.58
CA LEU D 594 52.85 -29.66 7.53
C LEU D 594 52.58 -30.57 6.35
N GLN D 595 52.23 -31.83 6.62
CA GLN D 595 52.00 -32.77 5.53
C GLN D 595 50.67 -32.48 4.84
N LYS D 596 50.61 -32.85 3.56
CA LYS D 596 49.37 -32.82 2.77
C LYS D 596 48.76 -31.42 2.73
N ASN D 597 49.61 -30.42 2.52
CA ASN D 597 49.19 -29.03 2.36
C ASN D 597 49.46 -28.58 0.93
N LEU D 598 49.17 -27.30 0.67
CA LEU D 598 49.35 -26.71 -0.64
C LEU D 598 50.50 -25.71 -0.69
N ILE D 599 51.41 -25.76 0.29
CA ILE D 599 52.53 -24.82 0.31
C ILE D 599 53.46 -25.11 -0.86
N THR D 600 54.10 -24.06 -1.37
CA THR D 600 54.99 -24.18 -2.51
C THR D 600 56.39 -23.63 -2.29
N SER D 601 56.56 -22.70 -1.34
CA SER D 601 57.84 -22.03 -1.13
C SER D 601 58.21 -22.10 0.34
N VAL D 602 59.49 -22.34 0.62
CA VAL D 602 60.03 -22.35 1.97
C VAL D 602 61.17 -21.34 1.98
N GLU D 603 61.07 -20.32 2.83
CA GLU D 603 62.03 -19.23 2.87
C GLU D 603 62.35 -18.84 4.32
N LYS D 604 63.45 -18.09 4.47
CA LYS D 604 63.95 -17.74 5.80
C LYS D 604 63.01 -16.80 6.54
N LYS D 605 62.37 -15.86 5.84
CA LYS D 605 61.60 -14.82 6.52
C LYS D 605 60.39 -15.37 7.27
N VAL D 606 59.98 -16.61 6.99
CA VAL D 606 58.89 -17.26 7.71
C VAL D 606 59.36 -18.51 8.44
N PHE D 607 60.26 -19.29 7.84
CA PHE D 607 60.65 -20.58 8.38
C PHE D 607 62.07 -20.57 8.96
N GLY D 608 62.69 -19.41 9.06
CA GLY D 608 64.01 -19.29 9.64
C GLY D 608 64.04 -19.62 11.11
N PRO D 609 63.33 -18.84 11.93
CA PRO D 609 63.26 -19.15 13.37
C PRO D 609 62.62 -20.50 13.66
N ALA D 610 61.76 -21.00 12.77
CA ALA D 610 61.18 -22.33 12.96
C ALA D 610 62.24 -23.42 12.92
N PHE D 611 63.21 -23.29 12.00
CA PHE D 611 64.24 -24.30 11.82
C PHE D 611 65.50 -24.02 12.64
N ARG D 612 65.37 -23.37 13.79
CA ARG D 612 66.53 -23.13 14.64
C ARG D 612 67.08 -24.44 15.21
N ASN D 613 66.26 -25.14 16.01
CA ASN D 613 66.69 -26.39 16.64
C ASN D 613 65.46 -27.27 16.79
N LEU D 614 65.26 -28.17 15.82
CA LEU D 614 64.15 -29.09 15.81
C LEU D 614 64.65 -30.52 15.98
N THR D 615 63.70 -31.44 16.12
CA THR D 615 64.00 -32.86 16.17
C THR D 615 63.17 -33.69 15.19
N GLU D 616 62.10 -33.15 14.63
CA GLU D 616 61.26 -33.85 13.68
C GLU D 616 60.74 -32.86 12.65
N LEU D 617 60.34 -33.38 11.50
CA LEU D 617 59.77 -32.57 10.43
C LEU D 617 58.88 -33.44 9.57
N ASP D 618 57.66 -32.97 9.32
CA ASP D 618 56.64 -33.75 8.63
C ASP D 618 56.02 -32.87 7.53
N MET D 619 56.59 -32.95 6.33
CA MET D 619 56.19 -32.15 5.18
C MET D 619 56.15 -33.01 3.91
N ARG D 620 55.45 -34.14 3.99
CA ARG D 620 55.54 -35.13 2.92
C ARG D 620 54.88 -34.66 1.64
N PHE D 621 53.56 -34.46 1.67
CA PHE D 621 52.78 -34.31 0.44
C PHE D 621 52.49 -32.84 0.16
N ASN D 622 53.50 -32.16 -0.35
CA ASN D 622 53.35 -30.76 -0.73
C ASN D 622 53.90 -30.54 -2.13
N PRO D 623 53.24 -29.72 -2.95
CA PRO D 623 53.78 -29.42 -4.28
C PRO D 623 54.88 -28.38 -4.22
N PHE D 624 56.10 -28.82 -3.89
CA PHE D 624 57.22 -27.90 -3.79
C PHE D 624 57.61 -27.35 -5.14
N ASP D 625 58.09 -26.11 -5.15
CA ASP D 625 58.56 -25.43 -6.35
C ASP D 625 60.08 -25.38 -6.34
N CYS D 626 60.69 -25.87 -7.41
CA CYS D 626 62.15 -25.87 -7.55
C CYS D 626 62.57 -24.58 -8.23
N THR D 627 62.88 -23.57 -7.41
CA THR D 627 63.41 -22.30 -7.87
C THR D 627 64.36 -21.76 -6.82
N CYS D 628 65.43 -21.11 -7.27
CA CYS D 628 66.41 -20.55 -6.35
C CYS D 628 65.82 -19.49 -5.42
N GLU D 629 64.71 -18.87 -5.83
CA GLU D 629 64.04 -17.89 -4.98
C GLU D 629 63.15 -18.53 -3.93
N SER D 630 62.83 -19.82 -4.08
CA SER D 630 61.81 -20.44 -3.25
C SER D 630 62.24 -21.72 -2.54
N ILE D 631 63.27 -22.42 -3.02
CA ILE D 631 63.61 -23.71 -2.43
C ILE D 631 65.10 -23.81 -2.13
N ALA D 632 65.88 -22.86 -2.63
CA ALA D 632 67.34 -22.95 -2.52
C ALA D 632 67.79 -22.97 -1.06
N TRP D 633 67.22 -22.09 -0.23
CA TRP D 633 67.54 -22.11 1.18
C TRP D 633 67.03 -23.39 1.84
N PHE D 634 65.86 -23.87 1.41
CA PHE D 634 65.30 -25.08 1.99
C PHE D 634 66.20 -26.28 1.72
N VAL D 635 66.58 -26.50 0.46
CA VAL D 635 67.42 -27.65 0.13
C VAL D 635 68.81 -27.49 0.73
N ASN D 636 69.26 -26.24 0.90
CA ASN D 636 70.51 -26.00 1.60
C ASN D 636 70.41 -26.46 3.05
N TRP D 637 69.29 -26.17 3.71
CA TRP D 637 69.09 -26.61 5.09
C TRP D 637 68.90 -28.12 5.15
N ILE D 638 68.38 -28.72 4.08
CA ILE D 638 68.29 -30.18 4.02
C ILE D 638 69.68 -30.80 3.93
N ASN D 639 70.60 -30.14 3.22
CA ASN D 639 71.92 -30.70 3.01
C ASN D 639 72.67 -30.89 4.31
N GLU D 640 72.61 -29.91 5.22
CA GLU D 640 73.22 -30.01 6.53
C GLU D 640 72.16 -29.74 7.59
N THR D 641 71.89 -30.74 8.42
CA THR D 641 70.90 -30.66 9.49
C THR D 641 71.06 -31.86 10.39
N HIS D 642 70.46 -31.78 11.58
CA HIS D 642 70.40 -32.89 12.51
C HIS D 642 68.98 -33.32 12.82
N THR D 643 67.98 -32.61 12.32
CA THR D 643 66.59 -32.98 12.55
C THR D 643 66.25 -34.26 11.82
N ASN D 644 65.37 -35.06 12.41
CA ASN D 644 64.94 -36.32 11.80
C ASN D 644 63.91 -36.02 10.72
N ILE D 645 64.28 -36.29 9.47
CA ILE D 645 63.35 -36.10 8.36
C ILE D 645 63.16 -37.46 7.69
N PRO D 646 62.16 -38.23 8.08
CA PRO D 646 61.94 -39.55 7.47
C PRO D 646 61.37 -39.44 6.07
N GLU D 647 61.63 -40.48 5.27
CA GLU D 647 61.31 -40.52 3.83
C GLU D 647 61.57 -39.18 3.13
N LEU D 648 62.79 -38.68 3.31
CA LEU D 648 63.17 -37.41 2.72
C LEU D 648 63.24 -37.50 1.20
N SER D 649 63.65 -38.65 0.68
CA SER D 649 63.81 -38.85 -0.76
C SER D 649 62.65 -39.63 -1.38
N SER D 650 61.59 -39.90 -0.63
CA SER D 650 60.46 -40.68 -1.13
C SER D 650 59.28 -39.83 -1.56
N HIS D 651 58.82 -38.91 -0.72
CA HIS D 651 57.63 -38.13 -1.02
C HIS D 651 57.87 -36.63 -1.09
N TYR D 652 59.06 -36.15 -0.73
CA TYR D 652 59.42 -34.74 -0.91
C TYR D 652 59.80 -34.54 -2.37
N LEU D 653 58.80 -34.62 -3.24
CA LEU D 653 58.98 -34.62 -4.69
C LEU D 653 58.55 -33.27 -5.24
N CYS D 654 59.34 -32.75 -6.18
CA CYS D 654 59.07 -31.46 -6.77
C CYS D 654 58.01 -31.59 -7.87
N ASN D 655 56.92 -30.85 -7.71
CA ASN D 655 55.77 -30.92 -8.60
C ASN D 655 55.83 -29.90 -9.73
N THR D 656 56.45 -28.75 -9.51
CA THR D 656 56.44 -27.62 -10.41
C THR D 656 57.79 -26.93 -10.35
N PRO D 657 58.39 -26.59 -11.51
CA PRO D 657 57.99 -26.72 -12.91
C PRO D 657 58.05 -28.15 -13.45
N PRO D 658 57.45 -28.41 -14.61
CA PRO D 658 57.54 -29.76 -15.19
C PRO D 658 58.96 -30.19 -15.53
N HIS D 659 59.91 -29.26 -15.64
CA HIS D 659 61.30 -29.64 -15.81
C HIS D 659 61.81 -30.42 -14.61
N TYR D 660 61.43 -30.01 -13.40
CA TYR D 660 61.79 -30.70 -12.17
C TYR D 660 60.65 -31.54 -11.63
N HIS D 661 59.75 -32.00 -12.49
CA HIS D 661 58.57 -32.73 -12.06
C HIS D 661 58.98 -34.09 -11.50
N GLY D 662 58.77 -34.28 -10.20
CA GLY D 662 59.12 -35.52 -9.54
C GLY D 662 60.55 -35.62 -9.06
N PHE D 663 61.38 -34.62 -9.32
CA PHE D 663 62.77 -34.67 -8.89
C PHE D 663 62.88 -34.34 -7.41
N PRO D 664 63.50 -35.22 -6.60
CA PRO D 664 63.69 -34.98 -5.16
C PRO D 664 64.56 -33.77 -4.88
#